data_9E8D
#
_entry.id   9E8D
#
_cell.length_a   1.00
_cell.length_b   1.00
_cell.length_c   1.00
_cell.angle_alpha   90.00
_cell.angle_beta   90.00
_cell.angle_gamma   90.00
#
_symmetry.space_group_name_H-M   'P 1'
#
loop_
_entity.id
_entity.type
_entity.pdbx_description
1 polymer 'Capsid protein'
2 polymer 'Light-chain of scFv clone 1'
3 polymer 'Heavy-chain of scFv clone 1'
#
loop_
_entity_poly.entity_id
_entity_poly.type
_entity_poly.pdbx_seq_one_letter_code
_entity_poly.pdbx_strand_id
1 'polypeptide(L)'
;MSDGAVQPDGGQPAVRNERATGSGNGSGGGGGGGSGGVGISTGTFNNQTEFKFLENGWVYITANSSRLVHLNMPESENYR
RVVVNNLDKTAVNGNMALDDTHAEIVTPWSLVDANAWGVWFNPGDWQLIVNTMSELHLVSFEQEIFNVVLKTVSESATQP
PTKVYNNDLTASLMVALDSNNTMPFTPAAMRSETLGFYPWKPTIPTPWRYYFQWDRTLIPSHTGTSGTPTNIYHGTDPDD
VQFYTIENSVPVHLLRTGDEFATGTFFFDCKPCRLTHTWQTNRALGLPPFLNSLPQSEGGTNFGYIGVQQDKRRGVTQMG
NTNYITEATIMRPAEVGYSAPYYSFEASTQGPFKTPIAAGRGGAQTDENQAADGDPRYAFGRQHGQKTTTTGETPERFTY
IAHQDTGRYPEGDWIQNINFNLPVTDDNVLLPTDPIGGKTGINYTNIFNTYGPLTALNNVPPVYPNGQIWDKEFDTDLKP
RLHVNAPFVCQNNCPGQLFVKVAPNLTNQYDPDASANMSRIVTYSDFWWKGKLVFKAKLRASHTWNPIQQMSINVDNQFN
YVPSNIGGMKIVYEKSQLAPRKLY
;
A,B,C,D,E,F
2 'polypeptide(L)'
;VLTQLPSVSGSLGQRVTISCIGSSSNVGYGNYVGWYQQVPGTSPKTLIYSSDSRPSGVPDRFSASRSGSTATLTISGLQA
EDEADYYCSSYDTSLSGIVFGGGTHLTVL
;
L
3 'polypeptide(L)'
;EGQLAESGGDLVKPGGSLRLSCVASGSTFRNSHMTWVRQAPGKGLQWVANIDSGAFTTDYVDAVRGRFTVSRDNARNTMY
LQMNSLRAEDTAVYYCATMKTSYCIDENCFSFQAGRGVFDKWGQGTLVTVSS
;
H
#
# COMPACT_ATOMS: atom_id res chain seq x y z
N GLY A 37 7.06 34.30 -31.93
CA GLY A 37 6.58 35.59 -31.38
C GLY A 37 5.07 35.75 -31.48
N VAL A 38 4.62 36.99 -31.63
CA VAL A 38 3.19 37.27 -31.69
C VAL A 38 2.71 37.27 -33.12
N GLY A 39 3.46 37.87 -34.03
CA GLY A 39 3.06 37.99 -35.41
C GLY A 39 3.58 36.91 -36.34
N ILE A 40 4.29 35.92 -35.82
CA ILE A 40 4.85 34.84 -36.63
C ILE A 40 4.00 33.60 -36.41
N SER A 41 3.53 33.01 -37.50
CA SER A 41 2.72 31.80 -37.41
C SER A 41 3.61 30.62 -37.01
N THR A 42 2.99 29.62 -36.39
CA THR A 42 3.70 28.44 -35.91
C THR A 42 3.21 27.16 -36.58
N GLY A 43 2.95 27.19 -37.88
CA GLY A 43 2.50 26.00 -38.58
C GLY A 43 1.78 26.39 -39.85
N THR A 44 1.33 25.38 -40.58
CA THR A 44 0.62 25.57 -41.84
C THR A 44 -0.59 24.65 -41.92
N PHE A 45 -1.70 25.18 -42.42
CA PHE A 45 -2.89 24.38 -42.64
C PHE A 45 -2.63 23.32 -43.69
N ASN A 46 -3.17 22.12 -43.46
CA ASN A 46 -3.01 21.02 -44.41
C ASN A 46 -4.13 20.03 -44.21
N ASN A 47 -4.85 19.74 -45.30
CA ASN A 47 -5.97 18.80 -45.26
C ASN A 47 -5.95 17.89 -46.47
N GLN A 48 -4.79 17.71 -47.10
CA GLN A 48 -4.69 16.93 -48.32
C GLN A 48 -4.51 15.46 -48.01
N THR A 49 -4.98 14.62 -48.93
CA THR A 49 -4.81 13.18 -48.86
C THR A 49 -3.89 12.74 -49.99
N GLU A 50 -2.85 12.00 -49.64
CA GLU A 50 -1.81 11.58 -50.58
C GLU A 50 -1.84 10.06 -50.70
N PHE A 51 -1.68 9.57 -51.93
CA PHE A 51 -1.55 8.15 -52.20
C PHE A 51 -0.17 7.94 -52.83
N LYS A 52 0.79 7.47 -52.03
CA LYS A 52 2.13 7.20 -52.53
C LYS A 52 2.21 5.73 -52.89
N PHE A 53 2.41 5.43 -54.17
CA PHE A 53 2.37 4.05 -54.63
C PHE A 53 3.74 3.40 -54.48
N LEU A 54 3.77 2.30 -53.76
CA LEU A 54 4.99 1.54 -53.48
C LEU A 54 5.05 0.34 -54.42
N GLU A 55 6.03 -0.52 -54.17
CA GLU A 55 6.19 -1.74 -54.95
C GLU A 55 5.22 -2.82 -54.46
N ASN A 56 5.06 -3.85 -55.30
CA ASN A 56 4.28 -5.03 -54.94
C ASN A 56 2.84 -4.70 -54.59
N GLY A 57 2.27 -3.70 -55.26
CA GLY A 57 0.86 -3.41 -55.13
C GLY A 57 0.46 -2.76 -53.83
N TRP A 58 1.39 -2.15 -53.09
CA TRP A 58 1.08 -1.49 -51.84
C TRP A 58 1.03 0.02 -52.02
N VAL A 59 0.16 0.66 -51.24
CA VAL A 59 -0.06 2.10 -51.30
C VAL A 59 0.04 2.66 -49.89
N TYR A 60 0.83 3.72 -49.75
CA TYR A 60 1.03 4.44 -48.50
C TYR A 60 0.05 5.62 -48.52
N ILE A 61 -0.99 5.52 -47.72
CA ILE A 61 -2.06 6.53 -47.71
C ILE A 61 -1.78 7.49 -46.56
N THR A 62 -1.69 8.77 -46.87
CA THR A 62 -1.39 9.82 -45.89
C THR A 62 -2.60 10.75 -45.84
N ALA A 63 -3.33 10.72 -44.73
CA ALA A 63 -4.51 11.56 -44.55
C ALA A 63 -4.14 12.70 -43.61
N ASN A 64 -4.11 13.91 -44.15
CA ASN A 64 -3.89 15.09 -43.34
C ASN A 64 -5.22 15.76 -43.03
N SER A 65 -5.42 16.12 -41.77
CA SER A 65 -6.60 16.84 -41.35
C SER A 65 -6.14 18.10 -40.63
N SER A 66 -6.90 19.18 -40.82
CA SER A 66 -6.63 20.44 -40.16
C SER A 66 -7.95 21.11 -39.83
N ARG A 67 -8.08 21.59 -38.60
CA ARG A 67 -9.32 22.15 -38.11
C ARG A 67 -9.03 23.38 -37.28
N LEU A 68 -10.01 24.28 -37.21
CA LEU A 68 -9.97 25.41 -36.29
C LEU A 68 -10.82 25.07 -35.07
N VAL A 69 -10.17 24.77 -33.95
CA VAL A 69 -10.83 24.32 -32.74
C VAL A 69 -11.10 25.53 -31.86
N HIS A 70 -12.35 25.70 -31.48
CA HIS A 70 -12.80 26.78 -30.61
C HIS A 70 -13.12 26.21 -29.24
N LEU A 71 -12.61 26.85 -28.20
CA LEU A 71 -12.71 26.33 -26.83
C LEU A 71 -13.07 27.46 -25.88
N ASN A 72 -14.22 27.35 -25.23
CA ASN A 72 -14.57 28.27 -24.17
C ASN A 72 -13.92 27.83 -22.86
N MET A 73 -13.80 28.77 -21.94
CA MET A 73 -13.26 28.43 -20.63
C MET A 73 -14.27 27.57 -19.89
N PRO A 74 -13.81 26.71 -18.98
CA PRO A 74 -14.71 25.72 -18.37
C PRO A 74 -15.73 26.36 -17.46
N GLU A 75 -16.80 25.61 -17.21
CA GLU A 75 -17.85 26.08 -16.32
C GLU A 75 -17.31 26.36 -14.92
N SER A 76 -16.49 25.45 -14.41
CA SER A 76 -15.90 25.62 -13.08
C SER A 76 -14.57 24.90 -13.06
N GLU A 77 -13.59 25.52 -12.42
CA GLU A 77 -12.25 24.93 -12.30
C GLU A 77 -12.24 23.69 -11.42
N ASN A 78 -13.32 23.41 -10.70
CA ASN A 78 -13.35 22.30 -9.77
C ASN A 78 -13.88 21.04 -10.42
N TYR A 79 -13.16 19.93 -10.23
CA TYR A 79 -13.68 18.63 -10.60
C TYR A 79 -14.95 18.34 -9.82
N ARG A 80 -15.93 17.74 -10.48
CA ARG A 80 -17.21 17.42 -9.86
C ARG A 80 -17.44 15.91 -9.89
N ARG A 81 -18.17 15.40 -8.91
CA ARG A 81 -18.60 14.01 -8.88
C ARG A 81 -20.13 14.01 -8.94
N VAL A 82 -20.67 13.79 -10.13
CA VAL A 82 -22.10 13.97 -10.38
C VAL A 82 -22.74 12.61 -10.54
N VAL A 83 -23.85 12.40 -9.83
CA VAL A 83 -24.66 11.20 -9.98
C VAL A 83 -25.86 11.55 -10.84
N VAL A 84 -25.93 10.97 -12.04
CA VAL A 84 -27.04 11.13 -12.95
C VAL A 84 -28.05 10.05 -12.63
N ASN A 85 -29.28 10.45 -12.36
CA ASN A 85 -30.36 9.52 -12.03
C ASN A 85 -31.55 9.79 -12.94
N ASN A 86 -32.09 8.71 -13.50
CA ASN A 86 -33.34 8.76 -14.26
C ASN A 86 -34.35 7.78 -13.65
N LEU A 87 -34.38 7.74 -12.31
CA LEU A 87 -35.27 6.83 -11.61
C LEU A 87 -36.73 7.11 -11.93
N ASP A 88 -37.05 8.30 -12.43
CA ASP A 88 -38.41 8.60 -12.86
C ASP A 88 -38.81 7.76 -14.08
N LYS A 89 -37.93 7.70 -15.07
CA LYS A 89 -38.23 6.94 -16.28
C LYS A 89 -38.30 5.44 -15.98
N THR A 90 -37.32 4.93 -15.22
CA THR A 90 -37.25 3.50 -14.95
C THR A 90 -38.34 3.03 -14.00
N ALA A 91 -38.80 3.89 -13.09
CA ALA A 91 -39.86 3.51 -12.17
C ALA A 91 -41.11 3.01 -12.89
N VAL A 92 -41.40 3.51 -14.08
CA VAL A 92 -42.50 2.97 -14.87
C VAL A 92 -42.21 1.51 -15.16
N ASN A 93 -43.12 0.64 -14.75
CA ASN A 93 -42.90 -0.79 -14.91
C ASN A 93 -42.75 -1.14 -16.38
N GLY A 94 -41.78 -2.00 -16.69
CA GLY A 94 -41.53 -2.42 -18.04
C GLY A 94 -40.64 -1.51 -18.85
N ASN A 95 -40.06 -0.48 -18.22
CA ASN A 95 -39.21 0.48 -18.90
C ASN A 95 -37.74 0.33 -18.50
N MET A 96 -37.35 -0.82 -17.95
CA MET A 96 -36.02 -0.97 -17.40
C MET A 96 -34.93 -0.78 -18.45
N ALA A 97 -35.23 -1.00 -19.72
CA ALA A 97 -34.22 -0.87 -20.76
C ALA A 97 -33.73 0.56 -20.91
N LEU A 98 -34.44 1.53 -20.36
CA LEU A 98 -34.09 2.94 -20.50
C LEU A 98 -33.31 3.48 -19.31
N ASP A 99 -32.52 2.63 -18.64
CA ASP A 99 -31.77 3.07 -17.48
C ASP A 99 -30.58 3.92 -17.90
N ASP A 100 -30.45 5.10 -17.30
CA ASP A 100 -29.32 5.98 -17.51
C ASP A 100 -28.58 6.30 -16.23
N THR A 101 -28.98 5.69 -15.10
CA THR A 101 -28.35 5.99 -13.83
C THR A 101 -26.86 5.67 -13.89
N HIS A 102 -26.04 6.56 -13.35
CA HIS A 102 -24.60 6.34 -13.29
C HIS A 102 -23.97 7.46 -12.48
N ALA A 103 -22.66 7.32 -12.25
CA ALA A 103 -21.88 8.31 -11.54
C ALA A 103 -20.62 8.62 -12.33
N GLU A 104 -20.32 9.90 -12.47
CA GLU A 104 -19.21 10.30 -13.33
C GLU A 104 -18.49 11.50 -12.73
N ILE A 105 -17.17 11.48 -12.87
CA ILE A 105 -16.34 12.63 -12.58
C ILE A 105 -16.36 13.53 -13.81
N VAL A 106 -16.76 14.77 -13.62
CA VAL A 106 -16.81 15.79 -14.67
C VAL A 106 -15.65 16.74 -14.44
N THR A 107 -14.87 16.99 -15.48
CA THR A 107 -13.60 17.67 -15.38
C THR A 107 -13.64 19.02 -16.06
N PRO A 108 -12.73 19.93 -15.69
CA PRO A 108 -12.62 21.21 -16.39
C PRO A 108 -11.89 21.14 -17.73
N TRP A 109 -11.45 19.95 -18.14
CA TRP A 109 -10.68 19.80 -19.36
C TRP A 109 -11.59 19.42 -20.53
N SER A 110 -11.12 19.73 -21.73
CA SER A 110 -11.82 19.39 -22.96
C SER A 110 -10.97 18.45 -23.78
N LEU A 111 -11.60 17.48 -24.43
CA LEU A 111 -10.90 16.43 -25.14
C LEU A 111 -10.89 16.72 -26.64
N VAL A 112 -9.71 16.67 -27.25
CA VAL A 112 -9.58 16.78 -28.70
C VAL A 112 -9.48 15.37 -29.25
N ASP A 113 -10.58 14.86 -29.80
CA ASP A 113 -10.66 13.49 -30.28
C ASP A 113 -10.82 13.49 -31.79
N ALA A 114 -9.91 12.81 -32.49
CA ALA A 114 -9.95 12.66 -33.93
C ALA A 114 -10.10 11.21 -34.36
N ASN A 115 -10.65 10.35 -33.51
CA ASN A 115 -10.78 8.92 -33.79
C ASN A 115 -12.10 8.63 -34.50
N ALA A 116 -12.21 9.14 -35.73
CA ALA A 116 -13.36 8.90 -36.57
C ALA A 116 -12.94 8.98 -38.02
N TRP A 117 -13.61 8.19 -38.86
CA TRP A 117 -13.24 8.13 -40.27
C TRP A 117 -13.49 9.46 -40.98
N GLY A 118 -14.57 10.15 -40.64
CA GLY A 118 -14.93 11.35 -41.35
C GLY A 118 -13.93 12.49 -41.19
N VAL A 119 -13.09 12.41 -40.15
CA VAL A 119 -12.14 13.49 -39.91
C VAL A 119 -11.02 13.46 -40.93
N TRP A 120 -10.76 12.31 -41.55
CA TRP A 120 -9.57 12.13 -42.36
C TRP A 120 -9.85 12.01 -43.86
N PHE A 121 -11.01 11.50 -44.25
CA PHE A 121 -11.29 11.21 -45.64
C PHE A 121 -12.59 11.89 -46.07
N ASN A 122 -12.58 12.49 -47.25
CA ASN A 122 -13.79 12.93 -47.90
C ASN A 122 -14.37 11.79 -48.72
N PRO A 123 -15.61 11.92 -49.18
CA PRO A 123 -16.23 10.80 -49.90
C PRO A 123 -15.42 10.31 -51.09
N GLY A 124 -14.73 11.19 -51.81
CA GLY A 124 -13.94 10.74 -52.94
C GLY A 124 -12.77 9.86 -52.55
N ASP A 125 -12.05 10.24 -51.50
CA ASP A 125 -10.94 9.42 -51.04
C ASP A 125 -11.43 8.06 -50.56
N TRP A 126 -12.55 8.05 -49.83
CA TRP A 126 -13.12 6.78 -49.39
C TRP A 126 -13.55 5.94 -50.57
N GLN A 127 -14.10 6.57 -51.60
CA GLN A 127 -14.47 5.84 -52.81
C GLN A 127 -13.25 5.16 -53.40
N LEU A 128 -12.17 5.92 -53.56
CA LEU A 128 -10.95 5.32 -54.12
C LEU A 128 -10.49 4.16 -53.26
N ILE A 129 -10.45 4.36 -51.94
CA ILE A 129 -9.93 3.32 -51.04
C ILE A 129 -10.77 2.05 -51.16
N VAL A 130 -12.10 2.19 -51.07
CA VAL A 130 -12.95 1.01 -51.05
C VAL A 130 -12.97 0.34 -52.41
N ASN A 131 -13.09 1.11 -53.49
CA ASN A 131 -13.20 0.50 -54.80
C ASN A 131 -11.91 -0.18 -55.23
N THR A 132 -10.75 0.36 -54.84
CA THR A 132 -9.48 -0.15 -55.34
C THR A 132 -8.71 -1.00 -54.33
N MET A 133 -8.87 -0.77 -53.04
CA MET A 133 -8.08 -1.48 -52.04
C MET A 133 -8.78 -2.74 -51.58
N SER A 134 -7.99 -3.69 -51.08
CA SER A 134 -8.51 -4.93 -50.52
C SER A 134 -8.30 -5.04 -49.02
N GLU A 135 -7.18 -4.53 -48.51
CA GLU A 135 -6.90 -4.56 -47.07
C GLU A 135 -6.29 -3.23 -46.66
N LEU A 136 -6.43 -2.90 -45.38
CA LEU A 136 -6.03 -1.61 -44.86
C LEU A 136 -5.28 -1.80 -43.56
N HIS A 137 -4.05 -1.32 -43.50
CA HIS A 137 -3.22 -1.40 -42.31
C HIS A 137 -3.09 -0.01 -41.71
N LEU A 138 -3.23 0.07 -40.38
CA LEU A 138 -3.02 1.33 -39.68
C LEU A 138 -1.55 1.45 -39.29
N VAL A 139 -0.89 2.51 -39.75
CA VAL A 139 0.55 2.62 -39.61
C VAL A 139 0.93 3.61 -38.52
N SER A 140 0.57 4.88 -38.70
CA SER A 140 1.07 5.88 -37.75
C SER A 140 0.06 7.00 -37.58
N PHE A 141 0.27 7.78 -36.52
CA PHE A 141 -0.57 8.93 -36.23
C PHE A 141 0.22 9.96 -35.44
N GLU A 142 0.15 11.22 -35.88
CA GLU A 142 0.75 12.31 -35.13
C GLU A 142 -0.19 13.51 -35.22
N GLN A 143 -0.13 14.37 -34.20
CA GLN A 143 -0.96 15.55 -34.16
C GLN A 143 -0.20 16.70 -33.53
N GLU A 144 -0.64 17.92 -33.84
CA GLU A 144 0.02 19.13 -33.38
C GLU A 144 -1.00 20.25 -33.26
N ILE A 145 -0.68 21.24 -32.44
CA ILE A 145 -1.51 22.42 -32.23
C ILE A 145 -0.66 23.64 -32.51
N PHE A 146 -1.21 24.58 -33.28
CA PHE A 146 -0.48 25.78 -33.66
C PHE A 146 -1.44 26.96 -33.76
N ASN A 147 -0.87 28.14 -33.98
CA ASN A 147 -1.62 29.39 -34.10
C ASN A 147 -2.65 29.51 -32.98
N VAL A 148 -2.16 29.57 -31.75
CA VAL A 148 -3.04 29.71 -30.61
C VAL A 148 -3.45 31.17 -30.47
N VAL A 149 -4.75 31.40 -30.37
CA VAL A 149 -5.32 32.73 -30.15
C VAL A 149 -6.14 32.68 -28.87
N LEU A 150 -5.87 33.61 -27.96
CA LEU A 150 -6.65 33.75 -26.74
C LEU A 150 -7.27 35.14 -26.71
N LYS A 151 -8.57 35.20 -26.46
CA LYS A 151 -9.33 36.44 -26.53
C LYS A 151 -10.19 36.58 -25.29
N THR A 152 -10.47 37.83 -24.92
CA THR A 152 -11.27 38.15 -23.75
C THR A 152 -12.45 39.01 -24.17
N VAL A 153 -13.63 38.68 -23.63
CA VAL A 153 -14.85 39.41 -23.98
C VAL A 153 -15.15 40.41 -22.87
N SER A 154 -15.15 41.69 -23.22
CA SER A 154 -15.46 42.77 -22.29
C SER A 154 -16.82 43.33 -22.65
N GLU A 155 -17.79 43.18 -21.76
CA GLU A 155 -19.16 43.62 -21.99
C GLU A 155 -19.37 44.96 -21.30
N SER A 156 -19.83 45.94 -22.06
CA SER A 156 -20.03 47.27 -21.53
C SER A 156 -21.33 47.33 -20.72
N ALA A 157 -21.39 48.32 -19.82
CA ALA A 157 -22.58 48.58 -19.03
C ALA A 157 -23.52 49.57 -19.70
N THR A 158 -23.27 49.91 -20.97
CA THR A 158 -24.13 50.83 -21.69
C THR A 158 -25.57 50.32 -21.70
N GLN A 159 -26.52 51.24 -21.58
CA GLN A 159 -27.93 50.84 -21.49
C GLN A 159 -28.32 49.89 -22.61
N PRO A 160 -28.03 50.17 -23.88
CA PRO A 160 -28.03 49.10 -24.89
C PRO A 160 -26.79 48.25 -24.78
N PRO A 161 -26.92 46.97 -24.41
CA PRO A 161 -25.73 46.15 -24.18
C PRO A 161 -24.84 46.06 -25.41
N THR A 162 -23.53 46.01 -25.16
CA THR A 162 -22.54 45.82 -26.21
C THR A 162 -21.33 45.12 -25.61
N LYS A 163 -20.64 44.35 -26.44
CA LYS A 163 -19.47 43.59 -26.00
C LYS A 163 -18.40 43.63 -27.07
N VAL A 164 -17.15 43.73 -26.62
CA VAL A 164 -16.00 43.87 -27.51
C VAL A 164 -14.98 42.78 -27.17
N TYR A 165 -14.34 42.24 -28.20
CA TYR A 165 -13.45 41.09 -28.06
C TYR A 165 -12.00 41.58 -28.18
N ASN A 166 -11.37 41.78 -27.03
CA ASN A 166 -9.97 42.15 -27.02
C ASN A 166 -9.08 40.92 -27.06
N ASN A 167 -7.82 41.12 -27.40
CA ASN A 167 -6.84 40.05 -27.29
C ASN A 167 -6.22 40.05 -25.91
N ASP A 168 -5.62 38.92 -25.55
CA ASP A 168 -4.84 38.78 -24.33
C ASP A 168 -3.53 38.10 -24.73
N LEU A 169 -2.47 38.88 -24.86
CA LEU A 169 -1.21 38.37 -25.38
C LEU A 169 -0.43 37.59 -24.35
N THR A 170 -0.93 37.46 -23.11
CA THR A 170 -0.25 36.73 -22.07
C THR A 170 -1.01 35.53 -21.55
N ALA A 171 -2.32 35.43 -21.82
CA ALA A 171 -3.07 34.26 -21.41
C ALA A 171 -2.47 33.01 -22.04
N SER A 172 -2.77 31.86 -21.43
CA SER A 172 -2.17 30.60 -21.84
C SER A 172 -3.24 29.55 -22.05
N LEU A 173 -2.95 28.61 -22.93
CA LEU A 173 -3.79 27.44 -23.13
C LEU A 173 -3.05 26.22 -22.58
N MET A 174 -3.67 25.51 -21.64
CA MET A 174 -3.04 24.32 -21.06
C MET A 174 -3.35 23.12 -21.94
N VAL A 175 -2.29 22.48 -22.42
CA VAL A 175 -2.37 21.29 -23.27
C VAL A 175 -1.68 20.15 -22.55
N ALA A 176 -2.40 19.05 -22.39
CA ALA A 176 -1.88 17.86 -21.73
C ALA A 176 -2.01 16.68 -22.66
N LEU A 177 -0.90 15.99 -22.91
CA LEU A 177 -0.89 14.78 -23.72
C LEU A 177 -0.60 13.60 -22.81
N ASP A 178 -1.55 12.67 -22.73
CA ASP A 178 -1.43 11.51 -21.84
C ASP A 178 -0.71 10.38 -22.60
N SER A 179 0.56 10.65 -22.92
CA SER A 179 1.34 9.68 -23.68
C SER A 179 1.47 8.35 -22.96
N ASN A 180 1.33 8.33 -21.64
CA ASN A 180 1.42 7.09 -20.87
C ASN A 180 0.08 6.41 -20.66
N ASN A 181 -1.00 6.95 -21.24
CA ASN A 181 -2.33 6.35 -21.14
C ASN A 181 -2.71 6.10 -19.68
N THR A 182 -2.42 7.09 -18.84
CA THR A 182 -2.75 6.97 -17.42
C THR A 182 -4.21 7.33 -17.14
N MET A 183 -4.91 7.86 -18.12
CA MET A 183 -6.27 8.34 -17.92
C MET A 183 -7.26 7.39 -18.59
N PRO A 184 -8.50 7.35 -18.12
CA PRO A 184 -9.48 6.46 -18.75
C PRO A 184 -9.63 6.77 -20.23
N PHE A 185 -9.73 5.72 -21.04
CA PHE A 185 -9.89 5.90 -22.48
C PHE A 185 -11.35 6.15 -22.80
N THR A 186 -11.63 7.28 -23.44
CA THR A 186 -12.99 7.73 -23.72
C THR A 186 -13.09 8.11 -25.19
N PRO A 187 -13.36 7.14 -26.07
CA PRO A 187 -13.49 7.48 -27.50
C PRO A 187 -14.78 8.24 -27.75
N ALA A 188 -14.65 9.44 -28.33
CA ALA A 188 -15.78 10.32 -28.51
C ALA A 188 -16.69 9.89 -29.66
N ALA A 189 -16.20 9.04 -30.56
CA ALA A 189 -17.03 8.60 -31.67
C ALA A 189 -18.31 7.93 -31.19
N MET A 190 -18.28 7.29 -30.03
CA MET A 190 -19.46 6.61 -29.51
C MET A 190 -20.56 7.60 -29.13
N ARG A 191 -20.22 8.87 -28.96
CA ARG A 191 -21.20 9.90 -28.65
C ARG A 191 -21.34 10.94 -29.75
N SER A 192 -20.71 10.72 -30.90
CA SER A 192 -20.67 11.72 -31.98
C SER A 192 -20.14 13.05 -31.43
N GLU A 193 -18.97 12.99 -30.80
CA GLU A 193 -18.35 14.18 -30.21
C GLU A 193 -16.92 14.37 -30.72
N THR A 194 -16.55 13.71 -31.80
CA THR A 194 -15.24 13.92 -32.41
C THR A 194 -15.23 15.27 -33.13
N LEU A 195 -14.06 15.63 -33.64
CA LEU A 195 -13.95 16.85 -34.42
C LEU A 195 -14.85 16.77 -35.64
N GLY A 196 -15.11 17.93 -36.25
CA GLY A 196 -15.96 17.97 -37.42
C GLY A 196 -15.34 17.29 -38.61
N PHE A 197 -16.18 17.06 -39.62
CA PHE A 197 -15.75 16.37 -40.83
C PHE A 197 -15.57 17.33 -42.00
N TYR A 198 -15.83 18.62 -41.81
CA TYR A 198 -15.71 19.61 -42.86
C TYR A 198 -14.48 20.46 -42.62
N PRO A 199 -13.47 20.43 -43.49
CA PRO A 199 -12.28 21.25 -43.23
C PRO A 199 -12.56 22.73 -43.13
N TRP A 200 -13.62 23.23 -43.76
CA TRP A 200 -13.87 24.66 -43.79
C TRP A 200 -14.75 25.15 -42.64
N LYS A 201 -15.28 24.24 -41.81
CA LYS A 201 -16.13 24.63 -40.69
C LYS A 201 -15.36 24.49 -39.38
N PRO A 202 -15.32 25.51 -38.53
CA PRO A 202 -14.67 25.35 -37.23
C PRO A 202 -15.38 24.30 -36.38
N THR A 203 -14.60 23.65 -35.52
CA THR A 203 -15.10 22.57 -34.68
C THR A 203 -14.80 22.88 -33.23
N ILE A 204 -15.46 22.14 -32.33
CA ILE A 204 -15.28 22.32 -30.89
C ILE A 204 -14.79 21.01 -30.31
N PRO A 205 -14.07 21.04 -29.19
CA PRO A 205 -13.76 19.81 -28.47
C PRO A 205 -14.91 19.43 -27.55
N THR A 206 -14.77 18.28 -26.92
CA THR A 206 -15.80 17.77 -26.03
C THR A 206 -15.35 17.88 -24.59
N PRO A 207 -16.18 18.41 -23.69
CA PRO A 207 -15.80 18.38 -22.27
C PRO A 207 -15.54 16.96 -21.82
N TRP A 208 -14.50 16.78 -21.03
CA TRP A 208 -14.08 15.44 -20.65
C TRP A 208 -14.72 15.03 -19.34
N ARG A 209 -15.14 13.78 -19.28
CA ARG A 209 -15.69 13.18 -18.07
C ARG A 209 -15.41 11.69 -18.15
N TYR A 210 -15.41 11.05 -16.98
CA TYR A 210 -15.18 9.61 -16.97
C TYR A 210 -15.97 8.98 -15.84
N TYR A 211 -16.36 7.73 -16.05
CA TYR A 211 -17.24 7.06 -15.10
C TYR A 211 -16.58 6.94 -13.73
N PHE A 212 -17.33 7.31 -12.70
CA PHE A 212 -17.00 7.00 -11.32
C PHE A 212 -17.82 5.80 -10.88
N GLN A 213 -17.15 4.84 -10.24
CA GLN A 213 -17.82 3.60 -9.89
C GLN A 213 -19.12 3.87 -9.15
N TRP A 214 -20.02 2.90 -9.18
CA TRP A 214 -21.27 2.99 -8.46
C TRP A 214 -21.91 1.61 -8.39
N ASP A 215 -22.70 1.40 -7.35
CA ASP A 215 -23.46 0.18 -7.16
C ASP A 215 -24.93 0.50 -7.43
N ARG A 216 -25.58 -0.33 -8.24
CA ARG A 216 -26.96 -0.03 -8.64
C ARG A 216 -27.64 -1.33 -9.04
N THR A 217 -28.83 -1.56 -8.48
CA THR A 217 -29.60 -2.77 -8.72
C THR A 217 -30.97 -2.39 -9.29
N LEU A 218 -31.38 -3.09 -10.34
CA LEU A 218 -32.66 -2.82 -11.00
C LEU A 218 -33.29 -4.15 -11.37
N ILE A 219 -34.30 -4.56 -10.61
CA ILE A 219 -35.02 -5.80 -10.92
C ILE A 219 -36.02 -5.54 -12.05
N PRO A 220 -35.96 -6.27 -13.15
CA PRO A 220 -36.85 -5.96 -14.29
C PRO A 220 -38.30 -6.26 -13.98
N SER A 221 -39.17 -5.55 -14.69
CA SER A 221 -40.60 -5.75 -14.58
C SER A 221 -41.22 -5.59 -15.97
N HIS A 222 -42.55 -5.62 -16.02
CA HIS A 222 -43.29 -5.41 -17.26
C HIS A 222 -44.53 -4.61 -16.95
N THR A 223 -45.16 -4.10 -18.01
CA THR A 223 -46.42 -3.39 -17.85
C THR A 223 -47.43 -4.29 -17.16
N GLY A 224 -48.09 -3.77 -16.13
CA GLY A 224 -49.01 -4.55 -15.35
C GLY A 224 -48.39 -5.30 -14.19
N THR A 225 -47.06 -5.27 -14.05
CA THR A 225 -46.42 -5.88 -12.90
C THR A 225 -46.82 -5.11 -11.64
N SER A 226 -47.22 -5.86 -10.61
CA SER A 226 -47.74 -5.26 -9.40
C SER A 226 -46.59 -4.72 -8.53
N GLY A 227 -46.83 -3.55 -7.94
CA GLY A 227 -45.87 -3.00 -7.01
C GLY A 227 -44.67 -2.36 -7.69
N THR A 228 -43.69 -2.00 -6.86
CA THR A 228 -42.46 -1.37 -7.31
C THR A 228 -41.31 -2.34 -7.16
N PRO A 229 -40.71 -2.83 -8.25
CA PRO A 229 -39.56 -3.72 -8.11
C PRO A 229 -38.41 -3.02 -7.40
N THR A 230 -37.45 -3.83 -6.94
CA THR A 230 -36.25 -3.26 -6.31
C THR A 230 -35.49 -2.42 -7.32
N ASN A 231 -35.51 -1.11 -7.12
CA ASN A 231 -34.82 -0.17 -8.01
C ASN A 231 -34.06 0.78 -7.10
N ILE A 232 -32.74 0.63 -7.03
CA ILE A 232 -31.96 1.18 -5.94
C ILE A 232 -30.60 1.62 -6.47
N TYR A 233 -30.14 2.78 -6.00
CA TYR A 233 -28.78 3.24 -6.21
C TYR A 233 -28.03 3.04 -4.89
N HIS A 234 -27.00 2.20 -4.91
CA HIS A 234 -26.37 1.71 -3.70
C HIS A 234 -25.17 2.53 -3.25
N GLY A 235 -24.78 3.55 -4.00
CA GLY A 235 -23.62 4.34 -3.63
C GLY A 235 -22.37 3.90 -4.35
N THR A 236 -21.26 3.77 -3.62
CA THR A 236 -19.98 3.41 -4.20
C THR A 236 -19.28 2.38 -3.33
N ASP A 237 -18.62 1.43 -3.98
CA ASP A 237 -17.75 0.51 -3.27
C ASP A 237 -16.38 1.16 -3.08
N PRO A 238 -15.90 1.31 -1.84
CA PRO A 238 -14.61 1.99 -1.67
C PRO A 238 -13.46 1.30 -2.38
N ASP A 239 -13.51 -0.02 -2.50
CA ASP A 239 -12.42 -0.76 -3.13
C ASP A 239 -12.24 -0.42 -4.60
N ASP A 240 -13.23 0.20 -5.22
CA ASP A 240 -13.19 0.51 -6.65
C ASP A 240 -13.03 1.99 -6.95
N VAL A 241 -13.04 2.85 -5.93
CA VAL A 241 -12.96 4.29 -6.16
C VAL A 241 -11.68 4.61 -6.91
N GLN A 242 -11.80 5.49 -7.90
CA GLN A 242 -10.64 5.98 -8.65
C GLN A 242 -10.96 7.39 -9.12
N PHE A 243 -10.20 8.36 -8.63
CA PHE A 243 -10.38 9.77 -8.97
C PHE A 243 -9.12 10.24 -9.68
N TYR A 244 -9.20 10.36 -11.00
CA TYR A 244 -8.07 10.78 -11.81
C TYR A 244 -8.11 12.29 -12.02
N THR A 245 -6.92 12.91 -12.01
CA THR A 245 -6.80 14.33 -12.30
C THR A 245 -5.68 14.53 -13.32
N ILE A 246 -5.94 15.37 -14.32
CA ILE A 246 -4.94 15.63 -15.35
C ILE A 246 -3.70 16.27 -14.73
N GLU A 247 -3.91 17.12 -13.72
CA GLU A 247 -2.78 17.87 -13.15
C GLU A 247 -1.75 16.94 -12.53
N ASN A 248 -2.20 15.87 -11.88
CA ASN A 248 -1.29 14.97 -11.18
C ASN A 248 -0.73 13.88 -12.07
N SER A 249 -1.39 13.57 -13.18
CA SER A 249 -1.04 12.39 -13.96
C SER A 249 -0.33 12.73 -15.26
N VAL A 250 -0.40 13.97 -15.73
CA VAL A 250 0.17 14.33 -17.02
C VAL A 250 0.99 15.61 -16.91
N PRO A 251 2.09 15.75 -17.64
CA PRO A 251 2.73 17.07 -17.75
C PRO A 251 1.87 17.99 -18.60
N VAL A 252 1.69 19.23 -18.12
CA VAL A 252 0.80 20.19 -18.77
C VAL A 252 1.65 21.31 -19.32
N HIS A 253 1.59 21.50 -20.65
CA HIS A 253 2.28 22.61 -21.29
C HIS A 253 1.37 23.84 -21.30
N LEU A 254 1.98 25.00 -21.13
CA LEU A 254 1.26 26.26 -21.25
C LEU A 254 1.67 26.91 -22.57
N LEU A 255 0.69 27.13 -23.45
CA LEU A 255 0.94 27.64 -24.80
C LEU A 255 0.40 29.05 -24.90
N ARG A 256 1.28 30.03 -25.06
CA ARG A 256 0.88 31.38 -25.37
C ARG A 256 0.69 31.53 -26.88
N THR A 257 0.32 32.74 -27.30
CA THR A 257 -0.07 32.94 -28.68
C THR A 257 1.07 32.62 -29.66
N GLY A 258 2.31 32.60 -29.19
CA GLY A 258 3.44 32.30 -30.03
C GLY A 258 4.02 30.91 -29.87
N ASP A 259 3.36 30.03 -29.13
CA ASP A 259 3.89 28.70 -28.88
C ASP A 259 3.18 27.67 -29.75
N GLU A 260 3.80 26.50 -29.87
CA GLU A 260 3.26 25.40 -30.64
C GLU A 260 3.38 24.12 -29.83
N PHE A 261 2.74 23.07 -30.32
CA PHE A 261 2.73 21.78 -29.65
C PHE A 261 2.65 20.68 -30.70
N ALA A 262 3.40 19.60 -30.47
CA ALA A 262 3.37 18.44 -31.34
C ALA A 262 3.54 17.18 -30.50
N THR A 263 2.64 16.22 -30.73
CA THR A 263 2.65 14.99 -29.94
C THR A 263 3.76 14.04 -30.36
N GLY A 264 4.32 14.22 -31.55
CA GLY A 264 5.23 13.24 -32.10
C GLY A 264 4.44 12.13 -32.79
N THR A 265 5.18 11.20 -33.38
CA THR A 265 4.60 10.14 -34.17
C THR A 265 4.48 8.88 -33.33
N PHE A 266 3.27 8.36 -33.21
CA PHE A 266 3.02 7.05 -32.64
C PHE A 266 2.80 6.04 -33.75
N PHE A 267 3.16 4.80 -33.50
CA PHE A 267 3.05 3.72 -34.48
C PHE A 267 2.16 2.61 -33.93
N PHE A 268 1.15 2.24 -34.70
CA PHE A 268 0.22 1.20 -34.28
C PHE A 268 0.79 -0.19 -34.52
N ASP A 269 0.17 -1.17 -33.86
CA ASP A 269 0.48 -2.58 -34.09
C ASP A 269 -0.76 -3.38 -34.44
N CYS A 270 -1.87 -2.71 -34.77
CA CYS A 270 -3.14 -3.38 -34.96
C CYS A 270 -3.08 -4.34 -36.15
N LYS A 271 -3.95 -5.34 -36.13
CA LYS A 271 -4.00 -6.33 -37.19
C LYS A 271 -4.57 -5.68 -38.45
N PRO A 272 -4.24 -6.23 -39.62
CA PRO A 272 -4.75 -5.65 -40.87
C PRO A 272 -6.25 -5.83 -41.01
N CYS A 273 -6.90 -4.85 -41.61
CA CYS A 273 -8.31 -4.93 -41.91
C CYS A 273 -8.51 -5.33 -43.37
N ARG A 274 -9.63 -5.99 -43.65
CA ARG A 274 -9.99 -6.43 -44.98
C ARG A 274 -11.13 -5.57 -45.50
N LEU A 275 -10.98 -5.04 -46.71
CA LEU A 275 -12.05 -4.29 -47.38
C LEU A 275 -12.83 -5.18 -48.32
N THR A 276 -12.94 -6.46 -47.98
CA THR A 276 -13.70 -7.43 -48.75
C THR A 276 -14.64 -8.16 -47.81
N HIS A 277 -15.80 -8.55 -48.32
CA HIS A 277 -16.82 -9.22 -47.54
C HIS A 277 -16.94 -10.67 -47.98
N THR A 278 -17.36 -11.52 -47.06
CA THR A 278 -17.58 -12.94 -47.31
C THR A 278 -19.07 -13.20 -47.47
N TRP A 279 -19.41 -14.04 -48.44
CA TRP A 279 -20.80 -14.40 -48.69
C TRP A 279 -21.09 -15.86 -48.42
N GLN A 280 -20.08 -16.73 -48.51
CA GLN A 280 -20.29 -18.15 -48.32
C GLN A 280 -20.71 -18.42 -46.88
N THR A 281 -21.94 -18.91 -46.71
CA THR A 281 -22.34 -19.50 -45.44
C THR A 281 -22.04 -20.99 -45.46
N ASN A 282 -22.44 -21.69 -44.41
CA ASN A 282 -22.14 -23.12 -44.31
C ASN A 282 -22.68 -23.88 -45.51
N ARG A 283 -23.79 -23.42 -46.07
CA ARG A 283 -24.40 -24.16 -47.18
C ARG A 283 -23.58 -24.07 -48.44
N ALA A 284 -22.70 -23.07 -48.56
CA ALA A 284 -21.89 -22.86 -49.75
C ALA A 284 -20.41 -23.16 -49.50
N LEU A 285 -20.11 -24.14 -48.65
CA LEU A 285 -18.73 -24.54 -48.38
C LEU A 285 -18.48 -25.93 -48.92
N GLY A 286 -17.45 -26.07 -49.75
CA GLY A 286 -17.02 -27.36 -50.21
C GLY A 286 -17.46 -27.68 -51.62
N LEU A 287 -17.53 -28.98 -51.89
CA LEU A 287 -17.87 -29.47 -53.21
C LEU A 287 -19.38 -29.67 -53.33
N PRO A 288 -20.05 -29.00 -54.27
CA PRO A 288 -21.49 -29.22 -54.44
C PRO A 288 -21.77 -30.62 -54.94
N PRO A 289 -23.01 -31.09 -54.83
CA PRO A 289 -23.32 -32.44 -55.29
C PRO A 289 -23.37 -32.50 -56.81
N PHE A 290 -22.80 -33.57 -57.35
CA PHE A 290 -22.82 -33.75 -58.80
C PHE A 290 -24.25 -33.86 -59.29
N LEU A 291 -24.54 -33.18 -60.40
CA LEU A 291 -25.89 -33.14 -60.96
C LEU A 291 -25.98 -34.17 -62.07
N ASN A 292 -26.83 -35.18 -61.86
CA ASN A 292 -27.01 -36.22 -62.86
C ASN A 292 -27.98 -35.81 -63.96
N SER A 293 -28.74 -34.73 -63.77
CA SER A 293 -29.73 -34.30 -64.75
C SER A 293 -29.61 -32.79 -64.91
N LEU A 294 -28.82 -32.35 -65.88
CA LEU A 294 -28.65 -30.94 -66.14
C LEU A 294 -29.83 -30.40 -66.96
N PRO A 295 -30.18 -29.13 -66.79
CA PRO A 295 -31.30 -28.59 -67.54
C PRO A 295 -30.99 -28.49 -69.03
N GLN A 296 -32.05 -28.52 -69.83
CA GLN A 296 -31.93 -28.57 -71.28
C GLN A 296 -32.51 -27.35 -71.97
N SER A 297 -33.09 -26.41 -71.23
CA SER A 297 -33.67 -25.21 -71.83
C SER A 297 -33.51 -24.03 -70.89
N GLU A 298 -33.23 -22.87 -71.47
CA GLU A 298 -33.11 -21.65 -70.68
C GLU A 298 -34.45 -21.29 -70.07
N GLY A 299 -34.40 -20.71 -68.88
CA GLY A 299 -35.59 -20.33 -68.14
C GLY A 299 -35.38 -20.42 -66.65
N GLY A 300 -36.06 -19.56 -65.90
CA GLY A 300 -35.90 -19.53 -64.46
C GLY A 300 -36.37 -20.80 -63.79
N THR A 301 -37.42 -21.43 -64.30
CA THR A 301 -38.01 -22.61 -63.70
C THR A 301 -37.42 -23.91 -64.21
N ASN A 302 -36.46 -23.85 -65.14
CA ASN A 302 -35.83 -25.05 -65.69
C ASN A 302 -34.64 -25.44 -64.81
N PHE A 303 -34.96 -26.08 -63.69
CA PHE A 303 -33.95 -26.42 -62.70
C PHE A 303 -33.24 -27.73 -63.08
N GLY A 304 -32.09 -27.95 -62.44
CA GLY A 304 -31.40 -29.21 -62.53
C GLY A 304 -31.69 -30.10 -61.32
N TYR A 305 -31.47 -31.40 -61.50
CA TYR A 305 -31.83 -32.39 -60.49
C TYR A 305 -30.62 -33.25 -60.15
N ILE A 306 -30.47 -33.54 -58.86
CA ILE A 306 -29.35 -34.37 -58.42
C ILE A 306 -29.54 -35.81 -58.85
N GLY A 307 -30.77 -36.32 -58.81
CA GLY A 307 -31.05 -37.69 -59.27
C GLY A 307 -31.03 -38.77 -58.23
N VAL A 308 -29.90 -38.96 -57.55
CA VAL A 308 -29.81 -40.02 -56.55
C VAL A 308 -30.74 -39.70 -55.40
N GLN A 309 -31.55 -40.68 -55.00
CA GLN A 309 -32.48 -40.47 -53.90
C GLN A 309 -31.70 -40.16 -52.62
N GLN A 310 -32.28 -39.33 -51.77
CA GLN A 310 -31.50 -38.70 -50.70
C GLN A 310 -30.91 -39.73 -49.74
N ASP A 311 -31.56 -40.88 -49.55
CA ASP A 311 -31.07 -41.89 -48.64
C ASP A 311 -30.09 -42.86 -49.29
N LYS A 312 -29.91 -42.79 -50.61
CA LYS A 312 -28.96 -43.63 -51.33
C LYS A 312 -27.69 -42.87 -51.71
N ARG A 313 -27.46 -41.70 -51.14
CA ARG A 313 -26.37 -40.84 -51.59
C ARG A 313 -25.07 -41.19 -50.87
N ARG A 314 -24.01 -40.49 -51.27
CA ARG A 314 -22.68 -40.64 -50.70
C ARG A 314 -22.22 -39.32 -50.08
N GLY A 315 -21.24 -39.43 -49.17
CA GLY A 315 -20.68 -38.29 -48.49
C GLY A 315 -20.49 -38.61 -47.02
N VAL A 316 -20.38 -37.55 -46.21
CA VAL A 316 -20.19 -37.68 -44.77
C VAL A 316 -21.13 -36.73 -44.06
N THR A 317 -21.68 -37.19 -42.95
CA THR A 317 -22.53 -36.37 -42.10
C THR A 317 -22.19 -36.61 -40.65
N GLN A 318 -22.47 -35.60 -39.81
CA GLN A 318 -22.35 -35.74 -38.37
C GLN A 318 -23.59 -36.37 -37.75
N MET A 319 -24.42 -37.03 -38.56
CA MET A 319 -25.65 -37.67 -38.13
C MET A 319 -25.37 -39.17 -38.15
N GLY A 320 -25.04 -39.74 -37.00
CA GLY A 320 -24.62 -41.12 -36.93
C GLY A 320 -25.76 -42.12 -36.95
N ASN A 321 -27.01 -41.66 -36.96
CA ASN A 321 -28.16 -42.56 -36.93
C ASN A 321 -29.14 -42.26 -38.05
N THR A 322 -28.72 -41.54 -39.09
CA THR A 322 -29.59 -41.20 -40.20
C THR A 322 -28.89 -41.49 -41.51
N ASN A 323 -29.67 -42.03 -42.45
CA ASN A 323 -29.15 -42.38 -43.77
C ASN A 323 -29.23 -41.22 -44.76
N TYR A 324 -29.98 -40.17 -44.44
CA TYR A 324 -30.21 -39.07 -45.38
C TYR A 324 -28.94 -38.23 -45.51
N ILE A 325 -28.55 -37.95 -46.75
CA ILE A 325 -27.47 -37.01 -47.04
C ILE A 325 -28.09 -35.89 -47.86
N THR A 326 -28.17 -34.70 -47.27
CA THR A 326 -28.73 -33.54 -47.94
C THR A 326 -27.84 -32.33 -47.66
N GLU A 327 -28.06 -31.26 -48.42
CA GLU A 327 -27.27 -30.05 -48.23
C GLU A 327 -27.42 -29.50 -46.82
N ALA A 328 -28.52 -29.78 -46.15
CA ALA A 328 -28.72 -29.29 -44.79
C ALA A 328 -28.02 -30.19 -43.76
N THR A 329 -27.78 -31.46 -44.09
CA THR A 329 -27.20 -32.39 -43.14
C THR A 329 -25.75 -32.73 -43.44
N ILE A 330 -25.28 -32.51 -44.66
CA ILE A 330 -23.91 -32.91 -45.00
C ILE A 330 -22.93 -32.16 -44.12
N MET A 331 -21.82 -32.82 -43.79
CA MET A 331 -20.80 -32.22 -42.94
C MET A 331 -20.15 -31.04 -43.64
N ARG A 332 -19.87 -30.00 -42.87
CA ARG A 332 -19.12 -28.84 -43.34
C ARG A 332 -17.88 -28.66 -42.48
N PRO A 333 -16.83 -28.02 -43.00
CA PRO A 333 -15.59 -27.92 -42.23
C PRO A 333 -15.78 -27.26 -40.87
N ALA A 334 -16.61 -26.25 -40.77
CA ALA A 334 -16.85 -25.54 -39.53
C ALA A 334 -18.10 -24.68 -39.70
N GLU A 335 -18.38 -23.85 -38.71
CA GLU A 335 -19.60 -23.04 -38.68
C GLU A 335 -19.24 -21.58 -38.96
N VAL A 336 -19.94 -20.99 -39.92
CA VAL A 336 -19.75 -19.57 -40.23
C VAL A 336 -20.77 -18.79 -39.43
N GLY A 337 -20.29 -17.86 -38.62
CA GLY A 337 -21.16 -17.08 -37.77
C GLY A 337 -21.64 -17.90 -36.58
N TYR A 338 -22.43 -17.24 -35.73
CA TYR A 338 -22.97 -17.89 -34.55
C TYR A 338 -24.27 -17.20 -34.17
N SER A 339 -25.09 -17.93 -33.42
CA SER A 339 -26.35 -17.40 -32.90
C SER A 339 -26.17 -16.99 -31.45
N ALA A 340 -26.80 -15.89 -31.08
CA ALA A 340 -26.73 -15.39 -29.72
C ALA A 340 -28.09 -14.81 -29.35
N PRO A 341 -28.39 -14.71 -28.05
CA PRO A 341 -29.63 -14.07 -27.64
C PRO A 341 -29.75 -12.66 -28.18
N TYR A 342 -30.86 -12.33 -28.85
CA TYR A 342 -31.00 -10.98 -29.37
C TYR A 342 -31.86 -10.13 -28.44
N TYR A 343 -31.42 -8.89 -28.23
CA TYR A 343 -32.00 -8.00 -27.24
C TYR A 343 -32.03 -8.67 -25.87
N SER A 344 -30.88 -9.22 -25.48
CA SER A 344 -30.70 -9.76 -24.14
C SER A 344 -29.96 -8.73 -23.28
N PHE A 345 -30.49 -8.48 -22.09
CA PHE A 345 -29.91 -7.52 -21.16
C PHE A 345 -29.41 -8.27 -19.93
N GLU A 346 -28.13 -8.07 -19.61
CA GLU A 346 -27.52 -8.70 -18.45
C GLU A 346 -27.13 -7.62 -17.45
N ALA A 347 -27.32 -7.94 -16.17
CA ALA A 347 -27.10 -6.99 -15.09
C ALA A 347 -25.82 -7.35 -14.34
N SER A 348 -25.23 -6.34 -13.72
CA SER A 348 -23.99 -6.52 -12.98
C SER A 348 -23.90 -5.39 -11.95
N THR A 349 -22.71 -5.20 -11.39
CA THR A 349 -22.53 -4.22 -10.32
C THR A 349 -23.21 -2.90 -10.65
N GLN A 350 -23.12 -2.44 -11.90
CA GLN A 350 -23.58 -1.12 -12.28
C GLN A 350 -25.00 -1.10 -12.86
N GLY A 351 -25.61 -2.26 -13.06
CA GLY A 351 -26.93 -2.30 -13.64
C GLY A 351 -26.95 -3.02 -14.98
N PRO A 352 -28.08 -3.00 -15.66
CA PRO A 352 -28.23 -3.77 -16.90
C PRO A 352 -27.52 -3.13 -18.08
N PHE A 353 -27.18 -3.98 -19.03
CA PHE A 353 -26.59 -3.56 -20.30
C PHE A 353 -26.93 -4.59 -21.35
N LYS A 354 -27.11 -4.14 -22.58
CA LYS A 354 -27.42 -5.04 -23.68
C LYS A 354 -26.21 -5.92 -23.98
N THR A 355 -26.46 -7.20 -24.20
CA THR A 355 -25.42 -8.10 -24.66
C THR A 355 -25.10 -7.79 -26.12
N PRO A 356 -23.86 -7.46 -26.45
CA PRO A 356 -23.53 -7.17 -27.85
C PRO A 356 -23.42 -8.44 -28.67
N ILE A 357 -23.59 -8.27 -29.98
CA ILE A 357 -23.48 -9.35 -30.95
C ILE A 357 -22.49 -8.91 -32.02
N ALA A 358 -21.76 -9.88 -32.57
CA ALA A 358 -20.66 -9.59 -33.50
C ALA A 358 -21.07 -9.67 -34.95
N ALA A 359 -22.35 -9.94 -35.26
CA ALA A 359 -22.79 -10.08 -36.64
C ALA A 359 -24.18 -9.47 -36.78
N GLY A 360 -24.52 -9.10 -38.01
CA GLY A 360 -25.79 -8.48 -38.29
C GLY A 360 -26.91 -9.50 -38.45
N ARG A 361 -28.06 -9.01 -38.89
CA ARG A 361 -29.21 -9.86 -39.10
C ARG A 361 -29.17 -10.51 -40.47
N GLY A 362 -30.05 -11.49 -40.67
CA GLY A 362 -30.10 -12.20 -41.93
C GLY A 362 -31.26 -11.71 -42.80
N GLY A 363 -30.95 -11.49 -44.07
CA GLY A 363 -31.94 -11.02 -45.03
C GLY A 363 -32.27 -9.55 -44.94
N ALA A 364 -31.55 -8.78 -44.13
CA ALA A 364 -31.83 -7.35 -44.01
C ALA A 364 -31.61 -6.62 -45.33
N GLN A 365 -30.76 -7.15 -46.20
CA GLN A 365 -30.53 -6.50 -47.49
C GLN A 365 -31.80 -6.49 -48.35
N THR A 366 -32.63 -7.53 -48.24
CA THR A 366 -33.86 -7.58 -49.01
C THR A 366 -34.95 -6.68 -48.43
N ASP A 367 -34.96 -6.51 -47.10
CA ASP A 367 -35.98 -5.69 -46.46
C ASP A 367 -35.31 -4.94 -45.31
N GLU A 368 -35.22 -3.61 -45.45
CA GLU A 368 -34.58 -2.81 -44.41
C GLU A 368 -35.40 -2.79 -43.13
N ASN A 369 -36.72 -2.99 -43.24
CA ASN A 369 -37.57 -2.98 -42.05
C ASN A 369 -37.21 -4.09 -41.08
N GLN A 370 -36.52 -5.13 -41.55
CA GLN A 370 -36.10 -6.24 -40.70
C GLN A 370 -34.71 -6.01 -40.10
N ALA A 371 -34.08 -4.88 -40.35
CA ALA A 371 -32.79 -4.59 -39.74
C ALA A 371 -32.96 -4.53 -38.23
N ALA A 372 -32.15 -5.31 -37.52
CA ALA A 372 -32.35 -5.50 -36.08
C ALA A 372 -31.03 -5.77 -35.38
N ASP A 373 -31.11 -6.33 -34.17
CA ASP A 373 -29.94 -6.56 -33.32
C ASP A 373 -28.72 -6.96 -34.15
N GLY A 374 -27.60 -6.29 -33.89
CA GLY A 374 -26.36 -6.56 -34.56
C GLY A 374 -26.00 -5.57 -35.65
N ASP A 375 -26.96 -4.79 -36.12
CA ASP A 375 -26.69 -3.81 -37.16
C ASP A 375 -26.52 -2.45 -36.50
N PRO A 376 -25.31 -1.92 -36.41
CA PRO A 376 -25.11 -0.70 -35.62
C PRO A 376 -25.91 0.46 -36.19
N ARG A 377 -26.51 1.24 -35.30
CA ARG A 377 -27.30 2.40 -35.67
C ARG A 377 -26.59 3.64 -35.13
N TYR A 378 -26.19 4.52 -36.04
CA TYR A 378 -25.45 5.72 -35.71
C TYR A 378 -26.38 6.92 -35.75
N ALA A 379 -26.32 7.74 -34.69
CA ALA A 379 -27.00 9.01 -34.62
C ALA A 379 -25.97 10.11 -34.52
N PHE A 380 -26.18 11.20 -35.25
CA PHE A 380 -25.17 12.25 -35.33
C PHE A 380 -25.84 13.59 -35.63
N GLY A 381 -25.03 14.64 -35.57
CA GLY A 381 -25.51 15.99 -35.72
C GLY A 381 -24.90 16.70 -36.92
N ARG A 382 -25.08 18.02 -36.92
CA ARG A 382 -24.68 18.83 -38.07
C ARG A 382 -23.17 18.93 -38.22
N GLN A 383 -22.41 18.68 -37.16
CA GLN A 383 -20.96 18.65 -37.27
C GLN A 383 -20.44 17.37 -37.90
N HIS A 384 -21.22 16.29 -37.87
CA HIS A 384 -20.72 14.97 -38.22
C HIS A 384 -21.56 14.29 -39.30
N GLY A 385 -22.16 15.04 -40.21
CA GLY A 385 -22.81 14.44 -41.36
C GLY A 385 -24.18 15.00 -41.68
N GLN A 386 -24.94 15.39 -40.66
CA GLN A 386 -26.29 15.89 -40.90
C GLN A 386 -26.22 17.20 -41.68
N LYS A 387 -27.26 17.44 -42.48
CA LYS A 387 -27.31 18.65 -43.28
C LYS A 387 -27.13 19.87 -42.39
N THR A 388 -26.13 20.70 -42.72
CA THR A 388 -25.75 21.79 -41.84
C THR A 388 -26.81 22.88 -41.75
N THR A 389 -27.81 22.84 -42.63
CA THR A 389 -28.89 23.82 -42.62
C THR A 389 -30.15 23.31 -41.98
N THR A 390 -30.12 22.11 -41.40
CA THR A 390 -31.29 21.56 -40.73
C THR A 390 -31.52 22.26 -39.39
N THR A 391 -32.80 22.41 -39.06
CA THR A 391 -33.21 23.01 -37.80
C THR A 391 -33.87 21.96 -36.92
N GLY A 392 -33.81 22.17 -35.61
CA GLY A 392 -34.39 21.25 -34.66
C GLY A 392 -33.34 20.39 -33.97
N GLU A 393 -33.78 19.76 -32.88
CA GLU A 393 -32.89 18.92 -32.09
C GLU A 393 -32.81 17.48 -32.60
N THR A 394 -33.70 17.09 -33.50
CA THR A 394 -33.71 15.71 -33.98
C THR A 394 -32.40 15.43 -34.72
N PRO A 395 -31.70 14.35 -34.39
CA PRO A 395 -30.46 14.04 -35.10
C PRO A 395 -30.71 13.25 -36.37
N GLU A 396 -29.64 13.08 -37.13
CA GLU A 396 -29.68 12.21 -38.31
C GLU A 396 -29.18 10.83 -37.94
N ARG A 397 -29.97 9.82 -38.30
CA ARG A 397 -29.70 8.45 -37.89
C ARG A 397 -29.66 7.55 -39.12
N PHE A 398 -28.81 6.53 -39.06
CA PHE A 398 -28.83 5.48 -40.06
C PHE A 398 -28.39 4.16 -39.45
N THR A 399 -29.00 3.08 -39.93
CA THR A 399 -28.62 1.73 -39.54
C THR A 399 -27.70 1.16 -40.61
N TYR A 400 -26.57 0.60 -40.18
CA TYR A 400 -25.57 0.06 -41.10
C TYR A 400 -25.91 -1.41 -41.36
N ILE A 401 -26.24 -1.74 -42.62
CA ILE A 401 -26.50 -3.12 -42.99
C ILE A 401 -25.23 -3.68 -43.61
N ALA A 402 -24.44 -4.37 -42.80
CA ALA A 402 -23.17 -4.91 -43.29
C ALA A 402 -23.42 -5.89 -44.44
N HIS A 403 -22.55 -5.83 -45.45
CA HIS A 403 -22.69 -6.73 -46.60
C HIS A 403 -22.46 -8.17 -46.20
N GLN A 404 -21.45 -8.44 -45.37
CA GLN A 404 -21.05 -9.81 -45.10
C GLN A 404 -22.23 -10.61 -44.56
N ASP A 405 -22.44 -11.80 -45.12
CA ASP A 405 -23.55 -12.64 -44.71
C ASP A 405 -23.13 -13.59 -43.60
N THR A 406 -22.54 -13.04 -42.54
CA THR A 406 -22.20 -13.83 -41.36
C THR A 406 -23.33 -13.90 -40.35
N GLY A 407 -24.41 -13.17 -40.56
CA GLY A 407 -25.50 -13.15 -39.62
C GLY A 407 -26.37 -14.39 -39.73
N ARG A 408 -27.46 -14.36 -38.98
CA ARG A 408 -28.39 -15.47 -38.90
C ARG A 408 -29.80 -14.99 -39.11
N TYR A 409 -30.69 -15.92 -39.46
CA TYR A 409 -32.10 -15.65 -39.69
C TYR A 409 -32.87 -16.50 -38.69
N PRO A 410 -33.16 -15.99 -37.50
CA PRO A 410 -33.70 -16.85 -36.44
C PRO A 410 -35.05 -17.45 -36.75
N GLU A 411 -35.79 -16.88 -37.71
CA GLU A 411 -37.10 -17.45 -38.06
C GLU A 411 -36.97 -18.75 -38.84
N GLY A 412 -35.83 -18.98 -39.47
CA GLY A 412 -35.63 -20.21 -40.23
C GLY A 412 -34.91 -21.29 -39.44
N ASP A 413 -34.60 -21.00 -38.18
CA ASP A 413 -33.95 -21.97 -37.33
C ASP A 413 -34.98 -22.95 -36.77
N TRP A 414 -34.50 -24.08 -36.26
CA TRP A 414 -35.35 -25.02 -35.55
C TRP A 414 -34.48 -26.08 -34.91
N ILE A 415 -35.05 -26.75 -33.90
CA ILE A 415 -34.42 -27.89 -33.24
C ILE A 415 -35.34 -29.08 -33.42
N GLN A 416 -34.78 -30.27 -33.60
CA GLN A 416 -35.61 -31.46 -33.66
C GLN A 416 -34.90 -32.61 -32.96
N ASN A 417 -35.70 -33.63 -32.62
CA ASN A 417 -35.26 -34.66 -31.69
C ASN A 417 -34.14 -35.50 -32.29
N ILE A 418 -33.43 -36.20 -31.40
CA ILE A 418 -32.29 -37.01 -31.80
C ILE A 418 -32.67 -38.14 -32.73
N ASN A 419 -33.90 -38.65 -32.62
CA ASN A 419 -34.31 -39.78 -33.44
C ASN A 419 -34.39 -39.44 -34.92
N PHE A 420 -34.71 -38.20 -35.26
CA PHE A 420 -34.69 -37.74 -36.65
C PHE A 420 -35.64 -38.56 -37.52
N ASN A 421 -36.88 -38.68 -37.07
CA ASN A 421 -37.93 -39.21 -37.93
C ASN A 421 -38.51 -38.09 -38.79
N LEU A 422 -38.56 -38.34 -40.10
CA LEU A 422 -39.07 -37.35 -41.04
C LEU A 422 -40.30 -37.88 -41.75
N PRO A 423 -41.36 -37.07 -41.89
CA PRO A 423 -41.49 -35.67 -41.45
C PRO A 423 -41.60 -35.57 -39.94
N VAL A 424 -41.03 -34.52 -39.35
CA VAL A 424 -40.98 -34.43 -37.90
C VAL A 424 -42.37 -34.10 -37.36
N THR A 425 -42.76 -34.82 -36.31
CA THR A 425 -44.04 -34.59 -35.66
C THR A 425 -43.95 -33.38 -34.74
N ASP A 426 -45.12 -32.96 -34.25
CA ASP A 426 -45.19 -31.75 -33.42
C ASP A 426 -44.30 -31.86 -32.19
N ASP A 427 -44.43 -32.98 -31.47
CA ASP A 427 -43.74 -33.11 -30.18
C ASP A 427 -42.23 -33.21 -30.32
N ASN A 428 -41.72 -33.52 -31.51
CA ASN A 428 -40.30 -33.77 -31.70
C ASN A 428 -39.56 -32.60 -32.31
N VAL A 429 -40.18 -31.43 -32.41
CA VAL A 429 -39.54 -30.26 -33.00
C VAL A 429 -39.89 -29.02 -32.20
N LEU A 430 -38.88 -28.21 -31.90
CA LEU A 430 -39.04 -26.89 -31.30
C LEU A 430 -38.77 -25.85 -32.37
N LEU A 431 -39.75 -25.00 -32.62
CA LEU A 431 -39.73 -24.04 -33.71
C LEU A 431 -39.66 -22.61 -33.19
N PRO A 432 -39.26 -21.66 -34.03
CA PRO A 432 -39.37 -20.24 -33.63
C PRO A 432 -40.81 -19.82 -33.35
N THR A 433 -41.79 -20.61 -33.77
CA THR A 433 -43.19 -20.34 -33.48
C THR A 433 -43.65 -20.93 -32.16
N ASP A 434 -42.73 -21.42 -31.33
CA ASP A 434 -43.05 -22.11 -30.09
C ASP A 434 -42.86 -21.17 -28.90
N PRO A 435 -43.80 -21.09 -27.98
CA PRO A 435 -43.61 -20.22 -26.81
C PRO A 435 -42.65 -20.85 -25.81
N ILE A 436 -41.79 -20.01 -25.22
CA ILE A 436 -40.82 -20.44 -24.22
C ILE A 436 -41.15 -19.75 -22.91
N GLY A 437 -41.24 -20.53 -21.85
CA GLY A 437 -41.60 -19.98 -20.55
C GLY A 437 -43.02 -19.47 -20.47
N GLY A 438 -43.89 -19.90 -21.39
CA GLY A 438 -45.27 -19.45 -21.39
C GLY A 438 -45.51 -18.16 -22.12
N LYS A 439 -44.48 -17.52 -22.66
CA LYS A 439 -44.65 -16.25 -23.36
C LYS A 439 -44.88 -16.49 -24.84
N THR A 440 -45.89 -15.84 -25.40
CA THR A 440 -46.20 -15.97 -26.81
C THR A 440 -45.23 -15.22 -27.71
N GLY A 441 -44.65 -14.12 -27.23
CA GLY A 441 -43.77 -13.30 -28.02
C GLY A 441 -42.31 -13.60 -27.89
N ILE A 442 -41.93 -14.63 -27.13
CA ILE A 442 -40.54 -15.02 -26.94
C ILE A 442 -40.41 -16.48 -27.30
N ASN A 443 -39.39 -16.80 -28.09
CA ASN A 443 -39.15 -18.17 -28.54
C ASN A 443 -37.71 -18.55 -28.22
N TYR A 444 -37.37 -19.80 -28.52
CA TYR A 444 -36.08 -20.34 -28.08
C TYR A 444 -34.92 -19.60 -28.70
N THR A 445 -35.10 -19.03 -29.89
CA THR A 445 -34.02 -18.29 -30.52
C THR A 445 -33.58 -17.10 -29.67
N ASN A 446 -34.49 -16.53 -28.88
CA ASN A 446 -34.13 -15.39 -28.04
C ASN A 446 -33.10 -15.75 -26.98
N ILE A 447 -32.99 -17.03 -26.62
CA ILE A 447 -32.05 -17.49 -25.61
C ILE A 447 -31.07 -18.51 -26.15
N PHE A 448 -31.04 -18.71 -27.46
CA PHE A 448 -30.16 -19.71 -28.06
C PHE A 448 -28.76 -19.16 -28.26
N ASN A 449 -27.76 -20.02 -28.07
CA ASN A 449 -26.37 -19.64 -28.29
C ASN A 449 -25.63 -20.81 -28.91
N THR A 450 -24.96 -20.57 -30.03
CA THR A 450 -24.21 -21.61 -30.73
C THR A 450 -22.74 -21.28 -30.88
N TYR A 451 -22.24 -20.25 -30.20
CA TYR A 451 -20.81 -20.00 -30.21
C TYR A 451 -20.08 -21.21 -29.65
N GLY A 452 -19.13 -21.73 -30.41
CA GLY A 452 -18.42 -22.93 -30.06
C GLY A 452 -17.03 -22.95 -30.64
N PRO A 453 -16.31 -24.06 -30.42
CA PRO A 453 -14.94 -24.15 -30.93
C PRO A 453 -14.87 -24.09 -32.44
N LEU A 454 -15.96 -24.40 -33.13
CA LEU A 454 -15.98 -24.38 -34.59
C LEU A 454 -16.38 -23.03 -35.16
N THR A 455 -16.81 -22.09 -34.33
CA THR A 455 -17.31 -20.82 -34.82
C THR A 455 -16.21 -20.04 -35.52
N ALA A 456 -16.56 -19.42 -36.64
CA ALA A 456 -15.68 -18.51 -37.36
C ALA A 456 -16.46 -17.27 -37.74
N LEU A 457 -15.84 -16.11 -37.61
CA LEU A 457 -16.53 -14.85 -37.87
C LEU A 457 -15.51 -13.80 -38.31
N ASN A 458 -16.02 -12.66 -38.77
CA ASN A 458 -15.21 -11.59 -39.30
C ASN A 458 -15.20 -10.40 -38.37
N ASN A 459 -14.29 -9.46 -38.65
CA ASN A 459 -14.20 -8.24 -37.88
C ASN A 459 -15.27 -7.24 -38.34
N VAL A 460 -15.53 -6.26 -37.48
CA VAL A 460 -16.56 -5.26 -37.80
C VAL A 460 -16.06 -4.40 -38.95
N PRO A 461 -16.87 -4.15 -39.98
CA PRO A 461 -16.40 -3.36 -41.12
C PRO A 461 -16.38 -1.88 -40.79
N PRO A 462 -15.46 -1.12 -41.38
CA PRO A 462 -15.43 0.33 -41.11
C PRO A 462 -16.73 1.01 -41.51
N VAL A 463 -17.11 2.02 -40.74
CA VAL A 463 -18.31 2.81 -40.99
C VAL A 463 -17.89 4.23 -41.29
N TYR A 464 -18.16 4.69 -42.51
CA TYR A 464 -17.86 6.05 -42.90
C TYR A 464 -19.12 6.90 -42.87
N PRO A 465 -19.09 8.14 -42.36
CA PRO A 465 -17.95 8.86 -41.78
C PRO A 465 -17.83 8.68 -40.27
N ASN A 466 -18.86 8.19 -39.61
CA ASN A 466 -18.93 8.24 -38.15
C ASN A 466 -18.27 7.07 -37.45
N GLY A 467 -17.75 6.09 -38.18
CA GLY A 467 -17.16 4.94 -37.53
C GLY A 467 -15.85 5.28 -36.83
N GLN A 468 -15.57 4.53 -35.78
CA GLN A 468 -14.33 4.71 -35.03
C GLN A 468 -13.20 3.99 -35.74
N ILE A 469 -11.99 4.55 -35.65
CA ILE A 469 -10.85 3.99 -36.37
C ILE A 469 -10.13 2.95 -35.52
N TRP A 470 -9.69 3.34 -34.33
CA TRP A 470 -8.97 2.45 -33.44
C TRP A 470 -9.59 2.48 -32.05
N ASP A 471 -9.32 1.44 -31.28
CA ASP A 471 -9.82 1.33 -29.91
C ASP A 471 -8.77 0.63 -29.07
N LYS A 472 -8.87 0.81 -27.75
CA LYS A 472 -7.88 0.28 -26.84
C LYS A 472 -8.28 -1.11 -26.35
N GLU A 473 -7.36 -2.05 -26.43
CA GLU A 473 -7.61 -3.38 -25.93
C GLU A 473 -7.76 -3.34 -24.41
N PHE A 474 -8.64 -4.21 -23.91
CA PHE A 474 -8.90 -4.25 -22.47
C PHE A 474 -7.68 -4.74 -21.71
N ASP A 475 -7.58 -4.33 -20.46
CA ASP A 475 -6.50 -4.75 -19.57
C ASP A 475 -6.85 -6.02 -18.81
N THR A 476 -7.82 -6.78 -19.30
CA THR A 476 -8.17 -8.05 -18.68
C THR A 476 -7.08 -9.09 -18.94
N ASP A 477 -7.11 -10.16 -18.15
CA ASP A 477 -6.18 -11.26 -18.34
C ASP A 477 -6.49 -12.04 -19.61
N LEU A 478 -7.77 -12.26 -19.91
CA LEU A 478 -8.21 -12.85 -21.16
C LEU A 478 -8.95 -11.78 -21.95
N LYS A 479 -8.49 -11.56 -23.18
CA LYS A 479 -8.93 -10.41 -23.95
C LYS A 479 -9.92 -10.81 -25.04
N PRO A 480 -10.89 -9.96 -25.35
CA PRO A 480 -11.91 -10.34 -26.33
C PRO A 480 -11.32 -10.48 -27.72
N ARG A 481 -11.98 -11.30 -28.54
CA ARG A 481 -11.46 -11.60 -29.86
C ARG A 481 -11.58 -10.41 -30.80
N LEU A 482 -12.63 -9.62 -30.66
CA LEU A 482 -12.83 -8.45 -31.50
C LEU A 482 -13.63 -7.41 -30.72
N HIS A 483 -13.64 -6.20 -31.26
CA HIS A 483 -14.44 -5.10 -30.73
C HIS A 483 -15.54 -4.76 -31.72
N VAL A 484 -16.74 -4.50 -31.20
CA VAL A 484 -17.88 -4.18 -32.05
C VAL A 484 -17.86 -2.75 -32.57
N ASN A 485 -16.88 -1.95 -32.18
CA ASN A 485 -16.88 -0.54 -32.51
C ASN A 485 -15.76 -0.11 -33.45
N ALA A 486 -14.62 -0.80 -33.44
CA ALA A 486 -13.47 -0.39 -34.22
C ALA A 486 -12.89 -1.58 -34.98
N PRO A 487 -12.47 -1.38 -36.23
CA PRO A 487 -11.79 -2.47 -36.94
C PRO A 487 -10.36 -2.66 -36.49
N PHE A 488 -9.77 -1.66 -35.83
CA PHE A 488 -8.41 -1.74 -35.33
C PHE A 488 -8.45 -1.72 -33.81
N VAL A 489 -7.87 -2.74 -33.20
CA VAL A 489 -7.79 -2.86 -31.75
C VAL A 489 -6.32 -2.84 -31.35
N CYS A 490 -6.04 -2.21 -30.21
CA CYS A 490 -4.69 -1.79 -29.88
C CYS A 490 -4.04 -2.82 -28.97
N GLN A 491 -3.08 -3.58 -29.50
CA GLN A 491 -2.44 -4.62 -28.70
C GLN A 491 -1.73 -4.02 -27.49
N ASN A 492 -0.71 -3.20 -27.74
CA ASN A 492 0.10 -2.65 -26.65
C ASN A 492 -0.44 -1.29 -26.17
N ASN A 493 -0.47 -0.30 -27.07
CA ASN A 493 -0.96 1.02 -26.72
C ASN A 493 -1.24 1.79 -28.00
N CYS A 494 -1.90 2.93 -27.84
CA CYS A 494 -2.06 3.84 -28.97
C CYS A 494 -2.40 5.24 -28.47
N PRO A 495 -2.39 6.25 -29.33
CA PRO A 495 -1.96 7.59 -28.90
C PRO A 495 -2.73 8.09 -27.70
N GLY A 496 -2.02 8.76 -26.80
CA GLY A 496 -2.65 9.30 -25.62
C GLY A 496 -3.66 10.37 -26.00
N GLN A 497 -4.74 10.44 -25.21
CA GLN A 497 -5.74 11.46 -25.43
C GLN A 497 -5.14 12.84 -25.21
N LEU A 498 -5.58 13.80 -26.00
CA LEU A 498 -5.09 15.17 -25.93
C LEU A 498 -6.16 16.03 -25.27
N PHE A 499 -5.76 16.76 -24.23
CA PHE A 499 -6.66 17.59 -23.45
C PHE A 499 -6.23 19.04 -23.55
N VAL A 500 -7.21 19.93 -23.67
CA VAL A 500 -6.98 21.36 -23.74
C VAL A 500 -7.87 22.04 -22.71
N LYS A 501 -7.41 23.19 -22.21
CA LYS A 501 -8.17 23.92 -21.21
C LYS A 501 -7.69 25.36 -21.17
N VAL A 502 -8.62 26.30 -21.08
CA VAL A 502 -8.25 27.70 -20.97
C VAL A 502 -7.79 27.97 -19.56
N ALA A 503 -6.55 28.43 -19.41
CA ALA A 503 -6.02 28.70 -18.09
C ALA A 503 -6.81 29.82 -17.43
N PRO A 504 -7.01 29.74 -16.11
CA PRO A 504 -7.85 30.75 -15.43
C PRO A 504 -7.23 32.14 -15.57
N ASN A 505 -8.08 33.14 -15.76
CA ASN A 505 -7.65 34.53 -15.92
C ASN A 505 -8.33 35.33 -14.81
N LEU A 506 -7.62 35.44 -13.69
CA LEU A 506 -8.23 35.94 -12.46
C LEU A 506 -8.42 37.45 -12.51
N THR A 507 -9.36 37.91 -11.68
CA THR A 507 -9.57 39.33 -11.43
C THR A 507 -8.89 39.72 -10.12
N ASN A 508 -8.71 41.03 -9.95
CA ASN A 508 -7.93 41.51 -8.80
C ASN A 508 -8.56 41.12 -7.47
N GLN A 509 -9.87 40.85 -7.46
CA GLN A 509 -10.59 40.60 -6.22
C GLN A 509 -10.51 39.15 -5.76
N TYR A 510 -9.63 38.34 -6.35
CA TYR A 510 -9.58 36.93 -6.01
C TYR A 510 -9.29 36.73 -4.53
N ASP A 511 -9.99 35.78 -3.92
CA ASP A 511 -9.80 35.41 -2.53
C ASP A 511 -9.99 33.91 -2.37
N PRO A 512 -8.91 33.12 -2.33
CA PRO A 512 -9.08 31.66 -2.39
C PRO A 512 -9.81 31.07 -1.20
N ASP A 513 -9.89 31.79 -0.09
CA ASP A 513 -10.62 31.32 1.08
C ASP A 513 -12.11 31.53 0.95
N ALA A 514 -12.56 32.18 -0.11
CA ALA A 514 -13.99 32.33 -0.36
C ALA A 514 -14.55 31.04 -0.97
N SER A 515 -15.68 30.60 -0.42
CA SER A 515 -16.30 29.37 -0.91
C SER A 515 -17.02 29.56 -2.24
N ALA A 516 -17.24 30.81 -2.66
CA ALA A 516 -17.96 31.06 -3.90
C ALA A 516 -17.08 30.67 -5.10
N ASN A 517 -17.71 30.64 -6.27
CA ASN A 517 -16.99 30.31 -7.48
C ASN A 517 -15.93 31.36 -7.78
N MET A 518 -14.81 30.91 -8.35
CA MET A 518 -13.73 31.81 -8.70
C MET A 518 -14.22 32.86 -9.69
N SER A 519 -13.73 34.08 -9.51
CA SER A 519 -14.05 35.17 -10.44
C SER A 519 -13.01 35.21 -11.54
N ARG A 520 -13.43 34.94 -12.77
CA ARG A 520 -12.54 34.83 -13.90
C ARG A 520 -12.98 35.79 -15.01
N ILE A 521 -12.00 36.34 -15.72
CA ILE A 521 -12.30 37.13 -16.90
C ILE A 521 -12.81 36.20 -18.00
N VAL A 522 -13.89 36.60 -18.66
CA VAL A 522 -14.45 35.80 -19.74
C VAL A 522 -13.41 35.67 -20.83
N THR A 523 -12.92 34.45 -21.05
CA THR A 523 -11.84 34.19 -21.99
C THR A 523 -12.14 32.95 -22.80
N TYR A 524 -11.78 32.99 -24.08
CA TYR A 524 -11.92 31.85 -24.96
C TYR A 524 -10.69 31.74 -25.84
N SER A 525 -10.56 30.60 -26.52
CA SER A 525 -9.39 30.32 -27.33
C SER A 525 -9.81 29.72 -28.67
N ASP A 526 -8.99 30.00 -29.69
CA ASP A 526 -9.12 29.41 -31.01
C ASP A 526 -7.74 28.98 -31.48
N PHE A 527 -7.58 27.69 -31.76
CA PHE A 527 -6.28 27.16 -32.14
C PHE A 527 -6.45 26.16 -33.26
N TRP A 528 -5.41 26.03 -34.10
CA TRP A 528 -5.47 25.15 -35.25
C TRP A 528 -4.87 23.81 -34.89
N TRP A 529 -5.63 22.74 -35.10
CA TRP A 529 -5.19 21.38 -34.85
C TRP A 529 -4.91 20.71 -36.17
N LYS A 530 -3.73 20.13 -36.31
CA LYS A 530 -3.37 19.40 -37.53
C LYS A 530 -2.91 18.00 -37.18
N GLY A 531 -3.49 17.01 -37.86
CA GLY A 531 -3.11 15.64 -37.65
C GLY A 531 -2.76 14.96 -38.95
N LYS A 532 -1.87 13.99 -38.86
CA LYS A 532 -1.46 13.17 -39.98
C LYS A 532 -1.65 11.71 -39.57
N LEU A 533 -2.42 10.98 -40.37
CA LEU A 533 -2.74 9.58 -40.11
C LEU A 533 -2.29 8.77 -41.33
N VAL A 534 -1.47 7.75 -41.09
CA VAL A 534 -0.82 7.00 -42.16
C VAL A 534 -1.33 5.57 -42.13
N PHE A 535 -1.90 5.15 -43.27
CA PHE A 535 -2.33 3.78 -43.51
C PHE A 535 -1.47 3.16 -44.59
N LYS A 536 -1.55 1.84 -44.70
CA LYS A 536 -0.96 1.09 -45.79
C LYS A 536 -2.02 0.13 -46.33
N ALA A 537 -2.15 0.07 -47.65
CA ALA A 537 -3.21 -0.71 -48.28
C ALA A 537 -2.63 -1.52 -49.43
N LYS A 538 -3.33 -2.60 -49.79
CA LYS A 538 -3.00 -3.40 -50.95
C LYS A 538 -4.05 -3.16 -52.03
N LEU A 539 -3.61 -3.03 -53.27
CA LEU A 539 -4.54 -2.79 -54.37
C LEU A 539 -5.17 -4.11 -54.82
N ARG A 540 -6.47 -4.11 -55.01
CA ARG A 540 -7.19 -5.35 -55.28
C ARG A 540 -6.89 -5.87 -56.67
N ALA A 541 -7.00 -7.19 -56.83
CA ALA A 541 -6.83 -7.85 -58.10
C ALA A 541 -8.15 -8.51 -58.51
N SER A 542 -8.45 -8.45 -59.80
CA SER A 542 -9.66 -9.05 -60.34
C SER A 542 -9.43 -10.55 -60.49
N HIS A 543 -10.05 -11.34 -59.63
CA HIS A 543 -9.88 -12.78 -59.66
C HIS A 543 -10.90 -13.47 -60.56
N THR A 544 -12.01 -12.80 -60.89
CA THR A 544 -13.15 -13.46 -61.51
C THR A 544 -13.48 -12.81 -62.84
N TRP A 545 -14.34 -13.49 -63.60
CA TRP A 545 -14.77 -12.99 -64.91
C TRP A 545 -15.67 -11.77 -64.76
N ASN A 546 -16.66 -11.85 -63.87
CA ASN A 546 -17.63 -10.79 -63.75
C ASN A 546 -17.04 -9.59 -63.02
N PRO A 547 -17.58 -8.40 -63.26
CA PRO A 547 -17.21 -7.25 -62.42
C PRO A 547 -17.81 -7.37 -61.04
N ILE A 548 -17.29 -6.55 -60.13
CA ILE A 548 -17.71 -6.58 -58.74
C ILE A 548 -18.39 -5.27 -58.38
N GLN A 549 -19.02 -5.24 -57.22
CA GLN A 549 -19.74 -4.04 -56.78
C GLN A 549 -18.77 -2.90 -56.52
N GLN A 550 -19.20 -1.69 -56.85
CA GLN A 550 -18.41 -0.49 -56.63
C GLN A 550 -19.31 0.66 -56.25
N MET A 551 -18.72 1.67 -55.61
CA MET A 551 -19.45 2.86 -55.23
C MET A 551 -19.37 3.88 -56.36
N SER A 552 -20.50 4.44 -56.75
CA SER A 552 -20.55 5.37 -57.87
C SER A 552 -21.59 6.45 -57.60
N ILE A 553 -21.24 7.68 -57.98
CA ILE A 553 -22.20 8.78 -57.93
C ILE A 553 -23.22 8.58 -59.04
N ASN A 554 -24.51 8.66 -58.68
CA ASN A 554 -25.57 8.42 -59.62
C ASN A 554 -26.68 9.44 -59.39
N VAL A 555 -27.64 9.44 -60.30
CA VAL A 555 -28.69 10.46 -60.30
C VAL A 555 -29.48 10.47 -59.00
N ASP A 556 -29.58 9.32 -58.34
CA ASP A 556 -30.36 9.25 -57.10
C ASP A 556 -29.65 9.91 -55.93
N ASN A 557 -28.32 9.75 -55.83
CA ASN A 557 -27.55 10.29 -54.73
C ASN A 557 -26.64 11.45 -55.13
N GLN A 558 -26.92 12.11 -56.24
CA GLN A 558 -26.00 13.10 -56.80
C GLN A 558 -25.75 14.25 -55.83
N PHE A 559 -26.81 14.77 -55.21
CA PHE A 559 -26.73 16.01 -54.46
C PHE A 559 -26.26 15.83 -53.02
N ASN A 560 -25.97 14.60 -52.60
CA ASN A 560 -25.42 14.37 -51.27
C ASN A 560 -23.95 14.77 -51.19
N TYR A 561 -23.25 14.86 -52.32
CA TYR A 561 -21.82 15.13 -52.34
C TYR A 561 -21.50 16.54 -52.82
N VAL A 562 -22.49 17.42 -52.90
CA VAL A 562 -22.25 18.81 -53.30
C VAL A 562 -23.04 19.73 -52.38
N PRO A 563 -22.53 20.94 -52.18
CA PRO A 563 -23.23 21.89 -51.30
C PRO A 563 -24.54 22.37 -51.91
N SER A 564 -25.42 22.86 -51.06
CA SER A 564 -26.66 23.47 -51.50
C SER A 564 -26.42 24.95 -51.80
N ASN A 565 -27.48 25.61 -52.31
CA ASN A 565 -27.35 27.00 -52.68
C ASN A 565 -27.05 27.90 -51.48
N ILE A 566 -27.41 27.46 -50.27
CA ILE A 566 -27.13 28.21 -49.06
C ILE A 566 -25.95 27.62 -48.29
N GLY A 567 -25.10 26.83 -48.95
CA GLY A 567 -23.92 26.31 -48.32
C GLY A 567 -24.11 25.07 -47.48
N GLY A 568 -25.32 24.52 -47.44
CA GLY A 568 -25.56 23.32 -46.63
C GLY A 568 -24.75 22.15 -47.16
N MET A 569 -24.22 21.34 -46.25
CA MET A 569 -23.43 20.18 -46.60
C MET A 569 -23.85 18.99 -45.75
N LYS A 570 -23.76 17.80 -46.34
CA LYS A 570 -24.05 16.57 -45.64
C LYS A 570 -23.04 15.51 -46.05
N ILE A 571 -22.79 14.56 -45.17
CA ILE A 571 -21.90 13.44 -45.42
C ILE A 571 -22.71 12.18 -45.16
N VAL A 572 -23.31 11.62 -46.21
CA VAL A 572 -24.06 10.39 -46.05
C VAL A 572 -23.11 9.23 -45.78
N TYR A 573 -23.69 8.12 -45.34
CA TYR A 573 -22.87 6.97 -44.99
C TYR A 573 -22.59 6.12 -46.21
N GLU A 574 -21.42 5.50 -46.21
CA GLU A 574 -20.96 4.67 -47.32
C GLU A 574 -20.48 3.32 -46.81
N LYS A 575 -20.69 2.30 -47.62
CA LYS A 575 -20.27 0.95 -47.27
C LYS A 575 -18.81 0.73 -47.68
N SER A 576 -18.16 -0.19 -46.97
CA SER A 576 -16.71 -0.30 -47.02
C SER A 576 -16.17 -1.66 -47.46
N GLN A 577 -17.01 -2.66 -47.66
CA GLN A 577 -16.56 -4.00 -48.01
C GLN A 577 -17.25 -4.51 -49.27
N LEU A 578 -17.23 -3.70 -50.33
CA LEU A 578 -17.98 -4.03 -51.54
C LEU A 578 -17.49 -5.32 -52.18
N ALA A 579 -16.18 -5.46 -52.34
CA ALA A 579 -15.65 -6.57 -53.11
C ALA A 579 -15.84 -7.88 -52.36
N PRO A 580 -16.21 -8.97 -53.04
CA PRO A 580 -16.32 -10.25 -52.36
C PRO A 580 -15.04 -11.07 -52.43
N ARG A 581 -14.77 -11.78 -51.34
CA ARG A 581 -13.65 -12.71 -51.26
C ARG A 581 -14.16 -14.09 -50.89
N LYS A 582 -13.52 -15.12 -51.42
CA LYS A 582 -13.97 -16.48 -51.15
C LYS A 582 -13.53 -16.90 -49.75
N LEU A 583 -14.47 -17.42 -48.97
CA LEU A 583 -14.19 -17.81 -47.60
C LEU A 583 -13.42 -19.12 -47.54
N TYR A 584 -13.71 -20.04 -48.45
CA TYR A 584 -13.16 -21.38 -48.37
C TYR A 584 -13.18 -22.05 -49.74
N GLY B 37 8.76 -38.26 -77.00
CA GLY B 37 8.46 -39.22 -78.09
C GLY B 37 7.21 -40.03 -77.82
N VAL B 38 6.61 -40.57 -78.89
CA VAL B 38 5.40 -41.35 -78.75
C VAL B 38 5.64 -42.61 -77.92
N GLY B 39 6.74 -43.32 -78.21
CA GLY B 39 6.97 -44.62 -77.62
C GLY B 39 7.80 -44.65 -76.35
N ILE B 40 8.25 -43.50 -75.86
CA ILE B 40 9.11 -43.44 -74.68
C ILE B 40 8.24 -43.11 -73.48
N SER B 41 8.32 -43.95 -72.45
CA SER B 41 7.55 -43.71 -71.23
C SER B 41 8.10 -42.50 -70.49
N THR B 42 7.20 -41.73 -69.88
CA THR B 42 7.54 -40.49 -69.22
C THR B 42 7.49 -40.59 -67.70
N GLY B 43 7.42 -41.80 -67.16
CA GLY B 43 7.39 -41.96 -65.71
C GLY B 43 7.39 -43.42 -65.33
N THR B 44 7.32 -43.66 -64.02
CA THR B 44 7.34 -45.01 -63.49
C THR B 44 6.27 -45.16 -62.41
N PHE B 45 5.73 -46.37 -62.29
CA PHE B 45 4.69 -46.65 -61.32
C PHE B 45 5.29 -46.97 -59.96
N ASN B 46 4.72 -46.37 -58.92
CA ASN B 46 5.19 -46.60 -57.56
C ASN B 46 4.01 -46.54 -56.62
N ASN B 47 3.84 -47.60 -55.82
CA ASN B 47 2.84 -47.63 -54.77
C ASN B 47 3.42 -48.27 -53.52
N GLN B 48 4.69 -47.98 -53.24
CA GLN B 48 5.41 -48.57 -52.12
C GLN B 48 5.55 -47.56 -50.99
N THR B 49 5.26 -48.00 -49.78
CA THR B 49 5.36 -47.16 -48.59
C THR B 49 6.68 -47.42 -47.90
N GLU B 50 7.39 -46.35 -47.54
CA GLU B 50 8.69 -46.44 -46.92
C GLU B 50 8.62 -45.89 -45.50
N PHE B 51 9.23 -46.59 -44.56
CA PHE B 51 9.33 -46.16 -43.17
C PHE B 51 10.82 -46.02 -42.86
N LYS B 52 11.34 -44.80 -42.97
CA LYS B 52 12.76 -44.55 -42.77
C LYS B 52 12.95 -44.02 -41.35
N PHE B 53 13.46 -44.87 -40.47
CA PHE B 53 13.62 -44.47 -39.08
C PHE B 53 14.78 -43.49 -38.95
N LEU B 54 14.69 -42.63 -37.93
CA LEU B 54 15.66 -41.58 -37.69
C LEU B 54 16.08 -41.60 -36.23
N GLU B 55 16.98 -40.69 -35.89
CA GLU B 55 17.40 -40.54 -34.50
C GLU B 55 16.26 -39.93 -33.67
N ASN B 56 16.36 -40.10 -32.36
CA ASN B 56 15.41 -39.54 -31.41
C ASN B 56 14.01 -40.10 -31.57
N GLY B 57 13.89 -41.34 -32.08
CA GLY B 57 12.61 -42.02 -32.09
C GLY B 57 11.65 -41.57 -33.16
N TRP B 58 12.11 -40.83 -34.16
CA TRP B 58 11.24 -40.35 -35.23
C TRP B 58 11.36 -41.24 -36.45
N VAL B 59 10.29 -41.28 -37.23
CA VAL B 59 10.21 -42.08 -38.44
C VAL B 59 9.62 -41.22 -39.56
N TYR B 60 10.23 -41.33 -40.74
CA TYR B 60 9.85 -40.61 -41.95
C TYR B 60 8.99 -41.55 -42.77
N ILE B 61 7.70 -41.25 -42.85
CA ILE B 61 6.75 -42.12 -43.54
C ILE B 61 6.51 -41.53 -44.92
N THR B 62 6.98 -42.21 -45.96
CA THR B 62 6.80 -41.78 -47.34
C THR B 62 5.78 -42.69 -47.98
N ALA B 63 4.57 -42.16 -48.22
CA ALA B 63 3.52 -42.91 -48.88
C ALA B 63 3.52 -42.53 -50.35
N ASN B 64 3.86 -43.50 -51.20
CA ASN B 64 3.77 -43.32 -52.64
C ASN B 64 2.50 -43.98 -53.14
N SER B 65 1.69 -43.22 -53.88
CA SER B 65 0.47 -43.74 -54.45
C SER B 65 0.54 -43.53 -55.96
N SER B 66 0.07 -44.52 -56.71
CA SER B 66 0.01 -44.42 -58.15
C SER B 66 -1.29 -45.05 -58.64
N ARG B 67 -1.88 -44.43 -59.65
CA ARG B 67 -3.18 -44.85 -60.17
C ARG B 67 -3.22 -44.65 -61.67
N LEU B 68 -4.07 -45.42 -62.33
CA LEU B 68 -4.41 -45.19 -63.72
C LEU B 68 -5.77 -44.50 -63.77
N VAL B 69 -5.81 -43.28 -64.31
CA VAL B 69 -6.99 -42.44 -64.29
C VAL B 69 -7.56 -42.38 -65.69
N HIS B 70 -8.85 -42.67 -65.81
CA HIS B 70 -9.60 -42.63 -67.06
C HIS B 70 -10.45 -41.38 -67.08
N LEU B 71 -10.31 -40.58 -68.13
CA LEU B 71 -11.02 -39.32 -68.27
C LEU B 71 -11.78 -39.30 -69.59
N ASN B 72 -13.04 -38.89 -69.54
CA ASN B 72 -13.81 -38.68 -70.75
C ASN B 72 -13.89 -37.19 -71.08
N MET B 73 -14.23 -36.92 -72.34
CA MET B 73 -14.49 -35.56 -72.76
C MET B 73 -15.75 -35.03 -72.08
N PRO B 74 -15.78 -33.75 -71.72
CA PRO B 74 -16.90 -33.23 -70.94
C PRO B 74 -18.18 -33.17 -71.75
N GLU B 75 -19.30 -33.12 -71.02
CA GLU B 75 -20.61 -33.07 -71.68
C GLU B 75 -20.75 -31.83 -72.55
N SER B 76 -20.23 -30.69 -72.07
CA SER B 76 -20.19 -29.47 -72.87
C SER B 76 -18.94 -28.69 -72.49
N GLU B 77 -18.40 -27.95 -73.45
CA GLU B 77 -17.26 -27.09 -73.16
C GLU B 77 -17.64 -25.90 -72.30
N ASN B 78 -18.93 -25.63 -72.14
CA ASN B 78 -19.39 -24.37 -71.59
C ASN B 78 -19.52 -24.44 -70.07
N TYR B 79 -19.43 -23.28 -69.44
CA TYR B 79 -19.70 -23.16 -68.01
C TYR B 79 -21.19 -22.90 -67.82
N ARG B 80 -21.89 -23.83 -67.21
CA ARG B 80 -23.32 -23.68 -66.96
C ARG B 80 -23.54 -23.17 -65.54
N ARG B 81 -24.62 -22.42 -65.36
CA ARG B 81 -25.10 -22.01 -64.05
C ARG B 81 -26.42 -22.70 -63.79
N VAL B 82 -26.45 -23.58 -62.81
CA VAL B 82 -27.60 -24.44 -62.57
C VAL B 82 -28.12 -24.17 -61.17
N VAL B 83 -29.42 -24.33 -60.98
CA VAL B 83 -30.06 -24.21 -59.68
C VAL B 83 -30.86 -25.47 -59.42
N VAL B 84 -30.57 -26.14 -58.32
CA VAL B 84 -31.38 -27.24 -57.81
C VAL B 84 -32.40 -26.65 -56.85
N ASN B 85 -33.65 -27.11 -56.97
CA ASN B 85 -34.72 -26.66 -56.08
C ASN B 85 -35.69 -27.83 -55.91
N ASN B 86 -35.49 -28.59 -54.84
CA ASN B 86 -36.33 -29.75 -54.55
C ASN B 86 -37.55 -29.32 -53.73
N LEU B 87 -38.36 -28.44 -54.35
CA LEU B 87 -39.58 -27.98 -53.70
C LEU B 87 -40.53 -29.15 -53.43
N ASP B 88 -40.51 -30.16 -54.30
CA ASP B 88 -41.43 -31.29 -54.13
C ASP B 88 -41.22 -31.98 -52.79
N LYS B 89 -40.00 -31.96 -52.27
CA LYS B 89 -39.70 -32.61 -51.00
C LYS B 89 -39.97 -31.69 -49.82
N THR B 90 -39.39 -30.49 -49.82
CA THR B 90 -39.59 -29.55 -48.74
C THR B 90 -41.02 -29.03 -48.68
N ALA B 91 -41.76 -29.08 -49.78
CA ALA B 91 -43.15 -28.65 -49.75
C ALA B 91 -43.97 -29.45 -48.76
N VAL B 92 -43.60 -30.70 -48.51
CA VAL B 92 -44.26 -31.49 -47.48
C VAL B 92 -43.82 -30.98 -46.12
N ASN B 93 -44.78 -30.54 -45.31
CA ASN B 93 -44.46 -29.99 -44.01
C ASN B 93 -43.70 -31.00 -43.17
N GLY B 94 -42.66 -30.53 -42.50
CA GLY B 94 -41.83 -31.37 -41.66
C GLY B 94 -40.61 -31.95 -42.36
N ASN B 95 -40.50 -31.79 -43.67
CA ASN B 95 -39.35 -32.27 -44.41
C ASN B 95 -38.30 -31.20 -44.63
N MET B 96 -38.34 -30.11 -43.84
CA MET B 96 -37.41 -29.02 -44.04
C MET B 96 -35.96 -29.47 -43.89
N ALA B 97 -35.72 -30.55 -43.15
CA ALA B 97 -34.36 -31.03 -42.94
C ALA B 97 -33.76 -31.64 -44.19
N LEU B 98 -34.56 -31.83 -45.25
CA LEU B 98 -34.11 -32.45 -46.48
C LEU B 98 -33.94 -31.44 -47.61
N ASP B 99 -33.57 -30.21 -47.29
CA ASP B 99 -33.45 -29.17 -48.30
C ASP B 99 -32.17 -29.39 -49.11
N ASP B 100 -32.32 -29.40 -50.43
CA ASP B 100 -31.19 -29.51 -51.35
C ASP B 100 -31.08 -28.30 -52.28
N THR B 101 -31.94 -27.30 -52.10
CA THR B 101 -31.93 -26.15 -52.99
C THR B 101 -30.59 -25.43 -52.93
N HIS B 102 -30.01 -25.13 -54.08
CA HIS B 102 -28.75 -24.41 -54.15
C HIS B 102 -28.48 -24.01 -55.58
N ALA B 103 -27.40 -23.26 -55.78
CA ALA B 103 -26.96 -22.86 -57.11
C ALA B 103 -25.47 -23.16 -57.26
N GLU B 104 -25.10 -23.70 -58.41
CA GLU B 104 -23.72 -24.07 -58.66
C GLU B 104 -23.33 -23.80 -60.10
N ILE B 105 -22.08 -23.42 -60.28
CA ILE B 105 -21.46 -23.35 -61.60
C ILE B 105 -20.87 -24.70 -61.92
N VAL B 106 -21.29 -25.27 -63.04
CA VAL B 106 -20.80 -26.54 -63.54
C VAL B 106 -19.80 -26.25 -64.64
N THR B 107 -18.61 -26.83 -64.52
CA THR B 107 -17.49 -26.55 -65.40
C THR B 107 -17.19 -27.75 -66.28
N PRO B 108 -16.47 -27.54 -67.39
CA PRO B 108 -16.02 -28.67 -68.21
C PRO B 108 -14.83 -29.42 -67.64
N TRP B 109 -14.18 -28.88 -66.61
CA TRP B 109 -12.99 -29.49 -66.05
C TRP B 109 -13.34 -30.57 -65.04
N SER B 110 -12.39 -31.47 -64.81
CA SER B 110 -12.52 -32.53 -63.82
C SER B 110 -11.40 -32.37 -62.80
N LEU B 111 -11.66 -32.80 -61.58
CA LEU B 111 -10.74 -32.58 -60.47
C LEU B 111 -10.09 -33.89 -60.07
N VAL B 112 -8.78 -33.86 -59.86
CA VAL B 112 -8.03 -35.00 -59.33
C VAL B 112 -7.72 -34.70 -57.87
N ASP B 113 -8.38 -35.42 -56.96
CA ASP B 113 -8.26 -35.17 -55.53
C ASP B 113 -7.80 -36.44 -54.83
N ALA B 114 -6.61 -36.39 -54.24
CA ALA B 114 -6.06 -37.50 -53.48
C ALA B 114 -6.08 -37.26 -51.98
N ASN B 115 -6.98 -36.40 -51.50
CA ASN B 115 -7.03 -36.01 -50.09
C ASN B 115 -7.92 -36.97 -49.30
N ALA B 116 -7.45 -38.22 -49.20
CA ALA B 116 -8.11 -39.23 -48.39
C ALA B 116 -7.08 -40.27 -47.96
N TRP B 117 -7.27 -40.83 -46.78
CA TRP B 117 -6.27 -41.73 -46.21
C TRP B 117 -6.09 -42.98 -47.06
N GLY B 118 -7.20 -43.55 -47.55
CA GLY B 118 -7.11 -44.80 -48.29
C GLY B 118 -6.33 -44.70 -49.58
N VAL B 119 -6.12 -43.49 -50.09
CA VAL B 119 -5.38 -43.34 -51.33
C VAL B 119 -3.90 -43.64 -51.16
N TRP B 120 -3.42 -43.67 -49.92
CA TRP B 120 -1.99 -43.75 -49.65
C TRP B 120 -1.61 -44.98 -48.82
N PHE B 121 -2.46 -45.40 -47.89
CA PHE B 121 -2.13 -46.47 -46.96
C PHE B 121 -3.05 -47.66 -47.18
N ASN B 122 -2.44 -48.84 -47.36
CA ASN B 122 -3.18 -50.08 -47.25
C ASN B 122 -3.40 -50.41 -45.79
N PRO B 123 -4.31 -51.34 -45.48
CA PRO B 123 -4.61 -51.62 -44.07
C PRO B 123 -3.39 -52.01 -43.26
N GLY B 124 -2.40 -52.69 -43.84
CA GLY B 124 -1.22 -53.05 -43.09
C GLY B 124 -0.40 -51.85 -42.67
N ASP B 125 -0.19 -50.91 -43.60
CA ASP B 125 0.53 -49.69 -43.25
C ASP B 125 -0.21 -48.91 -42.18
N TRP B 126 -1.54 -48.85 -42.30
CA TRP B 126 -2.33 -48.16 -41.28
C TRP B 126 -2.20 -48.85 -39.94
N GLN B 127 -2.19 -50.18 -39.92
CA GLN B 127 -1.98 -50.89 -38.68
C GLN B 127 -0.65 -50.49 -38.05
N LEU B 128 0.40 -50.48 -38.86
CA LEU B 128 1.71 -50.09 -38.34
C LEU B 128 1.66 -48.69 -37.74
N ILE B 129 1.07 -47.74 -38.48
CA ILE B 129 1.07 -46.35 -38.02
C ILE B 129 0.28 -46.21 -36.72
N VAL B 130 -0.94 -46.76 -36.68
CA VAL B 130 -1.78 -46.57 -35.52
C VAL B 130 -1.22 -47.32 -34.31
N ASN B 131 -0.66 -48.51 -34.51
CA ASN B 131 -0.18 -49.28 -33.38
C ASN B 131 1.09 -48.71 -32.79
N THR B 132 2.03 -48.26 -33.64
CA THR B 132 3.37 -47.94 -33.16
C THR B 132 3.63 -46.46 -32.93
N MET B 133 2.96 -45.57 -33.66
CA MET B 133 3.23 -44.14 -33.51
C MET B 133 2.39 -43.53 -32.41
N SER B 134 2.80 -42.34 -31.97
CA SER B 134 2.07 -41.54 -31.00
C SER B 134 1.63 -40.20 -31.54
N GLU B 135 2.32 -39.66 -32.53
CA GLU B 135 1.93 -38.41 -33.18
C GLU B 135 2.36 -38.48 -34.64
N LEU B 136 1.79 -37.60 -35.45
CA LEU B 136 1.92 -37.68 -36.90
C LEU B 136 1.88 -36.29 -37.49
N HIS B 137 3.03 -35.81 -37.95
CA HIS B 137 3.14 -34.51 -38.62
C HIS B 137 3.09 -34.74 -40.12
N LEU B 138 2.32 -33.92 -40.81
CA LEU B 138 2.23 -33.98 -42.26
C LEU B 138 3.31 -33.08 -42.86
N VAL B 139 4.24 -33.68 -43.60
CA VAL B 139 5.44 -32.95 -44.01
C VAL B 139 5.26 -32.36 -45.40
N SER B 140 5.04 -33.19 -46.42
CA SER B 140 5.07 -32.66 -47.77
C SER B 140 4.13 -33.45 -48.68
N PHE B 141 3.89 -32.89 -49.87
CA PHE B 141 3.04 -33.50 -50.87
C PHE B 141 3.48 -33.08 -52.26
N GLU B 142 3.52 -34.03 -53.17
CA GLU B 142 3.81 -33.75 -54.58
C GLU B 142 3.04 -34.74 -55.44
N GLN B 143 2.85 -34.39 -56.70
CA GLN B 143 2.15 -35.29 -57.62
C GLN B 143 2.54 -34.96 -59.06
N GLU B 144 2.27 -35.91 -59.94
CA GLU B 144 2.63 -35.77 -61.34
C GLU B 144 1.72 -36.64 -62.19
N ILE B 145 1.55 -36.23 -63.45
CA ILE B 145 0.79 -36.95 -64.45
C ILE B 145 1.75 -37.35 -65.56
N PHE B 146 1.70 -38.63 -65.95
CA PHE B 146 2.58 -39.13 -67.00
C PHE B 146 1.84 -40.18 -67.82
N ASN B 147 2.55 -40.72 -68.80
CA ASN B 147 2.01 -41.72 -69.72
C ASN B 147 0.59 -41.37 -70.15
N VAL B 148 0.47 -40.18 -70.75
CA VAL B 148 -0.82 -39.78 -71.29
C VAL B 148 -1.08 -40.54 -72.58
N VAL B 149 -2.25 -41.16 -72.66
CA VAL B 149 -2.71 -41.81 -73.89
C VAL B 149 -4.07 -41.24 -74.23
N LEU B 150 -4.21 -40.75 -75.46
CA LEU B 150 -5.47 -40.20 -75.93
C LEU B 150 -5.98 -41.04 -77.08
N LYS B 151 -7.23 -41.49 -76.99
CA LYS B 151 -7.83 -42.36 -77.96
C LYS B 151 -9.14 -41.76 -78.45
N THR B 152 -9.56 -42.18 -79.64
CA THR B 152 -10.79 -41.72 -80.27
C THR B 152 -11.61 -42.93 -80.71
N VAL B 153 -12.92 -42.80 -80.66
CA VAL B 153 -13.86 -43.88 -80.91
C VAL B 153 -14.57 -43.60 -82.22
N SER B 154 -14.52 -44.56 -83.15
CA SER B 154 -15.24 -44.49 -84.40
C SER B 154 -16.28 -45.61 -84.42
N GLU B 155 -17.55 -45.23 -84.50
CA GLU B 155 -18.66 -46.18 -84.50
C GLU B 155 -19.13 -46.39 -85.93
N SER B 156 -19.25 -47.65 -86.33
CA SER B 156 -19.60 -47.98 -87.71
C SER B 156 -21.10 -47.88 -87.94
N ALA B 157 -21.48 -47.77 -89.21
CA ALA B 157 -22.88 -47.80 -89.62
C ALA B 157 -23.39 -49.21 -89.85
N THR B 158 -22.58 -50.23 -89.59
CA THR B 158 -23.01 -51.61 -89.77
C THR B 158 -24.26 -51.90 -88.95
N GLN B 159 -25.19 -52.65 -89.54
CA GLN B 159 -26.46 -52.90 -88.88
C GLN B 159 -26.29 -53.43 -87.47
N PRO B 160 -25.49 -54.46 -87.22
CA PRO B 160 -25.09 -54.78 -85.85
C PRO B 160 -24.06 -53.78 -85.35
N PRO B 161 -24.34 -53.06 -84.27
CA PRO B 161 -23.41 -52.01 -83.84
C PRO B 161 -22.00 -52.55 -83.57
N THR B 162 -21.01 -51.74 -83.94
CA THR B 162 -19.61 -52.06 -83.66
C THR B 162 -18.83 -50.75 -83.65
N LYS B 163 -17.71 -50.75 -82.94
CA LYS B 163 -16.91 -49.54 -82.80
C LYS B 163 -15.45 -49.92 -82.66
N VAL B 164 -14.58 -48.98 -83.05
CA VAL B 164 -13.14 -49.20 -83.06
C VAL B 164 -12.47 -48.01 -82.36
N TYR B 165 -11.26 -48.25 -81.87
CA TYR B 165 -10.52 -47.27 -81.09
C TYR B 165 -9.18 -47.01 -81.76
N ASN B 166 -8.85 -45.73 -81.95
CA ASN B 166 -7.61 -45.34 -82.60
C ASN B 166 -6.89 -44.29 -81.77
N ASN B 167 -5.57 -44.43 -81.66
CA ASN B 167 -4.78 -43.47 -80.91
C ASN B 167 -4.71 -42.15 -81.67
N ASP B 168 -4.99 -41.05 -80.98
CA ASP B 168 -4.88 -39.71 -81.55
C ASP B 168 -3.58 -39.11 -81.03
N LEU B 169 -2.49 -39.34 -81.77
CA LEU B 169 -1.18 -38.90 -81.34
C LEU B 169 -1.05 -37.38 -81.32
N THR B 170 -1.98 -36.65 -81.92
CA THR B 170 -1.96 -35.19 -81.90
C THR B 170 -2.87 -34.59 -80.85
N ALA B 171 -3.80 -35.37 -80.30
CA ALA B 171 -4.69 -34.84 -79.27
C ALA B 171 -3.90 -34.49 -78.01
N SER B 172 -4.46 -33.58 -77.23
CA SER B 172 -3.79 -33.04 -76.05
C SER B 172 -4.69 -33.16 -74.83
N LEU B 173 -4.08 -33.30 -73.67
CA LEU B 173 -4.78 -33.25 -72.39
C LEU B 173 -4.45 -31.91 -71.73
N MET B 174 -5.47 -31.15 -71.37
CA MET B 174 -5.27 -29.88 -70.68
C MET B 174 -5.18 -30.14 -69.18
N VAL B 175 -4.08 -29.70 -68.58
CA VAL B 175 -3.85 -29.82 -67.15
C VAL B 175 -3.70 -28.42 -66.57
N ALA B 176 -4.10 -28.25 -65.32
CA ALA B 176 -4.06 -26.95 -64.69
C ALA B 176 -3.90 -27.12 -63.19
N LEU B 177 -2.89 -26.47 -62.62
CA LEU B 177 -2.64 -26.51 -61.19
C LEU B 177 -2.83 -25.11 -60.61
N ASP B 178 -3.83 -24.97 -59.74
CA ASP B 178 -4.10 -23.69 -59.09
C ASP B 178 -3.20 -23.60 -57.86
N SER B 179 -1.93 -23.31 -58.13
CA SER B 179 -0.92 -23.29 -57.07
C SER B 179 -1.08 -22.10 -56.15
N ASN B 180 -1.75 -21.04 -56.60
CA ASN B 180 -2.02 -19.89 -55.76
C ASN B 180 -3.35 -20.01 -55.03
N ASN B 181 -4.04 -21.14 -55.16
CA ASN B 181 -5.32 -21.36 -54.51
C ASN B 181 -6.31 -20.25 -54.87
N THR B 182 -6.34 -19.89 -56.16
CA THR B 182 -7.27 -18.89 -56.63
C THR B 182 -8.70 -19.43 -56.69
N MET B 183 -8.85 -20.70 -57.07
CA MET B 183 -10.17 -21.29 -57.24
C MET B 183 -10.74 -21.71 -55.89
N PRO B 184 -12.06 -21.88 -55.80
CA PRO B 184 -12.65 -22.39 -54.56
C PRO B 184 -12.09 -23.75 -54.22
N PHE B 185 -11.87 -23.98 -52.93
CA PHE B 185 -11.37 -25.26 -52.45
C PHE B 185 -12.56 -26.20 -52.26
N THR B 186 -12.56 -27.31 -52.99
CA THR B 186 -13.67 -28.26 -52.98
C THR B 186 -13.11 -29.65 -52.69
N PRO B 187 -12.90 -29.99 -51.42
CA PRO B 187 -12.39 -31.33 -51.10
C PRO B 187 -13.40 -32.40 -51.50
N ALA B 188 -12.92 -33.41 -52.22
CA ALA B 188 -13.79 -34.44 -52.76
C ALA B 188 -14.21 -35.47 -51.72
N ALA B 189 -13.45 -35.62 -50.64
CA ALA B 189 -13.79 -36.65 -49.66
C ALA B 189 -15.17 -36.41 -49.05
N MET B 190 -15.62 -35.15 -49.01
CA MET B 190 -16.93 -34.86 -48.46
C MET B 190 -18.04 -35.48 -49.30
N ARG B 191 -17.79 -35.68 -50.59
CA ARG B 191 -18.74 -36.34 -51.48
C ARG B 191 -18.31 -37.76 -51.83
N SER B 192 -17.25 -38.28 -51.22
CA SER B 192 -16.74 -39.61 -51.54
C SER B 192 -16.43 -39.73 -53.03
N GLU B 193 -15.64 -38.77 -53.53
CA GLU B 193 -15.29 -38.72 -54.95
C GLU B 193 -13.78 -38.54 -55.15
N THR B 194 -12.96 -39.10 -54.26
CA THR B 194 -11.52 -39.08 -54.44
C THR B 194 -11.09 -40.22 -55.36
N LEU B 195 -9.78 -40.36 -55.53
CA LEU B 195 -9.25 -41.44 -56.33
C LEU B 195 -9.49 -42.78 -55.64
N GLY B 196 -9.47 -43.84 -56.44
CA GLY B 196 -9.67 -45.16 -55.88
C GLY B 196 -8.63 -45.52 -54.85
N PHE B 197 -9.05 -46.34 -53.89
CA PHE B 197 -8.17 -46.79 -52.82
C PHE B 197 -7.39 -48.04 -53.19
N TYR B 198 -7.55 -48.55 -54.41
CA TYR B 198 -6.93 -49.80 -54.83
C TYR B 198 -5.88 -49.53 -55.89
N PRO B 199 -4.62 -49.90 -55.66
CA PRO B 199 -3.61 -49.69 -56.73
C PRO B 199 -3.95 -50.41 -58.02
N TRP B 200 -4.53 -51.61 -57.94
CA TRP B 200 -4.75 -52.40 -59.15
C TRP B 200 -6.01 -52.00 -59.91
N LYS B 201 -6.88 -51.19 -59.31
CA LYS B 201 -8.10 -50.77 -59.99
C LYS B 201 -7.93 -49.38 -60.56
N PRO B 202 -8.25 -49.15 -61.83
CA PRO B 202 -8.22 -47.80 -62.36
C PRO B 202 -9.29 -46.93 -61.73
N THR B 203 -9.04 -45.63 -61.73
CA THR B 203 -9.92 -44.66 -61.09
C THR B 203 -10.37 -43.62 -62.10
N ILE B 204 -11.22 -42.72 -61.62
CA ILE B 204 -11.72 -41.62 -62.45
C ILE B 204 -11.58 -40.31 -61.67
N PRO B 205 -11.54 -39.17 -62.33
CA PRO B 205 -11.59 -37.89 -61.63
C PRO B 205 -13.03 -37.42 -61.45
N THR B 206 -13.22 -36.58 -60.46
CA THR B 206 -14.57 -36.08 -60.20
C THR B 206 -14.82 -34.84 -61.04
N PRO B 207 -15.94 -34.75 -61.75
CA PRO B 207 -16.24 -33.51 -62.47
C PRO B 207 -16.28 -32.32 -61.51
N TRP B 208 -15.71 -31.21 -61.94
CA TRP B 208 -15.59 -30.06 -61.06
C TRP B 208 -16.80 -29.15 -61.18
N ARG B 209 -17.27 -28.68 -60.03
CA ARG B 209 -18.36 -27.72 -59.94
C ARG B 209 -18.18 -26.98 -58.63
N TYR B 210 -18.61 -25.72 -58.59
CA TYR B 210 -18.42 -24.94 -57.38
C TYR B 210 -19.68 -24.13 -57.08
N TYR B 211 -19.89 -23.86 -55.80
CA TYR B 211 -21.10 -23.19 -55.37
C TYR B 211 -21.17 -21.78 -55.95
N PHE B 212 -22.40 -21.34 -56.22
CA PHE B 212 -22.68 -20.01 -56.71
C PHE B 212 -23.73 -19.39 -55.81
N GLN B 213 -23.54 -18.13 -55.46
CA GLN B 213 -24.34 -17.52 -54.41
C GLN B 213 -25.82 -17.58 -54.75
N TRP B 214 -26.64 -17.86 -53.73
CA TRP B 214 -28.08 -17.92 -53.87
C TRP B 214 -28.72 -17.54 -52.55
N ASP B 215 -29.91 -16.95 -52.63
CA ASP B 215 -30.68 -16.56 -51.46
C ASP B 215 -31.90 -17.46 -51.37
N ARG B 216 -32.19 -17.96 -50.16
CA ARG B 216 -33.20 -18.98 -49.99
C ARG B 216 -33.79 -18.87 -48.59
N THR B 217 -35.11 -18.74 -48.52
CA THR B 217 -35.83 -18.67 -47.25
C THR B 217 -36.74 -19.88 -47.12
N LEU B 218 -36.73 -20.51 -45.94
CA LEU B 218 -37.49 -21.74 -45.71
C LEU B 218 -37.91 -21.75 -44.24
N ILE B 219 -39.14 -21.31 -43.98
CA ILE B 219 -39.65 -21.33 -42.61
C ILE B 219 -39.93 -22.78 -42.22
N PRO B 220 -39.36 -23.28 -41.12
CA PRO B 220 -39.62 -24.68 -40.75
C PRO B 220 -41.04 -24.88 -40.25
N SER B 221 -41.47 -26.13 -40.32
CA SER B 221 -42.81 -26.52 -39.91
C SER B 221 -42.77 -27.94 -39.39
N HIS B 222 -43.94 -28.45 -39.01
CA HIS B 222 -44.07 -29.81 -38.50
C HIS B 222 -45.27 -30.45 -39.16
N THR B 223 -45.26 -31.78 -39.18
CA THR B 223 -46.41 -32.52 -39.70
C THR B 223 -47.65 -32.05 -38.96
N GLY B 224 -48.55 -31.38 -39.68
CA GLY B 224 -49.72 -30.78 -39.08
C GLY B 224 -49.70 -29.26 -39.03
N THR B 225 -48.69 -28.62 -39.60
CA THR B 225 -48.67 -27.17 -39.67
C THR B 225 -49.60 -26.70 -40.77
N SER B 226 -50.55 -25.83 -40.41
CA SER B 226 -51.58 -25.41 -41.36
C SER B 226 -50.97 -24.59 -42.48
N GLY B 227 -51.47 -24.82 -43.69
CA GLY B 227 -51.05 -24.03 -44.84
C GLY B 227 -49.66 -24.40 -45.30
N THR B 228 -49.05 -23.48 -46.06
CA THR B 228 -47.75 -23.69 -46.66
C THR B 228 -46.73 -22.77 -46.00
N PRO B 229 -45.71 -23.28 -45.33
CA PRO B 229 -44.63 -22.40 -44.87
C PRO B 229 -43.90 -21.77 -46.04
N THR B 230 -43.37 -20.57 -45.82
CA THR B 230 -42.70 -19.84 -46.88
C THR B 230 -41.47 -20.62 -47.33
N ASN B 231 -41.44 -20.97 -48.61
CA ASN B 231 -40.37 -21.79 -49.19
C ASN B 231 -40.10 -21.23 -50.58
N ILE B 232 -39.14 -20.31 -50.66
CA ILE B 232 -38.93 -19.51 -51.87
C ILE B 232 -37.44 -19.44 -52.18
N TYR B 233 -37.12 -19.47 -53.47
CA TYR B 233 -35.79 -19.20 -53.97
C TYR B 233 -35.73 -17.75 -54.40
N HIS B 234 -34.83 -16.98 -53.79
CA HIS B 234 -34.85 -15.53 -53.93
C HIS B 234 -33.96 -15.01 -55.05
N GLY B 235 -33.09 -15.85 -55.62
CA GLY B 235 -32.21 -15.42 -56.68
C GLY B 235 -30.77 -15.31 -56.23
N THR B 236 -30.02 -14.41 -56.85
CA THR B 236 -28.62 -14.18 -56.51
C THR B 236 -28.39 -12.70 -56.23
N ASP B 237 -27.81 -12.42 -55.08
CA ASP B 237 -27.46 -11.05 -54.74
C ASP B 237 -26.30 -10.61 -55.61
N PRO B 238 -26.40 -9.50 -56.36
CA PRO B 238 -25.29 -9.10 -57.22
C PRO B 238 -24.00 -8.84 -56.46
N ASP B 239 -24.08 -8.53 -55.18
CA ASP B 239 -22.88 -8.20 -54.41
C ASP B 239 -21.97 -9.39 -54.21
N ASP B 240 -22.42 -10.61 -54.51
CA ASP B 240 -21.66 -11.81 -54.21
C ASP B 240 -21.42 -12.71 -55.41
N VAL B 241 -21.71 -12.25 -56.63
CA VAL B 241 -21.46 -13.08 -57.80
C VAL B 241 -19.96 -13.28 -57.96
N GLN B 242 -19.56 -14.53 -58.20
CA GLN B 242 -18.15 -14.86 -58.41
C GLN B 242 -18.09 -16.03 -59.39
N PHE B 243 -17.93 -15.72 -60.67
CA PHE B 243 -17.84 -16.71 -61.73
C PHE B 243 -16.37 -16.95 -62.04
N TYR B 244 -15.87 -18.15 -61.75
CA TYR B 244 -14.48 -18.50 -61.94
C TYR B 244 -14.33 -19.34 -63.18
N THR B 245 -13.34 -19.01 -64.01
CA THR B 245 -12.95 -19.81 -65.15
C THR B 245 -11.49 -20.20 -65.00
N ILE B 246 -11.21 -21.49 -65.19
CA ILE B 246 -9.83 -21.97 -65.05
C ILE B 246 -8.95 -21.34 -66.11
N GLU B 247 -9.50 -21.11 -67.31
CA GLU B 247 -8.71 -20.53 -68.39
C GLU B 247 -8.20 -19.14 -68.06
N ASN B 248 -8.88 -18.41 -67.19
CA ASN B 248 -8.52 -17.04 -66.85
C ASN B 248 -7.78 -16.91 -65.53
N SER B 249 -7.54 -18.01 -64.81
CA SER B 249 -6.96 -17.94 -63.48
C SER B 249 -5.83 -18.93 -63.25
N VAL B 250 -5.64 -19.91 -64.12
CA VAL B 250 -4.58 -20.90 -63.95
C VAL B 250 -3.84 -21.07 -65.27
N PRO B 251 -2.52 -21.15 -65.28
CA PRO B 251 -1.82 -21.52 -66.51
C PRO B 251 -2.11 -22.97 -66.88
N VAL B 252 -2.49 -23.17 -68.14
CA VAL B 252 -2.95 -24.47 -68.61
C VAL B 252 -1.86 -25.08 -69.48
N HIS B 253 -1.44 -26.29 -69.13
CA HIS B 253 -0.46 -27.03 -69.89
C HIS B 253 -1.17 -27.99 -70.85
N LEU B 254 -0.65 -28.09 -72.07
CA LEU B 254 -1.12 -29.05 -73.04
C LEU B 254 -0.15 -30.22 -73.08
N LEU B 255 -0.63 -31.41 -72.74
CA LEU B 255 0.19 -32.61 -72.68
C LEU B 255 -0.23 -33.56 -73.79
N ARG B 256 0.63 -33.74 -74.78
CA ARG B 256 0.40 -34.76 -75.78
C ARG B 256 0.88 -36.10 -75.23
N THR B 257 0.85 -37.14 -76.07
CA THR B 257 1.06 -38.49 -75.59
C THR B 257 2.44 -38.71 -74.99
N GLY B 258 3.39 -37.81 -75.25
CA GLY B 258 4.75 -37.94 -74.79
C GLY B 258 5.23 -36.91 -73.79
N ASP B 259 4.33 -36.19 -73.14
CA ASP B 259 4.69 -35.14 -72.20
C ASP B 259 4.34 -35.55 -70.78
N GLU B 260 4.81 -34.76 -69.82
CA GLU B 260 4.58 -35.04 -68.41
C GLU B 260 4.40 -33.73 -67.67
N PHE B 261 3.76 -33.82 -66.50
CA PHE B 261 3.51 -32.67 -65.65
C PHE B 261 3.78 -33.07 -64.21
N ALA B 262 4.64 -32.31 -63.53
CA ALA B 262 4.96 -32.53 -62.12
C ALA B 262 4.70 -31.24 -61.35
N THR B 263 3.98 -31.37 -60.25
CA THR B 263 3.57 -30.19 -59.48
C THR B 263 4.74 -29.54 -58.76
N GLY B 264 5.63 -30.32 -58.17
CA GLY B 264 6.64 -29.78 -57.30
C GLY B 264 6.24 -29.93 -55.85
N THR B 265 7.20 -30.26 -54.99
CA THR B 265 6.90 -30.55 -53.60
C THR B 265 6.32 -29.32 -52.92
N PHE B 266 5.19 -29.49 -52.24
CA PHE B 266 4.66 -28.49 -51.33
C PHE B 266 4.97 -28.94 -49.91
N PHE B 267 5.23 -27.99 -49.03
CA PHE B 267 5.58 -28.27 -47.64
C PHE B 267 4.50 -27.70 -46.74
N PHE B 268 3.89 -28.58 -45.94
CA PHE B 268 2.81 -28.18 -45.06
C PHE B 268 3.34 -27.48 -43.82
N ASP B 269 2.45 -26.74 -43.15
CA ASP B 269 2.76 -26.11 -41.87
C ASP B 269 1.70 -26.44 -40.82
N CYS B 270 1.15 -27.65 -40.86
CA CYS B 270 0.04 -27.99 -39.99
C CYS B 270 0.52 -28.34 -38.58
N LYS B 271 -0.44 -28.35 -37.64
CA LYS B 271 -0.15 -28.74 -36.28
C LYS B 271 -0.02 -30.26 -36.20
N PRO B 272 0.62 -30.77 -35.15
CA PRO B 272 0.71 -32.22 -34.99
C PRO B 272 -0.65 -32.85 -34.77
N CYS B 273 -0.79 -34.09 -35.22
CA CYS B 273 -1.98 -34.89 -34.97
C CYS B 273 -1.64 -35.99 -33.97
N ARG B 274 -2.38 -36.01 -32.87
CA ARG B 274 -2.12 -36.96 -31.79
C ARG B 274 -2.86 -38.25 -32.06
N LEU B 275 -2.12 -39.36 -32.08
CA LEU B 275 -2.69 -40.69 -32.30
C LEU B 275 -3.03 -41.39 -30.99
N THR B 276 -3.22 -40.62 -29.92
CA THR B 276 -3.62 -41.15 -28.63
C THR B 276 -4.89 -40.44 -28.17
N HIS B 277 -5.71 -41.17 -27.43
CA HIS B 277 -7.01 -40.67 -26.98
C HIS B 277 -7.01 -40.51 -25.47
N THR B 278 -7.86 -39.60 -25.00
CA THR B 278 -7.98 -39.29 -23.59
C THR B 278 -9.23 -39.96 -23.02
N TRP B 279 -9.13 -40.45 -21.78
CA TRP B 279 -10.26 -41.07 -21.10
C TRP B 279 -10.75 -40.26 -19.91
N GLN B 280 -9.97 -39.29 -19.44
CA GLN B 280 -10.29 -38.58 -18.21
C GLN B 280 -11.30 -37.48 -18.51
N THR B 281 -12.51 -37.63 -17.97
CA THR B 281 -13.46 -36.54 -17.95
C THR B 281 -13.28 -35.72 -16.68
N ASN B 282 -14.16 -34.75 -16.47
CA ASN B 282 -14.02 -33.88 -15.31
C ASN B 282 -14.06 -34.67 -14.02
N ARG B 283 -14.75 -35.81 -14.02
CA ARG B 283 -14.88 -36.59 -12.79
C ARG B 283 -13.60 -37.33 -12.43
N ALA B 284 -12.59 -37.33 -13.31
CA ALA B 284 -11.38 -38.11 -13.10
C ALA B 284 -10.12 -37.27 -13.20
N LEU B 285 -10.20 -36.00 -12.79
CA LEU B 285 -9.05 -35.11 -12.81
C LEU B 285 -8.61 -34.84 -11.37
N GLY B 286 -7.32 -34.95 -11.12
CA GLY B 286 -6.76 -34.56 -9.84
C GLY B 286 -6.61 -35.72 -8.87
N LEU B 287 -6.48 -35.35 -7.60
CA LEU B 287 -6.23 -36.31 -6.53
C LEU B 287 -7.53 -36.95 -6.08
N PRO B 288 -7.68 -38.26 -6.16
CA PRO B 288 -8.88 -38.91 -5.64
C PRO B 288 -8.98 -38.75 -4.12
N PRO B 289 -10.17 -38.85 -3.55
CA PRO B 289 -10.30 -38.73 -2.09
C PRO B 289 -9.63 -39.88 -1.38
N PHE B 290 -9.12 -39.60 -0.19
CA PHE B 290 -8.52 -40.64 0.64
C PHE B 290 -9.59 -41.62 1.11
N LEU B 291 -9.25 -42.90 1.13
CA LEU B 291 -10.16 -43.96 1.55
C LEU B 291 -9.76 -44.41 2.95
N ASN B 292 -10.57 -44.08 3.94
CA ASN B 292 -10.29 -44.48 5.31
C ASN B 292 -10.58 -45.96 5.54
N SER B 293 -11.47 -46.56 4.75
CA SER B 293 -11.80 -47.97 4.85
C SER B 293 -11.59 -48.62 3.49
N LEU B 294 -10.82 -49.70 3.47
CA LEU B 294 -10.51 -50.42 2.25
C LEU B 294 -11.10 -51.83 2.32
N PRO B 295 -11.37 -52.45 1.17
CA PRO B 295 -11.99 -53.79 1.18
C PRO B 295 -11.04 -54.84 1.71
N GLN B 296 -11.61 -55.94 2.19
CA GLN B 296 -10.86 -57.03 2.79
C GLN B 296 -10.96 -58.33 2.00
N SER B 297 -11.83 -58.39 0.99
CA SER B 297 -11.97 -59.60 0.19
C SER B 297 -12.20 -59.21 -1.27
N GLU B 298 -11.52 -59.92 -2.16
CA GLU B 298 -11.70 -59.67 -3.58
C GLU B 298 -13.10 -60.06 -4.02
N GLY B 299 -13.69 -59.26 -4.90
CA GLY B 299 -15.03 -59.51 -5.37
C GLY B 299 -15.63 -58.29 -6.01
N GLY B 300 -16.82 -58.48 -6.56
CA GLY B 300 -17.50 -57.41 -7.29
C GLY B 300 -18.30 -56.47 -6.42
N THR B 301 -18.53 -56.83 -5.15
CA THR B 301 -19.32 -56.00 -4.24
C THR B 301 -18.54 -55.59 -3.00
N ASN B 302 -17.22 -55.81 -2.97
CA ASN B 302 -16.38 -55.35 -1.87
C ASN B 302 -15.81 -54.00 -2.25
N PHE B 303 -16.54 -52.95 -1.88
CA PHE B 303 -16.17 -51.59 -2.25
C PHE B 303 -15.41 -50.92 -1.12
N GLY B 304 -14.63 -49.89 -1.50
CA GLY B 304 -14.00 -49.03 -0.51
C GLY B 304 -14.94 -47.93 -0.06
N TYR B 305 -14.57 -47.29 1.04
CA TYR B 305 -15.40 -46.25 1.64
C TYR B 305 -14.54 -45.08 2.05
N ILE B 306 -14.99 -43.87 1.71
CA ILE B 306 -14.28 -42.67 2.13
C ILE B 306 -14.34 -42.52 3.64
N GLY B 307 -15.46 -42.88 4.26
CA GLY B 307 -15.55 -42.91 5.70
C GLY B 307 -16.05 -41.62 6.31
N VAL B 308 -15.47 -40.49 5.89
CA VAL B 308 -15.82 -39.20 6.47
C VAL B 308 -17.13 -38.73 5.87
N GLN B 309 -18.02 -38.23 6.72
CA GLN B 309 -19.32 -37.77 6.26
C GLN B 309 -19.14 -36.64 5.26
N GLN B 310 -20.01 -36.62 4.23
CA GLN B 310 -19.79 -35.75 3.09
C GLN B 310 -19.70 -34.29 3.49
N ASP B 311 -20.60 -33.81 4.35
CA ASP B 311 -20.59 -32.41 4.75
C ASP B 311 -19.54 -32.12 5.82
N LYS B 312 -18.72 -33.11 6.18
CA LYS B 312 -17.59 -32.90 7.09
C LYS B 312 -16.25 -33.07 6.39
N ARG B 313 -16.19 -32.90 5.08
CA ARG B 313 -14.99 -33.18 4.31
C ARG B 313 -14.20 -31.89 4.04
N ARG B 314 -12.97 -32.06 3.58
CA ARG B 314 -12.09 -30.96 3.22
C ARG B 314 -11.86 -30.95 1.70
N GLY B 315 -11.64 -29.77 1.16
CA GLY B 315 -11.42 -29.60 -0.25
C GLY B 315 -11.89 -28.25 -0.73
N VAL B 316 -12.18 -28.16 -2.01
CA VAL B 316 -12.59 -26.91 -2.65
C VAL B 316 -13.77 -27.19 -3.57
N THR B 317 -14.73 -26.28 -3.59
CA THR B 317 -15.88 -26.37 -4.47
C THR B 317 -16.24 -24.98 -4.97
N GLN B 318 -16.83 -24.92 -6.16
CA GLN B 318 -17.43 -23.67 -6.65
C GLN B 318 -18.88 -23.55 -6.22
N MET B 319 -19.14 -23.76 -4.93
CA MET B 319 -20.49 -23.68 -4.37
C MET B 319 -20.37 -22.93 -3.06
N GLY B 320 -20.49 -21.60 -3.13
CA GLY B 320 -20.30 -20.77 -1.97
C GLY B 320 -21.35 -20.95 -0.89
N ASN B 321 -22.43 -21.68 -1.18
CA ASN B 321 -23.54 -21.83 -0.25
C ASN B 321 -23.85 -23.29 0.02
N THR B 322 -22.82 -24.12 0.16
CA THR B 322 -23.02 -25.52 0.51
C THR B 322 -21.73 -26.09 1.10
N ASN B 323 -21.89 -26.93 2.11
CA ASN B 323 -20.77 -27.62 2.74
C ASN B 323 -20.53 -29.00 2.16
N TYR B 324 -21.31 -29.41 1.16
CA TYR B 324 -21.20 -30.75 0.58
C TYR B 324 -20.03 -30.78 -0.40
N ILE B 325 -18.98 -31.53 -0.06
CA ILE B 325 -17.86 -31.77 -0.96
C ILE B 325 -17.94 -33.21 -1.42
N THR B 326 -18.30 -33.40 -2.68
CA THR B 326 -18.41 -34.73 -3.27
C THR B 326 -17.72 -34.72 -4.63
N GLU B 327 -17.66 -35.89 -5.25
CA GLU B 327 -16.96 -36.01 -6.53
C GLU B 327 -17.63 -35.15 -7.60
N ALA B 328 -18.95 -35.06 -7.58
CA ALA B 328 -19.66 -34.25 -8.56
C ALA B 328 -19.52 -32.75 -8.28
N THR B 329 -19.32 -32.37 -7.02
CA THR B 329 -19.32 -30.97 -6.64
C THR B 329 -17.93 -30.39 -6.42
N ILE B 330 -16.89 -31.23 -6.36
CA ILE B 330 -15.56 -30.70 -6.07
C ILE B 330 -15.07 -29.87 -7.24
N MET B 331 -14.11 -28.98 -6.94
CA MET B 331 -13.56 -28.12 -7.97
C MET B 331 -12.56 -28.88 -8.82
N ARG B 332 -12.74 -28.80 -10.14
CA ARG B 332 -11.81 -29.40 -11.08
C ARG B 332 -11.10 -28.31 -11.86
N PRO B 333 -9.90 -28.56 -12.38
CA PRO B 333 -9.15 -27.48 -13.05
C PRO B 333 -9.93 -26.81 -14.16
N ALA B 334 -10.67 -27.58 -14.96
CA ALA B 334 -11.40 -26.99 -16.08
C ALA B 334 -12.45 -28.01 -16.55
N GLU B 335 -13.05 -27.75 -17.71
CA GLU B 335 -14.11 -28.59 -18.25
C GLU B 335 -13.63 -29.28 -19.51
N VAL B 336 -13.77 -30.60 -19.55
CA VAL B 336 -13.40 -31.39 -20.71
C VAL B 336 -14.65 -31.56 -21.58
N GLY B 337 -14.56 -31.12 -22.83
CA GLY B 337 -15.71 -31.20 -23.69
C GLY B 337 -16.77 -30.17 -23.30
N TYR B 338 -17.87 -30.23 -24.03
CA TYR B 338 -18.97 -29.30 -23.80
C TYR B 338 -20.25 -29.89 -24.35
N SER B 339 -21.37 -29.38 -23.86
CA SER B 339 -22.67 -29.73 -24.41
C SER B 339 -23.07 -28.71 -25.46
N ALA B 340 -23.67 -29.19 -26.54
CA ALA B 340 -24.09 -28.35 -27.64
C ALA B 340 -25.53 -28.70 -28.01
N PRO B 341 -26.27 -27.76 -28.57
CA PRO B 341 -27.62 -28.10 -29.08
C PRO B 341 -27.50 -29.10 -30.22
N TYR B 342 -27.97 -30.31 -29.99
CA TYR B 342 -27.76 -31.41 -30.92
C TYR B 342 -28.97 -31.57 -31.83
N TYR B 343 -28.71 -31.92 -33.08
CA TYR B 343 -29.67 -31.80 -34.17
C TYR B 343 -30.34 -30.44 -34.14
N SER B 344 -29.50 -29.41 -34.10
CA SER B 344 -29.94 -28.03 -34.19
C SER B 344 -29.64 -27.50 -35.58
N PHE B 345 -30.63 -26.89 -36.21
CA PHE B 345 -30.49 -26.37 -37.57
C PHE B 345 -30.59 -24.85 -37.54
N GLU B 346 -29.56 -24.20 -38.08
CA GLU B 346 -29.47 -22.75 -38.10
C GLU B 346 -29.64 -22.26 -39.53
N ALA B 347 -30.34 -21.15 -39.70
CA ALA B 347 -30.68 -20.63 -41.02
C ALA B 347 -29.94 -19.33 -41.28
N SER B 348 -29.58 -19.14 -42.54
CA SER B 348 -28.95 -17.91 -43.01
C SER B 348 -29.37 -17.69 -44.45
N THR B 349 -28.66 -16.81 -45.16
CA THR B 349 -29.05 -16.43 -46.50
C THR B 349 -29.30 -17.66 -47.38
N GLN B 350 -28.39 -18.63 -47.33
CA GLN B 350 -28.47 -19.77 -48.23
C GLN B 350 -29.45 -20.84 -47.77
N GLY B 351 -29.97 -20.75 -46.54
CA GLY B 351 -30.91 -21.73 -46.05
C GLY B 351 -30.38 -22.48 -44.84
N PRO B 352 -31.19 -23.40 -44.32
CA PRO B 352 -30.82 -24.10 -43.09
C PRO B 352 -29.65 -25.04 -43.28
N PHE B 353 -28.91 -25.22 -42.18
CA PHE B 353 -27.81 -26.18 -42.12
C PHE B 353 -27.66 -26.64 -40.67
N LYS B 354 -27.25 -27.89 -40.50
CA LYS B 354 -27.08 -28.42 -39.15
C LYS B 354 -25.89 -27.78 -38.47
N THR B 355 -26.03 -27.49 -37.19
CA THR B 355 -24.92 -26.99 -36.40
C THR B 355 -23.94 -28.12 -36.12
N PRO B 356 -22.68 -28.02 -36.54
CA PRO B 356 -21.72 -29.07 -36.23
C PRO B 356 -21.33 -29.07 -34.76
N ILE B 357 -20.90 -30.23 -34.29
CA ILE B 357 -20.42 -30.40 -32.92
C ILE B 357 -19.06 -31.08 -32.99
N ALA B 358 -18.11 -30.57 -32.20
CA ALA B 358 -16.75 -31.07 -32.25
C ALA B 358 -16.55 -32.37 -31.48
N ALA B 359 -17.50 -32.74 -30.64
CA ALA B 359 -17.37 -33.92 -29.79
C ALA B 359 -18.50 -34.90 -30.07
N GLY B 360 -18.17 -36.18 -30.10
CA GLY B 360 -19.16 -37.21 -30.31
C GLY B 360 -19.99 -37.45 -29.08
N ARG B 361 -20.91 -38.40 -29.20
CA ARG B 361 -21.79 -38.74 -28.08
C ARG B 361 -21.04 -39.54 -27.03
N GLY B 362 -21.70 -39.74 -25.89
CA GLY B 362 -21.16 -40.59 -24.85
C GLY B 362 -22.06 -41.77 -24.56
N GLY B 363 -21.43 -42.92 -24.34
CA GLY B 363 -22.16 -44.15 -24.08
C GLY B 363 -22.43 -44.94 -25.34
N ALA B 364 -22.21 -44.33 -26.50
CA ALA B 364 -22.39 -45.03 -27.76
C ALA B 364 -21.37 -46.16 -27.92
N GLN B 365 -20.26 -46.10 -27.20
CA GLN B 365 -19.25 -47.16 -27.29
C GLN B 365 -19.81 -48.51 -26.86
N THR B 366 -20.86 -48.52 -26.03
CA THR B 366 -21.45 -49.76 -25.57
C THR B 366 -22.57 -50.26 -26.47
N ASP B 367 -23.24 -49.36 -27.19
CA ASP B 367 -24.35 -49.75 -28.07
C ASP B 367 -24.31 -48.86 -29.30
N GLU B 368 -24.23 -49.48 -30.47
CA GLU B 368 -24.22 -48.72 -31.72
C GLU B 368 -25.54 -48.01 -31.95
N ASN B 369 -26.64 -48.57 -31.45
CA ASN B 369 -27.95 -47.95 -31.64
C ASN B 369 -28.01 -46.56 -31.02
N GLN B 370 -27.14 -46.26 -30.06
CA GLN B 370 -27.10 -44.94 -29.44
C GLN B 370 -26.13 -43.99 -30.13
N ALA B 371 -25.46 -44.42 -31.19
CA ALA B 371 -24.57 -43.54 -31.93
C ALA B 371 -25.37 -42.43 -32.58
N ALA B 372 -25.02 -41.18 -32.28
CA ALA B 372 -25.84 -40.05 -32.70
C ALA B 372 -25.00 -38.80 -32.93
N ASP B 373 -25.65 -37.64 -32.92
CA ASP B 373 -25.01 -36.37 -33.26
C ASP B 373 -23.59 -36.30 -32.71
N GLY B 374 -22.65 -35.95 -33.59
CA GLY B 374 -21.25 -35.86 -33.23
C GLY B 374 -20.39 -37.01 -33.71
N ASP B 375 -21.01 -38.14 -34.03
CA ASP B 375 -20.28 -39.29 -34.57
C ASP B 375 -20.42 -39.29 -36.08
N PRO B 376 -19.36 -39.02 -36.83
CA PRO B 376 -19.51 -38.91 -38.29
C PRO B 376 -19.98 -40.21 -38.91
N ARG B 377 -20.84 -40.09 -39.91
CA ARG B 377 -21.30 -41.23 -40.70
C ARG B 377 -20.76 -41.10 -42.12
N TYR B 378 -20.09 -42.14 -42.58
CA TYR B 378 -19.49 -42.16 -43.91
C TYR B 378 -20.29 -43.11 -44.79
N ALA B 379 -20.61 -42.65 -45.99
CA ALA B 379 -21.29 -43.45 -47.01
C ALA B 379 -20.44 -43.42 -48.27
N PHE B 380 -20.17 -44.57 -48.85
CA PHE B 380 -19.21 -44.68 -49.94
C PHE B 380 -19.56 -45.85 -50.84
N GLY B 381 -18.85 -45.91 -51.97
CA GLY B 381 -19.08 -46.93 -52.97
C GLY B 381 -17.92 -47.89 -53.12
N ARG B 382 -17.87 -48.52 -54.30
CA ARG B 382 -16.92 -49.60 -54.54
C ARG B 382 -15.53 -49.10 -54.93
N GLN B 383 -15.39 -47.83 -55.29
CA GLN B 383 -14.06 -47.27 -55.48
C GLN B 383 -13.36 -46.99 -54.16
N HIS B 384 -14.11 -46.82 -53.07
CA HIS B 384 -13.57 -46.31 -51.81
C HIS B 384 -13.85 -47.22 -50.62
N GLY B 385 -14.11 -48.50 -50.84
CA GLY B 385 -14.22 -49.42 -49.72
C GLY B 385 -15.31 -50.47 -49.82
N GLN B 386 -16.42 -50.17 -50.50
CA GLN B 386 -17.50 -51.14 -50.59
C GLN B 386 -17.04 -52.35 -51.40
N LYS B 387 -17.59 -53.51 -51.05
CA LYS B 387 -17.26 -54.73 -51.76
C LYS B 387 -17.48 -54.54 -53.25
N THR B 388 -16.41 -54.73 -54.03
CA THR B 388 -16.45 -54.38 -55.45
C THR B 388 -17.38 -55.28 -56.24
N THR B 389 -17.84 -56.40 -55.66
CA THR B 389 -18.72 -57.31 -56.37
C THR B 389 -20.19 -57.03 -56.10
N THR B 390 -20.51 -56.18 -55.13
CA THR B 390 -21.91 -55.90 -54.82
C THR B 390 -22.55 -55.10 -55.95
N THR B 391 -23.86 -55.30 -56.10
CA THR B 391 -24.64 -54.63 -57.13
C THR B 391 -25.64 -53.69 -56.48
N GLY B 392 -26.12 -52.72 -57.26
CA GLY B 392 -27.11 -51.79 -56.77
C GLY B 392 -26.51 -50.44 -56.40
N GLU B 393 -27.40 -49.48 -56.16
CA GLU B 393 -27.00 -48.13 -55.84
C GLU B 393 -26.83 -47.89 -54.34
N THR B 394 -27.19 -48.86 -53.50
CA THR B 394 -27.05 -48.69 -52.06
C THR B 394 -25.57 -48.67 -51.70
N PRO B 395 -25.09 -47.63 -51.02
CA PRO B 395 -23.68 -47.60 -50.64
C PRO B 395 -23.42 -48.28 -49.31
N GLU B 396 -22.14 -48.47 -49.01
CA GLU B 396 -21.73 -48.98 -47.71
C GLU B 396 -21.52 -47.81 -46.75
N ARG B 397 -21.99 -47.97 -45.52
CA ARG B 397 -21.98 -46.88 -44.56
C ARG B 397 -21.48 -47.39 -43.21
N PHE B 398 -20.87 -46.47 -42.46
CA PHE B 398 -20.47 -46.78 -41.09
C PHE B 398 -20.40 -45.49 -40.28
N THR B 399 -20.67 -45.61 -38.99
CA THR B 399 -20.57 -44.51 -38.04
C THR B 399 -19.32 -44.70 -37.20
N TYR B 400 -18.50 -43.65 -37.11
CA TYR B 400 -17.21 -43.73 -36.44
C TYR B 400 -17.38 -43.38 -34.97
N ILE B 401 -17.32 -44.38 -34.10
CA ILE B 401 -17.43 -44.16 -32.66
C ILE B 401 -16.04 -43.88 -32.11
N ALA B 402 -15.63 -42.61 -32.16
CA ALA B 402 -14.28 -42.26 -31.77
C ALA B 402 -14.03 -42.63 -30.31
N HIS B 403 -12.75 -42.82 -29.98
CA HIS B 403 -12.38 -43.25 -28.64
C HIS B 403 -12.25 -42.11 -27.65
N GLN B 404 -12.10 -40.87 -28.12
CA GLN B 404 -11.97 -39.73 -27.22
C GLN B 404 -13.23 -39.61 -26.39
N ASP B 405 -13.12 -39.78 -25.08
CA ASP B 405 -14.26 -39.63 -24.19
C ASP B 405 -14.52 -38.17 -23.81
N THR B 406 -14.61 -37.29 -24.80
CA THR B 406 -14.93 -35.89 -24.56
C THR B 406 -16.42 -35.60 -24.72
N GLY B 407 -17.21 -36.60 -25.07
CA GLY B 407 -18.62 -36.38 -25.30
C GLY B 407 -19.41 -36.24 -24.02
N ARG B 408 -20.69 -35.95 -24.19
CA ARG B 408 -21.62 -35.77 -23.09
C ARG B 408 -22.70 -36.84 -23.17
N TYR B 409 -23.34 -37.08 -22.03
CA TYR B 409 -24.37 -38.11 -21.88
C TYR B 409 -25.65 -37.38 -21.50
N PRO B 410 -26.32 -36.73 -22.45
CA PRO B 410 -27.26 -35.66 -22.09
C PRO B 410 -28.38 -36.10 -21.16
N GLU B 411 -28.79 -37.37 -21.20
CA GLU B 411 -29.86 -37.81 -20.30
C GLU B 411 -29.34 -38.04 -18.89
N GLY B 412 -28.06 -37.77 -18.63
CA GLY B 412 -27.53 -37.76 -17.28
C GLY B 412 -27.41 -36.36 -16.71
N ASP B 413 -27.73 -35.35 -17.53
CA ASP B 413 -27.59 -33.95 -17.13
C ASP B 413 -28.77 -33.51 -16.29
N TRP B 414 -28.57 -32.44 -15.54
CA TRP B 414 -29.69 -31.76 -14.89
C TRP B 414 -29.23 -30.40 -14.39
N ILE B 415 -30.20 -29.50 -14.24
CA ILE B 415 -29.99 -28.20 -13.62
C ILE B 415 -30.77 -28.19 -12.31
N GLN B 416 -30.27 -27.48 -11.31
CA GLN B 416 -31.00 -27.34 -10.06
C GLN B 416 -30.74 -25.98 -9.44
N ASN B 417 -31.67 -25.55 -8.60
CA ASN B 417 -31.70 -24.19 -8.10
C ASN B 417 -30.44 -23.89 -7.29
N ILE B 418 -30.15 -22.60 -7.13
CA ILE B 418 -28.95 -22.17 -6.42
C ILE B 418 -29.05 -22.43 -4.93
N ASN B 419 -30.27 -22.47 -4.37
CA ASN B 419 -30.42 -22.81 -2.97
C ASN B 419 -29.79 -24.15 -2.63
N PHE B 420 -29.80 -25.09 -3.57
CA PHE B 420 -29.10 -26.36 -3.42
C PHE B 420 -29.57 -27.12 -2.19
N ASN B 421 -30.89 -27.23 -2.03
CA ASN B 421 -31.44 -28.11 -1.02
C ASN B 421 -31.47 -29.54 -1.52
N LEU B 422 -31.08 -30.48 -0.66
CA LEU B 422 -31.05 -31.88 -1.02
C LEU B 422 -31.87 -32.68 -0.02
N PRO B 423 -32.69 -33.65 -0.49
CA PRO B 423 -32.90 -34.04 -1.89
C PRO B 423 -33.65 -32.96 -2.66
N VAL B 424 -33.40 -32.84 -3.96
CA VAL B 424 -33.99 -31.75 -4.74
C VAL B 424 -35.46 -32.03 -4.97
N THR B 425 -36.26 -30.97 -4.88
CA THR B 425 -37.70 -31.05 -5.11
C THR B 425 -38.00 -30.84 -6.59
N ASP B 426 -39.25 -31.14 -6.96
CA ASP B 426 -39.63 -31.05 -8.36
C ASP B 426 -39.47 -29.65 -8.90
N ASP B 427 -39.87 -28.64 -8.13
CA ASP B 427 -39.84 -27.27 -8.63
C ASP B 427 -38.42 -26.74 -8.78
N ASN B 428 -37.45 -27.32 -8.09
CA ASN B 428 -36.10 -26.78 -8.04
C ASN B 428 -35.10 -27.53 -8.91
N VAL B 429 -35.57 -28.40 -9.80
CA VAL B 429 -34.68 -29.12 -10.70
C VAL B 429 -35.33 -29.20 -12.08
N LEU B 430 -34.52 -28.93 -13.09
CA LEU B 430 -34.90 -29.13 -14.49
C LEU B 430 -34.16 -30.36 -14.99
N LEU B 431 -34.93 -31.35 -15.46
CA LEU B 431 -34.40 -32.64 -15.85
C LEU B 431 -34.52 -32.85 -17.36
N PRO B 432 -33.72 -33.74 -17.94
CA PRO B 432 -33.87 -34.05 -19.37
C PRO B 432 -35.24 -34.62 -19.73
N THR B 433 -35.98 -35.15 -18.77
CA THR B 433 -37.33 -35.63 -19.01
C THR B 433 -38.38 -34.52 -18.94
N ASP B 434 -37.95 -33.28 -18.73
CA ASP B 434 -38.86 -32.17 -18.52
C ASP B 434 -39.15 -31.45 -19.84
N PRO B 435 -40.41 -31.36 -20.27
CA PRO B 435 -40.70 -30.69 -21.54
C PRO B 435 -40.24 -29.25 -21.57
N ILE B 436 -39.78 -28.81 -22.74
CA ILE B 436 -39.40 -27.43 -22.98
C ILE B 436 -40.25 -26.90 -24.12
N GLY B 437 -40.94 -25.79 -23.87
CA GLY B 437 -41.80 -25.21 -24.89
C GLY B 437 -43.08 -25.98 -25.10
N GLY B 438 -43.49 -26.81 -24.15
CA GLY B 438 -44.69 -27.61 -24.31
C GLY B 438 -44.53 -28.84 -25.16
N LYS B 439 -43.32 -29.14 -25.61
CA LYS B 439 -43.05 -30.29 -26.48
C LYS B 439 -42.41 -31.41 -25.67
N THR B 440 -43.03 -32.60 -25.73
CA THR B 440 -42.58 -33.72 -24.91
C THR B 440 -41.29 -34.34 -25.42
N GLY B 441 -41.02 -34.28 -26.73
CA GLY B 441 -39.82 -34.86 -27.28
C GLY B 441 -38.61 -33.96 -27.22
N ILE B 442 -38.76 -32.71 -26.82
CA ILE B 442 -37.66 -31.76 -26.69
C ILE B 442 -37.48 -31.41 -25.22
N ASN B 443 -36.25 -31.50 -24.75
CA ASN B 443 -35.90 -31.10 -23.40
C ASN B 443 -34.81 -30.03 -23.46
N TYR B 444 -34.40 -29.54 -22.28
CA TYR B 444 -33.53 -28.37 -22.25
C TYR B 444 -32.17 -28.66 -22.84
N THR B 445 -31.68 -29.90 -22.73
CA THR B 445 -30.37 -30.21 -23.28
C THR B 445 -30.33 -30.01 -24.79
N ASN B 446 -31.49 -30.07 -25.45
CA ASN B 446 -31.52 -29.84 -26.89
C ASN B 446 -31.14 -28.40 -27.24
N ILE B 447 -31.30 -27.48 -26.30
CA ILE B 447 -31.01 -26.06 -26.52
C ILE B 447 -29.93 -25.56 -25.56
N PHE B 448 -29.04 -26.43 -25.12
CA PHE B 448 -28.13 -26.14 -24.01
C PHE B 448 -26.71 -26.04 -24.54
N ASN B 449 -26.04 -24.94 -24.20
CA ASN B 449 -24.66 -24.71 -24.60
C ASN B 449 -23.84 -24.45 -23.35
N THR B 450 -22.77 -25.24 -23.17
CA THR B 450 -21.89 -25.10 -22.01
C THR B 450 -20.47 -24.74 -22.41
N TYR B 451 -20.23 -24.42 -23.68
CA TYR B 451 -18.92 -23.95 -24.09
C TYR B 451 -18.56 -22.68 -23.31
N GLY B 452 -17.34 -22.66 -22.80
CA GLY B 452 -16.87 -21.55 -22.01
C GLY B 452 -15.36 -21.42 -22.05
N PRO B 453 -14.84 -20.39 -21.36
CA PRO B 453 -13.39 -20.21 -21.34
C PRO B 453 -12.63 -21.35 -20.71
N LEU B 454 -13.29 -22.20 -19.93
CA LEU B 454 -12.65 -23.35 -19.31
C LEU B 454 -12.73 -24.60 -20.18
N THR B 455 -13.34 -24.51 -21.35
CA THR B 455 -13.56 -25.70 -22.17
C THR B 455 -12.24 -26.19 -22.76
N ALA B 456 -12.02 -27.51 -22.70
CA ALA B 456 -10.88 -28.16 -23.30
C ALA B 456 -11.36 -29.37 -24.10
N LEU B 457 -10.80 -29.55 -25.29
CA LEU B 457 -11.24 -30.63 -26.16
C LEU B 457 -10.09 -31.04 -27.05
N ASN B 458 -10.32 -32.09 -27.84
CA ASN B 458 -9.31 -32.68 -28.69
C ASN B 458 -9.71 -32.58 -30.15
N ASN B 459 -8.70 -32.58 -31.02
CA ASN B 459 -8.95 -32.54 -32.45
C ASN B 459 -9.53 -33.86 -32.91
N VAL B 460 -10.16 -33.84 -34.09
CA VAL B 460 -10.87 -35.01 -34.60
C VAL B 460 -9.87 -36.11 -34.91
N PRO B 461 -10.27 -37.38 -34.81
CA PRO B 461 -9.35 -38.47 -35.12
C PRO B 461 -9.38 -38.80 -36.61
N PRO B 462 -8.25 -39.20 -37.18
CA PRO B 462 -8.27 -39.65 -38.58
C PRO B 462 -9.20 -40.83 -38.75
N VAL B 463 -9.87 -40.89 -39.90
CA VAL B 463 -10.84 -41.93 -40.20
C VAL B 463 -10.36 -42.64 -41.46
N TYR B 464 -9.60 -43.71 -41.28
CA TYR B 464 -9.19 -44.55 -42.41
C TYR B 464 -10.37 -45.40 -42.86
N PRO B 465 -10.56 -45.59 -44.18
CA PRO B 465 -9.80 -45.06 -45.31
C PRO B 465 -10.38 -43.79 -45.91
N ASN B 466 -11.59 -43.39 -45.52
CA ASN B 466 -12.29 -42.32 -46.21
C ASN B 466 -11.97 -40.94 -45.65
N GLY B 467 -11.34 -40.86 -44.49
CA GLY B 467 -11.14 -39.58 -43.85
C GLY B 467 -10.27 -38.65 -44.69
N GLN B 468 -10.71 -37.40 -44.79
CA GLN B 468 -9.89 -36.37 -45.40
C GLN B 468 -8.65 -36.11 -44.56
N ILE B 469 -7.53 -35.85 -45.22
CA ILE B 469 -6.27 -35.68 -44.52
C ILE B 469 -6.10 -34.23 -44.11
N TRP B 470 -6.07 -33.32 -45.08
CA TRP B 470 -5.84 -31.91 -44.82
C TRP B 470 -7.02 -31.09 -45.34
N ASP B 471 -7.13 -29.87 -44.82
CA ASP B 471 -8.21 -28.97 -45.20
C ASP B 471 -7.74 -27.54 -45.08
N LYS B 472 -8.22 -26.71 -45.99
CA LYS B 472 -7.81 -25.31 -46.02
C LYS B 472 -8.48 -24.53 -44.90
N GLU B 473 -7.73 -23.63 -44.30
CA GLU B 473 -8.24 -22.80 -43.22
C GLU B 473 -9.17 -21.72 -43.78
N PHE B 474 -10.18 -21.38 -42.98
CA PHE B 474 -11.15 -20.37 -43.39
C PHE B 474 -10.47 -19.00 -43.50
N ASP B 475 -10.86 -18.25 -44.51
CA ASP B 475 -10.36 -16.89 -44.70
C ASP B 475 -11.19 -15.84 -43.96
N THR B 476 -11.38 -16.03 -42.66
CA THR B 476 -12.02 -15.03 -41.82
C THR B 476 -10.97 -14.33 -40.96
N ASP B 477 -11.42 -13.27 -40.29
CA ASP B 477 -10.53 -12.59 -39.34
C ASP B 477 -10.33 -13.43 -38.10
N LEU B 478 -11.41 -14.00 -37.57
CA LEU B 478 -11.36 -14.90 -36.42
C LEU B 478 -11.64 -16.32 -36.91
N LYS B 479 -10.62 -17.15 -36.89
CA LYS B 479 -10.68 -18.50 -37.42
C LYS B 479 -11.16 -19.48 -36.35
N PRO B 480 -11.73 -20.61 -36.76
CA PRO B 480 -12.22 -21.59 -35.78
C PRO B 480 -11.08 -22.28 -35.06
N ARG B 481 -11.42 -22.90 -33.94
CA ARG B 481 -10.42 -23.62 -33.17
C ARG B 481 -10.10 -24.98 -33.78
N LEU B 482 -10.95 -25.50 -34.65
CA LEU B 482 -10.68 -26.76 -35.32
C LEU B 482 -11.65 -26.94 -36.47
N HIS B 483 -11.30 -27.87 -37.36
CA HIS B 483 -12.17 -28.32 -38.44
C HIS B 483 -12.65 -29.74 -38.14
N VAL B 484 -13.93 -30.00 -38.41
CA VAL B 484 -14.50 -31.29 -38.05
C VAL B 484 -14.28 -32.36 -39.10
N ASN B 485 -13.72 -32.01 -40.27
CA ASN B 485 -13.64 -32.95 -41.37
C ASN B 485 -12.23 -33.48 -41.62
N ALA B 486 -11.19 -32.78 -41.17
CA ALA B 486 -9.83 -33.23 -41.39
C ALA B 486 -9.01 -33.04 -40.12
N PRO B 487 -8.02 -33.89 -39.87
CA PRO B 487 -7.14 -33.68 -38.71
C PRO B 487 -6.16 -32.55 -38.91
N PHE B 488 -5.81 -32.24 -40.16
CA PHE B 488 -4.82 -31.22 -40.47
C PHE B 488 -5.49 -30.03 -41.15
N VAL B 489 -5.13 -28.82 -40.71
CA VAL B 489 -5.68 -27.59 -41.25
C VAL B 489 -4.54 -26.73 -41.75
N CYS B 490 -4.67 -26.22 -42.97
CA CYS B 490 -3.63 -25.44 -43.63
C CYS B 490 -3.61 -24.03 -43.04
N GLN B 491 -2.58 -23.72 -42.25
CA GLN B 491 -2.51 -22.39 -41.64
C GLN B 491 -2.40 -21.31 -42.70
N ASN B 492 -1.42 -21.43 -43.60
CA ASN B 492 -1.19 -20.44 -44.65
C ASN B 492 -1.71 -20.90 -45.99
N ASN B 493 -1.25 -22.05 -46.47
CA ASN B 493 -1.67 -22.58 -47.76
C ASN B 493 -1.46 -24.08 -47.77
N CYS B 494 -2.05 -24.74 -48.75
CA CYS B 494 -1.86 -26.17 -48.95
C CYS B 494 -2.18 -26.50 -50.40
N PRO B 495 -1.73 -27.66 -50.88
CA PRO B 495 -1.46 -27.79 -52.32
C PRO B 495 -2.68 -27.49 -53.18
N GLY B 496 -2.41 -26.89 -54.34
CA GLY B 496 -3.49 -26.47 -55.21
C GLY B 496 -4.21 -27.65 -55.83
N GLN B 497 -5.48 -27.42 -56.16
CA GLN B 497 -6.27 -28.45 -56.82
C GLN B 497 -5.79 -28.65 -58.24
N LEU B 498 -5.80 -29.90 -58.69
CA LEU B 498 -5.36 -30.27 -60.03
C LEU B 498 -6.58 -30.54 -60.91
N PHE B 499 -6.64 -29.85 -62.05
CA PHE B 499 -7.76 -29.96 -62.97
C PHE B 499 -7.28 -30.52 -64.29
N VAL B 500 -8.10 -31.39 -64.88
CA VAL B 500 -7.79 -32.07 -66.13
C VAL B 500 -8.99 -31.92 -67.06
N LYS B 501 -8.70 -31.98 -68.36
CA LYS B 501 -9.73 -31.82 -69.38
C LYS B 501 -9.20 -32.39 -70.67
N VAL B 502 -10.10 -32.89 -71.53
CA VAL B 502 -9.69 -33.36 -72.84
C VAL B 502 -9.93 -32.26 -73.86
N ALA B 503 -8.87 -31.82 -74.51
CA ALA B 503 -8.96 -30.67 -75.39
C ALA B 503 -9.99 -30.93 -76.49
N PRO B 504 -10.72 -29.90 -76.91
CA PRO B 504 -11.77 -30.12 -77.91
C PRO B 504 -11.22 -30.59 -79.24
N ASN B 505 -11.62 -31.78 -79.68
CA ASN B 505 -11.19 -32.36 -80.95
C ASN B 505 -12.31 -32.11 -81.95
N LEU B 506 -12.11 -31.14 -82.84
CA LEU B 506 -13.19 -30.63 -83.66
C LEU B 506 -13.35 -31.45 -84.93
N THR B 507 -14.60 -31.57 -85.39
CA THR B 507 -14.86 -32.02 -86.74
C THR B 507 -14.59 -30.89 -87.73
N ASN B 508 -14.75 -31.19 -89.02
CA ASN B 508 -14.47 -30.19 -90.04
C ASN B 508 -15.66 -29.29 -90.34
N GLN B 509 -16.82 -29.57 -89.74
CA GLN B 509 -18.02 -28.78 -89.95
C GLN B 509 -18.22 -27.72 -88.89
N TYR B 510 -17.21 -27.46 -88.07
CA TYR B 510 -17.37 -26.53 -86.94
C TYR B 510 -17.72 -25.14 -87.43
N ASP B 511 -18.57 -24.46 -86.67
CA ASP B 511 -18.98 -23.09 -87.00
C ASP B 511 -19.20 -22.34 -85.69
N PRO B 512 -18.36 -21.36 -85.34
CA PRO B 512 -18.53 -20.67 -84.06
C PRO B 512 -19.82 -19.87 -83.96
N ASP B 513 -20.42 -19.48 -85.08
CA ASP B 513 -21.67 -18.73 -85.05
C ASP B 513 -22.89 -19.63 -84.89
N ALA B 514 -22.72 -20.94 -84.94
CA ALA B 514 -23.85 -21.85 -84.75
C ALA B 514 -24.28 -21.88 -83.29
N SER B 515 -25.59 -21.77 -83.07
CA SER B 515 -26.13 -21.78 -81.72
C SER B 515 -26.12 -23.17 -81.10
N ALA B 516 -26.02 -24.22 -81.91
CA ALA B 516 -26.02 -25.58 -81.38
C ALA B 516 -24.68 -25.90 -80.71
N ASN B 517 -24.69 -26.97 -79.93
CA ASN B 517 -23.47 -27.38 -79.24
C ASN B 517 -22.41 -27.81 -80.25
N MET B 518 -21.15 -27.65 -79.85
CA MET B 518 -20.03 -27.95 -80.73
C MET B 518 -19.97 -29.44 -81.03
N SER B 519 -19.68 -29.77 -82.28
CA SER B 519 -19.52 -31.16 -82.70
C SER B 519 -18.06 -31.57 -82.52
N ARG B 520 -17.82 -32.66 -81.81
CA ARG B 520 -16.49 -33.12 -81.46
C ARG B 520 -16.28 -34.57 -81.88
N ILE B 521 -15.02 -34.91 -82.13
CA ILE B 521 -14.63 -36.31 -82.24
C ILE B 521 -14.67 -36.91 -80.84
N VAL B 522 -15.32 -38.06 -80.72
CA VAL B 522 -15.47 -38.69 -79.41
C VAL B 522 -14.09 -39.15 -78.96
N THR B 523 -13.52 -38.44 -77.99
CA THR B 523 -12.17 -38.67 -77.53
C THR B 523 -12.17 -38.91 -76.02
N TYR B 524 -11.15 -39.63 -75.55
CA TYR B 524 -10.99 -39.87 -74.13
C TYR B 524 -9.51 -40.12 -73.87
N SER B 525 -9.13 -40.13 -72.60
CA SER B 525 -7.74 -40.24 -72.21
C SER B 525 -7.58 -41.19 -71.05
N ASP B 526 -6.41 -41.82 -70.98
CA ASP B 526 -5.96 -42.57 -69.81
C ASP B 526 -4.56 -42.09 -69.46
N PHE B 527 -4.37 -41.65 -68.22
CA PHE B 527 -3.10 -41.11 -67.79
C PHE B 527 -2.78 -41.63 -66.40
N TRP B 528 -1.49 -41.82 -66.14
CA TRP B 528 -1.03 -42.36 -64.86
C TRP B 528 -0.71 -41.20 -63.92
N TRP B 529 -1.28 -41.24 -62.73
CA TRP B 529 -1.07 -40.21 -61.71
C TRP B 529 -0.26 -40.81 -60.59
N LYS B 530 0.83 -40.15 -60.22
CA LYS B 530 1.68 -40.62 -59.14
C LYS B 530 1.91 -39.48 -58.15
N GLY B 531 1.61 -39.74 -56.89
CA GLY B 531 1.80 -38.77 -55.84
C GLY B 531 2.64 -39.34 -54.71
N LYS B 532 3.30 -38.44 -54.00
CA LYS B 532 4.08 -38.76 -52.82
C LYS B 532 3.61 -37.87 -51.69
N LEU B 533 3.34 -38.47 -50.54
CA LEU B 533 2.88 -37.74 -49.36
C LEU B 533 3.74 -38.16 -48.18
N VAL B 534 4.34 -37.20 -47.50
CA VAL B 534 5.37 -37.46 -46.50
C VAL B 534 4.89 -36.97 -45.14
N PHE B 535 4.89 -37.90 -44.17
CA PHE B 535 4.57 -37.65 -42.78
C PHE B 535 5.81 -37.89 -41.92
N LYS B 536 5.76 -37.39 -40.69
CA LYS B 536 6.83 -37.58 -39.71
C LYS B 536 6.17 -37.95 -38.38
N ALA B 537 6.50 -39.13 -37.86
CA ALA B 537 5.79 -39.66 -36.70
C ALA B 537 6.77 -40.10 -35.61
N LYS B 538 6.42 -39.81 -34.37
CA LYS B 538 7.21 -40.25 -33.23
C LYS B 538 6.74 -41.65 -32.81
N LEU B 539 7.69 -42.52 -32.49
CA LEU B 539 7.35 -43.87 -32.05
C LEU B 539 6.81 -43.83 -30.63
N ARG B 540 5.86 -44.73 -30.34
CA ARG B 540 5.23 -44.71 -29.04
C ARG B 540 6.12 -45.33 -27.97
N ALA B 541 5.77 -45.10 -26.71
CA ALA B 541 6.48 -45.64 -25.57
C ALA B 541 5.49 -46.19 -24.56
N SER B 542 5.91 -47.23 -23.85
CA SER B 542 5.06 -47.88 -22.84
C SER B 542 5.27 -47.16 -21.51
N HIS B 543 4.29 -46.34 -21.12
CA HIS B 543 4.36 -45.63 -19.85
C HIS B 543 3.74 -46.40 -18.70
N THR B 544 3.05 -47.51 -18.97
CA THR B 544 2.22 -48.16 -17.96
C THR B 544 2.57 -49.64 -17.86
N TRP B 545 2.15 -50.24 -16.75
CA TRP B 545 2.35 -51.67 -16.54
C TRP B 545 1.58 -52.49 -17.56
N ASN B 546 0.32 -52.12 -17.79
CA ASN B 546 -0.56 -52.92 -18.64
C ASN B 546 -0.26 -52.69 -20.11
N PRO B 547 -0.59 -53.65 -20.97
CA PRO B 547 -0.58 -53.39 -22.41
C PRO B 547 -1.75 -52.50 -22.81
N ILE B 548 -1.72 -52.05 -24.06
CA ILE B 548 -2.70 -51.10 -24.56
C ILE B 548 -3.48 -51.70 -25.72
N GLN B 549 -4.52 -50.99 -26.15
CA GLN B 549 -5.30 -51.43 -27.31
C GLN B 549 -4.44 -51.41 -28.56
N GLN B 550 -4.56 -52.46 -29.37
CA GLN B 550 -3.82 -52.55 -30.63
C GLN B 550 -4.75 -53.08 -31.72
N MET B 551 -4.46 -52.68 -32.95
CA MET B 551 -5.21 -53.19 -34.09
C MET B 551 -4.69 -54.56 -34.47
N SER B 552 -5.60 -55.53 -34.63
CA SER B 552 -5.21 -56.91 -34.84
C SER B 552 -6.17 -57.60 -35.80
N ILE B 553 -5.62 -58.47 -36.65
CA ILE B 553 -6.43 -59.33 -37.48
C ILE B 553 -6.89 -60.53 -36.68
N ASN B 554 -8.18 -60.86 -36.77
CA ASN B 554 -8.74 -61.93 -35.98
C ASN B 554 -9.77 -62.68 -36.82
N VAL B 555 -10.28 -63.78 -36.25
CA VAL B 555 -11.21 -64.63 -36.96
C VAL B 555 -12.48 -63.90 -37.35
N ASP B 556 -12.81 -62.82 -36.63
CA ASP B 556 -14.05 -62.10 -36.89
C ASP B 556 -13.94 -61.13 -38.06
N ASN B 557 -12.73 -60.83 -38.52
CA ASN B 557 -12.55 -59.85 -39.58
C ASN B 557 -11.46 -60.20 -40.59
N GLN B 558 -10.91 -61.41 -40.55
CA GLN B 558 -9.80 -61.75 -41.42
C GLN B 558 -10.18 -61.57 -42.89
N PHE B 559 -11.33 -62.11 -43.29
CA PHE B 559 -11.70 -62.09 -44.70
C PHE B 559 -11.95 -60.69 -45.23
N ASN B 560 -12.19 -59.71 -44.35
CA ASN B 560 -12.32 -58.34 -44.80
C ASN B 560 -11.03 -57.80 -45.41
N TYR B 561 -9.89 -58.45 -45.16
CA TYR B 561 -8.60 -57.96 -45.58
C TYR B 561 -7.98 -58.76 -46.72
N VAL B 562 -8.75 -59.65 -47.35
CA VAL B 562 -8.23 -60.45 -48.46
C VAL B 562 -9.27 -60.52 -49.56
N PRO B 563 -8.81 -60.70 -50.80
CA PRO B 563 -9.75 -60.74 -51.92
C PRO B 563 -10.65 -61.96 -51.87
N SER B 564 -11.86 -61.79 -52.40
CA SER B 564 -12.78 -62.90 -52.54
C SER B 564 -12.33 -63.83 -53.66
N ASN B 565 -12.96 -65.00 -53.72
CA ASN B 565 -12.58 -65.97 -54.74
C ASN B 565 -12.77 -65.45 -56.16
N ILE B 566 -13.64 -64.46 -56.35
CA ILE B 566 -13.80 -63.82 -57.65
C ILE B 566 -13.08 -62.47 -57.70
N GLY B 567 -12.14 -62.24 -56.77
CA GLY B 567 -11.31 -61.06 -56.82
C GLY B 567 -11.91 -59.81 -56.21
N GLY B 568 -13.05 -59.92 -55.55
CA GLY B 568 -13.67 -58.75 -54.94
C GLY B 568 -12.92 -58.32 -53.70
N MET B 569 -12.70 -57.01 -53.56
CA MET B 569 -12.02 -56.46 -52.39
C MET B 569 -12.92 -55.45 -51.68
N LYS B 570 -12.56 -55.17 -50.43
CA LYS B 570 -13.22 -54.15 -49.62
C LYS B 570 -12.21 -53.57 -48.65
N ILE B 571 -12.48 -52.34 -48.21
CA ILE B 571 -11.68 -51.70 -47.18
C ILE B 571 -12.63 -51.25 -46.08
N VAL B 572 -12.46 -51.81 -44.90
CA VAL B 572 -13.31 -51.53 -43.75
C VAL B 572 -12.63 -50.49 -42.87
N TYR B 573 -13.44 -49.67 -42.21
CA TYR B 573 -12.90 -48.59 -41.41
C TYR B 573 -12.11 -49.14 -40.23
N GLU B 574 -11.00 -48.47 -39.93
CA GLU B 574 -10.13 -48.87 -38.83
C GLU B 574 -9.92 -47.66 -37.94
N LYS B 575 -9.98 -47.88 -36.63
CA LYS B 575 -9.87 -46.78 -35.68
C LYS B 575 -8.41 -46.42 -35.46
N SER B 576 -8.16 -45.12 -35.26
CA SER B 576 -6.80 -44.58 -35.25
C SER B 576 -6.23 -44.38 -33.85
N GLN B 577 -6.92 -43.62 -33.02
CA GLN B 577 -6.39 -43.23 -31.71
C GLN B 577 -6.59 -44.34 -30.67
N LEU B 578 -5.79 -45.40 -30.78
CA LEU B 578 -5.98 -46.56 -29.92
C LEU B 578 -5.34 -46.36 -28.55
N ALA B 579 -4.04 -46.05 -28.53
CA ALA B 579 -3.33 -45.96 -27.27
C ALA B 579 -3.87 -44.81 -26.44
N PRO B 580 -3.99 -44.97 -25.12
CA PRO B 580 -4.45 -43.86 -24.29
C PRO B 580 -3.31 -42.94 -23.88
N ARG B 581 -3.70 -41.76 -23.39
CA ARG B 581 -2.77 -40.82 -22.81
C ARG B 581 -3.47 -40.07 -21.69
N LYS B 582 -2.67 -39.50 -20.79
CA LYS B 582 -3.25 -38.79 -19.66
C LYS B 582 -3.57 -37.35 -20.03
N LEU B 583 -4.80 -36.94 -19.73
CA LEU B 583 -5.22 -35.57 -20.01
C LEU B 583 -4.64 -34.59 -18.99
N TYR B 584 -4.44 -35.04 -17.77
CA TYR B 584 -3.99 -34.16 -16.70
C TYR B 584 -3.64 -34.96 -15.44
N GLY C 37 27.53 -39.86 6.72
CA GLY C 37 27.83 -40.24 8.14
C GLY C 37 26.61 -40.28 9.01
N VAL C 38 26.64 -41.14 10.03
CA VAL C 38 25.49 -41.27 10.93
C VAL C 38 25.30 -40.00 11.75
N GLY C 39 26.41 -39.38 12.15
CA GLY C 39 26.36 -38.24 13.06
C GLY C 39 26.57 -36.89 12.43
N ILE C 40 26.63 -36.78 11.11
CA ILE C 40 26.83 -35.51 10.43
C ILE C 40 25.50 -35.07 9.83
N SER C 41 25.17 -33.80 10.01
CA SER C 41 23.95 -33.24 9.44
C SER C 41 24.16 -32.93 7.98
N THR C 42 23.09 -33.05 7.19
CA THR C 42 23.14 -32.91 5.75
C THR C 42 22.40 -31.68 5.24
N GLY C 43 21.98 -30.77 6.11
CA GLY C 43 21.28 -29.60 5.65
C GLY C 43 21.07 -28.60 6.76
N THR C 44 20.39 -27.51 6.41
CA THR C 44 20.08 -26.44 7.33
C THR C 44 18.62 -26.05 7.19
N PHE C 45 18.04 -25.52 8.27
CA PHE C 45 16.64 -25.19 8.31
C PHE C 45 16.47 -23.69 8.05
N ASN C 46 15.80 -23.35 6.95
CA ASN C 46 15.60 -21.98 6.55
C ASN C 46 14.13 -21.75 6.24
N ASN C 47 13.55 -20.72 6.85
CA ASN C 47 12.17 -20.33 6.54
C ASN C 47 12.03 -18.82 6.45
N GLN C 48 13.08 -18.14 6.02
CA GLN C 48 13.04 -16.70 5.82
C GLN C 48 12.55 -16.37 4.42
N THR C 49 11.87 -15.24 4.29
CA THR C 49 11.45 -14.73 2.99
C THR C 49 12.30 -13.51 2.67
N GLU C 50 12.98 -13.56 1.52
CA GLU C 50 13.95 -12.54 1.13
C GLU C 50 13.38 -11.70 0.00
N PHE C 51 13.43 -10.38 0.17
CA PHE C 51 13.01 -9.43 -0.84
C PHE C 51 14.26 -8.72 -1.34
N LYS C 52 14.60 -8.93 -2.61
CA LYS C 52 15.78 -8.31 -3.20
C LYS C 52 15.31 -7.33 -4.27
N PHE C 53 15.43 -6.03 -3.98
CA PHE C 53 14.91 -5.02 -4.88
C PHE C 53 15.88 -4.78 -6.04
N LEU C 54 15.33 -4.47 -7.20
CA LEU C 54 16.10 -4.33 -8.42
C LEU C 54 15.70 -3.04 -9.12
N GLU C 55 16.45 -2.71 -10.17
CA GLU C 55 16.15 -1.52 -10.95
C GLU C 55 14.78 -1.64 -11.62
N ASN C 56 14.14 -0.50 -11.84
CA ASN C 56 12.81 -0.41 -12.44
C ASN C 56 11.73 -0.98 -11.53
N GLY C 57 12.00 -1.05 -10.22
CA GLY C 57 10.98 -1.44 -9.28
C GLY C 57 10.64 -2.91 -9.24
N TRP C 58 11.50 -3.76 -9.81
CA TRP C 58 11.25 -5.20 -9.77
C TRP C 58 11.90 -5.81 -8.53
N VAL C 59 11.13 -6.62 -7.82
CA VAL C 59 11.55 -7.22 -6.56
C VAL C 59 11.58 -8.73 -6.73
N TYR C 60 12.71 -9.33 -6.38
CA TYR C 60 12.94 -10.76 -6.44
C TYR C 60 12.57 -11.35 -5.09
N ILE C 61 11.51 -12.14 -5.05
CA ILE C 61 10.96 -12.65 -3.80
C ILE C 61 11.33 -14.12 -3.69
N THR C 62 12.22 -14.45 -2.75
CA THR C 62 12.63 -15.82 -2.51
C THR C 62 11.99 -16.30 -1.22
N ALA C 63 11.01 -17.19 -1.32
CA ALA C 63 10.34 -17.76 -0.18
C ALA C 63 11.01 -19.08 0.16
N ASN C 64 11.60 -19.15 1.34
CA ASN C 64 12.16 -20.38 1.85
C ASN C 64 11.22 -20.99 2.88
N SER C 65 10.99 -22.29 2.76
CA SER C 65 10.17 -23.01 3.71
C SER C 65 10.91 -24.26 4.16
N SER C 66 10.78 -24.58 5.44
CA SER C 66 11.39 -25.79 5.99
C SER C 66 10.39 -26.45 6.92
N ARG C 67 10.26 -27.77 6.78
CA ARG C 67 9.30 -28.55 7.54
C ARG C 67 9.96 -29.82 8.04
N LEU C 68 9.43 -30.35 9.14
CA LEU C 68 9.77 -31.70 9.59
C LEU C 68 8.62 -32.61 9.20
N VAL C 69 8.91 -33.63 8.39
CA VAL C 69 7.90 -34.48 7.77
C VAL C 69 7.98 -35.86 8.42
N HIS C 70 6.82 -36.35 8.86
CA HIS C 70 6.70 -37.63 9.55
C HIS C 70 5.97 -38.61 8.64
N LEU C 71 6.58 -39.77 8.41
CA LEU C 71 6.09 -40.75 7.44
C LEU C 71 6.04 -42.12 8.09
N ASN C 72 4.86 -42.73 8.13
CA ASN C 72 4.73 -44.11 8.57
C ASN C 72 4.85 -45.05 7.38
N MET C 73 5.21 -46.30 7.67
CA MET C 73 5.25 -47.30 6.62
C MET C 73 3.83 -47.58 6.13
N PRO C 74 3.67 -47.93 4.87
CA PRO C 74 2.32 -48.04 4.30
C PRO C 74 1.53 -49.20 4.88
N GLU C 75 0.21 -49.09 4.75
CA GLU C 75 -0.66 -50.16 5.24
C GLU C 75 -0.39 -51.46 4.51
N SER C 76 -0.21 -51.40 3.19
CA SER C 76 0.19 -52.57 2.42
C SER C 76 1.19 -52.14 1.37
N GLU C 77 2.13 -53.03 1.07
CA GLU C 77 3.13 -52.78 0.04
C GLU C 77 2.59 -52.99 -1.36
N ASN C 78 1.31 -53.30 -1.52
CA ASN C 78 0.74 -53.66 -2.80
C ASN C 78 -0.06 -52.50 -3.39
N TYR C 79 -0.09 -52.41 -4.71
CA TYR C 79 -0.94 -51.45 -5.41
C TYR C 79 -2.36 -52.01 -5.48
N ARG C 80 -3.28 -51.39 -4.74
CA ARG C 80 -4.66 -51.85 -4.73
C ARG C 80 -5.48 -51.10 -5.77
N ARG C 81 -6.50 -51.77 -6.30
CA ARG C 81 -7.50 -51.16 -7.17
C ARG C 81 -8.84 -51.23 -6.45
N VAL C 82 -9.36 -50.07 -6.07
CA VAL C 82 -10.50 -49.98 -5.17
C VAL C 82 -11.56 -49.10 -5.80
N VAL C 83 -12.82 -49.52 -5.69
CA VAL C 83 -13.95 -48.83 -6.29
C VAL C 83 -14.87 -48.37 -5.17
N VAL C 84 -15.02 -47.06 -5.03
CA VAL C 84 -16.03 -46.47 -4.18
C VAL C 84 -17.34 -46.43 -4.95
N ASN C 85 -18.44 -46.82 -4.29
CA ASN C 85 -19.76 -46.82 -4.92
C ASN C 85 -20.78 -46.55 -3.81
N ASN C 86 -21.15 -45.27 -3.68
CA ASN C 86 -22.12 -44.86 -2.68
C ASN C 86 -23.54 -44.97 -3.23
N LEU C 87 -23.90 -46.15 -3.73
CA LEU C 87 -25.24 -46.38 -4.21
C LEU C 87 -26.27 -46.09 -3.14
N ASP C 88 -25.94 -46.34 -1.88
CA ASP C 88 -26.90 -46.14 -0.81
C ASP C 88 -27.36 -44.69 -0.74
N LYS C 89 -26.43 -43.74 -0.83
CA LYS C 89 -26.79 -42.33 -0.69
C LYS C 89 -27.44 -41.79 -1.95
N THR C 90 -26.98 -42.22 -3.13
CA THR C 90 -27.56 -41.78 -4.39
C THR C 90 -28.81 -42.57 -4.77
N ALA C 91 -29.11 -43.65 -4.07
CA ALA C 91 -30.37 -44.36 -4.32
C ALA C 91 -31.58 -43.54 -3.92
N VAL C 92 -31.46 -42.73 -2.87
CA VAL C 92 -32.55 -41.86 -2.46
C VAL C 92 -32.77 -40.81 -3.56
N ASN C 93 -33.96 -40.81 -4.13
CA ASN C 93 -34.26 -39.90 -5.24
C ASN C 93 -34.06 -38.46 -4.81
N GLY C 94 -33.36 -37.69 -5.65
CA GLY C 94 -33.06 -36.31 -5.37
C GLY C 94 -31.67 -36.04 -4.84
N ASN C 95 -30.86 -37.08 -4.63
CA ASN C 95 -29.53 -36.94 -4.05
C ASN C 95 -28.43 -37.21 -5.08
N MET C 96 -28.73 -37.09 -6.37
CA MET C 96 -27.71 -37.41 -7.38
C MET C 96 -26.48 -36.53 -7.23
N ALA C 97 -26.62 -35.34 -6.67
CA ALA C 97 -25.48 -34.46 -6.51
C ALA C 97 -24.45 -35.01 -5.53
N LEU C 98 -24.82 -36.01 -4.73
CA LEU C 98 -23.93 -36.59 -3.74
C LEU C 98 -23.20 -37.81 -4.25
N ASP C 99 -23.02 -37.94 -5.56
CA ASP C 99 -22.36 -39.11 -6.13
C ASP C 99 -20.88 -39.07 -5.78
N ASP C 100 -20.33 -40.23 -5.42
CA ASP C 100 -18.92 -40.37 -5.11
C ASP C 100 -18.32 -41.62 -5.75
N THR C 101 -19.04 -42.26 -6.67
CA THR C 101 -18.57 -43.49 -7.27
C THR C 101 -17.36 -43.23 -8.14
N HIS C 102 -16.29 -43.99 -7.91
CA HIS C 102 -15.07 -43.84 -8.70
C HIS C 102 -14.12 -44.98 -8.37
N ALA C 103 -13.37 -45.39 -9.39
CA ALA C 103 -12.32 -46.38 -9.22
C ALA C 103 -10.98 -45.70 -9.16
N GLU C 104 -10.15 -46.11 -8.20
CA GLU C 104 -8.84 -45.50 -8.02
C GLU C 104 -7.81 -46.57 -7.71
N ILE C 105 -6.57 -46.24 -8.02
CA ILE C 105 -5.41 -47.04 -7.66
C ILE C 105 -4.80 -46.42 -6.42
N VAL C 106 -4.69 -47.20 -5.36
CA VAL C 106 -4.07 -46.80 -4.11
C VAL C 106 -2.67 -47.39 -4.09
N THR C 107 -1.68 -46.53 -3.94
CA THR C 107 -0.29 -46.91 -3.96
C THR C 107 0.29 -46.88 -2.55
N PRO C 108 1.39 -47.60 -2.31
CA PRO C 108 2.08 -47.50 -1.02
C PRO C 108 2.88 -46.22 -0.85
N TRP C 109 2.93 -45.37 -1.88
CA TRP C 109 3.77 -44.18 -1.86
C TRP C 109 2.98 -42.98 -1.33
N SER C 110 3.71 -42.04 -0.75
CA SER C 110 3.13 -40.80 -0.25
C SER C 110 3.69 -39.64 -1.05
N LEU C 111 2.97 -38.52 -1.04
CA LEU C 111 3.29 -37.37 -1.87
C LEU C 111 3.67 -36.19 -0.97
N VAL C 112 4.83 -35.62 -1.20
CA VAL C 112 5.25 -34.40 -0.50
C VAL C 112 4.91 -33.24 -1.42
N ASP C 113 3.77 -32.60 -1.17
CA ASP C 113 3.23 -31.55 -2.02
C ASP C 113 3.29 -30.23 -1.28
N ALA C 114 3.89 -29.22 -1.90
CA ALA C 114 3.97 -27.88 -1.35
C ALA C 114 3.34 -26.82 -2.24
N ASN C 115 2.34 -27.21 -3.05
CA ASN C 115 1.71 -26.29 -3.98
C ASN C 115 0.49 -25.62 -3.33
N ALA C 116 0.77 -24.86 -2.28
CA ALA C 116 -0.23 -24.02 -1.64
C ALA C 116 0.45 -22.76 -1.13
N TRP C 117 -0.32 -21.68 -1.05
CA TRP C 117 0.27 -20.39 -0.70
C TRP C 117 0.80 -20.39 0.74
N GLY C 118 0.05 -20.99 1.66
CA GLY C 118 0.43 -20.97 3.05
C GLY C 118 1.73 -21.70 3.36
N VAL C 119 2.18 -22.58 2.47
CA VAL C 119 3.42 -23.30 2.71
C VAL C 119 4.63 -22.38 2.58
N TRP C 120 4.44 -21.19 2.06
CA TRP C 120 5.55 -20.30 1.72
C TRP C 120 5.48 -18.94 2.39
N PHE C 121 4.29 -18.37 2.55
CA PHE C 121 4.13 -17.00 3.01
C PHE C 121 3.35 -16.97 4.31
N ASN C 122 3.83 -16.17 5.26
CA ASN C 122 3.08 -15.88 6.46
C ASN C 122 2.27 -14.61 6.25
N PRO C 123 1.33 -14.33 7.16
CA PRO C 123 0.44 -13.17 6.93
C PRO C 123 1.18 -11.87 6.71
N GLY C 124 2.28 -11.62 7.41
CA GLY C 124 3.02 -10.40 7.19
C GLY C 124 3.61 -10.31 5.79
N ASP C 125 4.18 -11.41 5.31
CA ASP C 125 4.70 -11.43 3.94
C ASP C 125 3.59 -11.22 2.94
N TRP C 126 2.44 -11.86 3.16
CA TRP C 126 1.32 -11.69 2.23
C TRP C 126 0.84 -10.25 2.21
N GLN C 127 0.81 -9.60 3.37
CA GLN C 127 0.45 -8.18 3.40
C GLN C 127 1.46 -7.36 2.61
N LEU C 128 2.76 -7.58 2.87
CA LEU C 128 3.77 -6.80 2.16
C LEU C 128 3.69 -7.02 0.66
N ILE C 129 3.23 -8.19 0.23
CA ILE C 129 3.09 -8.48 -1.18
C ILE C 129 1.87 -7.78 -1.75
N VAL C 130 0.69 -8.09 -1.21
CA VAL C 130 -0.55 -7.59 -1.80
C VAL C 130 -0.64 -6.08 -1.71
N ASN C 131 -0.30 -5.49 -0.56
CA ASN C 131 -0.49 -4.06 -0.38
C ASN C 131 0.43 -3.23 -1.27
N THR C 132 1.57 -3.78 -1.68
CA THR C 132 2.58 -3.01 -2.39
C THR C 132 2.85 -3.48 -3.80
N MET C 133 2.66 -4.76 -4.12
CA MET C 133 2.94 -5.26 -5.45
C MET C 133 1.72 -5.08 -6.35
N SER C 134 1.97 -5.14 -7.66
CA SER C 134 0.92 -4.99 -8.66
C SER C 134 0.74 -6.22 -9.53
N GLU C 135 1.84 -6.91 -9.88
CA GLU C 135 1.76 -8.13 -10.64
C GLU C 135 2.88 -9.05 -10.18
N LEU C 136 2.68 -10.35 -10.36
CA LEU C 136 3.53 -11.38 -9.77
C LEU C 136 3.86 -12.43 -10.83
N HIS C 137 5.14 -12.77 -10.93
CA HIS C 137 5.62 -13.81 -11.82
C HIS C 137 6.14 -14.97 -10.99
N LEU C 138 5.81 -16.19 -11.42
CA LEU C 138 6.36 -17.38 -10.80
C LEU C 138 7.61 -17.80 -11.56
N VAL C 139 8.75 -17.87 -10.86
CA VAL C 139 10.05 -17.98 -11.49
C VAL C 139 10.65 -19.38 -11.32
N SER C 140 10.91 -19.80 -10.10
CA SER C 140 11.64 -21.04 -9.91
C SER C 140 11.15 -21.79 -8.69
N PHE C 141 11.48 -23.08 -8.64
CA PHE C 141 11.11 -23.95 -7.53
C PHE C 141 12.15 -25.05 -7.38
N GLU C 142 12.62 -25.22 -6.14
CA GLU C 142 13.53 -26.32 -5.84
C GLU C 142 13.21 -26.85 -4.45
N GLN C 143 13.51 -28.13 -4.23
CA GLN C 143 13.22 -28.74 -2.95
C GLN C 143 14.26 -29.82 -2.66
N GLU C 144 14.46 -30.09 -1.37
CA GLU C 144 15.45 -31.06 -0.93
C GLU C 144 14.98 -31.73 0.34
N ILE C 145 15.29 -33.02 0.45
CA ILE C 145 15.04 -33.81 1.66
C ILE C 145 16.39 -34.08 2.31
N PHE C 146 16.49 -33.80 3.61
CA PHE C 146 17.73 -33.97 4.32
C PHE C 146 17.43 -34.42 5.75
N ASN C 147 18.50 -34.68 6.50
CA ASN C 147 18.42 -35.16 7.88
C ASN C 147 17.38 -36.28 8.00
N VAL C 148 17.63 -37.36 7.26
CA VAL C 148 16.73 -38.50 7.31
C VAL C 148 17.00 -39.29 8.58
N VAL C 149 15.95 -39.51 9.36
CA VAL C 149 16.01 -40.28 10.58
C VAL C 149 14.99 -41.40 10.48
N LEU C 150 15.42 -42.63 10.73
CA LEU C 150 14.54 -43.79 10.66
C LEU C 150 14.56 -44.51 11.99
N LYS C 151 13.40 -44.99 12.43
CA LYS C 151 13.28 -45.61 13.73
C LYS C 151 12.36 -46.81 13.64
N THR C 152 12.57 -47.75 14.57
CA THR C 152 11.78 -48.96 14.69
C THR C 152 11.13 -48.98 16.07
N VAL C 153 9.86 -49.36 16.11
CA VAL C 153 9.06 -49.36 17.33
C VAL C 153 9.08 -50.79 17.88
N SER C 154 9.97 -51.07 18.81
CA SER C 154 10.03 -52.38 19.45
C SER C 154 9.05 -52.36 20.61
N GLU C 155 7.96 -53.10 20.45
CA GLU C 155 6.95 -53.18 21.50
C GLU C 155 7.35 -54.26 22.50
N SER C 156 7.25 -53.94 23.79
CA SER C 156 7.62 -54.88 24.83
C SER C 156 6.48 -55.86 25.12
N ALA C 157 6.85 -57.07 25.53
CA ALA C 157 5.86 -58.06 25.94
C ALA C 157 5.26 -57.79 27.30
N THR C 158 5.67 -56.68 27.95
CA THR C 158 5.14 -56.33 29.25
C THR C 158 3.62 -56.21 29.20
N GLN C 159 2.96 -56.70 30.25
CA GLN C 159 1.50 -56.71 30.26
C GLN C 159 0.91 -55.32 30.06
N PRO C 160 1.30 -54.30 30.80
CA PRO C 160 0.93 -52.93 30.41
C PRO C 160 1.69 -52.51 29.17
N PRO C 161 1.01 -52.20 28.07
CA PRO C 161 1.71 -51.95 26.81
C PRO C 161 2.74 -50.83 26.94
N THR C 162 3.87 -51.03 26.29
CA THR C 162 4.92 -50.03 26.19
C THR C 162 5.76 -50.34 24.96
N LYS C 163 6.47 -49.33 24.48
CA LYS C 163 7.25 -49.46 23.25
C LYS C 163 8.45 -48.54 23.31
N VAL C 164 9.56 -49.02 22.74
CA VAL C 164 10.82 -48.30 22.71
C VAL C 164 11.19 -48.03 21.26
N TYR C 165 11.60 -46.79 20.98
CA TYR C 165 11.86 -46.33 19.63
C TYR C 165 13.35 -46.34 19.36
N ASN C 166 13.83 -47.45 18.79
CA ASN C 166 15.25 -47.57 18.49
C ASN C 166 15.56 -46.98 17.13
N ASN C 167 16.81 -46.59 16.93
CA ASN C 167 17.26 -46.20 15.61
C ASN C 167 17.65 -47.42 14.80
N ASP C 168 17.41 -47.34 13.48
CA ASP C 168 17.82 -48.37 12.54
C ASP C 168 18.77 -47.70 11.55
N LEU C 169 20.06 -47.69 11.88
CA LEU C 169 21.04 -46.96 11.09
C LEU C 169 21.16 -47.47 9.67
N THR C 170 20.73 -48.71 9.41
CA THR C 170 20.82 -49.28 8.08
C THR C 170 19.50 -49.20 7.32
N ALA C 171 18.44 -48.72 7.95
CA ALA C 171 17.17 -48.57 7.25
C ALA C 171 17.29 -47.53 6.15
N SER C 172 16.36 -47.59 5.19
CA SER C 172 16.41 -46.75 4.01
C SER C 172 15.07 -46.09 3.77
N LEU C 173 15.11 -44.91 3.17
CA LEU C 173 13.92 -44.18 2.74
C LEU C 173 13.94 -44.07 1.22
N MET C 174 12.86 -44.48 0.58
CA MET C 174 12.77 -44.44 -0.88
C MET C 174 12.19 -43.09 -1.28
N VAL C 175 12.89 -42.41 -2.19
CA VAL C 175 12.48 -41.10 -2.69
C VAL C 175 12.47 -41.15 -4.21
N ALA C 176 11.37 -40.72 -4.81
CA ALA C 176 11.22 -40.72 -6.26
C ALA C 176 10.76 -39.35 -6.71
N LEU C 177 11.42 -38.80 -7.73
CA LEU C 177 11.04 -37.53 -8.31
C LEU C 177 10.63 -37.76 -9.76
N ASP C 178 9.39 -37.38 -10.08
CA ASP C 178 8.87 -37.57 -11.44
C ASP C 178 9.17 -36.34 -12.30
N SER C 179 10.47 -36.10 -12.52
CA SER C 179 10.89 -34.94 -13.29
C SER C 179 10.27 -34.93 -14.68
N ASN C 180 9.97 -36.09 -15.24
CA ASN C 180 9.35 -36.16 -16.56
C ASN C 180 7.84 -36.00 -16.51
N ASN C 181 7.26 -35.87 -15.33
CA ASN C 181 5.80 -35.80 -15.17
C ASN C 181 5.13 -36.99 -15.84
N THR C 182 5.74 -38.16 -15.64
CA THR C 182 5.17 -39.39 -16.17
C THR C 182 3.85 -39.73 -15.50
N MET C 183 3.76 -39.53 -14.18
CA MET C 183 2.60 -39.93 -13.41
C MET C 183 1.48 -38.91 -13.51
N PRO C 184 0.26 -39.31 -13.17
CA PRO C 184 -0.85 -38.35 -13.15
C PRO C 184 -0.59 -37.22 -12.16
N PHE C 185 -1.07 -36.03 -12.50
CA PHE C 185 -0.90 -34.88 -11.65
C PHE C 185 -1.96 -34.88 -10.56
N THR C 186 -1.53 -34.86 -9.31
CA THR C 186 -2.43 -34.96 -8.16
C THR C 186 -2.12 -33.84 -7.18
N PRO C 187 -2.57 -32.62 -7.47
CA PRO C 187 -2.35 -31.51 -6.53
C PRO C 187 -3.10 -31.74 -5.24
N ALA C 188 -2.38 -31.59 -4.13
CA ALA C 188 -2.98 -31.86 -2.82
C ALA C 188 -3.90 -30.74 -2.36
N ALA C 189 -3.70 -29.52 -2.86
CA ALA C 189 -4.49 -28.39 -2.36
C ALA C 189 -5.98 -28.59 -2.60
N MET C 190 -6.35 -29.34 -3.65
CA MET C 190 -7.76 -29.58 -3.91
C MET C 190 -8.42 -30.41 -2.81
N ARG C 191 -7.65 -31.22 -2.09
CA ARG C 191 -8.15 -32.00 -0.98
C ARG C 191 -7.69 -31.46 0.36
N SER C 192 -7.01 -30.32 0.39
CA SER C 192 -6.45 -29.78 1.62
C SER C 192 -5.50 -30.80 2.26
N GLU C 193 -4.44 -31.15 1.53
CA GLU C 193 -3.49 -32.15 1.97
C GLU C 193 -2.05 -31.76 1.70
N THR C 194 -1.76 -30.48 1.54
CA THR C 194 -0.39 -30.03 1.35
C THR C 194 0.35 -30.00 2.69
N LEU C 195 1.63 -29.61 2.63
CA LEU C 195 2.41 -29.48 3.85
C LEU C 195 1.79 -28.42 4.75
N GLY C 196 2.15 -28.47 6.03
CA GLY C 196 1.57 -27.56 6.99
C GLY C 196 2.01 -26.13 6.77
N PHE C 197 1.19 -25.22 7.27
CA PHE C 197 1.43 -23.79 7.14
C PHE C 197 2.19 -23.20 8.31
N TYR C 198 2.53 -24.01 9.31
CA TYR C 198 3.25 -23.54 10.48
C TYR C 198 4.65 -24.13 10.48
N PRO C 199 5.71 -23.32 10.40
CA PRO C 199 7.06 -23.91 10.36
C PRO C 199 7.38 -24.81 11.54
N TRP C 200 6.95 -24.45 12.75
CA TRP C 200 7.37 -25.19 13.93
C TRP C 200 6.66 -26.54 14.03
N LYS C 201 5.36 -26.57 13.75
CA LYS C 201 4.62 -27.82 13.84
C LYS C 201 5.11 -28.79 12.77
N PRO C 202 5.35 -30.06 13.10
CA PRO C 202 5.64 -31.05 12.06
C PRO C 202 4.44 -31.25 11.14
N THR C 203 4.70 -31.94 10.03
CA THR C 203 3.68 -32.16 9.01
C THR C 203 3.82 -33.57 8.47
N ILE C 204 2.77 -34.04 7.82
CA ILE C 204 2.74 -35.39 7.26
C ILE C 204 2.53 -35.31 5.75
N PRO C 205 3.04 -36.24 4.97
CA PRO C 205 2.73 -36.28 3.54
C PRO C 205 1.45 -37.04 3.28
N THR C 206 0.80 -36.70 2.16
CA THR C 206 -0.46 -37.36 1.90
C THR C 206 -0.22 -38.70 1.20
N PRO C 207 -1.01 -39.74 1.51
CA PRO C 207 -0.92 -40.98 0.72
C PRO C 207 -1.29 -40.70 -0.73
N TRP C 208 -0.60 -41.38 -1.64
CA TRP C 208 -0.79 -41.12 -3.07
C TRP C 208 -1.74 -42.14 -3.67
N ARG C 209 -2.71 -41.63 -4.43
CA ARG C 209 -3.66 -42.44 -5.15
C ARG C 209 -4.04 -41.69 -6.40
N TYR C 210 -4.53 -42.41 -7.41
CA TYR C 210 -4.90 -41.73 -8.65
C TYR C 210 -6.07 -42.44 -9.30
N TYR C 211 -6.88 -41.65 -10.01
CA TYR C 211 -8.11 -42.17 -10.59
C TYR C 211 -7.82 -43.27 -11.60
N PHE C 212 -8.76 -44.20 -11.72
CA PHE C 212 -8.67 -45.33 -12.62
C PHE C 212 -9.97 -45.42 -13.40
N GLN C 213 -9.86 -45.53 -14.73
CA GLN C 213 -11.02 -45.35 -15.59
C GLN C 213 -12.17 -46.24 -15.18
N TRP C 214 -13.38 -45.68 -15.22
CA TRP C 214 -14.59 -46.41 -14.95
C TRP C 214 -15.73 -45.77 -15.71
N ASP C 215 -16.79 -46.54 -15.93
CA ASP C 215 -18.00 -46.07 -16.57
C ASP C 215 -19.12 -46.05 -15.53
N ARG C 216 -19.95 -45.02 -15.57
CA ARG C 216 -20.98 -44.84 -14.55
C ARG C 216 -22.15 -44.07 -15.13
N THR C 217 -23.36 -44.59 -14.91
CA THR C 217 -24.59 -43.91 -15.30
C THR C 217 -25.41 -43.61 -14.06
N LEU C 218 -25.98 -42.41 -14.02
CA LEU C 218 -26.84 -41.98 -12.92
C LEU C 218 -27.88 -41.03 -13.50
N ILE C 219 -29.04 -41.57 -13.86
CA ILE C 219 -30.13 -40.75 -14.38
C ILE C 219 -30.63 -39.87 -13.26
N PRO C 220 -30.64 -38.54 -13.42
CA PRO C 220 -31.08 -37.67 -12.33
C PRO C 220 -32.57 -37.82 -12.07
N SER C 221 -32.98 -37.33 -10.91
CA SER C 221 -34.37 -37.45 -10.48
C SER C 221 -34.64 -36.42 -9.40
N HIS C 222 -35.80 -36.52 -8.77
CA HIS C 222 -36.22 -35.58 -7.75
C HIS C 222 -37.11 -36.28 -6.74
N THR C 223 -37.23 -35.66 -5.56
CA THR C 223 -38.18 -36.14 -4.57
C THR C 223 -39.57 -36.11 -5.16
N GLY C 224 -40.17 -37.28 -5.39
CA GLY C 224 -41.45 -37.39 -6.05
C GLY C 224 -41.41 -38.21 -7.32
N THR C 225 -40.23 -38.60 -7.78
CA THR C 225 -40.13 -39.46 -8.95
C THR C 225 -40.57 -40.87 -8.59
N SER C 226 -41.16 -41.57 -9.54
CA SER C 226 -41.59 -42.94 -9.33
C SER C 226 -40.49 -43.92 -9.72
N GLY C 227 -40.35 -44.98 -8.92
CA GLY C 227 -39.39 -46.00 -9.24
C GLY C 227 -37.96 -45.56 -8.93
N THR C 228 -37.02 -46.24 -9.58
CA THR C 228 -35.60 -46.00 -9.37
C THR C 228 -34.95 -45.57 -10.68
N PRO C 229 -34.37 -44.38 -10.78
CA PRO C 229 -33.62 -44.03 -11.98
C PRO C 229 -32.40 -44.92 -12.13
N THR C 230 -31.98 -45.12 -13.38
CA THR C 230 -30.86 -46.00 -13.65
C THR C 230 -29.60 -45.46 -12.98
N ASN C 231 -29.09 -46.22 -12.01
CA ASN C 231 -27.89 -45.86 -11.26
C ASN C 231 -27.07 -47.14 -11.15
N ILE C 232 -26.17 -47.35 -12.12
CA ILE C 232 -25.44 -48.61 -12.25
C ILE C 232 -24.00 -48.30 -12.64
N TYR C 233 -23.08 -49.11 -12.12
CA TYR C 233 -21.64 -48.97 -12.36
C TYR C 233 -21.22 -50.03 -13.37
N HIS C 234 -20.76 -49.60 -14.55
CA HIS C 234 -20.54 -50.48 -15.68
C HIS C 234 -19.17 -51.15 -15.68
N GLY C 235 -18.27 -50.73 -14.81
CA GLY C 235 -16.94 -51.31 -14.79
C GLY C 235 -15.92 -50.45 -15.49
N THR C 236 -15.04 -51.07 -16.29
CA THR C 236 -13.91 -50.38 -16.89
C THR C 236 -13.83 -50.71 -18.38
N ASP C 237 -13.50 -49.70 -19.18
CA ASP C 237 -13.26 -49.91 -20.60
C ASP C 237 -11.81 -50.31 -20.81
N PRO C 238 -11.53 -51.48 -21.41
CA PRO C 238 -10.13 -51.87 -21.59
C PRO C 238 -9.31 -50.87 -22.39
N ASP C 239 -9.93 -50.15 -23.32
CA ASP C 239 -9.18 -49.24 -24.17
C ASP C 239 -8.59 -48.07 -23.38
N ASP C 240 -9.03 -47.86 -22.15
CA ASP C 240 -8.59 -46.74 -21.34
C ASP C 240 -7.82 -47.15 -20.09
N VAL C 241 -7.63 -48.45 -19.86
CA VAL C 241 -6.96 -48.91 -18.64
C VAL C 241 -5.53 -48.39 -18.64
N GLN C 242 -5.15 -47.73 -17.56
CA GLN C 242 -3.80 -47.17 -17.41
C GLN C 242 -3.37 -47.35 -15.97
N PHE C 243 -2.49 -48.32 -15.72
CA PHE C 243 -2.03 -48.66 -14.38
C PHE C 243 -0.59 -48.18 -14.24
N TYR C 244 -0.36 -47.17 -13.42
CA TYR C 244 0.94 -46.55 -13.25
C TYR C 244 1.59 -47.04 -11.97
N THR C 245 2.91 -47.30 -12.04
CA THR C 245 3.69 -47.68 -10.88
C THR C 245 4.94 -46.82 -10.81
N ILE C 246 5.26 -46.34 -9.60
CA ILE C 246 6.46 -45.54 -9.42
C ILE C 246 7.70 -46.36 -9.74
N GLU C 247 7.72 -47.62 -9.33
CA GLU C 247 8.91 -48.44 -9.48
C GLU C 247 9.29 -48.69 -10.94
N ASN C 248 8.36 -48.47 -11.88
CA ASN C 248 8.61 -48.76 -13.28
C ASN C 248 8.76 -47.52 -14.15
N SER C 249 8.73 -46.33 -13.58
CA SER C 249 8.79 -45.11 -14.38
C SER C 249 9.84 -44.12 -13.88
N VAL C 250 10.08 -44.11 -12.58
CA VAL C 250 10.93 -43.10 -11.94
C VAL C 250 12.11 -43.83 -11.30
N PRO C 251 13.33 -43.29 -11.39
CA PRO C 251 14.43 -43.85 -10.60
C PRO C 251 14.25 -43.58 -9.13
N VAL C 252 14.18 -44.62 -8.32
CA VAL C 252 13.99 -44.47 -6.88
C VAL C 252 15.35 -44.44 -6.20
N HIS C 253 15.59 -43.39 -5.42
CA HIS C 253 16.82 -43.23 -4.66
C HIS C 253 16.61 -43.74 -3.25
N LEU C 254 17.60 -44.48 -2.75
CA LEU C 254 17.58 -45.01 -1.40
C LEU C 254 18.45 -44.12 -0.51
N LEU C 255 17.85 -43.52 0.50
CA LEU C 255 18.53 -42.59 1.40
C LEU C 255 18.61 -43.21 2.79
N ARG C 256 19.83 -43.47 3.25
CA ARG C 256 20.03 -43.88 4.62
C ARG C 256 20.05 -42.64 5.52
N THR C 257 20.32 -42.85 6.81
CA THR C 257 20.21 -41.76 7.76
C THR C 257 21.15 -40.60 7.42
N GLY C 258 22.22 -40.86 6.67
CA GLY C 258 23.20 -39.83 6.36
C GLY C 258 23.21 -39.33 4.93
N ASP C 259 22.17 -39.61 4.15
CA ASP C 259 22.10 -39.20 2.75
C ASP C 259 21.12 -38.03 2.60
N GLU C 260 21.17 -37.39 1.44
CA GLU C 260 20.34 -36.24 1.17
C GLU C 260 19.88 -36.26 -0.28
N PHE C 261 18.75 -35.60 -0.53
CA PHE C 261 18.15 -35.54 -1.85
C PHE C 261 17.93 -34.08 -2.25
N ALA C 262 18.22 -33.77 -3.50
CA ALA C 262 17.99 -32.44 -4.05
C ALA C 262 17.43 -32.58 -5.45
N THR C 263 16.45 -31.73 -5.78
CA THR C 263 15.79 -31.83 -7.07
C THR C 263 16.53 -31.05 -8.14
N GLY C 264 17.19 -29.96 -7.78
CA GLY C 264 17.74 -29.04 -8.75
C GLY C 264 16.71 -27.99 -9.10
N THR C 265 17.16 -26.78 -9.40
CA THR C 265 16.23 -25.67 -9.61
C THR C 265 15.39 -25.95 -10.85
N PHE C 266 14.07 -25.84 -10.70
CA PHE C 266 13.17 -25.88 -11.84
C PHE C 266 12.74 -24.46 -12.19
N PHE C 267 12.44 -24.22 -13.46
CA PHE C 267 12.08 -22.91 -13.95
C PHE C 267 10.70 -22.93 -14.57
N PHE C 268 9.90 -21.92 -14.27
CA PHE C 268 8.52 -21.84 -14.74
C PHE C 268 8.43 -21.00 -16.00
N ASP C 269 7.38 -21.27 -16.80
CA ASP C 269 7.10 -20.52 -18.01
C ASP C 269 5.66 -20.01 -18.05
N CYS C 270 5.15 -19.54 -16.91
CA CYS C 270 3.75 -19.18 -16.81
C CYS C 270 3.56 -17.69 -17.11
N LYS C 271 2.29 -17.31 -17.25
CA LYS C 271 1.93 -15.92 -17.47
C LYS C 271 1.95 -15.15 -16.15
N PRO C 272 2.08 -13.84 -16.20
CA PRO C 272 2.03 -13.06 -14.96
C PRO C 272 0.65 -13.04 -14.35
N CYS C 273 0.60 -12.83 -13.03
CA CYS C 273 -0.64 -12.77 -12.28
C CYS C 273 -0.84 -11.35 -11.75
N ARG C 274 -2.05 -10.83 -11.91
CA ARG C 274 -2.37 -9.47 -11.49
C ARG C 274 -2.82 -9.47 -10.05
N LEU C 275 -2.17 -8.64 -9.23
CA LEU C 275 -2.60 -8.38 -7.86
C LEU C 275 -3.55 -7.19 -7.78
N THR C 276 -4.24 -6.91 -8.88
CA THR C 276 -5.20 -5.82 -8.94
C THR C 276 -6.48 -6.34 -9.59
N HIS C 277 -7.59 -5.69 -9.27
CA HIS C 277 -8.90 -6.09 -9.78
C HIS C 277 -9.47 -5.01 -10.67
N THR C 278 -10.41 -5.41 -11.52
CA THR C 278 -11.10 -4.51 -12.43
C THR C 278 -12.53 -4.32 -11.95
N TRP C 279 -12.94 -3.06 -11.83
CA TRP C 279 -14.28 -2.74 -11.35
C TRP C 279 -15.25 -2.41 -12.47
N GLN C 280 -14.77 -1.99 -13.63
CA GLN C 280 -15.63 -1.50 -14.69
C GLN C 280 -16.40 -2.67 -15.30
N THR C 281 -17.72 -2.50 -15.40
CA THR C 281 -18.55 -3.41 -16.17
C THR C 281 -18.84 -2.77 -17.53
N ASN C 282 -19.73 -3.42 -18.30
CA ASN C 282 -20.10 -2.87 -19.59
C ASN C 282 -20.72 -1.49 -19.44
N ARG C 283 -21.27 -1.19 -18.26
CA ARG C 283 -21.90 0.10 -18.04
C ARG C 283 -20.91 1.21 -17.75
N ALA C 284 -19.63 0.90 -17.60
CA ALA C 284 -18.62 1.89 -17.21
C ALA C 284 -17.45 1.93 -18.18
N LEU C 285 -17.67 1.58 -19.44
CA LEU C 285 -16.63 1.65 -20.46
C LEU C 285 -16.94 2.80 -21.41
N GLY C 286 -15.98 3.70 -21.59
CA GLY C 286 -16.11 4.75 -22.57
C GLY C 286 -16.53 6.08 -22.00
N LEU C 287 -16.75 7.02 -22.91
CA LEU C 287 -17.09 8.39 -22.55
C LEU C 287 -18.51 8.45 -21.99
N PRO C 288 -18.71 8.92 -20.76
CA PRO C 288 -20.08 9.08 -20.25
C PRO C 288 -20.85 10.07 -21.09
N PRO C 289 -22.15 10.22 -20.84
CA PRO C 289 -22.93 11.23 -21.56
C PRO C 289 -22.77 12.61 -20.95
N PHE C 290 -22.68 13.61 -21.80
CA PHE C 290 -22.55 14.99 -21.34
C PHE C 290 -23.80 15.39 -20.55
N LEU C 291 -23.57 16.03 -19.41
CA LEU C 291 -24.67 16.48 -18.54
C LEU C 291 -24.94 17.95 -18.84
N ASN C 292 -26.05 18.20 -19.53
CA ASN C 292 -26.42 19.58 -19.86
C ASN C 292 -26.90 20.35 -18.64
N SER C 293 -27.12 19.70 -17.52
CA SER C 293 -27.62 20.37 -16.31
C SER C 293 -26.90 19.78 -15.10
N LEU C 294 -25.89 20.48 -14.61
CA LEU C 294 -25.15 20.04 -13.44
C LEU C 294 -25.89 20.42 -12.16
N PRO C 295 -25.63 19.72 -11.05
CA PRO C 295 -26.29 20.08 -9.80
C PRO C 295 -25.80 21.41 -9.26
N GLN C 296 -26.62 22.02 -8.41
CA GLN C 296 -26.36 23.36 -7.90
C GLN C 296 -26.16 23.43 -6.39
N SER C 297 -26.34 22.32 -5.67
CA SER C 297 -26.09 22.32 -4.24
C SER C 297 -25.68 20.92 -3.81
N GLU C 298 -25.07 20.84 -2.63
CA GLU C 298 -24.59 19.58 -2.11
C GLU C 298 -25.75 18.72 -1.61
N GLY C 299 -25.45 17.45 -1.38
CA GLY C 299 -26.44 16.52 -0.89
C GLY C 299 -26.83 15.51 -1.95
N GLY C 300 -27.36 14.37 -1.52
CA GLY C 300 -27.69 13.32 -2.46
C GLY C 300 -28.80 13.72 -3.42
N THR C 301 -29.86 14.34 -2.91
CA THR C 301 -31.03 14.63 -3.73
C THR C 301 -30.71 15.57 -4.87
N ASN C 302 -29.49 16.12 -4.92
CA ASN C 302 -29.09 17.05 -5.98
C ASN C 302 -28.30 16.28 -7.03
N PHE C 303 -29.03 15.75 -8.01
CA PHE C 303 -28.45 15.00 -9.11
C PHE C 303 -28.11 15.91 -10.27
N GLY C 304 -27.42 15.34 -11.25
CA GLY C 304 -27.28 15.98 -12.55
C GLY C 304 -28.23 15.37 -13.56
N TYR C 305 -28.32 15.99 -14.73
CA TYR C 305 -29.26 15.55 -15.75
C TYR C 305 -28.64 15.71 -17.12
N ILE C 306 -28.93 14.76 -18.01
CA ILE C 306 -28.35 14.77 -19.34
C ILE C 306 -29.01 15.79 -20.25
N GLY C 307 -30.25 16.19 -19.94
CA GLY C 307 -30.89 17.26 -20.70
C GLY C 307 -31.59 16.83 -21.96
N VAL C 308 -30.86 16.25 -22.91
CA VAL C 308 -31.45 15.88 -24.18
C VAL C 308 -32.42 14.72 -23.97
N GLN C 309 -33.62 14.86 -24.52
CA GLN C 309 -34.60 13.80 -24.45
C GLN C 309 -34.05 12.54 -25.10
N GLN C 310 -34.38 11.38 -24.54
CA GLN C 310 -33.67 10.15 -24.86
C GLN C 310 -33.74 9.78 -26.33
N ASP C 311 -34.89 9.94 -26.98
CA ASP C 311 -35.02 9.57 -28.38
C ASP C 311 -34.45 10.61 -29.33
N LYS C 312 -34.02 11.76 -28.82
CA LYS C 312 -33.33 12.76 -29.63
C LYS C 312 -31.81 12.73 -29.44
N ARG C 313 -31.28 11.72 -28.76
CA ARG C 313 -29.89 11.72 -28.38
C ARG C 313 -29.00 11.25 -29.53
N ARG C 314 -27.70 11.32 -29.31
CA ARG C 314 -26.68 10.96 -30.29
C ARG C 314 -25.78 9.87 -29.74
N GLY C 315 -25.30 9.01 -30.63
CA GLY C 315 -24.39 7.95 -30.27
C GLY C 315 -24.60 6.76 -31.18
N VAL C 316 -23.91 5.67 -30.84
CA VAL C 316 -23.93 4.44 -31.63
C VAL C 316 -24.54 3.34 -30.76
N THR C 317 -25.50 2.61 -31.34
CA THR C 317 -26.15 1.50 -30.66
C THR C 317 -26.19 0.30 -31.58
N GLN C 318 -26.11 -0.89 -30.99
CA GLN C 318 -26.26 -2.15 -31.72
C GLN C 318 -27.72 -2.53 -31.90
N MET C 319 -28.64 -1.59 -31.69
CA MET C 319 -30.08 -1.82 -31.80
C MET C 319 -30.56 -1.04 -33.02
N GLY C 320 -30.67 -1.74 -34.15
CA GLY C 320 -30.90 -1.11 -35.43
C GLY C 320 -32.33 -0.72 -35.71
N ASN C 321 -33.25 -0.96 -34.76
CA ASN C 321 -34.66 -0.63 -34.98
C ASN C 321 -35.23 0.20 -33.84
N THR C 322 -34.40 0.99 -33.18
CA THR C 322 -34.86 1.91 -32.13
C THR C 322 -33.97 3.14 -32.10
N ASN C 323 -34.57 4.29 -31.84
CA ASN C 323 -33.82 5.54 -31.74
C ASN C 323 -33.36 5.85 -30.32
N TYR C 324 -33.76 5.04 -29.34
CA TYR C 324 -33.40 5.31 -27.95
C TYR C 324 -31.93 4.98 -27.72
N ILE C 325 -31.20 5.93 -27.13
CA ILE C 325 -29.82 5.71 -26.72
C ILE C 325 -29.75 5.96 -25.22
N THR C 326 -29.49 4.90 -24.46
CA THR C 326 -29.34 5.00 -23.02
C THR C 326 -28.02 4.34 -22.64
N GLU C 327 -27.67 4.44 -21.36
CA GLU C 327 -26.47 3.76 -20.88
C GLU C 327 -26.62 2.26 -20.93
N ALA C 328 -27.84 1.76 -21.11
CA ALA C 328 -28.06 0.31 -21.20
C ALA C 328 -28.07 -0.16 -22.65
N THR C 329 -28.33 0.74 -23.61
CA THR C 329 -28.41 0.37 -25.02
C THR C 329 -27.25 0.88 -25.85
N ILE C 330 -26.46 1.81 -25.33
CA ILE C 330 -25.36 2.35 -26.13
C ILE C 330 -24.34 1.25 -26.39
N MET C 331 -23.68 1.34 -27.54
CA MET C 331 -22.66 0.37 -27.91
C MET C 331 -21.47 0.47 -26.98
N ARG C 332 -20.95 -0.68 -26.57
CA ARG C 332 -19.71 -0.77 -25.81
C ARG C 332 -18.70 -1.58 -26.59
N PRO C 333 -17.40 -1.37 -26.36
CA PRO C 333 -16.40 -2.08 -27.17
C PRO C 333 -16.55 -3.59 -27.15
N ALA C 334 -16.88 -4.17 -26.01
CA ALA C 334 -16.98 -5.62 -25.89
C ALA C 334 -17.73 -5.92 -24.59
N GLU C 335 -17.75 -7.20 -24.22
CA GLU C 335 -18.50 -7.68 -23.07
C GLU C 335 -17.53 -8.16 -22.00
N VAL C 336 -17.70 -7.67 -20.78
CA VAL C 336 -16.89 -8.08 -19.63
C VAL C 336 -17.68 -9.13 -18.86
N GLY C 337 -17.11 -10.32 -18.73
CA GLY C 337 -17.80 -11.40 -18.05
C GLY C 337 -18.79 -12.09 -18.96
N TYR C 338 -19.44 -13.10 -18.42
CA TYR C 338 -20.42 -13.85 -19.18
C TYR C 338 -21.33 -14.60 -18.22
N SER C 339 -22.56 -14.85 -18.68
CA SER C 339 -23.48 -15.69 -17.94
C SER C 339 -23.30 -17.14 -18.37
N ALA C 340 -23.42 -18.05 -17.41
CA ALA C 340 -23.29 -19.47 -17.68
C ALA C 340 -24.38 -20.21 -16.91
N PRO C 341 -24.78 -21.38 -17.38
CA PRO C 341 -25.76 -22.17 -16.62
C PRO C 341 -25.19 -22.54 -15.26
N TYR C 342 -25.78 -21.98 -14.21
CA TYR C 342 -25.23 -22.09 -12.86
C TYR C 342 -25.91 -23.21 -12.09
N TYR C 343 -25.10 -23.96 -11.34
CA TYR C 343 -25.50 -25.23 -10.77
C TYR C 343 -26.08 -26.12 -11.85
N SER C 344 -25.39 -26.18 -12.98
CA SER C 344 -25.72 -27.12 -14.04
C SER C 344 -24.75 -28.30 -13.98
N PHE C 345 -25.31 -29.50 -13.91
CA PHE C 345 -24.51 -30.72 -13.81
C PHE C 345 -24.52 -31.43 -15.16
N GLU C 346 -23.33 -31.70 -15.68
CA GLU C 346 -23.17 -32.38 -16.96
C GLU C 346 -22.66 -33.79 -16.72
N ALA C 347 -23.16 -34.73 -17.51
CA ALA C 347 -22.84 -36.14 -17.35
C ALA C 347 -21.97 -36.62 -18.49
N SER C 348 -21.02 -37.48 -18.16
CA SER C 348 -20.13 -38.08 -19.15
C SER C 348 -19.92 -39.54 -18.74
N THR C 349 -18.93 -40.19 -19.36
CA THR C 349 -18.68 -41.60 -19.10
C THR C 349 -18.56 -41.88 -17.61
N GLN C 350 -17.91 -40.98 -16.87
CA GLN C 350 -17.64 -41.20 -15.46
C GLN C 350 -18.75 -40.69 -14.56
N GLY C 351 -19.83 -40.15 -15.12
CA GLY C 351 -20.94 -39.69 -14.32
C GLY C 351 -21.11 -38.19 -14.36
N PRO C 352 -21.80 -37.64 -13.37
CA PRO C 352 -22.07 -36.20 -13.36
C PRO C 352 -21.01 -35.36 -12.66
N PHE C 353 -20.91 -34.11 -13.09
CA PHE C 353 -20.03 -33.14 -12.45
C PHE C 353 -20.59 -31.74 -12.70
N LYS C 354 -20.35 -30.85 -11.74
CA LYS C 354 -20.82 -29.48 -11.88
C LYS C 354 -20.06 -28.77 -12.99
N THR C 355 -20.77 -27.98 -13.79
CA THR C 355 -20.12 -27.18 -14.81
C THR C 355 -19.36 -26.05 -14.14
N PRO C 356 -18.04 -25.97 -14.29
CA PRO C 356 -17.30 -24.87 -13.66
C PRO C 356 -17.60 -23.54 -14.31
N ILE C 357 -17.51 -22.49 -13.50
CA ILE C 357 -17.68 -21.12 -13.96
C ILE C 357 -16.41 -20.35 -13.63
N ALA C 358 -16.16 -19.29 -14.38
CA ALA C 358 -14.90 -18.56 -14.29
C ALA C 358 -14.93 -17.39 -13.31
N ALA C 359 -16.10 -16.80 -13.07
CA ALA C 359 -16.20 -15.61 -12.24
C ALA C 359 -17.31 -15.79 -11.23
N GLY C 360 -17.24 -15.00 -10.15
CA GLY C 360 -18.19 -15.08 -9.08
C GLY C 360 -19.45 -14.28 -9.36
N ARG C 361 -20.32 -14.24 -8.35
CA ARG C 361 -21.59 -13.56 -8.48
C ARG C 361 -21.44 -12.06 -8.32
N GLY C 362 -22.58 -11.36 -8.43
CA GLY C 362 -22.60 -9.94 -8.19
C GLY C 362 -23.56 -9.57 -7.07
N GLY C 363 -23.14 -8.59 -6.27
CA GLY C 363 -23.91 -8.18 -5.12
C GLY C 363 -23.52 -8.95 -3.88
N ALA C 364 -22.81 -10.07 -4.07
CA ALA C 364 -22.31 -10.84 -2.93
C ALA C 364 -21.32 -10.04 -2.10
N GLN C 365 -20.59 -9.11 -2.72
CA GLN C 365 -19.65 -8.29 -1.96
C GLN C 365 -20.36 -7.44 -0.92
N THR C 366 -21.58 -7.00 -1.21
CA THR C 366 -22.36 -6.22 -0.25
C THR C 366 -23.12 -7.12 0.71
N ASP C 367 -23.48 -8.32 0.29
CA ASP C 367 -24.25 -9.26 1.12
C ASP C 367 -23.66 -10.66 0.91
N GLU C 368 -22.93 -11.14 1.92
CA GLU C 368 -22.31 -12.45 1.81
C GLU C 368 -23.36 -13.56 1.66
N ASN C 369 -24.60 -13.31 2.06
CA ASN C 369 -25.64 -14.31 1.90
C ASN C 369 -25.90 -14.65 0.44
N GLN C 370 -25.48 -13.78 -0.48
CA GLN C 370 -25.66 -14.00 -1.90
C GLN C 370 -24.51 -14.76 -2.54
N ALA C 371 -23.52 -15.18 -1.76
CA ALA C 371 -22.40 -15.94 -2.30
C ALA C 371 -22.91 -17.23 -2.92
N ALA C 372 -22.59 -17.43 -4.20
CA ALA C 372 -23.12 -18.57 -4.94
C ALA C 372 -22.12 -19.01 -6.01
N ASP C 373 -22.60 -19.77 -7.00
CA ASP C 373 -21.76 -20.27 -8.07
C ASP C 373 -20.68 -19.27 -8.46
N GLY C 374 -19.45 -19.76 -8.53
CA GLY C 374 -18.31 -18.95 -8.91
C GLY C 374 -17.48 -18.44 -7.75
N ASP C 375 -17.97 -18.53 -6.52
CA ASP C 375 -17.21 -18.12 -5.36
C ASP C 375 -16.62 -19.37 -4.71
N PRO C 376 -15.31 -19.60 -4.81
CA PRO C 376 -14.76 -20.87 -4.31
C PRO C 376 -14.89 -20.97 -2.80
N ARG C 377 -15.35 -22.13 -2.34
CA ARG C 377 -15.48 -22.41 -0.92
C ARG C 377 -14.39 -23.38 -0.51
N TYR C 378 -13.68 -23.03 0.56
CA TYR C 378 -12.52 -23.79 1.03
C TYR C 378 -12.83 -24.35 2.40
N ALA C 379 -12.67 -25.66 2.55
CA ALA C 379 -12.81 -26.36 3.82
C ALA C 379 -11.47 -27.00 4.15
N PHE C 380 -10.98 -26.77 5.36
CA PHE C 380 -9.64 -27.21 5.72
C PHE C 380 -9.60 -27.59 7.20
N GLY C 381 -8.50 -28.24 7.57
CA GLY C 381 -8.31 -28.73 8.91
C GLY C 381 -7.32 -27.89 9.70
N ARG C 382 -6.76 -28.51 10.74
CA ARG C 382 -5.91 -27.79 11.68
C ARG C 382 -4.47 -27.67 11.23
N GLN C 383 -4.10 -28.28 10.11
CA GLN C 383 -2.78 -28.04 9.53
C GLN C 383 -2.76 -26.83 8.61
N HIS C 384 -3.92 -26.30 8.23
CA HIS C 384 -4.00 -25.33 7.16
C HIS C 384 -4.93 -24.17 7.48
N GLY C 385 -4.98 -23.74 8.74
CA GLY C 385 -5.72 -22.54 9.08
C GLY C 385 -6.66 -22.70 10.26
N GLN C 386 -7.28 -23.87 10.40
CA GLN C 386 -8.20 -24.07 11.51
C GLN C 386 -7.46 -24.00 12.83
N LYS C 387 -8.10 -23.36 13.81
CA LYS C 387 -7.50 -23.19 15.13
C LYS C 387 -6.97 -24.53 15.62
N THR C 388 -5.67 -24.58 15.93
CA THR C 388 -5.04 -25.86 16.27
C THR C 388 -5.62 -26.48 17.53
N THR C 389 -6.24 -25.69 18.39
CA THR C 389 -6.78 -26.20 19.65
C THR C 389 -8.20 -26.72 19.53
N THR C 390 -8.87 -26.51 18.40
CA THR C 390 -10.24 -26.96 18.25
C THR C 390 -10.30 -28.48 18.14
N THR C 391 -11.43 -29.03 18.54
CA THR C 391 -11.68 -30.46 18.52
C THR C 391 -12.91 -30.76 17.67
N GLY C 392 -12.90 -31.91 17.02
CA GLY C 392 -13.99 -32.31 16.15
C GLY C 392 -13.58 -32.42 14.70
N GLU C 393 -14.25 -33.32 13.99
CA GLU C 393 -13.93 -33.57 12.59
C GLU C 393 -14.37 -32.44 11.67
N THR C 394 -15.16 -31.50 12.16
CA THR C 394 -15.69 -30.44 11.31
C THR C 394 -14.55 -29.54 10.82
N PRO C 395 -14.45 -29.27 9.52
CA PRO C 395 -13.40 -28.36 9.05
C PRO C 395 -13.83 -26.91 9.11
N GLU C 396 -12.83 -26.03 9.17
CA GLU C 396 -13.09 -24.61 9.04
C GLU C 396 -13.31 -24.29 7.57
N ARG C 397 -14.40 -23.56 7.29
CA ARG C 397 -14.80 -23.28 5.93
C ARG C 397 -14.93 -21.77 5.73
N PHE C 398 -14.61 -21.32 4.52
CA PHE C 398 -14.85 -19.93 4.15
C PHE C 398 -15.05 -19.84 2.65
N THR C 399 -15.89 -18.90 2.24
CA THR C 399 -16.13 -18.63 0.83
C THR C 399 -15.35 -17.37 0.43
N TYR C 400 -14.60 -17.47 -0.67
CA TYR C 400 -13.76 -16.36 -1.13
C TYR C 400 -14.56 -15.51 -2.09
N ILE C 401 -15.04 -14.36 -1.62
CA ILE C 401 -15.77 -13.41 -2.46
C ILE C 401 -14.74 -12.50 -3.12
N ALA C 402 -14.43 -12.78 -4.38
CA ALA C 402 -13.36 -12.07 -5.06
C ALA C 402 -13.71 -10.59 -5.20
N HIS C 403 -12.67 -9.75 -5.21
CA HIS C 403 -12.86 -8.31 -5.28
C HIS C 403 -13.30 -7.85 -6.66
N GLN C 404 -12.90 -8.55 -7.71
CA GLN C 404 -13.20 -8.11 -9.07
C GLN C 404 -14.70 -8.19 -9.33
N ASP C 405 -15.20 -7.26 -10.14
CA ASP C 405 -16.62 -7.16 -10.43
C ASP C 405 -16.97 -7.71 -11.82
N THR C 406 -16.29 -8.77 -12.26
CA THR C 406 -16.54 -9.34 -13.57
C THR C 406 -17.67 -10.36 -13.51
N GLY C 407 -18.47 -10.33 -12.45
CA GLY C 407 -19.53 -11.27 -12.24
C GLY C 407 -20.84 -10.82 -12.85
N ARG C 408 -21.90 -11.54 -12.50
CA ARG C 408 -23.24 -11.28 -13.01
C ARG C 408 -24.25 -11.33 -11.88
N TYR C 409 -25.35 -10.62 -12.06
CA TYR C 409 -26.48 -10.63 -11.13
C TYR C 409 -27.68 -11.14 -11.91
N PRO C 410 -27.88 -12.46 -11.97
CA PRO C 410 -28.88 -12.99 -12.91
C PRO C 410 -30.28 -12.47 -12.69
N GLU C 411 -30.65 -12.13 -11.45
CA GLU C 411 -32.00 -11.65 -11.19
C GLU C 411 -32.29 -10.33 -11.89
N GLY C 412 -31.28 -9.62 -12.37
CA GLY C 412 -31.49 -8.35 -13.02
C GLY C 412 -31.56 -8.45 -14.53
N ASP C 413 -31.24 -9.61 -15.07
CA ASP C 413 -31.29 -9.81 -16.51
C ASP C 413 -32.74 -9.92 -17.00
N TRP C 414 -32.92 -9.69 -18.30
CA TRP C 414 -34.22 -9.93 -18.93
C TRP C 414 -34.01 -9.97 -20.43
N ILE C 415 -34.90 -10.68 -21.12
CA ILE C 415 -34.94 -10.72 -22.57
C ILE C 415 -36.22 -10.05 -23.01
N GLN C 416 -36.21 -9.44 -24.19
CA GLN C 416 -37.43 -8.85 -24.74
C GLN C 416 -37.41 -8.94 -26.26
N ASN C 417 -38.61 -8.83 -26.85
CA ASN C 417 -38.78 -9.12 -28.25
C ASN C 417 -38.06 -8.11 -29.13
N ILE C 418 -37.75 -8.52 -30.36
CA ILE C 418 -36.97 -7.70 -31.26
C ILE C 418 -37.66 -6.39 -31.58
N ASN C 419 -38.99 -6.36 -31.50
CA ASN C 419 -39.71 -5.11 -31.76
C ASN C 419 -39.30 -4.02 -30.77
N PHE C 420 -38.93 -4.42 -29.55
CA PHE C 420 -38.43 -3.48 -28.54
C PHE C 420 -39.43 -2.35 -28.30
N ASN C 421 -40.71 -2.71 -28.21
CA ASN C 421 -41.72 -1.75 -27.83
C ASN C 421 -41.64 -1.48 -26.33
N LEU C 422 -41.78 -0.21 -25.96
CA LEU C 422 -41.60 0.20 -24.58
C LEU C 422 -42.84 0.94 -24.09
N PRO C 423 -43.29 0.66 -22.86
CA PRO C 423 -42.79 -0.34 -21.91
C PRO C 423 -43.14 -1.74 -22.39
N VAL C 424 -42.29 -2.74 -22.14
CA VAL C 424 -42.51 -4.05 -22.72
C VAL C 424 -43.65 -4.74 -21.99
N THR C 425 -44.45 -5.49 -22.75
CA THR C 425 -45.63 -6.15 -22.21
C THR C 425 -45.26 -7.53 -21.67
N ASP C 426 -46.24 -8.17 -21.02
CA ASP C 426 -45.99 -9.47 -20.41
C ASP C 426 -45.59 -10.50 -21.45
N ASP C 427 -46.27 -10.54 -22.59
CA ASP C 427 -45.99 -11.56 -23.58
C ASP C 427 -44.63 -11.38 -24.24
N ASN C 428 -44.10 -10.17 -24.26
CA ASN C 428 -42.95 -9.83 -25.08
C ASN C 428 -41.65 -9.81 -24.31
N VAL C 429 -41.67 -10.14 -23.02
CA VAL C 429 -40.47 -10.11 -22.18
C VAL C 429 -40.37 -11.41 -21.41
N LEU C 430 -39.17 -11.96 -21.35
CA LEU C 430 -38.84 -13.10 -20.52
C LEU C 430 -38.04 -12.59 -19.33
N LEU C 431 -38.61 -12.72 -18.14
CA LEU C 431 -38.04 -12.25 -16.90
C LEU C 431 -37.45 -13.41 -16.11
N PRO C 432 -36.52 -13.13 -15.19
CA PRO C 432 -36.05 -14.19 -14.29
C PRO C 432 -37.14 -14.81 -13.43
N THR C 433 -38.28 -14.14 -13.29
CA THR C 433 -39.39 -14.70 -12.53
C THR C 433 -40.21 -15.71 -13.32
N ASP C 434 -40.00 -15.80 -14.65
CA ASP C 434 -40.78 -16.69 -15.49
C ASP C 434 -40.28 -18.12 -15.34
N PRO C 435 -41.18 -19.12 -15.33
CA PRO C 435 -40.74 -20.50 -15.13
C PRO C 435 -40.33 -21.16 -16.44
N ILE C 436 -39.28 -21.95 -16.39
CA ILE C 436 -38.82 -22.75 -17.51
C ILE C 436 -39.25 -24.19 -17.29
N GLY C 437 -39.91 -24.77 -18.30
CA GLY C 437 -40.37 -26.14 -18.17
C GLY C 437 -41.43 -26.34 -17.12
N GLY C 438 -42.17 -25.29 -16.78
CA GLY C 438 -43.20 -25.38 -15.76
C GLY C 438 -42.69 -25.35 -14.34
N LYS C 439 -41.41 -25.10 -14.14
CA LYS C 439 -40.82 -25.12 -12.80
C LYS C 439 -40.80 -23.72 -12.20
N THR C 440 -41.36 -23.60 -11.01
CA THR C 440 -41.42 -22.30 -10.34
C THR C 440 -40.06 -21.88 -9.78
N GLY C 441 -39.08 -22.78 -9.76
CA GLY C 441 -37.79 -22.48 -9.16
C GLY C 441 -36.65 -22.38 -10.16
N ILE C 442 -36.89 -22.76 -11.40
CA ILE C 442 -35.90 -22.69 -12.47
C ILE C 442 -36.36 -21.61 -13.45
N ASN C 443 -35.52 -20.63 -13.68
CA ASN C 443 -35.77 -19.57 -14.64
C ASN C 443 -34.75 -19.63 -15.76
N TYR C 444 -34.89 -18.71 -16.72
CA TYR C 444 -34.10 -18.81 -17.95
C TYR C 444 -32.63 -18.53 -17.70
N THR C 445 -32.29 -17.77 -16.66
CA THR C 445 -30.89 -17.51 -16.38
C THR C 445 -30.15 -18.77 -15.96
N ASN C 446 -30.87 -19.80 -15.52
CA ASN C 446 -30.21 -21.03 -15.10
C ASN C 446 -29.69 -21.82 -16.28
N ILE C 447 -30.30 -21.67 -17.46
CA ILE C 447 -29.85 -22.36 -18.67
C ILE C 447 -29.18 -21.41 -19.65
N PHE C 448 -28.91 -20.18 -19.24
CA PHE C 448 -28.43 -19.16 -20.16
C PHE C 448 -26.91 -19.24 -20.31
N ASN C 449 -26.45 -18.95 -21.52
CA ASN C 449 -25.02 -18.91 -21.81
C ASN C 449 -24.77 -17.81 -22.82
N THR C 450 -24.03 -16.77 -22.40
CA THR C 450 -23.70 -15.65 -23.27
C THR C 450 -22.20 -15.54 -23.53
N TYR C 451 -21.45 -16.61 -23.34
CA TYR C 451 -20.06 -16.62 -23.78
C TYR C 451 -20.02 -16.43 -25.29
N GLY C 452 -19.22 -15.47 -25.73
CA GLY C 452 -19.12 -15.16 -27.13
C GLY C 452 -17.74 -14.66 -27.50
N PRO C 453 -17.55 -14.30 -28.78
CA PRO C 453 -16.24 -13.79 -29.19
C PRO C 453 -15.87 -12.48 -28.52
N LEU C 454 -16.84 -11.76 -27.98
CA LEU C 454 -16.60 -10.45 -27.37
C LEU C 454 -16.32 -10.55 -25.87
N THR C 455 -16.30 -11.75 -25.30
CA THR C 455 -16.20 -11.90 -23.86
C THR C 455 -14.79 -11.61 -23.38
N ALA C 456 -14.66 -10.72 -22.40
CA ALA C 456 -13.40 -10.42 -21.75
C ALA C 456 -13.53 -10.75 -20.26
N LEU C 457 -12.55 -11.47 -19.73
CA LEU C 457 -12.60 -11.89 -18.34
C LEU C 457 -11.19 -11.92 -17.78
N ASN C 458 -11.10 -12.07 -16.47
CA ASN C 458 -9.84 -12.05 -15.74
C ASN C 458 -9.55 -13.41 -15.11
N ASN C 459 -8.26 -13.65 -14.87
CA ASN C 459 -7.84 -14.90 -14.26
C ASN C 459 -8.33 -14.96 -12.81
N VAL C 460 -8.33 -16.17 -12.26
CA VAL C 460 -8.80 -16.35 -10.88
C VAL C 460 -7.82 -15.70 -9.92
N PRO C 461 -8.29 -14.99 -8.89
CA PRO C 461 -7.37 -14.38 -7.93
C PRO C 461 -6.71 -15.43 -7.07
N PRO C 462 -5.48 -15.19 -6.61
CA PRO C 462 -4.88 -16.10 -5.62
C PRO C 462 -5.70 -16.14 -4.34
N VAL C 463 -5.75 -17.30 -3.72
CA VAL C 463 -6.44 -17.49 -2.44
C VAL C 463 -5.38 -17.82 -1.39
N TYR C 464 -5.38 -17.06 -0.31
CA TYR C 464 -4.42 -17.30 0.75
C TYR C 464 -5.16 -17.79 1.99
N PRO C 465 -4.64 -18.81 2.70
CA PRO C 465 -3.43 -19.59 2.45
C PRO C 465 -3.68 -20.89 1.70
N ASN C 466 -4.95 -21.25 1.48
CA ASN C 466 -5.28 -22.58 0.99
C ASN C 466 -5.30 -22.70 -0.54
N GLY C 467 -5.02 -21.62 -1.26
CA GLY C 467 -5.09 -21.68 -2.70
C GLY C 467 -3.89 -22.39 -3.30
N GLN C 468 -4.12 -23.01 -4.45
CA GLN C 468 -3.06 -23.65 -5.20
C GLN C 468 -2.27 -22.61 -5.97
N ILE C 469 -0.95 -22.75 -6.00
CA ILE C 469 -0.10 -21.77 -6.67
C ILE C 469 -0.08 -22.00 -8.17
N TRP C 470 0.31 -23.19 -8.60
CA TRP C 470 0.44 -23.51 -10.01
C TRP C 470 -0.31 -24.79 -10.35
N ASP C 471 -0.68 -24.92 -11.62
CA ASP C 471 -1.37 -26.10 -12.10
C ASP C 471 -0.87 -26.46 -13.49
N LYS C 472 -0.91 -27.76 -13.79
CA LYS C 472 -0.43 -28.26 -15.07
C LYS C 472 -1.48 -28.04 -16.14
N GLU C 473 -1.04 -27.61 -17.32
CA GLU C 473 -1.96 -27.41 -18.42
C GLU C 473 -2.43 -28.76 -18.98
N PHE C 474 -3.69 -28.80 -19.38
CA PHE C 474 -4.23 -30.02 -19.96
C PHE C 474 -3.47 -30.40 -21.22
N ASP C 475 -3.28 -31.69 -21.43
CA ASP C 475 -2.62 -32.20 -22.63
C ASP C 475 -3.57 -32.33 -23.82
N THR C 476 -4.74 -31.70 -23.74
CA THR C 476 -5.67 -31.70 -24.86
C THR C 476 -5.11 -30.90 -26.02
N ASP C 477 -5.59 -31.21 -27.22
CA ASP C 477 -5.14 -30.48 -28.41
C ASP C 477 -5.48 -29.00 -28.30
N LEU C 478 -6.73 -28.68 -27.99
CA LEU C 478 -7.17 -27.32 -27.75
C LEU C 478 -7.37 -27.14 -26.25
N LYS C 479 -6.79 -26.08 -25.70
CA LYS C 479 -6.61 -25.96 -24.27
C LYS C 479 -7.48 -24.85 -23.70
N PRO C 480 -7.83 -24.91 -22.42
CA PRO C 480 -8.68 -23.87 -21.85
C PRO C 480 -7.93 -22.56 -21.67
N ARG C 481 -8.70 -21.47 -21.65
CA ARG C 481 -8.09 -20.14 -21.55
C ARG C 481 -7.59 -19.87 -20.14
N LEU C 482 -8.17 -20.52 -19.13
CA LEU C 482 -7.75 -20.34 -17.75
C LEU C 482 -8.14 -21.58 -16.96
N HIS C 483 -7.50 -21.74 -15.80
CA HIS C 483 -7.85 -22.76 -14.83
C HIS C 483 -8.49 -22.10 -13.62
N VAL C 484 -9.48 -22.76 -13.04
CA VAL C 484 -10.22 -22.16 -11.94
C VAL C 484 -9.55 -22.37 -10.59
N ASN C 485 -8.47 -23.15 -10.53
CA ASN C 485 -7.87 -23.54 -9.26
C ASN C 485 -6.55 -22.85 -8.95
N ALA C 486 -5.81 -22.41 -9.96
CA ALA C 486 -4.52 -21.79 -9.71
C ALA C 486 -4.35 -20.57 -10.61
N PRO C 487 -3.71 -19.50 -10.11
CA PRO C 487 -3.46 -18.35 -10.98
C PRO C 487 -2.40 -18.63 -12.03
N PHE C 488 -1.48 -19.54 -11.77
CA PHE C 488 -0.41 -19.88 -12.70
C PHE C 488 -0.69 -21.24 -13.32
N VAL C 489 -0.49 -21.34 -14.63
CA VAL C 489 -0.72 -22.57 -15.37
C VAL C 489 0.55 -22.92 -16.13
N CYS C 490 0.80 -24.22 -16.28
CA CYS C 490 2.08 -24.72 -16.76
C CYS C 490 1.97 -25.07 -18.24
N GLN C 491 2.73 -24.37 -19.08
CA GLN C 491 2.68 -24.68 -20.52
C GLN C 491 3.49 -25.91 -20.84
N ASN C 492 4.82 -25.86 -20.63
CA ASN C 492 5.66 -27.00 -20.97
C ASN C 492 5.62 -28.06 -19.87
N ASN C 493 6.08 -27.69 -18.67
CA ASN C 493 6.08 -28.59 -17.54
C ASN C 493 6.20 -27.76 -16.28
N CYS C 494 5.73 -28.32 -15.19
CA CYS C 494 6.05 -27.75 -13.89
C CYS C 494 6.38 -28.85 -12.90
N PRO C 495 7.09 -28.52 -11.82
CA PRO C 495 8.03 -29.48 -11.23
C PRO C 495 7.40 -30.83 -10.96
N GLY C 496 8.17 -31.88 -11.24
CA GLY C 496 7.68 -33.23 -11.04
C GLY C 496 7.31 -33.48 -9.59
N GLN C 497 6.40 -34.42 -9.40
CA GLN C 497 5.94 -34.76 -8.06
C GLN C 497 7.02 -35.51 -7.31
N LEU C 498 7.09 -35.28 -6.00
CA LEU C 498 8.05 -35.94 -5.12
C LEU C 498 7.30 -36.94 -4.26
N PHE C 499 7.67 -38.21 -4.38
CA PHE C 499 7.06 -39.31 -3.66
C PHE C 499 8.06 -39.86 -2.65
N VAL C 500 7.58 -40.10 -1.44
CA VAL C 500 8.38 -40.65 -0.35
C VAL C 500 7.73 -41.94 0.13
N LYS C 501 8.56 -42.90 0.51
CA LYS C 501 8.08 -44.18 1.02
C LYS C 501 9.14 -44.73 1.96
N VAL C 502 8.73 -45.63 2.85
CA VAL C 502 9.68 -46.27 3.74
C VAL C 502 10.01 -47.65 3.20
N ALA C 503 11.30 -47.93 3.06
CA ALA C 503 11.72 -49.18 2.47
C ALA C 503 11.23 -50.36 3.32
N PRO C 504 10.82 -51.45 2.69
CA PRO C 504 10.31 -52.60 3.47
C PRO C 504 11.40 -53.13 4.40
N ASN C 505 11.02 -53.33 5.67
CA ASN C 505 11.96 -53.79 6.69
C ASN C 505 11.53 -55.19 7.12
N LEU C 506 12.05 -56.19 6.41
CA LEU C 506 11.58 -57.55 6.57
C LEU C 506 11.96 -58.13 7.93
N THR C 507 11.13 -59.03 8.42
CA THR C 507 11.52 -59.91 9.52
C THR C 507 12.21 -61.16 8.95
N ASN C 508 12.50 -62.10 9.83
CA ASN C 508 13.16 -63.34 9.40
C ASN C 508 12.19 -64.39 8.88
N GLN C 509 10.88 -64.13 8.97
CA GLN C 509 9.89 -65.12 8.57
C GLN C 509 9.36 -64.90 7.16
N TYR C 510 9.87 -63.94 6.42
CA TYR C 510 9.29 -63.59 5.13
C TYR C 510 9.39 -64.76 4.16
N ASP C 511 8.24 -65.23 3.70
CA ASP C 511 8.16 -66.26 2.68
C ASP C 511 7.40 -65.67 1.48
N PRO C 512 8.07 -65.36 0.37
CA PRO C 512 7.38 -64.65 -0.71
C PRO C 512 6.20 -65.40 -1.30
N ASP C 513 6.16 -66.73 -1.17
CA ASP C 513 5.04 -67.50 -1.69
C ASP C 513 3.82 -67.45 -0.77
N ALA C 514 3.96 -66.91 0.43
CA ALA C 514 2.83 -66.86 1.35
C ALA C 514 1.77 -65.90 0.85
N SER C 515 0.51 -66.28 1.02
CA SER C 515 -0.61 -65.44 0.62
C SER C 515 -0.84 -64.28 1.57
N ALA C 516 -0.50 -64.44 2.85
CA ALA C 516 -0.73 -63.38 3.82
C ALA C 516 0.15 -62.17 3.50
N ASN C 517 -0.19 -61.05 4.12
CA ASN C 517 0.57 -59.83 3.90
C ASN C 517 1.98 -59.98 4.48
N MET C 518 2.91 -59.23 3.89
CA MET C 518 4.30 -59.29 4.32
C MET C 518 4.43 -58.89 5.78
N SER C 519 5.17 -59.69 6.54
CA SER C 519 5.46 -59.36 7.93
C SER C 519 6.67 -58.45 7.99
N ARG C 520 6.44 -57.19 8.38
CA ARG C 520 7.47 -56.16 8.38
C ARG C 520 7.73 -55.67 9.80
N ILE C 521 8.96 -55.27 10.06
CA ILE C 521 9.26 -54.56 11.29
C ILE C 521 8.58 -53.19 11.25
N VAL C 522 7.89 -52.85 12.34
CA VAL C 522 7.19 -51.57 12.41
C VAL C 522 8.24 -50.46 12.41
N THR C 523 8.30 -49.70 11.33
CA THR C 523 9.29 -48.65 11.15
C THR C 523 8.60 -47.37 10.71
N TYR C 524 9.23 -46.24 11.04
CA TYR C 524 8.76 -44.93 10.60
C TYR C 524 9.96 -44.03 10.39
N SER C 525 9.73 -42.88 9.75
CA SER C 525 10.80 -41.97 9.39
C SER C 525 10.37 -40.53 9.63
N ASP C 526 11.35 -39.70 9.95
CA ASP C 526 11.21 -38.25 9.98
C ASP C 526 12.33 -37.63 9.17
N PHE C 527 11.98 -36.75 8.25
CA PHE C 527 12.98 -36.08 7.43
C PHE C 527 12.64 -34.61 7.28
N TRP C 528 13.65 -33.78 7.16
CA TRP C 528 13.44 -32.35 6.99
C TRP C 528 13.35 -32.03 5.50
N TRP C 529 12.37 -31.21 5.14
CA TRP C 529 12.13 -30.82 3.77
C TRP C 529 12.33 -29.32 3.65
N LYS C 530 13.14 -28.90 2.67
CA LYS C 530 13.42 -27.51 2.44
C LYS C 530 13.09 -27.15 1.01
N GLY C 531 12.26 -26.12 0.85
CA GLY C 531 11.88 -25.66 -0.47
C GLY C 531 12.18 -24.19 -0.64
N LYS C 532 12.63 -23.84 -1.84
CA LYS C 532 12.89 -22.47 -2.25
C LYS C 532 12.02 -22.17 -3.46
N LEU C 533 11.17 -21.16 -3.33
CA LEU C 533 10.24 -20.76 -4.39
C LEU C 533 10.50 -19.31 -4.72
N VAL C 534 10.79 -19.03 -5.99
CA VAL C 534 11.22 -17.71 -6.44
C VAL C 534 10.14 -17.10 -7.31
N PHE C 535 9.68 -15.92 -6.91
CA PHE C 535 8.79 -15.06 -7.67
C PHE C 535 9.54 -13.80 -8.07
N LYS C 536 9.01 -13.12 -9.07
CA LYS C 536 9.43 -11.76 -9.42
C LYS C 536 8.19 -10.89 -9.51
N ALA C 537 8.20 -9.77 -8.79
CA ALA C 537 7.04 -8.89 -8.69
C ALA C 537 7.42 -7.48 -9.09
N LYS C 538 6.41 -6.70 -9.47
CA LYS C 538 6.58 -5.27 -9.74
C LYS C 538 5.89 -4.48 -8.63
N LEU C 539 6.56 -3.42 -8.17
CA LEU C 539 5.98 -2.56 -7.15
C LEU C 539 4.92 -1.66 -7.77
N ARG C 540 3.82 -1.47 -7.06
CA ARG C 540 2.73 -0.66 -7.58
C ARG C 540 3.10 0.82 -7.52
N ALA C 541 2.32 1.62 -8.23
CA ALA C 541 2.49 3.07 -8.26
C ALA C 541 1.16 3.74 -7.93
N SER C 542 1.25 5.01 -7.53
CA SER C 542 0.06 5.79 -7.18
C SER C 542 -0.42 6.49 -8.45
N HIS C 543 -1.54 6.01 -8.99
CA HIS C 543 -2.10 6.57 -10.21
C HIS C 543 -3.16 7.63 -9.94
N THR C 544 -3.76 7.62 -8.76
CA THR C 544 -4.95 8.42 -8.49
C THR C 544 -4.73 9.34 -7.31
N TRP C 545 -5.64 10.30 -7.16
CA TRP C 545 -5.61 11.21 -6.02
C TRP C 545 -5.97 10.47 -4.73
N ASN C 546 -6.94 9.56 -4.80
CA ASN C 546 -7.41 8.88 -3.61
C ASN C 546 -6.47 7.73 -3.24
N PRO C 547 -6.46 7.33 -1.98
CA PRO C 547 -5.76 6.09 -1.61
C PRO C 547 -6.58 4.87 -2.00
N ILE C 548 -5.91 3.72 -1.98
CA ILE C 548 -6.51 2.47 -2.38
C ILE C 548 -6.70 1.59 -1.15
N GLN C 549 -7.41 0.47 -1.33
CA GLN C 549 -7.66 -0.45 -0.23
C GLN C 549 -6.38 -1.23 0.09
N GLN C 550 -6.12 -1.40 1.39
CA GLN C 550 -4.92 -2.08 1.86
C GLN C 550 -5.28 -3.00 3.02
N MET C 551 -4.64 -4.17 3.05
CA MET C 551 -4.81 -5.08 4.17
C MET C 551 -4.12 -4.51 5.40
N SER C 552 -4.77 -4.63 6.55
CA SER C 552 -4.27 -3.98 7.76
C SER C 552 -4.79 -4.71 8.99
N ILE C 553 -3.92 -4.84 9.99
CA ILE C 553 -4.37 -5.34 11.28
C ILE C 553 -5.23 -4.29 11.96
N ASN C 554 -6.40 -4.71 12.42
CA ASN C 554 -7.31 -3.82 13.14
C ASN C 554 -7.77 -4.53 14.39
N VAL C 555 -8.50 -3.78 15.23
CA VAL C 555 -8.92 -4.32 16.52
C VAL C 555 -9.80 -5.55 16.37
N ASP C 556 -10.54 -5.67 15.28
CA ASP C 556 -11.44 -6.80 15.10
C ASP C 556 -10.68 -8.08 14.76
N ASN C 557 -9.70 -7.99 13.87
CA ASN C 557 -8.93 -9.16 13.43
C ASN C 557 -7.59 -9.30 14.14
N GLN C 558 -7.36 -8.55 15.21
CA GLN C 558 -6.04 -8.49 15.83
C GLN C 558 -5.55 -9.87 16.25
N PHE C 559 -6.43 -10.66 16.86
CA PHE C 559 -6.02 -11.94 17.45
C PHE C 559 -5.89 -13.05 16.42
N ASN C 560 -6.33 -12.83 15.18
CA ASN C 560 -6.20 -13.84 14.14
C ASN C 560 -4.75 -14.07 13.74
N TYR C 561 -3.82 -13.20 14.14
CA TYR C 561 -2.44 -13.26 13.68
C TYR C 561 -1.45 -13.48 14.82
N VAL C 562 -1.92 -13.89 16.00
CA VAL C 562 -1.01 -14.16 17.11
C VAL C 562 -1.47 -15.45 17.79
N PRO C 563 -0.56 -16.11 18.49
CA PRO C 563 -0.92 -17.35 19.18
C PRO C 563 -1.76 -17.09 20.42
N SER C 564 -2.53 -18.10 20.79
CA SER C 564 -3.31 -18.05 22.02
C SER C 564 -2.40 -18.34 23.21
N ASN C 565 -3.01 -18.43 24.40
CA ASN C 565 -2.21 -18.68 25.60
C ASN C 565 -1.77 -20.14 25.69
N ILE C 566 -2.52 -21.05 25.08
CA ILE C 566 -2.15 -22.46 25.05
C ILE C 566 -1.51 -22.85 23.72
N GLY C 567 -1.04 -21.88 22.94
CA GLY C 567 -0.33 -22.17 21.72
C GLY C 567 -1.19 -22.27 20.49
N GLY C 568 -2.47 -21.95 20.60
CA GLY C 568 -3.35 -22.04 19.44
C GLY C 568 -2.95 -21.04 18.37
N MET C 569 -2.85 -21.51 17.14
CA MET C 569 -2.54 -20.67 15.99
C MET C 569 -3.56 -20.92 14.89
N LYS C 570 -3.75 -19.92 14.04
CA LYS C 570 -4.66 -20.01 12.90
C LYS C 570 -4.22 -19.04 11.83
N ILE C 571 -4.65 -19.31 10.60
CA ILE C 571 -4.41 -18.43 9.45
C ILE C 571 -5.75 -18.17 8.81
N VAL C 572 -6.30 -16.98 9.01
CA VAL C 572 -7.52 -16.60 8.32
C VAL C 572 -7.20 -16.19 6.89
N TYR C 573 -8.19 -16.31 6.02
CA TYR C 573 -7.98 -16.03 4.61
C TYR C 573 -7.86 -14.52 4.36
N GLU C 574 -7.02 -14.17 3.41
CA GLU C 574 -6.75 -12.78 3.06
C GLU C 574 -6.96 -12.60 1.56
N LYS C 575 -7.54 -11.45 1.19
CA LYS C 575 -7.79 -11.18 -0.21
C LYS C 575 -6.50 -10.77 -0.91
N SER C 576 -6.46 -10.95 -2.23
CA SER C 576 -5.22 -10.87 -2.98
C SER C 576 -5.18 -9.74 -4.02
N GLN C 577 -6.31 -9.12 -4.33
CA GLN C 577 -6.36 -8.16 -5.42
C GLN C 577 -6.98 -6.84 -4.99
N LEU C 578 -6.48 -6.29 -3.88
CA LEU C 578 -7.10 -5.11 -3.27
C LEU C 578 -7.10 -3.93 -4.23
N ALA C 579 -5.95 -3.61 -4.80
CA ALA C 579 -5.84 -2.39 -5.59
C ALA C 579 -6.68 -2.50 -6.85
N PRO C 580 -7.33 -1.42 -7.28
CA PRO C 580 -8.06 -1.44 -8.56
C PRO C 580 -7.16 -1.10 -9.73
N ARG C 581 -7.65 -1.43 -10.93
CA ARG C 581 -7.03 -1.01 -12.18
C ARG C 581 -8.12 -0.76 -13.20
N LYS C 582 -7.81 0.08 -14.18
CA LYS C 582 -8.80 0.45 -15.18
C LYS C 582 -8.82 -0.59 -16.30
N LEU C 583 -10.00 -1.13 -16.57
CA LEU C 583 -10.13 -2.19 -17.57
C LEU C 583 -9.97 -1.62 -18.98
N TYR C 584 -10.23 -0.33 -19.15
CA TYR C 584 -10.23 0.27 -20.47
C TYR C 584 -10.60 1.74 -20.36
N GLY D 37 32.87 -37.95 12.65
CA GLY D 37 31.58 -38.63 12.93
C GLY D 37 31.22 -38.64 14.40
N VAL D 38 30.77 -39.81 14.88
CA VAL D 38 30.30 -39.91 16.25
C VAL D 38 31.46 -39.76 17.24
N GLY D 39 32.55 -40.47 17.00
CA GLY D 39 33.60 -40.61 18.00
C GLY D 39 34.69 -39.57 17.99
N ILE D 40 34.67 -38.61 17.07
CA ILE D 40 35.70 -37.59 16.97
C ILE D 40 35.17 -36.29 17.57
N SER D 41 35.89 -35.75 18.54
CA SER D 41 35.46 -34.52 19.19
C SER D 41 35.60 -33.34 18.23
N THR D 42 34.71 -32.37 18.37
CA THR D 42 34.66 -31.22 17.47
C THR D 42 35.22 -29.94 18.09
N GLY D 43 35.76 -29.99 19.29
CA GLY D 43 36.30 -28.79 19.91
C GLY D 43 37.11 -29.12 21.14
N THR D 44 37.67 -28.07 21.74
CA THR D 44 38.55 -28.20 22.90
C THR D 44 38.11 -27.24 23.99
N PHE D 45 38.14 -27.71 25.23
CA PHE D 45 37.76 -26.88 26.37
C PHE D 45 38.87 -25.87 26.66
N ASN D 46 38.46 -24.64 26.98
CA ASN D 46 39.41 -23.57 27.29
C ASN D 46 38.72 -22.57 28.20
N ASN D 47 39.32 -22.30 29.36
CA ASN D 47 38.80 -21.31 30.29
C ASN D 47 39.95 -20.47 30.87
N GLN D 48 41.06 -20.39 30.15
CA GLN D 48 42.20 -19.60 30.60
C GLN D 48 42.02 -18.14 30.21
N THR D 49 42.55 -17.25 31.05
CA THR D 49 42.57 -15.83 30.77
C THR D 49 44.00 -15.43 30.45
N GLU D 50 44.21 -14.83 29.28
CA GLU D 50 45.52 -14.46 28.80
C GLU D 50 45.68 -12.96 28.85
N PHE D 51 46.83 -12.51 29.32
CA PHE D 51 47.21 -11.10 29.31
C PHE D 51 48.43 -10.94 28.42
N LYS D 52 48.27 -10.24 27.30
CA LYS D 52 49.35 -10.01 26.36
C LYS D 52 49.70 -8.54 26.35
N PHE D 53 50.96 -8.22 26.65
CA PHE D 53 51.37 -6.85 26.87
C PHE D 53 51.89 -6.23 25.57
N LEU D 54 51.23 -5.16 25.14
CA LEU D 54 51.58 -4.45 23.93
C LEU D 54 52.52 -3.29 24.28
N GLU D 55 52.72 -2.40 23.32
CA GLU D 55 53.52 -1.20 23.56
C GLU D 55 52.70 -0.16 24.31
N ASN D 56 53.40 0.83 24.84
CA ASN D 56 52.77 2.00 25.47
C ASN D 56 51.85 1.62 26.62
N GLY D 57 52.13 0.52 27.31
CA GLY D 57 51.37 0.16 28.48
C GLY D 57 49.94 -0.22 28.22
N TRP D 58 49.66 -0.90 27.11
CA TRP D 58 48.33 -1.42 26.81
C TRP D 58 48.35 -2.94 26.85
N VAL D 59 47.35 -3.51 27.51
CA VAL D 59 47.25 -4.94 27.74
C VAL D 59 46.04 -5.47 26.99
N TYR D 60 46.28 -6.55 26.23
CA TYR D 60 45.27 -7.27 25.46
C TYR D 60 44.81 -8.42 26.33
N ILE D 61 43.58 -8.33 26.82
CA ILE D 61 43.05 -9.30 27.78
C ILE D 61 42.08 -10.21 27.03
N THR D 62 42.46 -11.47 26.86
CA THR D 62 41.63 -12.45 26.17
C THR D 62 41.08 -13.41 27.23
N ALA D 63 39.79 -13.30 27.52
CA ALA D 63 39.13 -14.14 28.50
C ALA D 63 38.43 -15.26 27.74
N ASN D 64 38.90 -16.49 27.97
CA ASN D 64 38.24 -17.66 27.42
C ASN D 64 37.33 -18.26 28.49
N SER D 65 36.11 -18.60 28.08
CA SER D 65 35.17 -19.27 28.96
C SER D 65 34.66 -20.51 28.25
N SER D 66 34.42 -21.57 29.02
CA SER D 66 33.87 -22.80 28.48
C SER D 66 32.94 -23.41 29.52
N ARG D 67 31.79 -23.89 29.04
CA ARG D 67 30.76 -24.41 29.92
C ARG D 67 30.19 -25.69 29.31
N LEU D 68 29.67 -26.54 30.17
CA LEU D 68 28.93 -27.74 29.75
C LEU D 68 27.45 -27.44 29.94
N VAL D 69 26.78 -26.99 28.88
CA VAL D 69 25.40 -26.54 28.94
C VAL D 69 24.48 -27.73 28.76
N HIS D 70 23.51 -27.85 29.68
CA HIS D 70 22.51 -28.92 29.68
C HIS D 70 21.17 -28.32 29.28
N LEU D 71 20.48 -28.97 28.34
CA LEU D 71 19.25 -28.46 27.77
C LEU D 71 18.21 -29.59 27.70
N ASN D 72 16.98 -29.29 28.06
CA ASN D 72 15.87 -30.20 27.90
C ASN D 72 14.98 -29.74 26.76
N MET D 73 14.14 -30.65 26.28
CA MET D 73 13.18 -30.23 25.26
C MET D 73 12.18 -29.27 25.89
N PRO D 74 11.62 -28.34 25.11
CA PRO D 74 10.73 -27.34 25.67
C PRO D 74 9.44 -27.96 26.19
N GLU D 75 8.75 -27.19 27.03
CA GLU D 75 7.47 -27.63 27.56
C GLU D 75 6.48 -27.88 26.42
N SER D 76 6.60 -27.12 25.33
CA SER D 76 5.85 -27.38 24.11
C SER D 76 6.51 -26.67 22.94
N GLU D 77 6.19 -27.12 21.73
CA GLU D 77 6.70 -26.51 20.51
C GLU D 77 5.72 -25.50 19.92
N ASN D 78 4.95 -24.82 20.77
CA ASN D 78 4.03 -23.81 20.32
C ASN D 78 4.31 -22.51 21.05
N TYR D 79 4.41 -21.41 20.30
CA TYR D 79 4.55 -20.10 20.89
C TYR D 79 3.27 -19.73 21.63
N ARG D 80 3.41 -19.30 22.88
CA ARG D 80 2.27 -18.98 23.73
C ARG D 80 2.22 -17.49 23.97
N ARG D 81 1.01 -16.91 23.89
CA ARG D 81 0.79 -15.53 24.30
C ARG D 81 0.17 -15.56 25.69
N VAL D 82 1.01 -15.37 26.71
CA VAL D 82 0.59 -15.50 28.09
C VAL D 82 0.55 -14.12 28.72
N VAL D 83 -0.55 -13.82 29.40
CA VAL D 83 -0.70 -12.58 30.14
C VAL D 83 -0.67 -12.92 31.63
N VAL D 84 0.15 -12.19 32.38
CA VAL D 84 0.23 -12.31 33.82
C VAL D 84 -0.41 -11.07 34.41
N ASN D 85 -1.25 -11.26 35.44
CA ASN D 85 -1.99 -10.15 36.02
C ASN D 85 -2.16 -10.45 37.51
N ASN D 86 -1.30 -9.87 38.34
CA ASN D 86 -1.36 -10.06 39.79
C ASN D 86 -2.32 -9.05 40.41
N LEU D 87 -3.57 -9.13 39.98
CA LEU D 87 -4.60 -8.25 40.52
C LEU D 87 -4.76 -8.41 42.02
N ASP D 88 -4.55 -9.63 42.54
CA ASP D 88 -4.78 -9.86 43.96
C ASP D 88 -3.84 -9.02 44.82
N LYS D 89 -2.57 -8.91 44.42
CA LYS D 89 -1.64 -8.12 45.20
C LYS D 89 -1.89 -6.62 45.03
N THR D 90 -2.14 -6.17 43.80
CA THR D 90 -2.37 -4.76 43.55
C THR D 90 -3.76 -4.31 43.98
N ALA D 91 -4.71 -5.24 44.13
CA ALA D 91 -6.03 -4.88 44.63
C ALA D 91 -5.97 -4.32 46.04
N VAL D 92 -4.97 -4.71 46.82
CA VAL D 92 -4.77 -4.13 48.14
C VAL D 92 -4.24 -2.71 47.94
N ASN D 93 -4.99 -1.73 48.43
CA ASN D 93 -4.59 -0.34 48.26
C ASN D 93 -3.21 -0.12 48.87
N GLY D 94 -2.37 0.61 48.14
CA GLY D 94 -1.03 0.90 48.59
C GLY D 94 0.03 -0.06 48.11
N ASN D 95 -0.36 -1.12 47.41
CA ASN D 95 0.58 -2.09 46.86
C ASN D 95 0.79 -1.90 45.36
N MET D 96 0.51 -0.71 44.84
CA MET D 96 0.64 -0.49 43.40
C MET D 96 2.05 -0.77 42.91
N ALA D 97 3.06 -0.54 43.75
CA ALA D 97 4.43 -0.77 43.32
C ALA D 97 4.72 -2.24 43.05
N LEU D 98 3.91 -3.14 43.58
CA LEU D 98 4.11 -4.57 43.40
C LEU D 98 3.44 -5.10 42.14
N ASP D 99 3.14 -4.22 41.19
CA ASP D 99 2.46 -4.64 39.97
C ASP D 99 3.42 -5.50 39.15
N ASP D 100 2.95 -6.69 38.77
CA ASP D 100 3.70 -7.60 37.92
C ASP D 100 2.96 -7.93 36.63
N THR D 101 1.90 -7.17 36.32
CA THR D 101 1.13 -7.45 35.12
C THR D 101 1.97 -7.21 33.88
N HIS D 102 1.85 -8.12 32.90
CA HIS D 102 2.55 -7.97 31.65
C HIS D 102 2.12 -9.08 30.71
N ALA D 103 2.19 -8.79 29.42
CA ALA D 103 1.91 -9.77 28.37
C ALA D 103 3.22 -10.15 27.70
N GLU D 104 3.44 -11.45 27.54
CA GLU D 104 4.68 -11.93 26.94
C GLU D 104 4.37 -13.08 26.00
N ILE D 105 5.32 -13.32 25.11
CA ILE D 105 5.30 -14.48 24.22
C ILE D 105 6.38 -15.42 24.72
N VAL D 106 5.94 -16.61 25.12
CA VAL D 106 6.83 -17.69 25.52
C VAL D 106 7.13 -18.55 24.30
N THR D 107 8.37 -18.97 24.17
CA THR D 107 8.86 -19.66 22.98
C THR D 107 9.47 -21.00 23.35
N PRO D 108 9.54 -21.93 22.40
CA PRO D 108 10.20 -23.22 22.67
C PRO D 108 11.71 -23.15 22.60
N TRP D 109 12.27 -21.93 22.53
CA TRP D 109 13.69 -21.74 22.33
C TRP D 109 14.33 -21.25 23.62
N SER D 110 15.60 -21.61 23.80
CA SER D 110 16.36 -21.26 24.98
C SER D 110 17.53 -20.37 24.58
N LEU D 111 17.86 -19.43 25.46
CA LEU D 111 18.87 -18.42 25.18
C LEU D 111 20.16 -18.75 25.91
N VAL D 112 21.26 -18.80 25.19
CA VAL D 112 22.58 -19.05 25.76
C VAL D 112 23.23 -17.67 25.90
N ASP D 113 23.03 -17.05 27.07
CA ASP D 113 23.49 -15.70 27.33
C ASP D 113 24.75 -15.73 28.19
N ALA D 114 25.82 -15.16 27.67
CA ALA D 114 27.08 -15.03 28.41
C ALA D 114 27.44 -13.57 28.69
N ASN D 115 26.45 -12.71 28.87
CA ASN D 115 26.68 -11.27 29.05
C ASN D 115 26.69 -10.92 30.53
N ALA D 116 27.71 -11.41 31.23
CA ALA D 116 27.90 -11.11 32.64
C ALA D 116 29.38 -11.22 32.97
N TRP D 117 29.84 -10.38 33.90
CA TRP D 117 31.26 -10.35 34.24
C TRP D 117 31.73 -11.68 34.79
N GLY D 118 30.95 -12.28 35.69
CA GLY D 118 31.37 -13.52 36.32
C GLY D 118 31.64 -14.65 35.35
N VAL D 119 31.01 -14.63 34.18
CA VAL D 119 31.16 -15.71 33.24
C VAL D 119 32.57 -15.78 32.67
N TRP D 120 33.32 -14.68 32.69
CA TRP D 120 34.60 -14.59 32.02
C TRP D 120 35.78 -14.49 32.96
N PHE D 121 35.62 -13.85 34.11
CA PHE D 121 36.73 -13.58 35.01
C PHE D 121 36.46 -14.19 36.38
N ASN D 122 37.50 -14.75 36.98
CA ASN D 122 37.46 -15.18 38.37
C ASN D 122 38.05 -14.09 39.25
N PRO D 123 37.89 -14.21 40.56
CA PRO D 123 38.30 -13.11 41.45
C PRO D 123 39.76 -12.68 41.27
N GLY D 124 40.68 -13.60 41.00
CA GLY D 124 42.06 -13.21 40.82
C GLY D 124 42.28 -12.35 39.60
N ASP D 125 41.68 -12.75 38.47
CA ASP D 125 41.81 -11.97 37.24
C ASP D 125 41.19 -10.59 37.42
N TRP D 126 40.01 -10.53 38.06
CA TRP D 126 39.39 -9.24 38.32
C TRP D 126 40.23 -8.39 39.25
N GLN D 127 40.89 -9.02 40.23
CA GLN D 127 41.79 -8.27 41.10
C GLN D 127 42.92 -7.65 40.29
N LEU D 128 43.54 -8.44 39.42
CA LEU D 128 44.60 -7.89 38.58
C LEU D 128 44.08 -6.72 37.76
N ILE D 129 42.93 -6.89 37.11
CA ILE D 129 42.34 -5.84 36.29
C ILE D 129 42.16 -4.57 37.12
N VAL D 130 41.37 -4.66 38.19
CA VAL D 130 41.01 -3.46 38.94
C VAL D 130 42.24 -2.80 39.56
N ASN D 131 43.14 -3.59 40.15
CA ASN D 131 44.30 -3.01 40.82
C ASN D 131 45.25 -2.33 39.83
N THR D 132 45.48 -2.93 38.66
CA THR D 132 46.54 -2.48 37.78
C THR D 132 46.06 -1.84 36.48
N MET D 133 44.76 -1.65 36.28
CA MET D 133 44.24 -1.02 35.08
C MET D 133 43.53 0.28 35.42
N SER D 134 43.53 1.20 34.46
CA SER D 134 42.86 2.49 34.58
C SER D 134 41.63 2.61 33.70
N GLU D 135 41.69 2.13 32.46
CA GLU D 135 40.54 2.13 31.58
C GLU D 135 40.48 0.80 30.85
N LEU D 136 39.27 0.41 30.46
CA LEU D 136 39.02 -0.88 29.86
C LEU D 136 38.18 -0.70 28.61
N HIS D 137 38.66 -1.27 27.49
CA HIS D 137 37.97 -1.22 26.22
C HIS D 137 37.51 -2.63 25.86
N LEU D 138 36.27 -2.75 25.40
CA LEU D 138 35.76 -4.03 24.93
C LEU D 138 36.01 -4.14 23.44
N VAL D 139 36.73 -5.19 23.03
CA VAL D 139 37.25 -5.32 21.67
C VAL D 139 36.41 -6.29 20.84
N SER D 140 36.37 -7.56 21.25
CA SER D 140 35.75 -8.56 20.38
C SER D 140 35.07 -9.64 21.20
N PHE D 141 34.18 -10.39 20.54
CA PHE D 141 33.44 -11.47 21.18
C PHE D 141 33.10 -12.53 20.12
N GLU D 142 33.51 -13.76 20.39
CA GLU D 142 33.17 -14.88 19.53
C GLU D 142 32.74 -16.04 20.41
N GLN D 143 31.98 -16.96 19.84
CA GLN D 143 31.55 -18.13 20.59
C GLN D 143 31.25 -19.27 19.63
N GLU D 144 31.23 -20.48 20.17
CA GLU D 144 30.96 -21.67 19.38
C GLU D 144 30.41 -22.77 20.27
N ILE D 145 29.69 -23.71 19.64
CA ILE D 145 29.11 -24.86 20.31
C ILE D 145 29.73 -26.10 19.70
N PHE D 146 30.14 -27.04 20.56
CA PHE D 146 30.81 -28.25 20.10
C PHE D 146 30.47 -29.41 21.02
N ASN D 147 30.97 -30.58 20.65
CA ASN D 147 30.71 -31.83 21.35
C ASN D 147 29.25 -31.94 21.74
N VAL D 148 28.38 -31.87 20.73
CA VAL D 148 26.95 -31.99 20.96
C VAL D 148 26.63 -33.45 21.26
N VAL D 149 25.93 -33.68 22.35
CA VAL D 149 25.47 -35.01 22.74
C VAL D 149 23.97 -34.94 22.98
N LEU D 150 23.23 -35.83 22.34
CA LEU D 150 21.79 -35.94 22.54
C LEU D 150 21.47 -37.34 23.04
N LYS D 151 20.56 -37.41 24.02
CA LYS D 151 20.20 -38.66 24.65
C LYS D 151 18.70 -38.74 24.85
N THR D 152 18.20 -39.98 24.86
CA THR D 152 16.78 -40.26 25.07
C THR D 152 16.61 -41.03 26.36
N VAL D 153 15.50 -40.76 27.06
CA VAL D 153 15.21 -41.38 28.34
C VAL D 153 14.11 -42.41 28.12
N SER D 154 14.50 -43.68 28.05
CA SER D 154 13.54 -44.78 27.97
C SER D 154 13.16 -45.16 29.39
N GLU D 155 11.98 -44.71 29.81
CA GLU D 155 11.48 -45.05 31.13
C GLU D 155 10.74 -46.38 31.07
N SER D 156 11.24 -47.37 31.79
CA SER D 156 10.72 -48.72 31.70
C SER D 156 9.41 -48.84 32.48
N ALA D 157 8.52 -49.70 31.96
CA ALA D 157 7.29 -50.04 32.66
C ALA D 157 7.52 -51.03 33.79
N THR D 158 8.78 -51.30 34.13
CA THR D 158 9.09 -52.23 35.21
C THR D 158 8.43 -51.77 36.51
N GLN D 159 7.87 -52.72 37.25
CA GLN D 159 7.11 -52.38 38.46
C GLN D 159 7.92 -51.52 39.42
N PRO D 160 9.15 -51.89 39.78
CA PRO D 160 10.03 -50.92 40.44
C PRO D 160 10.51 -49.87 39.45
N PRO D 161 10.20 -48.60 39.68
CA PRO D 161 10.50 -47.58 38.67
C PRO D 161 11.98 -47.57 38.31
N THR D 162 12.25 -47.42 37.02
CA THR D 162 13.61 -47.31 36.50
C THR D 162 13.56 -46.63 35.14
N LYS D 163 14.72 -46.13 34.72
CA LYS D 163 14.83 -45.43 33.45
C LYS D 163 16.26 -45.52 32.94
N VAL D 164 16.41 -45.79 31.65
CA VAL D 164 17.71 -45.99 31.02
C VAL D 164 17.91 -44.93 29.95
N TYR D 165 19.12 -44.38 29.89
CA TYR D 165 19.45 -43.30 28.98
C TYR D 165 20.26 -43.87 27.82
N ASN D 166 19.83 -43.58 26.59
CA ASN D 166 20.45 -44.11 25.39
C ASN D 166 20.89 -42.98 24.47
N ASN D 167 22.06 -43.13 23.87
CA ASN D 167 22.51 -42.15 22.89
C ASN D 167 21.69 -42.26 21.61
N ASP D 168 21.08 -41.15 21.20
CA ASP D 168 20.35 -41.08 19.94
C ASP D 168 21.29 -40.44 18.93
N LEU D 169 21.86 -41.26 18.05
CA LEU D 169 22.90 -40.81 17.13
C LEU D 169 22.34 -40.14 15.89
N THR D 170 21.03 -39.86 15.84
CA THR D 170 20.42 -39.21 14.69
C THR D 170 19.64 -37.95 15.05
N ALA D 171 19.34 -37.72 16.32
CA ALA D 171 18.64 -36.51 16.71
C ALA D 171 19.56 -35.30 16.50
N SER D 172 18.96 -34.11 16.51
CA SER D 172 19.67 -32.89 16.19
C SER D 172 19.36 -31.81 17.21
N LEU D 173 20.31 -30.90 17.39
CA LEU D 173 20.10 -29.66 18.10
C LEU D 173 19.83 -28.54 17.10
N MET D 174 18.93 -27.64 17.44
CA MET D 174 18.61 -26.50 16.59
C MET D 174 19.27 -25.26 17.18
N VAL D 175 20.19 -24.66 16.41
CA VAL D 175 20.95 -23.50 16.85
C VAL D 175 20.66 -22.34 15.92
N ALA D 176 20.28 -21.21 16.48
CA ALA D 176 19.92 -20.04 15.69
C ALA D 176 20.69 -18.83 16.19
N LEU D 177 21.39 -18.16 15.29
CA LEU D 177 22.11 -16.94 15.62
C LEU D 177 21.43 -15.77 14.91
N ASP D 178 20.94 -14.82 15.70
CA ASP D 178 20.26 -13.65 15.16
C ASP D 178 21.33 -12.59 14.88
N SER D 179 22.12 -12.85 13.85
CA SER D 179 23.21 -11.94 13.50
C SER D 179 22.71 -10.56 13.09
N ASN D 180 21.44 -10.44 12.72
CA ASN D 180 20.88 -9.19 12.25
C ASN D 180 20.03 -8.50 13.31
N ASN D 181 20.03 -9.00 14.55
CA ASN D 181 19.28 -8.39 15.65
C ASN D 181 17.82 -8.20 15.27
N THR D 182 17.25 -9.22 14.63
CA THR D 182 15.85 -9.18 14.26
C THR D 182 14.94 -9.41 15.46
N MET D 183 15.35 -10.24 16.40
CA MET D 183 14.54 -10.57 17.57
C MET D 183 14.75 -9.55 18.66
N PRO D 184 13.82 -9.46 19.61
CA PRO D 184 13.99 -8.52 20.72
C PRO D 184 15.24 -8.85 21.53
N PHE D 185 15.92 -7.81 21.99
CA PHE D 185 17.07 -7.99 22.85
C PHE D 185 16.60 -8.35 24.25
N THR D 186 17.18 -9.39 24.83
CA THR D 186 16.81 -9.87 26.15
C THR D 186 18.07 -10.18 26.94
N PRO D 187 18.63 -9.20 27.63
CA PRO D 187 19.81 -9.48 28.46
C PRO D 187 19.42 -10.25 29.72
N ALA D 188 19.98 -11.44 29.87
CA ALA D 188 19.59 -12.32 30.96
C ALA D 188 20.12 -11.87 32.31
N ALA D 189 21.17 -11.05 32.33
CA ALA D 189 21.74 -10.62 33.61
C ALA D 189 20.70 -9.93 34.47
N MET D 190 19.71 -9.29 33.86
CA MET D 190 18.68 -8.59 34.63
C MET D 190 17.86 -9.55 35.48
N ARG D 191 17.70 -10.79 35.05
CA ARG D 191 16.99 -11.81 35.80
C ARG D 191 17.91 -12.85 36.41
N SER D 192 19.22 -12.61 36.41
CA SER D 192 20.20 -13.57 36.91
C SER D 192 19.98 -14.93 36.25
N GLU D 193 20.02 -14.93 34.91
CA GLU D 193 19.81 -16.14 34.13
C GLU D 193 20.89 -16.32 33.07
N THR D 194 22.09 -15.79 33.31
CA THR D 194 23.21 -16.05 32.44
C THR D 194 23.84 -17.39 32.79
N LEU D 195 24.74 -17.85 31.92
CA LEU D 195 25.48 -19.08 32.20
C LEU D 195 26.19 -18.95 33.54
N GLY D 196 26.50 -20.10 34.14
CA GLY D 196 27.13 -20.10 35.44
C GLY D 196 28.52 -19.50 35.42
N PHE D 197 28.99 -19.13 36.61
CA PHE D 197 30.31 -18.54 36.78
C PHE D 197 31.36 -19.56 37.13
N TYR D 198 31.02 -20.84 37.19
CA TYR D 198 31.94 -21.90 37.61
C TYR D 198 32.33 -22.76 36.43
N PRO D 199 33.61 -22.80 36.03
CA PRO D 199 33.98 -23.63 34.87
C PRO D 199 33.66 -25.10 35.05
N TRP D 200 33.70 -25.62 36.28
CA TRP D 200 33.56 -27.04 36.50
C TRP D 200 32.14 -27.46 36.88
N LYS D 201 31.19 -26.52 36.87
CA LYS D 201 29.80 -26.84 37.19
C LYS D 201 28.96 -26.69 35.93
N PRO D 202 28.28 -27.73 35.47
CA PRO D 202 27.42 -27.57 34.29
C PRO D 202 26.36 -26.51 34.50
N THR D 203 26.04 -25.79 33.43
CA THR D 203 25.09 -24.70 33.46
C THR D 203 23.88 -25.04 32.61
N ILE D 204 22.84 -24.22 32.73
CA ILE D 204 21.59 -24.42 31.99
C ILE D 204 21.30 -23.15 31.21
N PRO D 205 20.69 -23.24 30.03
CA PRO D 205 20.24 -22.03 29.34
C PRO D 205 18.88 -21.57 29.87
N THR D 206 18.54 -20.34 29.54
CA THR D 206 17.30 -19.77 30.04
C THR D 206 16.24 -19.81 28.95
N PRO D 207 15.04 -20.33 29.23
CA PRO D 207 13.99 -20.32 28.19
C PRO D 207 13.71 -18.89 27.75
N TRP D 208 13.50 -18.73 26.45
CA TRP D 208 13.38 -17.40 25.89
C TRP D 208 11.92 -16.96 25.83
N ARG D 209 11.70 -15.69 26.18
CA ARG D 209 10.38 -15.08 26.11
C ARG D 209 10.59 -13.59 25.91
N TYR D 210 9.60 -12.94 25.29
CA TYR D 210 9.74 -11.52 24.98
C TYR D 210 8.40 -10.83 25.12
N TYR D 211 8.45 -9.57 25.57
CA TYR D 211 7.23 -8.84 25.88
C TYR D 211 6.33 -8.71 24.66
N PHE D 212 5.05 -8.99 24.85
CA PHE D 212 4.00 -8.64 23.91
C PHE D 212 3.31 -7.38 24.39
N GLN D 213 2.92 -6.53 23.44
CA GLN D 213 2.37 -5.24 23.81
C GLN D 213 1.07 -5.41 24.57
N TRP D 214 0.83 -4.49 25.52
CA TRP D 214 -0.40 -4.48 26.29
C TRP D 214 -0.65 -3.09 26.83
N ASP D 215 -1.90 -2.83 27.18
CA ASP D 215 -2.30 -1.60 27.84
C ASP D 215 -2.76 -1.93 29.25
N ARG D 216 -2.36 -1.11 30.22
CA ARG D 216 -2.66 -1.39 31.62
C ARG D 216 -2.79 -0.08 32.37
N THR D 217 -3.91 0.11 33.04
CA THR D 217 -4.15 1.27 33.89
C THR D 217 -4.09 0.83 35.34
N LEU D 218 -3.33 1.56 36.15
CA LEU D 218 -3.22 1.29 37.58
C LEU D 218 -3.17 2.62 38.31
N ILE D 219 -4.32 3.11 38.74
CA ILE D 219 -4.40 4.36 39.50
C ILE D 219 -3.83 4.11 40.88
N PRO D 220 -2.81 4.84 41.32
CA PRO D 220 -2.22 4.57 42.63
C PRO D 220 -3.17 4.97 43.75
N SER D 221 -2.97 4.34 44.90
CA SER D 221 -3.76 4.62 46.10
C SER D 221 -2.86 4.42 47.31
N HIS D 222 -3.43 4.65 48.49
CA HIS D 222 -2.70 4.50 49.74
C HIS D 222 -3.57 3.73 50.73
N THR D 223 -2.92 3.16 51.74
CA THR D 223 -3.66 2.52 52.81
C THR D 223 -4.60 3.52 53.43
N GLY D 224 -5.91 3.32 53.25
CA GLY D 224 -6.91 4.28 53.65
C GLY D 224 -7.65 4.91 52.50
N THR D 225 -7.27 4.62 51.26
CA THR D 225 -8.03 5.12 50.11
C THR D 225 -9.37 4.41 50.03
N SER D 226 -10.43 5.19 49.85
CA SER D 226 -11.77 4.63 49.80
C SER D 226 -12.04 3.97 48.46
N GLY D 227 -12.76 2.85 48.50
CA GLY D 227 -13.14 2.19 47.27
C GLY D 227 -11.96 1.50 46.59
N THR D 228 -12.19 1.14 45.33
CA THR D 228 -11.21 0.44 44.52
C THR D 228 -10.74 1.35 43.40
N PRO D 229 -9.45 1.70 43.33
CA PRO D 229 -8.98 2.50 42.20
C PRO D 229 -9.03 1.71 40.91
N THR D 230 -9.14 2.44 39.80
CA THR D 230 -9.11 1.81 38.48
C THR D 230 -7.83 1.02 38.31
N ASN D 231 -7.94 -0.29 38.16
CA ASN D 231 -6.80 -1.18 37.95
C ASN D 231 -7.30 -2.32 37.04
N ILE D 232 -7.09 -2.17 35.74
CA ILE D 232 -7.66 -3.06 34.74
C ILE D 232 -6.65 -3.28 33.63
N TYR D 233 -6.61 -4.52 33.14
CA TYR D 233 -5.81 -4.87 31.97
C TYR D 233 -6.64 -4.64 30.72
N HIS D 234 -6.26 -3.64 29.93
CA HIS D 234 -7.10 -3.16 28.84
C HIS D 234 -7.01 -3.99 27.57
N GLY D 235 -6.00 -4.86 27.44
CA GLY D 235 -5.84 -5.63 26.24
C GLY D 235 -4.60 -5.23 25.45
N THR D 236 -4.69 -5.27 24.12
CA THR D 236 -3.55 -5.03 23.25
C THR D 236 -3.94 -4.08 22.13
N ASP D 237 -3.04 -3.16 21.81
CA ASP D 237 -3.24 -2.24 20.71
C ASP D 237 -2.85 -2.91 19.40
N PRO D 238 -3.74 -3.00 18.41
CA PRO D 238 -3.35 -3.66 17.15
C PRO D 238 -2.17 -3.01 16.46
N ASP D 239 -2.00 -1.69 16.60
CA ASP D 239 -0.92 -1.02 15.89
C ASP D 239 0.46 -1.38 16.45
N ASP D 240 0.51 -2.05 17.59
CA ASP D 240 1.77 -2.39 18.24
C ASP D 240 2.02 -3.89 18.32
N VAL D 241 1.18 -4.72 17.70
CA VAL D 241 1.38 -6.16 17.76
C VAL D 241 2.64 -6.53 17.00
N GLN D 242 3.47 -7.38 17.62
CA GLN D 242 4.70 -7.88 17.00
C GLN D 242 4.92 -9.30 17.49
N PHE D 243 4.74 -10.27 16.61
CA PHE D 243 4.91 -11.68 16.94
C PHE D 243 6.12 -12.21 16.19
N TYR D 244 7.21 -12.44 16.91
CA TYR D 244 8.46 -12.87 16.33
C TYR D 244 8.59 -14.38 16.44
N THR D 245 8.93 -15.03 15.32
CA THR D 245 9.21 -16.45 15.27
C THR D 245 10.63 -16.66 14.79
N ILE D 246 11.42 -17.41 15.56
CA ILE D 246 12.80 -17.66 15.18
C ILE D 246 12.87 -18.40 13.86
N GLU D 247 11.92 -19.30 13.62
CA GLU D 247 11.91 -20.05 12.37
C GLU D 247 11.84 -19.12 11.17
N ASN D 248 11.14 -17.99 11.32
CA ASN D 248 10.90 -17.10 10.20
C ASN D 248 11.95 -16.00 10.05
N SER D 249 12.73 -15.72 11.09
CA SER D 249 13.62 -14.57 11.10
C SER D 249 15.09 -14.92 11.12
N VAL D 250 15.46 -16.17 11.39
CA VAL D 250 16.86 -16.55 11.47
C VAL D 250 17.06 -17.89 10.77
N PRO D 251 18.22 -18.16 10.19
CA PRO D 251 18.50 -19.52 9.70
C PRO D 251 18.94 -20.42 10.86
N VAL D 252 18.40 -21.63 10.87
CA VAL D 252 18.57 -22.56 11.99
C VAL D 252 19.47 -23.70 11.51
N HIS D 253 20.56 -23.93 12.24
CA HIS D 253 21.45 -25.02 11.95
C HIS D 253 21.03 -26.25 12.75
N LEU D 254 21.03 -27.40 12.07
CA LEU D 254 20.76 -28.69 12.71
C LEU D 254 22.10 -29.37 12.98
N LEU D 255 22.39 -29.59 14.25
CA LEU D 255 23.68 -30.11 14.70
C LEU D 255 23.48 -31.52 15.23
N ARG D 256 24.01 -32.51 14.50
CA ARG D 256 24.09 -33.85 15.04
C ARG D 256 25.35 -33.97 15.90
N THR D 257 25.53 -35.15 16.49
CA THR D 257 26.60 -35.32 17.47
C THR D 257 27.97 -34.96 16.90
N GLY D 258 28.15 -35.15 15.60
CA GLY D 258 29.41 -34.86 14.95
C GLY D 258 29.53 -33.48 14.35
N ASP D 259 28.64 -32.56 14.72
CA ASP D 259 28.62 -31.22 14.14
C ASP D 259 29.04 -30.18 15.17
N GLU D 260 29.40 -29.00 14.66
CA GLU D 260 29.84 -27.90 15.50
C GLU D 260 29.36 -26.60 14.89
N PHE D 261 29.18 -25.59 15.73
CA PHE D 261 28.70 -24.29 15.32
C PHE D 261 29.58 -23.21 15.92
N ALA D 262 30.08 -22.33 15.06
CA ALA D 262 30.93 -21.22 15.47
C ALA D 262 30.36 -19.93 14.91
N THR D 263 30.23 -18.92 15.77
CA THR D 263 29.60 -17.68 15.37
C THR D 263 30.49 -16.86 14.45
N GLY D 264 31.79 -16.85 14.71
CA GLY D 264 32.68 -15.91 14.06
C GLY D 264 32.87 -14.70 14.94
N THR D 265 33.99 -14.00 14.78
CA THR D 265 34.35 -12.92 15.69
C THR D 265 33.55 -11.67 15.34
N PHE D 266 32.91 -11.08 16.34
CA PHE D 266 32.32 -9.75 16.20
C PHE D 266 33.19 -8.74 16.93
N PHE D 267 33.15 -7.49 16.46
CA PHE D 267 33.97 -6.42 16.99
C PHE D 267 33.09 -5.30 17.52
N PHE D 268 33.40 -4.82 18.73
CA PHE D 268 32.63 -3.77 19.37
C PHE D 268 33.12 -2.39 18.96
N ASP D 269 32.31 -1.38 19.31
CA ASP D 269 32.64 0.02 19.04
C ASP D 269 32.24 0.92 20.21
N CYS D 270 32.13 0.36 21.41
CA CYS D 270 31.60 1.11 22.54
C CYS D 270 32.61 2.12 23.06
N LYS D 271 32.12 3.05 23.87
CA LYS D 271 32.98 4.02 24.51
C LYS D 271 33.81 3.33 25.60
N PRO D 272 34.96 3.90 25.96
CA PRO D 272 35.78 3.27 26.99
C PRO D 272 35.15 3.36 28.37
N CYS D 273 35.57 2.45 29.25
CA CYS D 273 35.09 2.40 30.63
C CYS D 273 36.24 2.77 31.56
N ARG D 274 35.94 3.58 32.56
CA ARG D 274 36.94 4.06 33.49
C ARG D 274 36.97 3.18 34.73
N LEU D 275 38.17 2.73 35.11
CA LEU D 275 38.37 2.00 36.34
C LEU D 275 38.89 2.90 37.47
N THR D 276 38.72 4.20 37.33
CA THR D 276 39.04 5.17 38.35
C THR D 276 37.78 5.95 38.71
N HIS D 277 37.64 6.28 39.98
CA HIS D 277 36.47 6.98 40.47
C HIS D 277 36.78 8.45 40.73
N THR D 278 35.72 9.26 40.68
CA THR D 278 35.82 10.69 40.92
C THR D 278 35.23 11.00 42.29
N TRP D 279 35.98 11.76 43.09
CA TRP D 279 35.56 12.12 44.44
C TRP D 279 35.22 13.59 44.60
N GLN D 280 35.74 14.44 43.73
CA GLN D 280 35.54 15.88 43.86
C GLN D 280 34.08 16.21 43.58
N THR D 281 33.37 16.65 44.61
CA THR D 281 32.09 17.31 44.39
C THR D 281 32.35 18.77 44.03
N ASN D 282 31.26 19.52 43.85
CA ASN D 282 31.40 20.92 43.48
C ASN D 282 32.25 21.68 44.50
N ARG D 283 32.21 21.25 45.77
CA ARG D 283 32.92 21.97 46.81
C ARG D 283 34.44 21.85 46.68
N ALA D 284 34.94 20.90 45.90
CA ALA D 284 36.36 20.67 45.76
C ALA D 284 36.85 20.89 44.34
N LEU D 285 36.22 21.80 43.60
CA LEU D 285 36.63 22.13 42.25
C LEU D 285 37.30 23.49 42.23
N GLY D 286 38.58 23.52 41.86
CA GLY D 286 39.27 24.77 41.63
C GLY D 286 40.26 25.17 42.70
N LEU D 287 40.44 26.47 42.88
CA LEU D 287 41.47 27.00 43.77
C LEU D 287 40.88 27.22 45.16
N PRO D 288 41.38 26.57 46.20
CA PRO D 288 40.85 26.80 47.54
C PRO D 288 41.19 28.19 48.03
N PRO D 289 40.49 28.68 49.04
CA PRO D 289 40.78 30.03 49.55
C PRO D 289 42.15 30.08 50.22
N PHE D 290 42.77 31.25 50.13
CA PHE D 290 44.05 31.44 50.78
C PHE D 290 43.88 31.55 52.28
N LEU D 291 44.74 30.86 53.03
CA LEU D 291 44.69 30.84 54.48
C LEU D 291 45.77 31.77 55.03
N ASN D 292 45.34 32.89 55.62
CA ASN D 292 46.29 33.82 56.20
C ASN D 292 46.68 33.45 57.63
N SER D 293 46.03 32.46 58.23
CA SER D 293 46.35 32.01 59.59
C SER D 293 46.43 30.49 59.59
N LEU D 294 47.61 29.96 59.30
CA LEU D 294 47.84 28.53 59.36
C LEU D 294 48.02 28.09 60.81
N PRO D 295 47.68 26.84 61.14
CA PRO D 295 47.85 26.38 62.52
C PRO D 295 49.31 26.24 62.88
N GLN D 296 49.63 26.55 64.13
CA GLN D 296 50.99 26.51 64.63
C GLN D 296 51.30 25.27 65.46
N SER D 297 50.35 24.34 65.58
CA SER D 297 50.57 23.14 66.38
C SER D 297 49.71 22.00 65.84
N GLU D 298 50.28 20.81 65.85
CA GLU D 298 49.59 19.63 65.36
C GLU D 298 48.48 19.21 66.32
N GLY D 299 47.40 18.70 65.76
CA GLY D 299 46.27 18.26 66.55
C GLY D 299 45.04 18.04 65.69
N GLY D 300 44.07 17.35 66.27
CA GLY D 300 42.84 17.05 65.57
C GLY D 300 41.83 18.18 65.62
N THR D 301 42.10 19.23 66.39
CA THR D 301 41.21 20.38 66.47
C THR D 301 41.94 21.70 66.24
N ASN D 302 43.20 21.65 65.82
CA ASN D 302 43.98 22.86 65.54
C ASN D 302 43.76 23.23 64.08
N PHE D 303 42.63 23.88 63.83
CA PHE D 303 42.24 24.23 62.48
C PHE D 303 42.96 25.48 62.00
N GLY D 304 42.99 25.65 60.68
CA GLY D 304 43.41 26.91 60.11
C GLY D 304 42.24 27.83 59.88
N TYR D 305 42.55 29.09 59.59
CA TYR D 305 41.53 30.12 59.42
C TYR D 305 41.78 30.87 58.12
N ILE D 306 40.71 31.42 57.55
CA ILE D 306 40.84 32.20 56.32
C ILE D 306 41.15 33.65 56.64
N GLY D 307 40.61 34.17 57.75
CA GLY D 307 41.05 35.42 58.30
C GLY D 307 40.53 36.67 57.62
N VAL D 308 39.69 36.53 56.61
CA VAL D 308 39.09 37.67 55.91
C VAL D 308 37.59 37.60 56.13
N GLN D 309 37.02 38.72 56.58
CA GLN D 309 35.58 38.75 56.84
C GLN D 309 34.83 38.42 55.54
N GLN D 310 33.76 37.64 55.69
CA GLN D 310 33.18 36.97 54.52
C GLN D 310 32.69 37.95 53.47
N ASP D 311 32.15 39.10 53.88
CA ASP D 311 31.65 40.07 52.92
C ASP D 311 32.73 40.96 52.35
N LYS D 312 33.96 40.87 52.86
CA LYS D 312 35.09 41.65 52.33
C LYS D 312 35.99 40.84 51.42
N ARG D 313 35.61 39.61 51.08
CA ARG D 313 36.47 38.73 50.31
C ARG D 313 36.40 39.06 48.82
N ARG D 314 37.22 38.34 48.05
CA ARG D 314 37.33 38.53 46.61
C ARG D 314 37.02 37.23 45.89
N GLY D 315 36.42 37.34 44.72
CA GLY D 315 36.11 36.21 43.89
C GLY D 315 34.89 36.47 43.04
N VAL D 316 34.28 35.38 42.56
CA VAL D 316 33.11 35.45 41.69
C VAL D 316 32.03 34.55 42.24
N THR D 317 30.79 35.03 42.23
CA THR D 317 29.63 34.25 42.61
C THR D 317 28.52 34.48 41.60
N GLN D 318 27.64 33.49 41.46
CA GLN D 318 26.42 33.65 40.68
C GLN D 318 25.29 34.26 41.49
N MET D 319 25.59 34.86 42.63
CA MET D 319 24.64 35.66 43.38
C MET D 319 24.96 37.11 43.03
N GLY D 320 24.05 37.75 42.28
CA GLY D 320 24.25 39.15 41.90
C GLY D 320 23.83 40.14 42.96
N ASN D 321 23.32 39.68 44.10
CA ASN D 321 22.85 40.57 45.16
C ASN D 321 23.42 40.17 46.52
N THR D 322 24.59 39.54 46.56
CA THR D 322 25.22 39.15 47.81
C THR D 322 26.72 39.38 47.72
N ASN D 323 27.26 40.09 48.71
CA ASN D 323 28.69 40.30 48.82
C ASN D 323 29.40 39.17 49.56
N TYR D 324 28.64 38.22 50.11
CA TYR D 324 29.22 37.07 50.78
C TYR D 324 29.86 36.16 49.74
N ILE D 325 31.15 35.91 49.88
CA ILE D 325 31.87 34.94 49.06
C ILE D 325 32.25 33.77 49.96
N THR D 326 31.64 32.62 49.72
CA THR D 326 31.75 31.47 50.60
C THR D 326 31.96 30.23 49.75
N GLU D 327 32.52 29.20 50.37
CA GLU D 327 32.72 27.94 49.67
C GLU D 327 31.40 27.39 49.14
N ALA D 328 30.28 27.76 49.77
CA ALA D 328 28.97 27.29 49.33
C ALA D 328 28.35 28.21 48.29
N THR D 329 28.95 29.38 48.05
CA THR D 329 28.39 30.33 47.09
C THR D 329 29.36 30.69 45.97
N ILE D 330 30.66 30.46 46.15
CA ILE D 330 31.62 30.81 45.11
C ILE D 330 31.30 30.04 43.84
N MET D 331 31.52 30.69 42.69
CA MET D 331 31.13 30.11 41.42
C MET D 331 32.03 28.93 41.08
N ARG D 332 31.43 27.77 40.86
CA ARG D 332 32.15 26.61 40.37
C ARG D 332 31.92 26.47 38.87
N PRO D 333 32.85 25.82 38.16
CA PRO D 333 32.71 25.75 36.69
C PRO D 333 31.43 25.07 36.23
N ALA D 334 30.94 24.09 36.97
CA ALA D 334 29.72 23.37 36.60
C ALA D 334 29.28 22.55 37.79
N GLU D 335 28.25 21.73 37.60
CA GLU D 335 27.65 20.94 38.66
C GLU D 335 28.03 19.48 38.48
N VAL D 336 28.53 18.85 39.54
CA VAL D 336 28.85 17.43 39.51
C VAL D 336 27.66 16.66 40.06
N GLY D 337 27.13 15.75 39.26
CA GLY D 337 25.95 14.99 39.66
C GLY D 337 24.70 15.83 39.51
N TYR D 338 23.56 15.16 39.66
CA TYR D 338 22.27 15.81 39.55
C TYR D 338 21.30 15.18 40.54
N SER D 339 20.37 16.00 41.02
CA SER D 339 19.33 15.51 41.91
C SER D 339 18.14 15.06 41.10
N ALA D 340 17.56 13.92 41.48
CA ALA D 340 16.44 13.33 40.77
C ALA D 340 15.35 13.00 41.78
N PRO D 341 14.10 12.90 41.33
CA PRO D 341 13.02 12.52 42.24
C PRO D 341 13.18 11.08 42.71
N TYR D 342 13.59 10.86 43.95
CA TYR D 342 13.92 9.51 44.36
C TYR D 342 12.66 8.73 44.74
N TYR D 343 12.60 7.49 44.30
CA TYR D 343 11.41 6.64 44.40
C TYR D 343 10.22 7.32 43.74
N SER D 344 10.40 7.69 42.48
CA SER D 344 9.30 8.20 41.66
C SER D 344 8.88 7.14 40.67
N PHE D 345 7.58 6.85 40.62
CA PHE D 345 7.02 5.89 39.68
C PHE D 345 6.18 6.63 38.66
N GLU D 346 6.54 6.50 37.38
CA GLU D 346 5.82 7.12 36.28
C GLU D 346 5.02 6.06 35.56
N ALA D 347 3.83 6.42 35.11
CA ALA D 347 2.91 5.50 34.46
C ALA D 347 2.83 5.83 32.97
N SER D 348 2.81 4.78 32.16
CA SER D 348 2.61 4.91 30.72
C SER D 348 1.62 3.82 30.33
N THR D 349 1.51 3.58 29.02
CA THR D 349 0.50 2.63 28.54
C THR D 349 0.61 1.28 29.23
N GLN D 350 1.82 0.86 29.58
CA GLN D 350 2.04 -0.46 30.15
C GLN D 350 2.02 -0.49 31.68
N GLY D 351 1.82 0.65 32.33
CA GLY D 351 1.75 0.70 33.76
C GLY D 351 2.93 1.43 34.39
N PRO D 352 2.99 1.41 35.72
CA PRO D 352 4.01 2.19 36.42
C PRO D 352 5.39 1.54 36.37
N PHE D 353 6.40 2.40 36.43
CA PHE D 353 7.79 1.97 36.47
C PHE D 353 8.59 3.03 37.21
N LYS D 354 9.58 2.58 37.98
CA LYS D 354 10.41 3.51 38.74
C LYS D 354 11.25 4.36 37.80
N THR D 355 11.36 5.63 38.11
CA THR D 355 12.26 6.50 37.36
C THR D 355 13.69 6.15 37.72
N PRO D 356 14.51 5.68 36.78
CA PRO D 356 15.89 5.34 37.10
C PRO D 356 16.75 6.60 37.27
N ILE D 357 17.84 6.43 38.01
CA ILE D 357 18.80 7.49 38.25
C ILE D 357 20.20 6.93 38.02
N ALA D 358 21.14 7.83 37.72
CA ALA D 358 22.48 7.43 37.32
C ALA D 358 23.50 7.50 38.44
N ALA D 359 23.13 8.02 39.60
CA ALA D 359 24.06 8.21 40.71
C ALA D 359 23.50 7.57 41.97
N GLY D 360 24.40 7.24 42.90
CA GLY D 360 24.01 6.64 44.15
C GLY D 360 23.65 7.67 45.21
N ARG D 361 23.50 7.18 46.43
CA ARG D 361 23.14 8.02 47.56
C ARG D 361 24.37 8.53 48.28
N GLY D 362 24.20 9.63 49.01
CA GLY D 362 25.29 10.17 49.80
C GLY D 362 25.15 9.82 51.27
N GLY D 363 26.28 9.48 51.87
CA GLY D 363 26.31 9.09 53.27
C GLY D 363 26.17 7.59 53.46
N ALA D 364 25.72 6.89 52.41
CA ALA D 364 25.61 5.44 52.48
C ALA D 364 26.98 4.77 52.60
N GLN D 365 28.03 5.41 52.08
CA GLN D 365 29.37 4.83 52.18
C GLN D 365 29.81 4.68 53.62
N THR D 366 29.35 5.55 54.51
CA THR D 366 29.70 5.48 55.92
C THR D 366 28.70 4.64 56.71
N ASP D 367 27.42 4.68 56.33
CA ASP D 367 26.36 3.92 57.01
C ASP D 367 25.57 3.17 55.93
N GLU D 368 25.82 1.87 55.81
CA GLU D 368 25.15 1.08 54.78
C GLU D 368 23.64 1.08 54.95
N ASN D 369 23.15 1.30 56.18
CA ASN D 369 21.71 1.33 56.42
C ASN D 369 21.02 2.43 55.63
N GLN D 370 21.76 3.47 55.21
CA GLN D 370 21.20 4.56 54.43
C GLN D 370 21.25 4.30 52.93
N ALA D 371 21.79 3.17 52.49
CA ALA D 371 21.81 2.86 51.07
C ALA D 371 20.40 2.84 50.53
N ALA D 372 20.17 3.59 49.45
CA ALA D 372 18.81 3.78 48.94
C ALA D 372 18.80 3.99 47.44
N ASP D 373 17.69 4.54 46.92
CA ASP D 373 17.49 4.76 45.50
C ASP D 373 18.81 5.14 44.82
N GLY D 374 19.14 4.44 43.74
CA GLY D 374 20.35 4.68 42.99
C GLY D 374 21.42 3.64 43.18
N ASP D 375 21.56 3.08 44.37
CA ASP D 375 22.55 2.04 44.61
C ASP D 375 21.97 0.70 44.14
N PRO D 376 22.48 0.15 43.03
CA PRO D 376 21.85 -1.05 42.48
C PRO D 376 21.93 -2.24 43.42
N ARG D 377 20.84 -2.98 43.49
CA ARG D 377 20.74 -4.18 44.31
C ARG D 377 20.67 -5.40 43.42
N TYR D 378 21.55 -6.36 43.66
CA TYR D 378 21.63 -7.59 42.88
C TYR D 378 21.24 -8.77 43.77
N ALA D 379 20.25 -9.53 43.30
CA ALA D 379 19.82 -10.77 43.94
C ALA D 379 20.07 -11.92 42.99
N PHE D 380 20.66 -13.00 43.49
CA PHE D 380 21.13 -14.06 42.63
C PHE D 380 21.10 -15.39 43.36
N GLY D 381 21.27 -16.46 42.57
CA GLY D 381 21.18 -17.81 43.05
C GLY D 381 22.53 -18.52 43.04
N ARG D 382 22.44 -19.84 43.21
CA ARG D 382 23.64 -20.64 43.46
C ARG D 382 24.54 -20.76 42.24
N GLN D 383 24.00 -20.57 41.04
CA GLN D 383 24.81 -20.59 39.83
C GLN D 383 25.65 -19.33 39.66
N HIS D 384 25.32 -18.26 40.39
CA HIS D 384 25.88 -16.95 40.11
C HIS D 384 26.45 -16.30 41.37
N GLY D 385 27.03 -17.08 42.26
CA GLY D 385 27.76 -16.56 43.41
C GLY D 385 27.29 -17.05 44.75
N GLN D 386 26.00 -17.34 44.93
CA GLN D 386 25.54 -17.81 46.23
C GLN D 386 26.15 -19.16 46.55
N LYS D 387 26.35 -19.40 47.84
CA LYS D 387 26.98 -20.63 48.29
C LYS D 387 26.28 -21.83 47.68
N THR D 388 27.02 -22.66 46.93
CA THR D 388 26.39 -23.72 46.15
C THR D 388 25.70 -24.75 47.04
N THR D 389 25.99 -24.77 48.34
CA THR D 389 25.43 -25.77 49.24
C THR D 389 24.24 -25.27 50.04
N THR D 390 24.05 -23.96 50.14
CA THR D 390 22.95 -23.44 50.96
C THR D 390 21.61 -23.93 50.44
N THR D 391 20.74 -24.34 51.36
CA THR D 391 19.40 -24.79 51.03
C THR D 391 18.45 -23.59 50.97
N GLY D 392 17.26 -23.84 50.46
CA GLY D 392 16.21 -22.84 50.44
C GLY D 392 16.16 -22.06 49.13
N GLU D 393 15.01 -21.43 48.90
CA GLU D 393 14.80 -20.64 47.71
C GLU D 393 15.22 -19.18 47.87
N THR D 394 15.58 -18.77 49.08
CA THR D 394 15.97 -17.38 49.30
C THR D 394 17.26 -17.09 48.56
N PRO D 395 17.31 -16.07 47.70
CA PRO D 395 18.56 -15.74 47.01
C PRO D 395 19.47 -14.87 47.85
N GLU D 396 20.72 -14.77 47.40
CA GLU D 396 21.68 -13.90 48.05
C GLU D 396 21.66 -12.53 47.39
N ARG D 397 21.69 -11.49 48.22
CA ARG D 397 21.52 -10.12 47.76
C ARG D 397 22.69 -9.26 48.22
N PHE D 398 23.00 -8.24 47.43
CA PHE D 398 23.94 -7.22 47.86
C PHE D 398 23.64 -5.91 47.13
N THR D 399 23.87 -4.81 47.82
CA THR D 399 23.72 -3.48 47.26
C THR D 399 25.10 -2.92 46.96
N TYR D 400 25.32 -2.49 45.72
CA TYR D 400 26.62 -2.00 45.29
C TYR D 400 26.71 -0.51 45.58
N ILE D 401 27.36 -0.16 46.69
CA ILE D 401 27.60 1.23 47.05
C ILE D 401 28.80 1.70 46.24
N ALA D 402 28.54 2.46 45.18
CA ALA D 402 29.60 2.87 44.28
C ALA D 402 30.59 3.79 44.98
N HIS D 403 31.82 3.79 44.49
CA HIS D 403 32.87 4.64 45.04
C HIS D 403 32.80 6.07 44.52
N GLN D 404 32.32 6.28 43.30
CA GLN D 404 32.19 7.63 42.76
C GLN D 404 31.31 8.47 43.67
N ASP D 405 31.77 9.66 44.01
CA ASP D 405 31.00 10.59 44.83
C ASP D 405 30.18 11.55 43.99
N THR D 406 29.41 11.04 43.03
CA THR D 406 28.57 11.87 42.19
C THR D 406 27.14 12.00 42.73
N GLY D 407 26.82 11.29 43.80
CA GLY D 407 25.47 11.30 44.33
C GLY D 407 25.18 12.54 45.15
N ARG D 408 23.95 12.60 45.65
CA ARG D 408 23.47 13.71 46.44
C ARG D 408 23.03 13.23 47.81
N TYR D 409 22.98 14.14 48.77
CA TYR D 409 22.56 13.87 50.13
C TYR D 409 21.37 14.77 50.43
N PRO D 410 20.14 14.32 50.13
CA PRO D 410 19.00 15.26 50.13
C PRO D 410 18.70 15.88 51.47
N GLU D 411 19.19 15.33 52.58
CA GLU D 411 18.92 15.93 53.87
C GLU D 411 19.78 17.16 54.13
N GLY D 412 20.76 17.43 53.28
CA GLY D 412 21.61 18.60 53.42
C GLY D 412 21.24 19.72 52.48
N ASP D 413 20.28 19.47 51.59
CA ASP D 413 19.87 20.48 50.64
C ASP D 413 18.86 21.43 51.27
N TRP D 414 18.73 22.61 50.66
CA TRP D 414 17.69 23.55 51.06
C TRP D 414 17.55 24.59 49.96
N ILE D 415 16.34 25.13 49.84
CA ILE D 415 16.07 26.27 48.96
C ILE D 415 15.83 27.47 49.85
N GLN D 416 16.21 28.65 49.38
CA GLN D 416 15.93 29.86 50.14
C GLN D 416 15.64 31.02 49.19
N ASN D 417 14.95 32.02 49.73
CA ASN D 417 14.39 33.08 48.91
C ASN D 417 15.48 33.84 48.19
N ILE D 418 15.08 34.51 47.11
CA ILE D 418 16.01 35.27 46.28
C ILE D 418 16.68 36.40 47.05
N ASN D 419 16.02 36.91 48.10
CA ASN D 419 16.61 38.00 48.87
C ASN D 419 17.89 37.58 49.57
N PHE D 420 17.92 36.36 50.10
CA PHE D 420 19.14 35.79 50.68
C PHE D 420 19.57 36.56 51.93
N ASN D 421 18.59 36.96 52.73
CA ASN D 421 18.89 37.53 54.04
C ASN D 421 19.36 36.41 54.97
N LEU D 422 20.41 36.70 55.76
CA LEU D 422 20.97 35.70 56.65
C LEU D 422 21.03 36.25 58.07
N PRO D 423 20.79 35.40 59.08
CA PRO D 423 20.41 33.99 58.99
C PRO D 423 19.01 33.82 58.42
N VAL D 424 18.78 32.79 57.62
CA VAL D 424 17.53 32.68 56.89
C VAL D 424 16.38 32.43 57.85
N THR D 425 15.32 33.21 57.70
CA THR D 425 14.12 33.06 58.51
C THR D 425 13.24 31.94 57.94
N ASP D 426 12.35 31.44 58.78
CA ASP D 426 11.58 30.25 58.42
C ASP D 426 10.80 30.46 57.14
N ASP D 427 10.13 31.61 57.00
CA ASP D 427 9.26 31.82 55.86
C ASP D 427 10.00 31.83 54.53
N ASN D 428 11.32 31.96 54.55
CA ASN D 428 12.10 32.14 53.33
C ASN D 428 12.96 30.95 52.97
N VAL D 429 12.88 29.85 53.72
CA VAL D 429 13.69 28.66 53.45
C VAL D 429 12.78 27.45 53.41
N LEU D 430 12.95 26.64 52.36
CA LEU D 430 12.28 25.36 52.21
C LEU D 430 13.29 24.27 52.48
N LEU D 431 12.99 23.40 53.43
CA LEU D 431 13.90 22.40 53.95
C LEU D 431 13.42 20.99 53.62
N PRO D 432 14.32 20.01 53.64
CA PRO D 432 13.88 18.61 53.51
C PRO D 432 12.95 18.15 54.62
N THR D 433 12.91 18.86 55.73
CA THR D 433 12.03 18.52 56.84
C THR D 433 10.62 19.03 56.65
N ASP D 434 10.35 19.73 55.55
CA ASP D 434 9.09 20.45 55.38
C ASP D 434 8.19 19.73 54.38
N PRO D 435 6.93 19.50 54.72
CA PRO D 435 6.09 18.65 53.85
C PRO D 435 5.74 19.35 52.54
N ILE D 436 5.44 18.53 51.54
CA ILE D 436 4.91 18.99 50.27
C ILE D 436 3.53 18.37 50.08
N GLY D 437 2.55 19.20 49.76
CA GLY D 437 1.19 18.71 49.59
C GLY D 437 0.58 18.16 50.87
N GLY D 438 1.10 18.57 52.02
CA GLY D 438 0.54 18.17 53.30
C GLY D 438 1.02 16.84 53.82
N LYS D 439 1.84 16.10 53.07
CA LYS D 439 2.35 14.82 53.53
C LYS D 439 3.61 15.04 54.35
N THR D 440 3.59 14.57 55.60
CA THR D 440 4.74 14.77 56.49
C THR D 440 5.95 13.97 56.05
N GLY D 441 5.77 12.86 55.35
CA GLY D 441 6.86 12.01 54.93
C GLY D 441 7.40 12.27 53.56
N ILE D 442 6.82 13.21 52.82
CA ILE D 442 7.28 13.59 51.49
C ILE D 442 7.72 15.04 51.56
N ASN D 443 8.96 15.31 51.17
CA ASN D 443 9.51 16.65 51.16
C ASN D 443 9.92 17.04 49.74
N TYR D 444 10.37 18.29 49.61
CA TYR D 444 10.57 18.85 48.27
C TYR D 444 11.63 18.10 47.49
N THR D 445 12.60 17.50 48.18
CA THR D 445 13.63 16.74 47.47
C THR D 445 13.05 15.57 46.70
N ASN D 446 11.92 15.04 47.14
CA ASN D 446 11.32 13.88 46.45
C ASN D 446 10.86 14.24 45.06
N ILE D 447 10.48 15.50 44.82
CA ILE D 447 10.10 15.96 43.49
C ILE D 447 11.10 16.95 42.92
N PHE D 448 12.35 16.93 43.37
CA PHE D 448 13.30 17.96 43.03
C PHE D 448 14.28 17.45 41.97
N ASN D 449 14.33 18.14 40.83
CA ASN D 449 15.21 17.77 39.73
C ASN D 449 16.13 18.94 39.42
N THR D 450 17.43 18.66 39.34
CA THR D 450 18.42 19.66 39.04
C THR D 450 19.26 19.34 37.81
N TYR D 451 18.86 18.33 37.04
CA TYR D 451 19.55 18.07 35.79
C TYR D 451 19.42 19.27 34.87
N GLY D 452 20.54 19.73 34.34
CA GLY D 452 20.56 20.92 33.52
C GLY D 452 21.74 20.92 32.57
N PRO D 453 21.91 22.03 31.86
CA PRO D 453 23.03 22.10 30.90
C PRO D 453 24.39 21.98 31.55
N LEU D 454 24.51 22.29 32.84
CA LEU D 454 25.79 22.27 33.53
C LEU D 454 26.10 20.93 34.17
N THR D 455 25.18 19.96 34.09
CA THR D 455 25.37 18.70 34.80
C THR D 455 26.52 17.89 34.19
N ALA D 456 27.33 17.31 35.06
CA ALA D 456 28.37 16.36 34.67
C ALA D 456 28.27 15.15 35.59
N LEU D 457 28.32 13.96 35.01
CA LEU D 457 28.18 12.74 35.79
C LEU D 457 28.93 11.62 35.10
N ASN D 458 29.24 10.57 35.87
CA ASN D 458 30.04 9.46 35.40
C ASN D 458 29.15 8.29 34.99
N ASN D 459 29.75 7.35 34.27
CA ASN D 459 29.05 6.16 33.86
C ASN D 459 29.00 5.13 34.99
N VAL D 460 28.06 4.20 34.89
CA VAL D 460 27.87 3.23 35.96
C VAL D 460 29.12 2.36 36.08
N PRO D 461 29.62 2.11 37.28
CA PRO D 461 30.80 1.26 37.44
C PRO D 461 30.44 -0.20 37.21
N PRO D 462 31.36 -1.00 36.67
CA PRO D 462 31.08 -2.43 36.52
C PRO D 462 30.78 -3.06 37.87
N VAL D 463 29.84 -3.99 37.88
CA VAL D 463 29.45 -4.73 39.08
C VAL D 463 29.85 -6.18 38.87
N TYR D 464 30.84 -6.62 39.63
CA TYR D 464 31.32 -7.99 39.53
C TYR D 464 30.72 -8.84 40.65
N PRO D 465 30.33 -10.10 40.39
CA PRO D 465 30.36 -10.83 39.12
C PRO D 465 29.05 -10.75 38.34
N ASN D 466 28.00 -10.15 38.90
CA ASN D 466 26.66 -10.25 38.34
C ASN D 466 26.33 -9.15 37.33
N GLY D 467 27.21 -8.18 37.14
CA GLY D 467 26.87 -7.06 36.28
C GLY D 467 26.85 -7.44 34.82
N GLN D 468 26.04 -6.70 34.05
CA GLN D 468 25.99 -6.87 32.62
C GLN D 468 27.17 -6.16 31.96
N ILE D 469 27.75 -6.79 30.94
CA ILE D 469 28.94 -6.23 30.31
C ILE D 469 28.56 -5.19 29.27
N TRP D 470 27.70 -5.56 28.32
CA TRP D 470 27.36 -4.69 27.21
C TRP D 470 25.84 -4.66 27.04
N ASP D 471 25.36 -3.59 26.41
CA ASP D 471 23.94 -3.39 26.20
C ASP D 471 23.74 -2.76 24.83
N LYS D 472 22.52 -2.87 24.32
CA LYS D 472 22.19 -2.36 23.00
C LYS D 472 21.61 -0.96 23.11
N GLU D 473 22.16 -0.03 22.32
CA GLU D 473 21.61 1.31 22.27
C GLU D 473 20.18 1.27 21.76
N PHE D 474 19.34 2.12 22.35
CA PHE D 474 17.93 2.16 21.99
C PHE D 474 17.77 2.67 20.56
N ASP D 475 16.79 2.11 19.85
CA ASP D 475 16.46 2.56 18.51
C ASP D 475 15.55 3.78 18.51
N THR D 476 15.97 4.85 19.17
CA THR D 476 15.19 6.08 19.24
C THR D 476 15.90 7.19 18.46
N ASP D 477 15.12 8.18 18.04
CA ASP D 477 15.70 9.34 17.36
C ASP D 477 16.64 10.09 18.29
N LEU D 478 16.33 10.13 19.59
CA LEU D 478 17.20 10.72 20.59
C LEU D 478 17.60 9.64 21.58
N LYS D 479 18.88 9.47 21.77
CA LYS D 479 19.38 8.34 22.52
C LYS D 479 19.84 8.76 23.90
N PRO D 480 19.67 7.91 24.91
CA PRO D 480 20.06 8.30 26.27
C PRO D 480 21.56 8.47 26.39
N ARG D 481 21.97 9.34 27.31
CA ARG D 481 23.39 9.64 27.47
C ARG D 481 24.14 8.46 28.06
N LEU D 482 23.46 7.57 28.79
CA LEU D 482 24.10 6.41 29.36
C LEU D 482 23.04 5.36 29.69
N HIS D 483 23.51 4.20 30.13
CA HIS D 483 22.66 3.12 30.59
C HIS D 483 23.01 2.79 32.04
N VAL D 484 21.99 2.48 32.84
CA VAL D 484 22.22 2.21 34.25
C VAL D 484 22.61 0.76 34.52
N ASN D 485 22.51 -0.12 33.51
CA ASN D 485 22.75 -1.54 33.73
C ASN D 485 24.10 -2.01 33.26
N ALA D 486 24.71 -1.35 32.27
CA ALA D 486 25.96 -1.82 31.70
C ALA D 486 26.93 -0.67 31.52
N PRO D 487 28.24 -0.94 31.60
CA PRO D 487 29.21 0.13 31.31
C PRO D 487 29.41 0.35 29.83
N PHE D 488 29.28 -0.68 29.01
CA PHE D 488 29.48 -0.59 27.57
C PHE D 488 28.12 -0.60 26.89
N VAL D 489 27.90 0.35 25.99
CA VAL D 489 26.66 0.45 25.24
C VAL D 489 26.99 0.41 23.76
N CYS D 490 26.25 -0.39 23.01
CA CYS D 490 26.59 -0.72 21.64
C CYS D 490 26.01 0.33 20.70
N GLN D 491 26.87 1.11 20.04
CA GLN D 491 26.38 2.17 19.18
C GLN D 491 25.56 1.62 18.02
N ASN D 492 26.16 0.76 17.20
CA ASN D 492 25.49 0.27 15.99
C ASN D 492 24.78 -1.05 16.27
N ASN D 493 25.54 -2.08 16.64
CA ASN D 493 24.99 -3.40 16.91
C ASN D 493 26.00 -4.17 17.73
N CYS D 494 25.54 -5.26 18.36
CA CYS D 494 26.50 -6.18 18.94
C CYS D 494 25.87 -7.56 19.13
N PRO D 495 26.64 -8.56 19.56
CA PRO D 495 26.44 -9.92 19.02
C PRO D 495 24.99 -10.37 19.08
N GLY D 496 24.58 -11.06 18.02
CA GLY D 496 23.23 -11.61 18.00
C GLY D 496 23.04 -12.65 19.09
N GLN D 497 21.82 -12.72 19.60
CA GLN D 497 21.51 -13.71 20.62
C GLN D 497 21.55 -15.11 20.04
N LEU D 498 22.05 -16.06 20.83
CA LEU D 498 22.21 -17.45 20.40
C LEU D 498 21.10 -18.28 21.04
N PHE D 499 20.26 -18.88 20.20
CA PHE D 499 19.13 -19.66 20.67
C PHE D 499 19.37 -21.14 20.40
N VAL D 500 19.05 -21.98 21.38
CA VAL D 500 19.21 -23.42 21.26
C VAL D 500 17.87 -24.08 21.55
N LYS D 501 17.66 -25.22 20.89
CA LYS D 501 16.44 -25.99 21.08
C LYS D 501 16.73 -27.44 20.75
N VAL D 502 15.92 -28.34 21.28
CA VAL D 502 16.04 -29.75 20.94
C VAL D 502 15.04 -30.08 19.85
N ALA D 503 15.54 -30.61 18.74
CA ALA D 503 14.68 -30.83 17.59
C ALA D 503 13.57 -31.82 17.94
N PRO D 504 12.38 -31.68 17.35
CA PRO D 504 11.29 -32.60 17.68
C PRO D 504 11.69 -34.04 17.40
N ASN D 505 11.28 -34.94 18.29
CA ASN D 505 11.59 -36.37 18.21
C ASN D 505 10.27 -37.12 18.32
N LEU D 506 9.66 -37.40 17.17
CA LEU D 506 8.30 -37.91 17.13
C LEU D 506 8.27 -39.41 17.36
N THR D 507 7.10 -39.88 17.81
CA THR D 507 6.78 -41.29 17.84
C THR D 507 5.97 -41.67 16.59
N ASN D 508 5.65 -42.96 16.47
CA ASN D 508 4.90 -43.42 15.32
C ASN D 508 3.43 -43.02 15.39
N GLN D 509 2.96 -42.52 16.53
CA GLN D 509 1.55 -42.19 16.72
C GLN D 509 1.20 -40.78 16.30
N TYR D 510 2.16 -39.99 15.83
CA TYR D 510 1.90 -38.58 15.58
C TYR D 510 0.82 -38.40 14.52
N ASP D 511 -0.12 -37.50 14.79
CA ASP D 511 -1.21 -37.17 13.88
C ASP D 511 -1.44 -35.66 13.99
N PRO D 512 -1.01 -34.86 13.01
CA PRO D 512 -1.13 -33.40 13.14
C PRO D 512 -2.57 -32.89 13.18
N ASP D 513 -3.55 -33.70 12.76
CA ASP D 513 -4.93 -33.26 12.76
C ASP D 513 -5.55 -33.29 14.14
N ALA D 514 -4.89 -33.91 15.12
CA ALA D 514 -5.41 -33.93 16.49
C ALA D 514 -5.11 -32.61 17.19
N SER D 515 -5.91 -32.32 18.21
CA SER D 515 -5.73 -31.09 18.97
C SER D 515 -4.73 -31.24 20.10
N ALA D 516 -4.46 -32.47 20.52
CA ALA D 516 -3.63 -32.69 21.69
C ALA D 516 -2.19 -32.28 21.43
N ASN D 517 -1.42 -32.21 22.50
CA ASN D 517 0.00 -31.88 22.38
C ASN D 517 0.74 -33.02 21.67
N MET D 518 1.84 -32.65 21.03
CA MET D 518 2.62 -33.60 20.25
C MET D 518 3.18 -34.71 21.14
N SER D 519 3.13 -35.94 20.63
CA SER D 519 3.74 -37.07 21.33
C SER D 519 5.22 -37.13 20.96
N ARG D 520 6.09 -37.17 21.96
CA ARG D 520 7.52 -37.01 21.76
C ARG D 520 8.29 -38.07 22.55
N ILE D 521 9.50 -38.37 22.09
CA ILE D 521 10.42 -39.18 22.87
C ILE D 521 11.21 -38.27 23.80
N VAL D 522 11.22 -38.59 25.09
CA VAL D 522 11.89 -37.76 26.08
C VAL D 522 13.37 -37.67 25.71
N THR D 523 13.82 -36.48 25.35
CA THR D 523 15.16 -36.25 24.83
C THR D 523 15.77 -35.02 25.47
N TYR D 524 17.08 -35.03 25.64
CA TYR D 524 17.81 -33.88 26.16
C TYR D 524 19.20 -33.85 25.55
N SER D 525 19.87 -32.70 25.72
CA SER D 525 21.17 -32.47 25.10
C SER D 525 22.15 -31.93 26.12
N ASP D 526 23.41 -32.33 25.98
CA ASP D 526 24.53 -31.71 26.66
C ASP D 526 25.55 -31.29 25.62
N PHE D 527 25.92 -30.02 25.60
CA PHE D 527 26.85 -29.51 24.61
C PHE D 527 27.80 -28.52 25.26
N TRP D 528 29.02 -28.44 24.73
CA TRP D 528 30.04 -27.57 25.30
C TRP D 528 30.05 -26.24 24.55
N TRP D 529 29.81 -25.16 25.28
CA TRP D 529 29.86 -23.81 24.75
C TRP D 529 31.21 -23.20 25.10
N LYS D 530 31.85 -22.56 24.12
CA LYS D 530 33.13 -21.91 24.35
C LYS D 530 33.12 -20.52 23.73
N GLY D 531 33.43 -19.53 24.56
CA GLY D 531 33.44 -18.15 24.11
C GLY D 531 34.77 -17.48 24.41
N LYS D 532 35.12 -16.54 23.56
CA LYS D 532 36.32 -15.73 23.70
C LYS D 532 35.92 -14.27 23.69
N LEU D 533 36.30 -13.53 24.74
CA LEU D 533 35.98 -12.12 24.88
C LEU D 533 37.28 -11.35 25.04
N VAL D 534 37.49 -10.35 24.19
CA VAL D 534 38.75 -9.64 24.10
C VAL D 534 38.55 -8.19 24.51
N PHE D 535 39.31 -7.75 25.51
CA PHE D 535 39.34 -6.38 25.99
C PHE D 535 40.72 -5.79 25.72
N LYS D 536 40.78 -4.46 25.74
CA LYS D 536 42.04 -3.73 25.77
C LYS D 536 42.01 -2.80 26.98
N ALA D 537 43.09 -2.77 27.75
CA ALA D 537 43.15 -1.99 28.98
C ALA D 537 44.45 -1.21 29.02
N LYS D 538 44.44 -0.12 29.78
CA LYS D 538 45.62 0.70 29.98
C LYS D 538 46.12 0.51 31.41
N LEU D 539 47.44 0.47 31.58
CA LEU D 539 48.01 0.30 32.91
C LEU D 539 48.08 1.64 33.64
N ARG D 540 47.70 1.62 34.91
CA ARG D 540 47.66 2.86 35.68
C ARG D 540 49.06 3.31 36.08
N ALA D 541 49.17 4.59 36.40
CA ALA D 541 50.42 5.19 36.85
C ALA D 541 50.20 5.85 38.20
N SER D 542 51.25 5.83 39.02
CA SER D 542 51.19 6.38 40.38
C SER D 542 51.45 7.88 40.29
N HIS D 543 50.37 8.65 40.22
CA HIS D 543 50.48 10.10 40.10
C HIS D 543 50.78 10.79 41.43
N THR D 544 50.45 10.16 42.55
CA THR D 544 50.46 10.81 43.85
C THR D 544 51.50 10.19 44.77
N TRP D 545 51.89 10.96 45.78
CA TRP D 545 52.84 10.48 46.78
C TRP D 545 52.27 9.31 47.56
N ASN D 546 51.01 9.39 47.97
CA ASN D 546 50.42 8.34 48.78
C ASN D 546 50.02 7.15 47.92
N PRO D 547 49.96 5.96 48.51
CA PRO D 547 49.38 4.82 47.79
C PRO D 547 47.87 4.95 47.68
N ILE D 548 47.30 4.18 46.76
CA ILE D 548 45.87 4.19 46.52
C ILE D 548 45.27 2.88 47.02
N GLN D 549 43.95 2.80 47.01
CA GLN D 549 43.27 1.62 47.53
C GLN D 549 43.30 0.49 46.52
N GLN D 550 43.53 -0.73 47.01
CA GLN D 550 43.62 -1.90 46.17
C GLN D 550 42.78 -3.02 46.78
N MET D 551 42.34 -3.93 45.92
CA MET D 551 41.59 -5.10 46.39
C MET D 551 42.56 -6.17 46.84
N SER D 552 42.43 -6.59 48.10
CA SER D 552 43.36 -7.56 48.68
C SER D 552 42.61 -8.59 49.50
N ILE D 553 43.12 -9.82 49.49
CA ILE D 553 42.60 -10.85 50.38
C ILE D 553 43.06 -10.55 51.80
N ASN D 554 42.17 -10.79 52.77
CA ASN D 554 42.48 -10.52 54.16
C ASN D 554 41.79 -11.55 55.04
N VAL D 555 42.05 -11.46 56.33
CA VAL D 555 41.55 -12.46 57.26
C VAL D 555 40.02 -12.49 57.28
N ASP D 556 39.38 -11.35 57.03
CA ASP D 556 37.92 -11.33 57.05
C ASP D 556 37.32 -12.07 55.86
N ASN D 557 37.83 -11.83 54.66
CA ASN D 557 37.25 -12.39 53.45
C ASN D 557 38.02 -13.59 52.91
N GLN D 558 38.88 -14.21 53.71
CA GLN D 558 39.77 -15.25 53.21
C GLN D 558 38.98 -16.43 52.65
N PHE D 559 37.94 -16.85 53.35
CA PHE D 559 37.24 -18.08 53.02
C PHE D 559 36.17 -17.90 51.96
N ASN D 560 36.08 -16.73 51.34
CA ASN D 560 35.15 -16.52 50.24
C ASN D 560 35.73 -16.91 48.89
N TYR D 561 37.04 -17.13 48.81
CA TYR D 561 37.70 -17.42 47.55
C TYR D 561 38.23 -18.85 47.46
N VAL D 562 37.92 -19.70 48.44
CA VAL D 562 38.38 -21.08 48.42
C VAL D 562 37.18 -21.99 48.69
N PRO D 563 37.19 -23.22 48.17
CA PRO D 563 36.03 -24.10 48.37
C PRO D 563 35.91 -24.57 49.81
N SER D 564 34.70 -24.96 50.17
CA SER D 564 34.46 -25.58 51.46
C SER D 564 34.82 -27.07 51.40
N ASN D 565 34.66 -27.74 52.54
CA ASN D 565 35.05 -29.15 52.60
C ASN D 565 34.07 -30.03 51.84
N ILE D 566 32.81 -29.63 51.75
CA ILE D 566 31.82 -30.40 51.00
C ILE D 566 31.73 -29.87 49.57
N GLY D 567 32.67 -29.02 49.18
CA GLY D 567 32.74 -28.56 47.81
C GLY D 567 32.05 -27.24 47.54
N GLY D 568 31.52 -26.58 48.57
CA GLY D 568 30.79 -25.35 48.33
C GLY D 568 31.69 -24.25 47.80
N MET D 569 31.12 -23.42 46.93
CA MET D 569 31.81 -22.26 46.38
C MET D 569 30.86 -21.08 46.34
N LYS D 570 31.41 -19.89 46.53
CA LYS D 570 30.66 -18.64 46.41
C LYS D 570 31.56 -17.60 45.75
N ILE D 571 30.93 -16.62 45.12
CA ILE D 571 31.63 -15.50 44.49
C ILE D 571 31.03 -14.22 45.07
N VAL D 572 31.69 -13.67 46.09
CA VAL D 572 31.25 -12.39 46.63
C VAL D 572 31.54 -11.27 45.64
N TYR D 573 30.93 -10.11 45.90
CA TYR D 573 31.05 -9.00 44.98
C TYR D 573 32.29 -8.17 45.30
N GLU D 574 32.91 -7.65 44.25
CA GLU D 574 34.11 -6.83 44.38
C GLU D 574 33.88 -5.50 43.66
N LYS D 575 34.38 -4.42 44.25
CA LYS D 575 34.26 -3.11 43.64
C LYS D 575 35.26 -2.97 42.50
N SER D 576 35.05 -1.94 41.66
CA SER D 576 35.71 -1.87 40.37
C SER D 576 36.42 -0.55 40.08
N GLN D 577 36.16 0.51 40.84
CA GLN D 577 36.73 1.82 40.52
C GLN D 577 37.59 2.32 41.67
N LEU D 578 38.49 1.46 42.14
CA LEU D 578 39.22 1.71 43.38
C LEU D 578 40.07 2.96 43.30
N ALA D 579 40.83 3.13 42.22
CA ALA D 579 41.80 4.22 42.15
C ALA D 579 41.07 5.55 41.96
N PRO D 580 41.54 6.62 42.57
CA PRO D 580 40.92 7.93 42.34
C PRO D 580 41.61 8.69 41.20
N ARG D 581 40.84 9.58 40.59
CA ARG D 581 41.36 10.45 39.55
C ARG D 581 40.81 11.86 39.74
N LYS D 582 41.54 12.84 39.21
CA LYS D 582 41.16 14.23 39.38
C LYS D 582 40.09 14.60 38.36
N LEU D 583 38.93 15.02 38.87
CA LEU D 583 37.83 15.42 37.99
C LEU D 583 38.15 16.72 37.28
N TYR D 584 38.96 17.57 37.90
CA TYR D 584 39.20 18.90 37.36
C TYR D 584 40.43 19.51 38.02
N GLY E 37 75.37 34.45 31.57
CA GLY E 37 76.05 35.73 31.95
C GLY E 37 75.26 36.54 32.95
N VAL E 38 75.97 37.18 33.87
CA VAL E 38 75.31 37.98 34.89
C VAL E 38 74.69 39.24 34.28
N GLY E 39 75.44 39.95 33.44
CA GLY E 39 75.02 41.22 32.90
C GLY E 39 74.35 41.19 31.55
N ILE E 40 73.91 40.02 31.09
CA ILE E 40 73.30 39.86 29.77
C ILE E 40 71.81 39.64 29.95
N SER E 41 71.01 40.46 29.28
CA SER E 41 69.56 40.32 29.36
C SER E 41 69.11 39.13 28.51
N THR E 42 68.21 38.32 29.06
CA THR E 42 67.76 37.11 28.41
C THR E 42 66.39 37.25 27.77
N GLY E 43 65.92 38.48 27.55
CA GLY E 43 64.62 38.67 26.94
C GLY E 43 64.33 40.14 26.78
N THR E 44 63.13 40.42 26.28
CA THR E 44 62.70 41.79 26.03
C THR E 44 61.24 41.97 26.46
N PHE E 45 60.89 43.21 26.72
CA PHE E 45 59.55 43.55 27.19
C PHE E 45 58.66 43.89 26.00
N ASN E 46 57.48 43.26 25.95
CA ASN E 46 56.55 43.49 24.86
C ASN E 46 55.13 43.45 25.42
N ASN E 47 54.41 44.56 25.30
CA ASN E 47 53.03 44.64 25.75
C ASN E 47 52.14 45.22 24.66
N GLN E 48 52.47 44.95 23.39
CA GLN E 48 51.71 45.48 22.27
C GLN E 48 50.65 44.46 21.84
N THR E 49 49.53 44.98 21.33
CA THR E 49 48.49 44.14 20.74
C THR E 49 48.48 44.36 19.24
N GLU E 50 48.65 43.29 18.49
CA GLU E 50 48.74 43.34 17.04
C GLU E 50 47.43 42.83 16.45
N PHE E 51 46.93 43.54 15.44
CA PHE E 51 45.71 43.16 14.72
C PHE E 51 46.09 42.96 13.26
N LYS E 52 46.50 41.75 12.91
CA LYS E 52 46.97 41.45 11.56
C LYS E 52 45.76 41.01 10.73
N PHE E 53 45.40 41.81 9.73
CA PHE E 53 44.20 41.53 8.96
C PHE E 53 44.49 40.51 7.87
N LEU E 54 43.47 39.69 7.58
CA LEU E 54 43.58 38.61 6.61
C LEU E 54 42.40 38.70 5.66
N GLU E 55 42.45 37.88 4.60
CA GLU E 55 41.35 37.82 3.65
C GLU E 55 40.13 37.17 4.30
N ASN E 56 38.97 37.40 3.69
CA ASN E 56 37.71 36.85 4.14
C ASN E 56 37.26 37.43 5.48
N GLY E 57 37.74 38.62 5.82
CA GLY E 57 37.26 39.31 7.01
C GLY E 57 37.82 38.80 8.31
N TRP E 58 38.82 37.93 8.28
CA TRP E 58 39.41 37.39 9.50
C TRP E 58 40.60 38.22 9.93
N VAL E 59 40.75 38.37 11.25
CA VAL E 59 41.84 39.13 11.84
C VAL E 59 42.53 38.25 12.87
N TYR E 60 43.85 38.25 12.83
CA TYR E 60 44.71 37.53 13.76
C TYR E 60 45.09 38.51 14.87
N ILE E 61 44.57 38.29 16.06
CA ILE E 61 44.88 39.15 17.20
C ILE E 61 46.00 38.51 17.99
N THR E 62 47.03 39.28 18.28
CA THR E 62 48.17 38.82 19.08
C THR E 62 48.33 39.75 20.26
N ALA E 63 47.99 39.27 21.46
CA ALA E 63 48.13 40.05 22.67
C ALA E 63 49.45 39.67 23.35
N ASN E 64 50.28 40.68 23.61
CA ASN E 64 51.51 40.50 24.36
C ASN E 64 51.35 41.11 25.74
N SER E 65 51.66 40.33 26.76
CA SER E 65 51.56 40.80 28.14
C SER E 65 52.89 40.56 28.84
N SER E 66 53.48 41.64 29.34
CA SER E 66 54.75 41.57 30.02
C SER E 66 54.62 42.20 31.40
N ARG E 67 55.09 41.48 32.42
CA ARG E 67 54.91 41.90 33.80
C ARG E 67 56.20 41.69 34.56
N LEU E 68 56.39 42.48 35.61
CA LEU E 68 57.45 42.26 36.57
C LEU E 68 56.85 41.56 37.79
N VAL E 69 57.34 40.37 38.10
CA VAL E 69 56.77 39.50 39.11
C VAL E 69 57.73 39.44 40.27
N HIS E 70 57.21 39.75 41.46
CA HIS E 70 57.96 39.72 42.71
C HIS E 70 57.52 38.50 43.51
N LEU E 71 58.49 37.76 44.04
CA LEU E 71 58.24 36.47 44.68
C LEU E 71 59.08 36.39 45.94
N ASN E 72 58.43 36.33 47.10
CA ASN E 72 59.15 36.10 48.34
C ASN E 72 59.41 34.61 48.54
N MET E 73 60.35 34.31 49.43
CA MET E 73 60.58 32.92 49.81
C MET E 73 59.37 32.39 50.59
N PRO E 74 59.05 31.11 50.43
CA PRO E 74 57.82 30.59 51.02
C PRO E 74 57.87 30.56 52.54
N GLU E 75 56.68 30.55 53.14
CA GLU E 75 56.59 30.48 54.60
C GLU E 75 57.31 29.26 55.14
N SER E 76 57.11 28.11 54.49
CA SER E 76 57.84 26.89 54.84
C SER E 76 57.96 26.02 53.60
N GLU E 77 59.04 25.24 53.55
CA GLU E 77 59.23 24.28 52.46
C GLU E 77 58.42 23.01 52.65
N ASN E 78 57.66 22.90 53.73
CA ASN E 78 56.92 21.69 54.05
C ASN E 78 55.47 21.83 53.59
N TYR E 79 55.01 20.85 52.80
CA TYR E 79 53.60 20.78 52.48
C TYR E 79 52.79 20.59 53.75
N ARG E 80 51.71 21.36 53.89
CA ARG E 80 50.82 21.25 55.03
C ARG E 80 49.47 20.74 54.59
N ARG E 81 48.83 19.96 55.45
CA ARG E 81 47.44 19.57 55.27
C ARG E 81 46.61 20.29 56.31
N VAL E 82 45.78 21.23 55.87
CA VAL E 82 45.11 22.16 56.77
C VAL E 82 43.60 22.03 56.56
N VAL E 83 42.87 21.96 57.66
CA VAL E 83 41.42 21.87 57.64
C VAL E 83 40.85 23.15 58.23
N VAL E 84 40.09 23.88 57.42
CA VAL E 84 39.32 25.03 57.88
C VAL E 84 37.92 24.54 58.23
N ASN E 85 37.43 24.93 59.40
CA ASN E 85 36.09 24.53 59.83
C ASN E 85 35.54 25.68 60.67
N ASN E 86 34.75 26.55 60.02
CA ASN E 86 34.14 27.69 60.68
C ASN E 86 32.83 27.29 61.35
N LEU E 87 32.98 26.43 62.37
CA LEU E 87 31.81 25.98 63.13
C LEU E 87 31.14 27.13 63.85
N ASP E 88 31.89 28.18 64.17
CA ASP E 88 31.30 29.33 64.86
C ASP E 88 30.22 29.98 64.01
N LYS E 89 30.48 30.17 62.72
CA LYS E 89 29.52 30.89 61.88
C LYS E 89 28.32 30.04 61.53
N THR E 90 28.53 28.77 61.20
CA THR E 90 27.41 27.91 60.79
C THR E 90 26.61 27.41 61.97
N ALA E 91 27.21 27.34 63.16
CA ALA E 91 26.46 26.94 64.35
C ALA E 91 25.29 27.87 64.62
N VAL E 92 25.31 29.09 64.10
CA VAL E 92 24.16 29.98 64.19
C VAL E 92 23.12 29.49 63.19
N ASN E 93 21.97 29.06 63.69
CA ASN E 93 20.95 28.48 62.83
C ASN E 93 20.58 29.44 61.72
N GLY E 94 20.57 28.93 60.49
CA GLY E 94 20.22 29.73 59.33
C GLY E 94 21.39 30.25 58.54
N ASN E 95 22.62 29.90 58.92
CA ASN E 95 23.82 30.40 58.25
C ASN E 95 24.51 29.30 57.44
N MET E 96 23.78 28.27 57.03
CA MET E 96 24.40 27.16 56.34
C MET E 96 25.02 27.58 55.01
N ALA E 97 24.55 28.67 54.40
CA ALA E 97 25.17 29.18 53.19
C ALA E 97 26.51 29.84 53.46
N LEU E 98 26.85 30.11 54.71
CA LEU E 98 28.14 30.68 55.08
C LEU E 98 29.16 29.63 55.46
N ASP E 99 29.04 28.42 54.91
CA ASP E 99 29.93 27.33 55.29
C ASP E 99 31.22 27.42 54.49
N ASP E 100 32.35 27.51 55.19
CA ASP E 100 33.67 27.54 54.58
C ASP E 100 34.47 26.28 54.87
N THR E 101 33.87 25.28 55.50
CA THR E 101 34.61 24.10 55.89
C THR E 101 35.22 23.42 54.67
N HIS E 102 36.52 23.14 54.74
CA HIS E 102 37.20 22.43 53.67
C HIS E 102 38.54 21.92 54.20
N ALA E 103 39.15 21.05 53.42
CA ALA E 103 40.48 20.53 53.71
C ALA E 103 41.35 20.71 52.47
N GLU E 104 42.58 21.17 52.67
CA GLU E 104 43.43 21.49 51.53
C GLU E 104 44.89 21.21 51.85
N ILE E 105 45.65 20.96 50.79
CA ILE E 105 47.10 20.89 50.86
C ILE E 105 47.66 22.23 50.43
N VAL E 106 48.50 22.80 51.30
CA VAL E 106 49.16 24.08 51.06
C VAL E 106 50.62 23.80 50.79
N THR E 107 51.14 24.39 49.72
CA THR E 107 52.45 24.09 49.18
C THR E 107 53.36 25.30 49.26
N PRO E 108 54.68 25.10 49.14
CA PRO E 108 55.61 26.23 49.10
C PRO E 108 55.70 26.90 47.73
N TRP E 109 54.99 26.40 46.74
CA TRP E 109 55.09 26.90 45.38
C TRP E 109 54.12 28.06 45.16
N SER E 110 54.41 28.84 44.14
CA SER E 110 53.57 29.97 43.75
C SER E 110 53.16 29.81 42.29
N LEU E 111 51.93 30.19 41.99
CA LEU E 111 51.33 29.98 40.69
C LEU E 111 51.33 31.29 39.90
N VAL E 112 51.93 31.27 38.72
CA VAL E 112 51.89 32.39 37.79
C VAL E 112 50.72 32.14 36.84
N ASP E 113 49.60 32.82 37.10
CA ASP E 113 48.37 32.61 36.36
C ASP E 113 48.04 33.87 35.58
N ALA E 114 47.82 33.72 34.27
CA ALA E 114 47.45 34.82 33.39
C ALA E 114 46.14 34.54 32.66
N ASN E 115 45.21 33.81 33.27
CA ASN E 115 43.96 33.44 32.63
C ASN E 115 42.85 34.43 32.98
N ALA E 116 43.10 35.70 32.63
CA ALA E 116 42.10 36.75 32.79
C ALA E 116 42.26 37.74 31.65
N TRP E 117 41.14 38.30 31.20
CA TRP E 117 41.18 39.19 30.04
C TRP E 117 42.04 40.41 30.30
N GLY E 118 41.93 41.00 31.49
CA GLY E 118 42.67 42.21 31.79
C GLY E 118 44.17 42.07 31.70
N VAL E 119 44.68 40.84 31.79
CA VAL E 119 46.11 40.63 31.72
C VAL E 119 46.64 40.82 30.30
N TRP E 120 45.76 40.91 29.31
CA TRP E 120 46.15 40.95 27.92
C TRP E 120 45.63 42.15 27.15
N PHE E 121 44.44 42.64 27.49
CA PHE E 121 43.77 43.68 26.71
C PHE E 121 43.55 44.92 27.55
N ASN E 122 44.03 46.06 27.07
CA ASN E 122 43.64 47.33 27.65
C ASN E 122 42.28 47.74 27.09
N PRO E 123 41.61 48.71 27.73
CA PRO E 123 40.24 49.02 27.31
C PRO E 123 40.09 49.39 25.84
N GLY E 124 41.09 50.05 25.25
CA GLY E 124 40.95 50.44 23.84
C GLY E 124 40.91 49.25 22.90
N ASP E 125 41.82 48.30 23.09
CA ASP E 125 41.79 47.10 22.26
C ASP E 125 40.53 46.30 22.49
N TRP E 126 40.02 46.28 23.72
CA TRP E 126 38.76 45.61 23.98
C TRP E 126 37.62 46.31 23.25
N GLN E 127 37.65 47.64 23.21
CA GLN E 127 36.64 48.36 22.43
C GLN E 127 36.71 47.95 20.98
N LEU E 128 37.92 47.89 20.43
CA LEU E 128 38.06 47.46 19.04
C LEU E 128 37.47 46.07 18.84
N ILE E 129 37.81 45.14 19.72
CA ILE E 129 37.36 43.75 19.57
C ILE E 129 35.84 43.68 19.63
N VAL E 130 35.24 44.30 20.65
CA VAL E 130 33.80 44.14 20.85
C VAL E 130 33.01 44.90 19.79
N ASN E 131 33.49 46.08 19.37
CA ASN E 131 32.73 46.88 18.43
C ASN E 131 32.84 46.34 17.01
N THR E 132 34.00 45.80 16.63
CA THR E 132 34.23 45.43 15.24
C THR E 132 34.22 43.93 14.97
N MET E 133 34.24 43.09 15.99
CA MET E 133 34.26 41.65 15.80
C MET E 133 32.90 41.04 16.10
N SER E 134 32.67 39.85 15.54
CA SER E 134 31.44 39.10 15.75
C SER E 134 31.67 37.76 16.43
N GLU E 135 32.79 37.10 16.14
CA GLU E 135 33.16 35.87 16.82
C GLU E 135 34.65 35.92 17.11
N LEU E 136 35.06 35.16 18.13
CA LEU E 136 36.43 35.20 18.62
C LEU E 136 36.90 33.77 18.86
N HIS E 137 38.05 33.43 18.28
CA HIS E 137 38.63 32.10 18.39
C HIS E 137 39.91 32.22 19.21
N LEU E 138 40.11 31.28 20.13
CA LEU E 138 41.35 31.22 20.89
C LEU E 138 42.32 30.29 20.18
N VAL E 139 43.48 30.79 19.79
CA VAL E 139 44.41 30.08 18.92
C VAL E 139 45.57 29.48 19.71
N SER E 140 46.38 30.32 20.35
CA SER E 140 47.60 29.79 20.96
C SER E 140 47.98 30.60 22.19
N PHE E 141 48.85 30.01 23.00
CA PHE E 141 49.35 30.63 24.22
C PHE E 141 50.77 30.16 24.50
N GLU E 142 51.67 31.12 24.77
CA GLU E 142 53.00 30.77 25.23
C GLU E 142 53.46 31.80 26.25
N GLN E 143 54.40 31.39 27.10
CA GLN E 143 54.88 32.26 28.17
C GLN E 143 56.32 31.91 28.49
N GLU E 144 57.03 32.88 29.06
CA GLU E 144 58.45 32.73 29.33
C GLU E 144 58.82 33.61 30.52
N ILE E 145 59.88 33.21 31.21
CA ILE E 145 60.44 33.93 32.34
C ILE E 145 61.87 34.32 31.98
N PHE E 146 62.20 35.59 32.20
CA PHE E 146 63.54 36.07 31.88
C PHE E 146 63.93 37.15 32.87
N ASN E 147 65.16 37.64 32.71
CA ASN E 147 65.75 38.64 33.61
C ASN E 147 65.46 38.31 35.06
N VAL E 148 65.98 37.16 35.49
CA VAL E 148 65.78 36.71 36.86
C VAL E 148 66.80 37.39 37.76
N VAL E 149 66.32 37.95 38.86
CA VAL E 149 67.19 38.57 39.86
C VAL E 149 66.80 38.02 41.22
N LEU E 150 67.80 37.58 41.99
CA LEU E 150 67.61 37.09 43.35
C LEU E 150 68.42 37.94 44.31
N LYS E 151 67.81 38.30 45.43
CA LYS E 151 68.41 39.20 46.39
C LYS E 151 68.20 38.66 47.80
N THR E 152 69.09 39.07 48.70
CA THR E 152 69.02 38.70 50.10
C THR E 152 69.04 39.96 50.96
N VAL E 153 68.37 39.89 52.10
CA VAL E 153 68.21 41.03 53.00
C VAL E 153 68.95 40.71 54.30
N SER E 154 69.88 41.57 54.67
CA SER E 154 70.61 41.44 55.92
C SER E 154 70.27 42.64 56.81
N GLU E 155 69.85 42.36 58.04
CA GLU E 155 69.40 43.39 58.96
C GLU E 155 70.51 43.71 59.94
N SER E 156 70.86 45.00 60.04
CA SER E 156 71.96 45.42 60.88
C SER E 156 71.56 45.37 62.35
N ALA E 157 72.57 45.20 63.21
CA ALA E 157 72.36 45.26 64.66
C ALA E 157 72.22 46.68 65.17
N THR E 158 72.30 47.68 64.28
CA THR E 158 72.16 49.06 64.69
C THR E 158 70.84 49.27 65.42
N GLN E 159 70.89 50.05 66.51
CA GLN E 159 69.70 50.25 67.33
C GLN E 159 68.52 50.76 66.51
N PRO E 160 68.64 51.82 65.71
CA PRO E 160 67.62 52.11 64.71
C PRO E 160 67.69 51.10 63.58
N PRO E 161 66.66 50.27 63.40
CA PRO E 161 66.78 49.17 62.43
C PRO E 161 67.09 49.68 61.02
N THR E 162 67.95 48.94 60.33
CA THR E 162 68.28 49.23 58.94
C THR E 162 68.67 47.92 58.27
N LYS E 163 68.13 47.69 57.07
CA LYS E 163 68.34 46.45 56.36
C LYS E 163 68.87 46.74 54.97
N VAL E 164 69.82 45.92 54.53
CA VAL E 164 70.54 46.13 53.27
C VAL E 164 70.27 44.94 52.36
N TYR E 165 70.24 45.21 51.06
CA TYR E 165 69.93 44.21 50.05
C TYR E 165 71.17 43.92 49.22
N ASN E 166 71.45 42.64 49.02
CA ASN E 166 72.62 42.21 48.26
C ASN E 166 72.22 41.20 47.19
N ASN E 167 72.84 41.30 46.03
CA ASN E 167 72.60 40.33 44.97
C ASN E 167 73.21 38.99 45.35
N ASP E 168 72.44 37.92 45.18
CA ASP E 168 72.91 36.55 45.39
C ASP E 168 73.03 35.92 44.01
N LEU E 169 74.23 36.01 43.43
CA LEU E 169 74.44 35.52 42.08
C LEU E 169 74.43 34.00 41.99
N THR E 170 74.41 33.31 43.13
CA THR E 170 74.37 31.86 43.14
C THR E 170 72.97 31.30 43.37
N ALA E 171 72.06 32.09 43.93
CA ALA E 171 70.72 31.60 44.22
C ALA E 171 70.03 31.15 42.94
N SER E 172 68.99 30.33 43.11
CA SER E 172 68.26 29.76 42.00
C SER E 172 66.76 29.92 42.20
N LEU E 173 66.04 30.04 41.08
CA LEU E 173 64.59 30.05 41.08
C LEU E 173 64.11 28.74 40.45
N MET E 174 63.26 28.03 41.16
CA MET E 174 62.72 26.77 40.67
C MET E 174 61.45 27.04 39.88
N VAL E 175 61.43 26.59 38.62
CA VAL E 175 60.30 26.77 37.73
C VAL E 175 59.83 25.41 37.27
N ALA E 176 58.53 25.15 37.42
CA ALA E 176 57.94 23.88 37.02
C ALA E 176 56.74 24.15 36.12
N LEU E 177 56.78 23.60 34.91
CA LEU E 177 55.67 23.71 33.98
C LEU E 177 54.99 22.35 33.90
N ASP E 178 53.74 22.28 34.36
CA ASP E 178 53.00 21.03 34.39
C ASP E 178 52.37 20.80 33.02
N SER E 179 53.23 20.57 32.04
CA SER E 179 52.78 20.41 30.66
C SER E 179 51.87 19.20 30.48
N ASN E 180 51.90 18.25 31.41
CA ASN E 180 51.05 17.07 31.34
C ASN E 180 49.74 17.25 32.10
N ASN E 181 49.51 18.42 32.70
CA ASN E 181 48.30 18.68 33.47
C ASN E 181 48.11 17.61 34.54
N THR E 182 49.22 17.22 35.17
CA THR E 182 49.16 16.22 36.23
C THR E 182 48.63 16.80 37.52
N MET E 183 48.90 18.07 37.79
CA MET E 183 48.43 18.73 38.99
C MET E 183 46.98 19.16 38.83
N PRO E 184 46.28 19.40 39.94
CA PRO E 184 44.91 19.88 39.83
C PRO E 184 44.86 21.25 39.15
N PHE E 185 43.79 21.48 38.38
CA PHE E 185 43.60 22.76 37.75
C PHE E 185 42.98 23.73 38.74
N THR E 186 43.70 24.80 39.05
CA THR E 186 43.29 25.77 40.06
C THR E 186 43.35 27.16 39.45
N PRO E 187 42.37 27.51 38.61
CA PRO E 187 42.43 28.82 37.95
C PRO E 187 42.29 29.95 38.96
N ALA E 188 43.17 30.94 38.85
CA ALA E 188 43.21 32.04 39.80
C ALA E 188 42.08 33.03 39.61
N ALA E 189 41.53 33.14 38.40
CA ALA E 189 40.50 34.15 38.14
C ALA E 189 39.33 34.00 39.09
N MET E 190 39.05 32.79 39.56
CA MET E 190 37.94 32.59 40.49
C MET E 190 38.17 33.35 41.79
N ARG E 191 39.39 33.35 42.30
CA ARG E 191 39.72 34.06 43.53
C ARG E 191 40.30 35.45 43.26
N SER E 192 40.34 35.88 42.02
CA SER E 192 40.91 37.18 41.67
C SER E 192 42.37 37.26 42.10
N GLU E 193 43.16 36.27 41.65
CA GLU E 193 44.58 36.20 41.97
C GLU E 193 45.44 36.04 40.74
N THR E 194 44.99 36.53 39.59
CA THR E 194 45.81 36.53 38.39
C THR E 194 46.78 37.71 38.43
N LEU E 195 47.72 37.70 37.49
CA LEU E 195 48.70 38.78 37.41
C LEU E 195 47.99 40.12 37.23
N GLY E 196 48.70 41.19 37.53
CA GLY E 196 48.13 42.51 37.44
C GLY E 196 47.72 42.86 36.03
N PHE E 197 46.72 43.75 35.93
CA PHE E 197 46.22 44.20 34.65
C PHE E 197 46.88 45.47 34.15
N TYR E 198 47.89 45.96 34.87
CA TYR E 198 48.59 47.19 34.49
C TYR E 198 50.01 46.85 34.09
N PRO E 199 50.42 47.08 32.84
CA PRO E 199 51.81 46.72 32.46
C PRO E 199 52.86 47.43 33.28
N TRP E 200 52.62 48.67 33.70
CA TRP E 200 53.62 49.44 34.42
C TRP E 200 53.62 49.16 35.92
N LYS E 201 52.73 48.32 36.40
CA LYS E 201 52.67 48.01 37.83
C LYS E 201 53.27 46.64 38.08
N PRO E 202 54.19 46.49 39.03
CA PRO E 202 54.65 45.15 39.40
C PRO E 202 53.54 44.33 40.01
N THR E 203 53.58 43.02 39.75
CA THR E 203 52.55 42.10 40.18
C THR E 203 53.19 40.96 40.95
N ILE E 204 52.36 40.18 41.64
CA ILE E 204 52.86 39.08 42.47
C ILE E 204 52.16 37.79 42.06
N PRO E 205 52.81 36.64 42.21
CA PRO E 205 52.14 35.37 41.93
C PRO E 205 51.41 34.86 43.16
N THR E 206 50.34 34.12 42.91
CA THR E 206 49.58 33.66 44.08
C THR E 206 50.22 32.40 44.67
N PRO E 207 50.20 32.25 46.00
CA PRO E 207 50.61 30.96 46.58
C PRO E 207 49.72 29.84 46.09
N TRP E 208 50.30 28.67 45.84
CA TRP E 208 49.52 27.57 45.30
C TRP E 208 49.05 26.63 46.40
N ARG E 209 47.84 26.10 46.22
CA ARG E 209 47.24 25.16 47.14
C ARG E 209 46.15 24.42 46.38
N TYR E 210 45.80 23.23 46.86
CA TYR E 210 44.76 22.47 46.19
C TYR E 210 43.89 21.76 47.21
N TYR E 211 42.70 21.36 46.76
CA TYR E 211 41.73 20.75 47.67
C TYR E 211 42.15 19.34 48.06
N PHE E 212 41.74 18.95 49.25
CA PHE E 212 42.01 17.62 49.79
C PHE E 212 40.70 17.04 50.27
N GLN E 213 40.43 15.78 49.90
CA GLN E 213 39.11 15.21 50.12
C GLN E 213 38.74 15.24 51.59
N TRP E 214 37.51 15.66 51.87
CA TRP E 214 36.98 15.69 53.21
C TRP E 214 35.49 15.38 53.15
N ASP E 215 34.97 14.85 54.24
CA ASP E 215 33.55 14.59 54.40
C ASP E 215 32.98 15.59 55.39
N ARG E 216 31.74 16.01 55.15
CA ARG E 216 31.14 17.06 55.95
C ARG E 216 29.63 16.99 55.82
N THR E 217 28.94 16.84 56.95
CA THR E 217 27.49 16.86 56.99
C THR E 217 27.03 18.13 57.71
N LEU E 218 26.14 18.88 57.08
CA LEU E 218 25.60 20.11 57.65
C LEU E 218 24.11 20.16 57.31
N ILE E 219 23.27 19.65 58.19
CA ILE E 219 21.82 19.74 57.97
C ILE E 219 21.40 21.20 57.98
N PRO E 220 20.53 21.64 57.09
CA PRO E 220 20.10 23.04 57.10
C PRO E 220 19.17 23.32 58.27
N SER E 221 19.04 24.60 58.57
CA SER E 221 18.15 25.04 59.65
C SER E 221 17.72 26.48 59.36
N HIS E 222 16.65 26.88 60.02
CA HIS E 222 16.12 28.22 59.93
C HIS E 222 16.22 28.91 61.29
N THR E 223 16.36 30.22 61.26
CA THR E 223 16.31 30.99 62.49
C THR E 223 15.09 30.58 63.30
N GLY E 224 15.34 30.00 64.47
CA GLY E 224 14.28 29.44 65.27
C GLY E 224 14.16 27.94 65.22
N THR E 225 15.13 27.24 64.64
CA THR E 225 15.12 25.78 64.68
C THR E 225 15.53 25.30 66.05
N SER E 226 14.73 24.43 66.63
CA SER E 226 14.98 23.96 67.99
C SER E 226 16.18 23.03 68.01
N GLY E 227 17.15 23.31 68.86
CA GLY E 227 18.31 22.46 69.03
C GLY E 227 19.36 22.70 67.97
N THR E 228 20.49 22.03 68.15
CA THR E 228 21.60 22.14 67.21
C THR E 228 21.39 21.19 66.04
N PRO E 229 21.30 21.69 64.80
CA PRO E 229 21.28 20.77 63.65
C PRO E 229 22.61 20.05 63.53
N THR E 230 22.55 18.84 62.98
CA THR E 230 23.75 18.02 62.84
C THR E 230 24.77 18.78 62.00
N ASN E 231 25.97 18.93 62.54
CA ASN E 231 27.02 19.71 61.89
C ASN E 231 28.35 19.11 62.34
N ILE E 232 28.92 18.23 61.51
CA ILE E 232 30.09 17.47 61.90
C ILE E 232 31.05 17.39 60.72
N TYR E 233 32.33 17.54 61.01
CA TYR E 233 33.40 17.32 60.03
C TYR E 233 33.87 15.89 60.17
N HIS E 234 33.53 15.04 59.20
CA HIS E 234 33.69 13.60 59.34
C HIS E 234 35.12 13.13 59.11
N GLY E 235 36.00 14.00 58.63
CA GLY E 235 37.37 13.61 58.35
C GLY E 235 37.59 13.38 56.86
N THR E 236 38.28 12.30 56.52
CA THR E 236 38.62 12.00 55.14
C THR E 236 38.40 10.52 54.85
N ASP E 237 37.79 10.24 53.72
CA ASP E 237 37.69 8.87 53.24
C ASP E 237 39.05 8.44 52.70
N PRO E 238 39.65 7.36 53.19
CA PRO E 238 40.96 6.95 52.68
C PRO E 238 40.95 6.63 51.20
N ASP E 239 39.80 6.31 50.63
CA ASP E 239 39.74 5.91 49.22
C ASP E 239 40.01 7.07 48.27
N ASP E 240 39.93 8.31 48.74
CA ASP E 240 40.08 9.47 47.88
C ASP E 240 41.25 10.37 48.24
N VAL E 241 42.17 9.90 49.08
CA VAL E 241 43.34 10.71 49.40
C VAL E 241 44.20 10.88 48.16
N GLN E 242 44.53 12.13 47.84
CA GLN E 242 45.38 12.45 46.69
C GLN E 242 46.31 13.59 47.11
N PHE E 243 47.57 13.27 47.34
CA PHE E 243 48.58 14.24 47.76
C PHE E 243 49.57 14.42 46.63
N TYR E 244 49.61 15.62 46.06
CA TYR E 244 50.44 15.92 44.90
C TYR E 244 51.62 16.78 45.32
N THR E 245 52.82 16.35 44.95
CA THR E 245 54.04 17.11 45.15
C THR E 245 54.59 17.49 43.78
N ILE E 246 54.86 18.79 43.59
CA ILE E 246 55.37 19.26 42.31
C ILE E 246 56.70 18.59 41.99
N GLU E 247 57.54 18.38 43.01
CA GLU E 247 58.85 17.80 42.78
C GLU E 247 58.79 16.42 42.17
N ASN E 248 57.73 15.65 42.46
CA ASN E 248 57.60 14.29 41.96
C ASN E 248 56.92 14.24 40.61
N SER E 249 55.98 15.15 40.35
CA SER E 249 55.19 15.08 39.13
C SER E 249 55.77 15.88 37.98
N VAL E 250 56.48 16.98 38.26
CA VAL E 250 56.92 17.89 37.21
C VAL E 250 58.44 18.02 37.23
N PRO E 251 59.11 18.00 36.08
CA PRO E 251 60.53 18.36 36.06
C PRO E 251 60.71 19.84 36.39
N VAL E 252 61.70 20.12 37.24
CA VAL E 252 61.93 21.46 37.76
C VAL E 252 63.21 22.00 37.17
N HIS E 253 63.14 23.21 36.61
CA HIS E 253 64.29 23.91 36.09
C HIS E 253 64.82 24.88 37.14
N LEU E 254 66.12 24.90 37.32
CA LEU E 254 66.79 25.85 38.21
C LEU E 254 67.33 26.99 37.37
N LEU E 255 66.86 28.21 37.65
CA LEU E 255 67.22 29.38 36.87
C LEU E 255 68.07 30.31 37.73
N ARG E 256 69.26 30.61 37.26
CA ARG E 256 70.08 31.64 37.87
C ARG E 256 69.91 32.96 37.12
N THR E 257 70.65 33.97 37.53
CA THR E 257 70.40 35.32 37.03
C THR E 257 70.58 35.42 35.52
N GLY E 258 71.29 34.49 34.90
CA GLY E 258 71.51 34.50 33.47
C GLY E 258 70.72 33.48 32.67
N ASP E 259 69.79 32.76 33.31
CA ASP E 259 69.03 31.71 32.65
C ASP E 259 67.61 32.18 32.34
N GLU E 260 66.99 31.50 31.38
CA GLU E 260 65.63 31.85 30.95
C GLU E 260 64.82 30.59 30.78
N PHE E 261 63.50 30.75 30.78
CA PHE E 261 62.57 29.65 30.61
C PHE E 261 61.51 30.07 29.60
N ALA E 262 61.22 29.18 28.65
CA ALA E 262 60.17 29.39 27.67
C ALA E 262 59.35 28.12 27.56
N THR E 263 58.03 28.27 27.70
CA THR E 263 57.14 27.11 27.67
C THR E 263 56.93 26.56 26.28
N GLY E 264 57.03 27.40 25.26
CA GLY E 264 56.65 27.00 23.92
C GLY E 264 55.20 27.33 23.67
N THR E 265 54.79 27.13 22.42
CA THR E 265 53.46 27.50 21.98
C THR E 265 52.50 26.34 22.18
N PHE E 266 51.50 26.52 23.04
CA PHE E 266 50.38 25.60 23.09
C PHE E 266 49.32 26.05 22.10
N PHE E 267 48.53 25.08 21.62
CA PHE E 267 47.50 25.34 20.62
C PHE E 267 46.15 24.89 21.17
N PHE E 268 45.17 25.79 21.12
CA PHE E 268 43.87 25.54 21.71
C PHE E 268 42.93 24.89 20.70
N ASP E 269 41.95 24.15 21.22
CA ASP E 269 40.94 23.48 20.41
C ASP E 269 39.52 23.83 20.84
N CYS E 270 39.33 24.98 21.49
CA CYS E 270 38.02 25.33 22.02
C CYS E 270 37.06 25.72 20.89
N LYS E 271 35.77 25.74 21.24
CA LYS E 271 34.77 26.20 20.30
C LYS E 271 34.83 27.71 20.15
N PRO E 272 34.31 28.26 19.05
CA PRO E 272 34.28 29.72 18.90
C PRO E 272 33.36 30.37 19.90
N CYS E 273 33.65 31.64 20.20
CA CYS E 273 32.87 32.44 21.14
C CYS E 273 32.21 33.57 20.39
N ARG E 274 30.88 33.67 20.50
CA ARG E 274 30.14 34.69 19.80
C ARG E 274 30.20 36.01 20.58
N LEU E 275 30.56 37.08 19.87
CA LEU E 275 30.53 38.42 20.44
C LEU E 275 29.25 39.16 20.08
N THR E 276 28.22 38.42 19.69
CA THR E 276 26.90 38.98 19.40
C THR E 276 25.87 38.20 20.19
N HIS E 277 24.86 38.90 20.68
CA HIS E 277 23.88 38.33 21.59
C HIS E 277 22.56 38.07 20.87
N THR E 278 21.72 37.28 21.52
CA THR E 278 20.40 36.94 21.01
C THR E 278 19.34 37.62 21.86
N TRP E 279 18.29 38.12 21.21
CA TRP E 279 17.19 38.78 21.91
C TRP E 279 15.86 38.05 21.77
N GLN E 280 15.79 37.04 20.89
CA GLN E 280 14.52 36.41 20.58
C GLN E 280 14.20 35.33 21.61
N THR E 281 13.15 35.56 22.39
CA THR E 281 12.60 34.51 23.23
C THR E 281 11.60 33.70 22.41
N ASN E 282 10.89 32.78 23.08
CA ASN E 282 9.92 31.94 22.38
C ASN E 282 8.83 32.77 21.74
N ARG E 283 8.50 33.92 22.33
CA ARG E 283 7.45 34.76 21.79
C ARG E 283 7.83 35.43 20.47
N ALA E 284 9.11 35.39 20.10
CA ALA E 284 9.59 36.09 18.91
C ALA E 284 10.21 35.14 17.90
N LEU E 285 9.72 33.91 17.81
CA LEU E 285 10.19 32.92 16.84
C LEU E 285 9.08 32.62 15.86
N GLY E 286 9.37 32.77 14.57
CA GLY E 286 8.45 32.39 13.52
C GLY E 286 7.73 33.56 12.90
N LEU E 287 6.69 33.23 12.15
CA LEU E 287 5.94 34.23 11.41
C LEU E 287 4.94 34.92 12.34
N PRO E 288 4.99 36.25 12.48
CA PRO E 288 4.01 36.94 13.31
C PRO E 288 2.62 36.80 12.75
N PRO E 289 1.59 36.99 13.57
CA PRO E 289 0.22 36.95 13.05
C PRO E 289 -0.04 38.10 12.10
N PHE E 290 -0.90 37.84 11.12
CA PHE E 290 -1.28 38.89 10.17
C PHE E 290 -2.27 39.85 10.80
N LEU E 291 -2.06 41.14 10.56
CA LEU E 291 -2.92 42.18 11.12
C LEU E 291 -3.95 42.57 10.08
N ASN E 292 -5.22 42.29 10.35
CA ASN E 292 -6.30 42.69 9.45
C ASN E 292 -6.68 44.16 9.62
N SER E 293 -6.14 44.83 10.62
CA SER E 293 -6.37 46.26 10.82
C SER E 293 -5.05 46.89 11.26
N LEU E 294 -4.55 47.83 10.45
CA LEU E 294 -3.33 48.53 10.74
C LEU E 294 -3.63 49.96 11.15
N PRO E 295 -2.84 50.56 12.04
CA PRO E 295 -3.17 51.88 12.55
C PRO E 295 -3.09 52.95 11.48
N GLN E 296 -3.92 53.97 11.62
CA GLN E 296 -3.91 55.12 10.74
C GLN E 296 -2.97 56.22 11.18
N SER E 297 -2.37 56.09 12.36
CA SER E 297 -1.37 57.04 12.84
C SER E 297 -0.54 56.37 13.93
N GLU E 298 0.68 55.98 13.58
CA GLU E 298 1.57 55.40 14.58
C GLU E 298 1.85 56.43 15.67
N GLY E 299 1.95 55.95 16.90
CA GLY E 299 2.13 56.82 18.04
C GLY E 299 2.16 56.02 19.32
N GLY E 300 1.88 56.73 20.42
CA GLY E 300 2.01 56.13 21.74
C GLY E 300 1.05 54.97 21.98
N THR E 301 -0.21 55.11 21.53
CA THR E 301 -1.23 54.13 21.86
C THR E 301 -2.07 53.71 20.66
N ASN E 302 -1.68 54.05 19.44
CA ASN E 302 -2.40 53.61 18.24
C ASN E 302 -1.86 52.25 17.84
N PHE E 303 -2.56 51.21 18.28
CA PHE E 303 -2.09 49.85 18.09
C PHE E 303 -2.75 49.21 16.87
N GLY E 304 -2.13 48.14 16.38
CA GLY E 304 -2.74 47.30 15.37
C GLY E 304 -3.60 46.21 15.98
N TYR E 305 -4.40 45.57 15.12
CA TYR E 305 -5.34 44.55 15.57
C TYR E 305 -5.34 43.37 14.61
N ILE E 306 -5.32 42.16 15.17
CA ILE E 306 -5.41 40.97 14.33
C ILE E 306 -6.79 40.87 13.69
N GLY E 307 -7.85 41.13 14.45
CA GLY E 307 -9.20 41.06 13.91
C GLY E 307 -9.88 39.72 14.07
N VAL E 308 -9.22 38.65 13.65
CA VAL E 308 -9.81 37.31 13.73
C VAL E 308 -9.96 36.94 15.19
N GLN E 309 -11.14 36.43 15.56
CA GLN E 309 -11.39 36.03 16.94
C GLN E 309 -10.43 34.93 17.35
N GLN E 310 -10.01 34.96 18.62
CA GLN E 310 -8.98 34.04 19.08
C GLN E 310 -9.36 32.58 18.82
N ASP E 311 -10.62 32.22 19.05
CA ASP E 311 -11.07 30.85 18.79
C ASP E 311 -11.26 30.56 17.32
N LYS E 312 -11.37 31.57 16.47
CA LYS E 312 -11.56 31.39 15.05
C LYS E 312 -10.28 31.52 14.24
N ARG E 313 -9.13 31.65 14.89
CA ARG E 313 -7.88 31.82 14.17
C ARG E 313 -7.35 30.49 13.66
N ARG E 314 -6.38 30.58 12.76
CA ARG E 314 -5.72 29.40 12.20
C ARG E 314 -4.27 29.36 12.65
N GLY E 315 -3.74 28.15 12.78
CA GLY E 315 -2.39 27.95 13.22
C GLY E 315 -2.26 26.60 13.89
N VAL E 316 -1.19 26.46 14.69
CA VAL E 316 -0.87 25.20 15.35
C VAL E 316 -0.56 25.49 16.81
N THR E 317 -1.11 24.65 17.69
CA THR E 317 -0.85 24.74 19.11
C THR E 317 -0.62 23.34 19.67
N GLN E 318 0.18 23.27 20.72
CA GLN E 318 0.38 22.04 21.47
C GLN E 318 -0.68 21.84 22.53
N MET E 319 -1.62 22.77 22.66
CA MET E 319 -2.71 22.67 23.62
C MET E 319 -3.86 21.95 22.90
N GLY E 320 -3.78 20.62 22.90
CA GLY E 320 -4.62 19.82 22.04
C GLY E 320 -6.10 19.87 22.36
N ASN E 321 -6.47 20.32 23.56
CA ASN E 321 -7.86 20.34 23.98
C ASN E 321 -8.45 21.73 24.03
N THR E 322 -7.83 22.71 23.35
CA THR E 322 -8.30 24.08 23.37
C THR E 322 -8.31 24.63 21.95
N ASN E 323 -9.34 25.43 21.65
CA ASN E 323 -9.49 26.05 20.35
C ASN E 323 -8.76 27.39 20.24
N TYR E 324 -8.21 27.89 21.33
CA TYR E 324 -7.62 29.23 21.37
C TYR E 324 -6.19 29.16 20.83
N ILE E 325 -5.95 29.88 19.74
CA ILE E 325 -4.61 30.05 19.19
C ILE E 325 -4.18 31.48 19.46
N THR E 326 -3.22 31.65 20.36
CA THR E 326 -2.72 32.97 20.73
C THR E 326 -1.20 32.92 20.80
N GLU E 327 -0.59 34.09 21.03
CA GLU E 327 0.86 34.18 21.03
C GLU E 327 1.48 33.40 22.19
N ALA E 328 0.74 33.24 23.29
CA ALA E 328 1.26 32.45 24.39
C ALA E 328 1.07 30.96 24.18
N THR E 329 0.13 30.57 23.30
CA THR E 329 -0.23 29.17 23.12
C THR E 329 0.25 28.58 21.80
N ILE E 330 0.72 29.40 20.87
CA ILE E 330 1.06 28.90 19.54
C ILE E 330 2.33 28.05 19.60
N MET E 331 2.41 27.07 18.70
CA MET E 331 3.59 26.22 18.64
C MET E 331 4.80 27.02 18.21
N ARG E 332 5.94 26.76 18.86
CA ARG E 332 7.20 27.35 18.48
C ARG E 332 8.21 26.23 18.22
N PRO E 333 9.23 26.49 17.40
CA PRO E 333 10.16 25.40 17.05
C PRO E 333 10.77 24.70 18.25
N ALA E 334 11.14 25.45 19.28
CA ALA E 334 11.75 24.88 20.47
C ALA E 334 11.59 25.88 21.61
N GLU E 335 12.34 25.67 22.69
CA GLU E 335 12.28 26.53 23.88
C GLU E 335 13.64 27.20 24.05
N VAL E 336 13.62 28.51 24.24
CA VAL E 336 14.84 29.28 24.46
C VAL E 336 14.99 29.51 25.96
N GLY E 337 16.16 29.16 26.49
CA GLY E 337 16.39 29.28 27.91
C GLY E 337 15.66 28.19 28.68
N TYR E 338 15.78 28.24 30.00
CA TYR E 338 15.13 27.28 30.86
C TYR E 338 15.04 27.83 32.27
N SER E 339 14.05 27.34 33.01
CA SER E 339 13.90 27.68 34.41
C SER E 339 14.57 26.63 35.27
N ALA E 340 15.26 27.06 36.31
CA ALA E 340 15.96 26.17 37.22
C ALA E 340 15.73 26.67 38.64
N PRO E 341 15.82 25.79 39.63
CA PRO E 341 15.68 26.24 41.02
C PRO E 341 16.71 27.30 41.37
N TYR E 342 16.25 28.53 41.64
CA TYR E 342 17.15 29.63 41.90
C TYR E 342 17.42 29.76 43.40
N TYR E 343 18.69 30.02 43.72
CA TYR E 343 19.19 29.93 45.10
C TYR E 343 18.84 28.57 45.70
N SER E 344 19.21 27.53 44.98
CA SER E 344 19.07 26.16 45.46
C SER E 344 20.42 25.62 45.86
N PHE E 345 20.49 25.00 47.04
CA PHE E 345 21.73 24.44 47.56
C PHE E 345 21.61 22.93 47.64
N GLU E 346 22.56 22.24 47.04
CA GLU E 346 22.61 20.79 47.00
C GLU E 346 23.79 20.32 47.84
N ALA E 347 23.57 19.22 48.56
CA ALA E 347 24.54 18.70 49.51
C ALA E 347 25.10 17.38 48.99
N SER E 348 26.39 17.18 49.27
CA SER E 348 27.08 15.95 48.92
C SER E 348 28.14 15.69 49.97
N THR E 349 29.07 14.79 49.67
CA THR E 349 30.07 14.37 50.65
C THR E 349 30.76 15.56 51.29
N GLN E 350 31.09 16.58 50.50
CA GLN E 350 31.88 17.71 50.95
C GLN E 350 31.05 18.84 51.53
N GLY E 351 29.73 18.68 51.60
CA GLY E 351 28.88 19.69 52.18
C GLY E 351 27.92 20.27 51.17
N PRO E 352 27.39 21.47 51.47
CA PRO E 352 26.47 22.12 50.53
C PRO E 352 27.18 22.97 49.50
N PHE E 353 26.46 23.29 48.43
CA PHE E 353 26.94 24.21 47.42
C PHE E 353 25.77 24.68 46.56
N LYS E 354 25.87 25.90 46.04
CA LYS E 354 24.81 26.46 45.22
C LYS E 354 24.74 25.70 43.89
N THR E 355 23.52 25.42 43.45
CA THR E 355 23.31 24.88 42.12
C THR E 355 23.58 25.99 41.10
N PRO E 356 24.54 25.81 40.20
CA PRO E 356 24.78 26.84 39.19
C PRO E 356 23.74 26.83 38.09
N ILE E 357 23.47 28.02 37.55
CA ILE E 357 22.49 28.21 36.50
C ILE E 357 23.19 28.86 35.32
N ALA E 358 22.82 28.42 34.11
CA ALA E 358 23.49 28.85 32.89
C ALA E 358 22.85 30.08 32.26
N ALA E 359 21.82 30.66 32.88
CA ALA E 359 21.14 31.82 32.32
C ALA E 359 20.92 32.85 33.40
N GLY E 360 20.82 34.11 32.98
CA GLY E 360 20.60 35.21 33.89
C GLY E 360 19.13 35.45 34.17
N ARG E 361 18.85 36.57 34.81
CA ARG E 361 17.50 36.94 35.18
C ARG E 361 16.86 37.82 34.12
N GLY E 362 15.54 38.00 34.23
CA GLY E 362 14.83 38.86 33.33
C GLY E 362 14.28 40.10 34.02
N GLY E 363 14.37 41.22 33.31
CA GLY E 363 13.92 42.50 33.86
C GLY E 363 15.02 43.22 34.60
N ALA E 364 16.14 42.55 34.82
CA ALA E 364 17.28 43.20 35.47
C ALA E 364 17.92 44.25 34.58
N GLN E 365 17.79 44.12 33.26
CA GLN E 365 18.37 45.11 32.35
C GLN E 365 17.74 46.48 32.56
N THR E 366 16.48 46.53 32.95
CA THR E 366 15.80 47.80 33.21
C THR E 366 15.94 48.26 34.65
N ASP E 367 16.12 47.33 35.59
CA ASP E 367 16.24 47.65 37.01
C ASP E 367 17.37 46.79 37.59
N GLU E 368 18.50 47.44 37.89
CA GLU E 368 19.63 46.72 38.49
C GLU E 368 19.27 46.11 39.84
N ASN E 369 18.27 46.67 40.53
CA ASN E 369 17.87 46.12 41.82
C ASN E 369 17.36 44.69 41.70
N GLN E 370 16.96 44.27 40.50
CA GLN E 370 16.46 42.91 40.28
C GLN E 370 17.54 41.96 39.80
N ALA E 371 18.80 42.41 39.72
CA ALA E 371 19.89 41.52 39.36
C ALA E 371 20.01 40.43 40.42
N ALA E 372 19.91 39.17 39.99
CA ALA E 372 19.84 38.07 40.92
C ALA E 372 20.45 36.80 40.31
N ASP E 373 20.12 35.65 40.90
CA ASP E 373 20.71 34.37 40.50
C ASP E 373 20.91 34.30 39.00
N GLY E 374 22.13 33.95 38.59
CA GLY E 374 22.49 33.88 37.19
C GLY E 374 23.31 35.04 36.68
N ASP E 375 23.33 36.16 37.40
CA ASP E 375 24.14 37.31 37.02
C ASP E 375 25.42 37.27 37.86
N PRO E 376 26.58 36.92 37.29
CA PRO E 376 27.77 36.77 38.12
C PRO E 376 28.18 38.08 38.77
N ARG E 377 28.60 37.98 40.02
CA ARG E 377 29.10 39.14 40.78
C ARG E 377 30.60 38.96 40.96
N TYR E 378 31.36 39.98 40.55
CA TYR E 378 32.81 39.94 40.61
C TYR E 378 33.29 40.92 41.66
N ALA E 379 34.10 40.43 42.60
CA ALA E 379 34.72 41.25 43.63
C ALA E 379 36.23 41.11 43.49
N PHE E 380 36.92 42.25 43.41
CA PHE E 380 38.33 42.24 43.06
C PHE E 380 39.04 43.39 43.75
N GLY E 381 40.38 43.34 43.72
CA GLY E 381 41.22 44.28 44.41
C GLY E 381 41.89 45.27 43.48
N ARG E 382 42.93 45.91 44.01
CA ARG E 382 43.58 47.01 43.29
C ARG E 382 44.40 46.51 42.11
N GLN E 383 44.96 45.30 42.19
CA GLN E 383 45.73 44.77 41.09
C GLN E 383 44.87 44.53 39.85
N HIS E 384 43.56 44.41 40.00
CA HIS E 384 42.70 43.92 38.94
C HIS E 384 41.52 44.84 38.62
N GLY E 385 41.60 46.11 38.98
CA GLY E 385 40.57 47.05 38.57
C GLY E 385 40.16 48.07 39.60
N GLN E 386 40.28 47.75 40.89
CA GLN E 386 39.91 48.71 41.91
C GLN E 386 40.86 49.89 41.89
N LYS E 387 40.32 51.08 42.14
CA LYS E 387 41.12 52.29 42.15
C LYS E 387 42.37 52.07 42.99
N THR E 388 43.55 52.20 42.38
CA THR E 388 44.79 51.82 43.06
C THR E 388 45.10 52.73 44.23
N THR E 389 44.42 53.86 44.36
CA THR E 389 44.63 54.79 45.47
C THR E 389 43.57 54.65 46.55
N THR E 390 42.71 53.64 46.47
CA THR E 390 41.73 53.41 47.52
C THR E 390 42.40 52.72 48.70
N THR E 391 41.94 53.07 49.90
CA THR E 391 42.46 52.52 51.14
C THR E 391 41.41 51.66 51.81
N GLY E 392 41.85 50.59 52.44
CA GLY E 392 40.96 49.65 53.10
C GLY E 392 40.91 48.31 52.39
N GLU E 393 40.27 47.36 53.06
CA GLU E 393 40.15 46.00 52.55
C GLU E 393 38.87 45.77 51.76
N THR E 394 37.97 46.74 51.70
CA THR E 394 36.74 46.57 50.96
C THR E 394 37.05 46.45 49.48
N PRO E 395 36.66 45.37 48.81
CA PRO E 395 36.97 45.24 47.38
C PRO E 395 35.94 45.94 46.51
N GLU E 396 36.26 46.03 45.22
CA GLU E 396 35.36 46.59 44.25
C GLU E 396 34.51 45.49 43.63
N ARG E 397 33.20 45.72 43.58
CA ARG E 397 32.25 44.70 43.17
C ARG E 397 31.36 45.20 42.05
N PHE E 398 31.00 44.29 41.15
CA PHE E 398 30.01 44.61 40.12
C PHE E 398 29.30 43.34 39.68
N THR E 399 28.02 43.47 39.36
CA THR E 399 27.22 42.38 38.85
C THR E 399 27.07 42.55 37.34
N TYR E 400 27.32 41.48 36.61
CA TYR E 400 27.34 41.53 35.14
C TYR E 400 25.96 41.16 34.61
N ILE E 401 25.25 42.15 34.08
CA ILE E 401 23.96 41.92 33.43
C ILE E 401 24.23 41.81 31.94
N ALA E 402 24.13 40.60 31.39
CA ALA E 402 24.43 40.38 30.00
C ALA E 402 23.25 40.80 29.12
N HIS E 403 23.57 41.15 27.88
CA HIS E 403 22.55 41.56 26.92
C HIS E 403 21.69 40.40 26.44
N GLN E 404 22.22 39.19 26.41
CA GLN E 404 21.49 38.04 25.91
C GLN E 404 20.28 37.79 26.79
N ASP E 405 19.10 37.68 26.17
CA ASP E 405 17.85 37.48 26.90
C ASP E 405 17.43 36.00 26.87
N THR E 406 18.26 35.16 27.48
CA THR E 406 17.92 33.76 27.69
C THR E 406 17.34 33.51 29.07
N GLY E 407 17.25 34.54 29.90
CA GLY E 407 16.81 34.36 31.27
C GLY E 407 15.30 34.22 31.37
N ARG E 408 14.86 34.05 32.61
CA ARG E 408 13.45 33.87 32.94
C ARG E 408 13.03 34.90 33.97
N TYR E 409 11.76 35.31 33.89
CA TYR E 409 11.17 36.26 34.83
C TYR E 409 10.22 35.47 35.72
N PRO E 410 10.70 34.90 36.83
CA PRO E 410 9.87 33.95 37.58
C PRO E 410 8.59 34.53 38.12
N GLU E 411 8.50 35.85 38.33
CA GLU E 411 7.25 36.44 38.78
C GLU E 411 6.16 36.35 37.72
N GLY E 412 6.51 36.02 36.48
CA GLY E 412 5.55 35.98 35.39
C GLY E 412 5.07 34.61 34.98
N ASP E 413 5.63 33.54 35.54
CA ASP E 413 5.21 32.20 35.17
C ASP E 413 3.97 31.80 35.94
N TRP E 414 3.32 30.73 35.48
CA TRP E 414 2.18 30.16 36.16
C TRP E 414 1.87 28.81 35.55
N ILE E 415 1.33 27.91 36.37
CA ILE E 415 0.82 26.62 35.91
C ILE E 415 -0.69 26.67 36.02
N GLN E 416 -1.38 25.98 35.12
CA GLN E 416 -2.83 25.86 35.21
C GLN E 416 -3.27 24.48 34.79
N ASN E 417 -4.43 24.08 35.29
CA ASN E 417 -4.91 22.72 35.13
C ASN E 417 -5.13 22.40 33.66
N ILE E 418 -5.07 21.12 33.33
CA ILE E 418 -5.09 20.68 31.94
C ILE E 418 -6.41 21.02 31.25
N ASN E 419 -7.47 21.26 32.02
CA ASN E 419 -8.76 21.61 31.41
C ASN E 419 -8.67 22.90 30.61
N PHE E 420 -8.02 23.93 31.15
CA PHE E 420 -7.79 25.18 30.44
C PHE E 420 -9.10 25.93 30.21
N ASN E 421 -9.90 26.04 31.26
CA ASN E 421 -11.06 26.91 31.23
C ASN E 421 -10.64 28.34 31.55
N LEU E 422 -11.14 29.29 30.76
CA LEU E 422 -10.80 30.68 30.99
C LEU E 422 -12.06 31.50 31.28
N PRO E 423 -11.97 32.48 32.18
CA PRO E 423 -10.79 32.86 32.98
C PRO E 423 -10.49 31.80 34.03
N VAL E 424 -9.22 31.51 34.27
CA VAL E 424 -8.85 30.42 35.16
C VAL E 424 -9.22 30.78 36.60
N THR E 425 -9.80 29.82 37.30
CA THR E 425 -10.22 30.00 38.69
C THR E 425 -9.06 29.75 39.64
N ASP E 426 -9.28 30.09 40.91
CA ASP E 426 -8.21 30.03 41.90
C ASP E 426 -7.68 28.61 42.06
N ASP E 427 -8.57 27.63 42.12
CA ASP E 427 -8.16 26.27 42.42
C ASP E 427 -7.46 25.58 41.25
N ASN E 428 -7.46 26.19 40.07
CA ASN E 428 -6.91 25.56 38.88
C ASN E 428 -5.63 26.22 38.39
N VAL E 429 -5.16 27.27 39.06
CA VAL E 429 -3.94 27.95 38.65
C VAL E 429 -3.00 28.06 39.85
N LEU E 430 -1.75 27.65 39.64
CA LEU E 430 -0.68 27.82 40.60
C LEU E 430 0.16 29.01 40.16
N LEU E 431 0.30 29.99 41.05
CA LEU E 431 0.97 31.25 40.79
C LEU E 431 2.23 31.36 41.64
N PRO E 432 3.18 32.21 41.24
CA PRO E 432 4.34 32.45 42.12
C PRO E 432 3.95 33.03 43.47
N THR E 433 2.78 33.68 43.57
CA THR E 433 2.33 34.18 44.86
C THR E 433 1.87 33.07 45.79
N ASP E 434 1.68 31.86 45.29
CA ASP E 434 1.15 30.75 46.08
C ASP E 434 2.27 30.03 46.80
N PRO E 435 2.12 29.72 48.09
CA PRO E 435 3.22 29.13 48.84
C PRO E 435 3.41 27.65 48.53
N ILE E 436 4.63 27.19 48.78
CA ILE E 436 4.99 25.78 48.71
C ILE E 436 5.46 25.35 50.09
N GLY E 437 4.90 24.25 50.59
CA GLY E 437 5.26 23.78 51.91
C GLY E 437 4.85 24.71 53.02
N GLY E 438 3.91 25.62 52.76
CA GLY E 438 3.44 26.55 53.77
C GLY E 438 4.30 27.78 53.96
N LYS E 439 5.35 27.95 53.16
CA LYS E 439 6.24 29.08 53.31
C LYS E 439 5.79 30.22 52.43
N THR E 440 5.71 31.42 53.01
CA THR E 440 5.29 32.60 52.26
C THR E 440 6.41 33.19 51.42
N GLY E 441 7.66 32.77 51.65
CA GLY E 441 8.78 33.23 50.86
C GLY E 441 9.29 32.25 49.84
N ILE E 442 8.72 31.05 49.75
CA ILE E 442 9.09 30.06 48.75
C ILE E 442 7.84 29.74 47.96
N ASN E 443 7.95 29.83 46.64
CA ASN E 443 6.86 29.51 45.72
C ASN E 443 7.29 28.36 44.81
N TYR E 444 6.44 28.06 43.83
CA TYR E 444 6.69 26.89 42.99
C TYR E 444 7.85 27.11 42.04
N THR E 445 8.08 28.35 41.61
CA THR E 445 9.19 28.61 40.69
C THR E 445 10.54 28.38 41.36
N ASN E 446 10.60 28.39 42.69
CA ASN E 446 11.88 28.16 43.36
C ASN E 446 12.33 26.72 43.23
N ILE E 447 11.39 25.79 43.06
CA ILE E 447 11.72 24.38 42.87
C ILE E 447 11.41 23.89 41.46
N PHE E 448 11.33 24.80 40.50
CA PHE E 448 10.81 24.48 39.18
C PHE E 448 11.95 24.33 38.18
N ASN E 449 11.91 23.25 37.40
CA ASN E 449 12.92 22.97 36.40
C ASN E 449 12.23 22.66 35.08
N THR E 450 12.75 23.22 33.99
CA THR E 450 12.18 23.00 32.66
C THR E 450 13.22 22.54 31.64
N TYR E 451 14.42 22.16 32.08
CA TYR E 451 15.41 21.68 31.14
C TYR E 451 14.87 20.46 30.42
N GLY E 452 14.74 20.57 29.10
CA GLY E 452 14.21 19.51 28.29
C GLY E 452 14.91 19.42 26.96
N PRO E 453 14.58 18.38 26.17
CA PRO E 453 15.25 18.23 24.88
C PRO E 453 15.00 19.38 23.93
N LEU E 454 13.95 20.18 24.16
CA LEU E 454 13.65 21.33 23.33
C LEU E 454 14.32 22.61 23.82
N THR E 455 15.27 22.50 24.75
CA THR E 455 15.89 23.70 25.31
C THR E 455 17.07 24.15 24.47
N ALA E 456 17.20 25.47 24.30
CA ALA E 456 18.31 26.08 23.60
C ALA E 456 18.84 27.24 24.43
N LEU E 457 20.17 27.32 24.56
CA LEU E 457 20.78 28.37 25.36
C LEU E 457 22.17 28.68 24.80
N ASN E 458 22.66 29.87 25.14
CA ASN E 458 23.94 30.37 24.64
C ASN E 458 25.04 30.20 25.67
N ASN E 459 26.27 30.21 25.19
CA ASN E 459 27.43 30.14 26.05
C ASN E 459 27.59 31.45 26.82
N VAL E 460 28.32 31.37 27.93
CA VAL E 460 28.48 32.55 28.79
C VAL E 460 29.25 33.63 28.03
N PRO E 461 28.96 34.92 28.27
CA PRO E 461 29.68 35.95 27.53
C PRO E 461 31.00 36.28 28.22
N PRO E 462 32.01 36.72 27.45
CA PRO E 462 33.24 37.19 28.08
C PRO E 462 32.99 38.37 29.01
N VAL E 463 33.71 38.40 30.13
CA VAL E 463 33.64 39.48 31.10
C VAL E 463 35.02 40.12 31.16
N TYR E 464 35.09 41.37 30.76
CA TYR E 464 36.33 42.12 30.83
C TYR E 464 36.30 43.03 32.05
N PRO E 465 37.39 43.10 32.84
CA PRO E 465 38.67 42.43 32.69
C PRO E 465 38.82 41.17 33.53
N ASN E 466 37.99 40.99 34.56
CA ASN E 466 38.22 39.96 35.55
C ASN E 466 37.70 38.59 35.16
N GLY E 467 37.08 38.46 34.00
CA GLY E 467 36.58 37.16 33.58
C GLY E 467 37.72 36.23 33.19
N GLN E 468 37.48 34.93 33.37
CA GLN E 468 38.41 33.91 32.91
C GLN E 468 38.33 33.76 31.40
N ILE E 469 39.44 33.35 30.80
CA ILE E 469 39.51 33.21 29.35
C ILE E 469 39.19 31.77 28.96
N TRP E 470 39.99 30.82 29.43
CA TRP E 470 39.81 29.42 29.11
C TRP E 470 39.69 28.62 30.41
N ASP E 471 39.08 27.44 30.28
CA ASP E 471 38.86 26.57 31.43
C ASP E 471 38.95 25.12 30.97
N LYS E 472 39.52 24.29 31.84
CA LYS E 472 39.68 22.88 31.53
C LYS E 472 38.34 22.16 31.62
N GLU E 473 38.10 21.26 30.68
CA GLU E 473 36.88 20.45 30.72
C GLU E 473 36.98 19.39 31.81
N PHE E 474 35.83 19.11 32.43
CA PHE E 474 35.78 18.10 33.46
C PHE E 474 36.10 16.72 32.88
N ASP E 475 36.82 15.92 33.65
CA ASP E 475 37.18 14.56 33.24
C ASP E 475 36.12 13.54 33.63
N THR E 476 34.88 13.72 33.20
CA THR E 476 33.80 12.79 33.49
C THR E 476 33.34 12.10 32.21
N ASP E 477 32.68 10.95 32.38
CA ASP E 477 32.17 10.23 31.22
C ASP E 477 31.16 11.07 30.46
N LEU E 478 30.24 11.72 31.16
CA LEU E 478 29.29 12.65 30.56
C LEU E 478 29.68 14.06 30.97
N LYS E 479 30.07 14.85 30.01
CA LYS E 479 30.65 16.15 30.26
C LYS E 479 29.60 17.24 30.14
N PRO E 480 29.74 18.33 30.90
CA PRO E 480 28.71 19.37 30.87
C PRO E 480 28.66 20.07 29.51
N ARG E 481 27.46 20.51 29.15
CA ARG E 481 27.30 21.17 27.85
C ARG E 481 28.08 22.47 27.78
N LEU E 482 28.18 23.20 28.90
CA LEU E 482 28.94 24.44 28.94
C LEU E 482 29.49 24.64 30.34
N HIS E 483 30.56 25.42 30.42
CA HIS E 483 31.07 25.91 31.69
C HIS E 483 30.61 27.34 31.92
N VAL E 484 30.33 27.65 33.19
CA VAL E 484 29.75 28.94 33.53
C VAL E 484 30.79 30.00 33.83
N ASN E 485 32.06 29.62 33.99
CA ASN E 485 33.09 30.55 34.42
C ASN E 485 33.96 31.07 33.28
N ALA E 486 34.01 30.37 32.14
CA ALA E 486 34.83 30.83 31.03
C ALA E 486 34.08 30.59 29.73
N PRO E 487 34.34 31.41 28.70
CA PRO E 487 33.70 31.17 27.40
C PRO E 487 34.37 30.07 26.60
N PHE E 488 35.64 29.78 26.87
CA PHE E 488 36.39 28.76 26.15
C PHE E 488 36.63 27.58 27.08
N VAL E 489 36.31 26.38 26.61
CA VAL E 489 36.42 25.16 27.39
C VAL E 489 37.38 24.22 26.67
N CYS E 490 38.29 23.61 27.43
CA CYS E 490 39.39 22.85 26.87
C CYS E 490 38.94 21.43 26.55
N GLN E 491 38.84 21.09 25.27
CA GLN E 491 38.38 19.75 24.91
C GLN E 491 39.35 18.69 25.40
N ASN E 492 40.59 18.71 24.88
CA ASN E 492 41.58 17.70 25.24
C ASN E 492 42.48 18.16 26.37
N ASN E 493 43.20 19.25 26.17
CA ASN E 493 44.12 19.78 27.17
C ASN E 493 44.29 21.27 26.92
N CYS E 494 44.83 21.96 27.92
CA CYS E 494 45.17 23.36 27.78
C CYS E 494 46.24 23.70 28.79
N PRO E 495 46.93 24.83 28.61
CA PRO E 495 48.34 24.90 29.03
C PRO E 495 48.53 24.59 30.49
N GLY E 496 49.64 23.91 30.79
CA GLY E 496 49.92 23.54 32.16
C GLY E 496 50.18 24.77 33.01
N GLN E 497 49.85 24.66 34.29
CA GLN E 497 50.12 25.73 35.23
C GLN E 497 51.62 25.88 35.43
N LEU E 498 52.05 27.10 35.73
CA LEU E 498 53.45 27.44 35.91
C LEU E 498 53.69 27.76 37.38
N PHE E 499 54.60 27.03 37.99
CA PHE E 499 54.89 27.15 39.41
C PHE E 499 56.29 27.70 39.60
N VAL E 500 56.42 28.72 40.44
CA VAL E 500 57.71 29.35 40.74
C VAL E 500 57.94 29.30 42.23
N LYS E 501 59.15 28.91 42.62
CA LYS E 501 59.56 28.83 44.02
C LYS E 501 60.97 29.38 44.10
N VAL E 502 61.37 29.82 45.29
CA VAL E 502 62.74 30.29 45.49
C VAL E 502 63.55 29.16 46.10
N ALA E 503 64.61 28.75 45.40
CA ALA E 503 65.39 27.62 45.86
C ALA E 503 65.93 27.90 47.26
N PRO E 504 65.98 26.90 48.13
CA PRO E 504 66.35 27.14 49.53
C PRO E 504 67.80 27.60 49.63
N ASN E 505 67.99 28.71 50.34
CA ASN E 505 69.32 29.27 50.61
C ASN E 505 69.58 29.09 52.10
N LEU E 506 70.40 28.10 52.44
CA LEU E 506 70.57 27.69 53.82
C LEU E 506 71.70 28.47 54.49
N THR E 507 71.67 28.49 55.82
CA THR E 507 72.80 28.94 56.61
C THR E 507 73.71 27.76 56.95
N ASN E 508 74.85 28.07 57.55
CA ASN E 508 75.81 27.01 57.89
C ASN E 508 75.33 26.12 59.01
N GLN E 509 74.25 26.50 59.70
CA GLN E 509 73.79 25.78 60.88
C GLN E 509 72.77 24.70 60.57
N TYR E 510 72.45 24.45 59.31
CA TYR E 510 71.39 23.51 58.97
C TYR E 510 71.69 22.12 59.53
N ASP E 511 70.68 21.49 60.11
CA ASP E 511 70.77 20.14 60.63
C ASP E 511 69.43 19.44 60.41
N PRO E 512 69.33 18.51 59.45
CA PRO E 512 68.02 17.92 59.15
C PRO E 512 67.40 17.16 60.31
N ASP E 513 68.20 16.64 61.24
CA ASP E 513 67.66 15.92 62.38
C ASP E 513 66.94 16.82 63.38
N ALA E 514 67.09 18.13 63.25
CA ALA E 514 66.41 19.05 64.14
C ALA E 514 64.95 19.18 63.75
N SER E 515 64.05 18.97 64.71
CA SER E 515 62.62 19.06 64.43
C SER E 515 62.19 20.47 64.09
N ALA E 516 62.97 21.48 64.47
CA ALA E 516 62.59 22.86 64.22
C ALA E 516 62.62 23.16 62.74
N ASN E 517 61.92 24.22 62.35
CA ASN E 517 61.90 24.63 60.95
C ASN E 517 63.29 25.06 60.51
N MET E 518 63.64 24.67 59.29
CA MET E 518 64.98 24.95 58.76
C MET E 518 65.25 26.45 58.75
N SER E 519 66.46 26.82 59.13
CA SER E 519 66.86 28.23 59.13
C SER E 519 67.34 28.61 57.74
N ARG E 520 66.70 29.62 57.16
CA ARG E 520 66.96 30.04 55.79
C ARG E 520 67.43 31.48 55.77
N ILE E 521 68.25 31.80 54.76
CA ILE E 521 68.62 33.20 54.53
C ILE E 521 67.46 33.89 53.82
N VAL E 522 67.10 35.06 54.30
CA VAL E 522 65.95 35.78 53.74
C VAL E 522 66.28 36.12 52.29
N THR E 523 65.57 35.49 51.37
CA THR E 523 65.79 35.66 49.94
C THR E 523 64.47 35.99 49.25
N TYR E 524 64.56 36.78 48.19
CA TYR E 524 63.41 37.09 47.36
C TYR E 524 63.89 37.26 45.92
N SER E 525 62.94 37.22 44.99
CA SER E 525 63.26 37.24 43.57
C SER E 525 62.34 38.20 42.84
N ASP E 526 62.86 38.79 41.76
CA ASP E 526 62.07 39.54 40.82
C ASP E 526 62.44 39.07 39.41
N PHE E 527 61.44 38.71 38.62
CA PHE E 527 61.67 38.20 37.28
C PHE E 527 60.58 38.72 36.35
N TRP E 528 60.91 38.82 35.07
CA TRP E 528 59.98 39.33 34.08
C TRP E 528 59.29 38.18 33.38
N TRP E 529 57.96 38.25 33.31
CA TRP E 529 57.15 37.26 32.65
C TRP E 529 56.59 37.85 31.37
N LYS E 530 56.84 37.20 30.25
CA LYS E 530 56.31 37.62 28.96
C LYS E 530 55.44 36.52 28.38
N GLY E 531 54.23 36.89 27.94
CA GLY E 531 53.33 35.93 27.36
C GLY E 531 52.71 36.47 26.09
N LYS E 532 52.42 35.55 25.18
CA LYS E 532 51.74 35.85 23.93
C LYS E 532 50.50 34.97 23.82
N LEU E 533 49.36 35.60 23.54
CA LEU E 533 48.08 34.92 23.41
C LEU E 533 47.47 35.31 22.08
N VAL E 534 47.16 34.31 21.26
CA VAL E 534 46.75 34.52 19.88
C VAL E 534 45.31 34.09 19.72
N PHE E 535 44.48 35.03 19.23
CA PHE E 535 43.08 34.80 18.89
C PHE E 535 42.88 34.98 17.39
N LYS E 536 41.75 34.49 16.89
CA LYS E 536 41.30 34.74 15.52
C LYS E 536 39.85 35.19 15.58
N ALA E 537 39.55 36.31 14.93
CA ALA E 537 38.22 36.91 14.99
C ALA E 537 37.70 37.22 13.60
N LYS E 538 36.38 37.31 13.49
CA LYS E 538 35.72 37.70 12.26
C LYS E 538 35.19 39.12 12.41
N LEU E 539 35.39 39.94 11.38
CA LEU E 539 34.85 41.28 11.39
C LEU E 539 33.35 41.25 11.13
N ARG E 540 32.62 42.14 11.80
CA ARG E 540 31.16 42.13 11.71
C ARG E 540 30.69 42.85 10.45
N ALA E 541 29.59 42.35 9.89
CA ALA E 541 28.90 43.02 8.80
C ALA E 541 27.63 43.68 9.32
N SER E 542 27.00 44.50 8.49
CA SER E 542 25.77 45.19 8.84
C SER E 542 24.64 44.62 8.01
N HIS E 543 23.73 43.89 8.67
CA HIS E 543 22.60 43.27 8.00
C HIS E 543 21.32 44.07 8.15
N THR E 544 21.35 45.21 8.82
CA THR E 544 20.15 45.94 9.18
C THR E 544 20.26 47.39 8.77
N TRP E 545 19.11 48.04 8.63
CA TRP E 545 19.07 49.46 8.33
C TRP E 545 19.61 50.28 9.49
N ASN E 546 19.24 49.92 10.72
CA ASN E 546 19.64 50.70 11.88
C ASN E 546 21.08 50.41 12.28
N PRO E 547 21.70 51.30 13.04
CA PRO E 547 22.99 50.96 13.67
C PRO E 547 22.78 50.05 14.88
N ILE E 548 23.89 49.63 15.45
CA ILE E 548 23.88 48.71 16.56
C ILE E 548 24.55 49.36 17.77
N GLN E 549 24.38 48.76 18.95
CA GLN E 549 25.01 49.28 20.14
C GLN E 549 26.52 49.18 20.03
N GLN E 550 27.21 50.22 20.47
CA GLN E 550 28.66 50.26 20.47
C GLN E 550 29.15 50.88 21.76
N MET E 551 30.36 50.52 22.17
CA MET E 551 30.94 51.11 23.37
C MET E 551 31.70 52.37 22.99
N SER E 552 31.50 53.42 23.77
CA SER E 552 32.06 54.73 23.46
C SER E 552 32.44 55.45 24.75
N ILE E 553 33.58 56.13 24.72
CA ILE E 553 33.96 57.00 25.81
C ILE E 553 33.06 58.22 25.82
N ASN E 554 32.48 58.53 26.97
CA ASN E 554 31.54 59.63 27.08
C ASN E 554 31.81 60.39 28.36
N VAL E 555 31.10 61.51 28.52
CA VAL E 555 31.34 62.40 29.66
C VAL E 555 31.10 61.66 30.97
N ASP E 556 30.14 60.72 30.99
CA ASP E 556 29.82 60.01 32.22
C ASP E 556 30.93 59.05 32.64
N ASN E 557 31.52 58.32 31.68
CA ASN E 557 32.57 57.34 31.98
C ASN E 557 33.96 57.78 31.53
N GLN E 558 34.15 59.07 31.22
CA GLN E 558 35.40 59.52 30.62
C GLN E 558 36.59 59.25 31.52
N PHE E 559 36.47 59.55 32.81
CA PHE E 559 37.63 59.50 33.70
C PHE E 559 37.97 58.09 34.14
N ASN E 560 37.12 57.10 33.87
CA ASN E 560 37.45 55.72 34.21
C ASN E 560 38.65 55.20 33.43
N TYR E 561 38.94 55.80 32.27
CA TYR E 561 39.99 55.29 31.39
C TYR E 561 41.25 56.12 31.38
N VAL E 562 41.38 57.12 32.26
CA VAL E 562 42.59 57.93 32.33
C VAL E 562 43.11 57.93 33.76
N PRO E 563 44.42 58.05 33.97
CA PRO E 563 44.94 58.07 35.33
C PRO E 563 44.59 59.37 36.05
N SER E 564 44.48 59.28 37.36
CA SER E 564 44.24 60.45 38.17
C SER E 564 45.53 61.26 38.33
N ASN E 565 45.40 62.45 38.91
CA ASN E 565 46.57 63.32 39.10
C ASN E 565 47.54 62.75 40.13
N ILE E 566 47.11 61.79 40.93
CA ILE E 566 47.94 61.24 41.99
C ILE E 566 48.56 59.93 41.48
N GLY E 567 48.25 59.57 40.24
CA GLY E 567 48.80 58.37 39.65
C GLY E 567 47.92 57.15 39.76
N GLY E 568 46.66 57.32 40.15
CA GLY E 568 45.78 56.17 40.32
C GLY E 568 45.18 55.71 39.00
N MET E 569 44.94 54.41 38.91
CA MET E 569 44.34 53.81 37.74
C MET E 569 43.26 52.83 38.17
N LYS E 570 42.28 52.64 37.28
CA LYS E 570 41.20 51.69 37.50
C LYS E 570 40.77 51.13 36.16
N ILE E 571 40.25 49.90 36.17
CA ILE E 571 39.76 49.24 34.97
C ILE E 571 38.32 48.84 35.25
N VAL E 572 37.38 49.66 34.77
CA VAL E 572 35.98 49.32 34.95
C VAL E 572 35.59 48.17 34.03
N TYR E 573 34.44 47.59 34.30
CA TYR E 573 33.99 46.43 33.54
C TYR E 573 33.30 46.85 32.26
N GLU E 574 33.59 46.12 31.19
CA GLU E 574 33.04 46.41 29.87
C GLU E 574 32.32 45.18 29.36
N LYS E 575 31.14 45.40 28.77
CA LYS E 575 30.33 44.31 28.28
C LYS E 575 30.80 43.91 26.88
N SER E 576 30.70 42.61 26.59
CA SER E 576 31.30 42.06 25.38
C SER E 576 30.30 41.93 24.23
N GLN E 577 29.20 41.23 24.46
CA GLN E 577 28.24 40.91 23.41
C GLN E 577 27.30 42.09 23.13
N LEU E 578 27.73 42.99 22.24
CA LEU E 578 26.96 44.20 21.99
C LEU E 578 26.01 44.02 20.81
N ALA E 579 26.53 43.57 19.67
CA ALA E 579 25.72 43.48 18.47
C ALA E 579 24.70 42.36 18.59
N PRO E 580 23.48 42.54 18.10
CA PRO E 580 22.50 41.45 18.09
C PRO E 580 22.65 40.55 16.87
N ARG E 581 22.05 39.37 16.98
CA ARG E 581 22.02 38.42 15.88
C ARG E 581 20.67 37.71 15.88
N LYS E 582 20.29 37.20 14.71
CA LYS E 582 18.98 36.55 14.57
C LYS E 582 19.06 35.13 15.07
N LEU E 583 18.37 34.84 16.18
CA LEU E 583 18.36 33.49 16.72
C LEU E 583 17.68 32.52 15.76
N TYR E 584 16.64 32.97 15.08
CA TYR E 584 15.84 32.09 14.23
C TYR E 584 15.11 32.89 13.17
N GLY F 37 9.80 36.41 -24.41
CA GLY F 37 8.89 37.32 -25.16
C GLY F 37 7.49 37.35 -24.61
N VAL F 38 6.68 38.28 -25.13
CA VAL F 38 5.31 38.42 -24.64
C VAL F 38 4.50 37.17 -24.98
N GLY F 39 4.73 36.61 -26.17
CA GLY F 39 3.94 35.49 -26.64
C GLY F 39 4.55 34.11 -26.45
N ILE F 40 5.65 33.99 -25.70
CA ILE F 40 6.33 32.72 -25.50
C ILE F 40 6.25 32.36 -24.03
N SER F 41 5.80 31.13 -23.76
CA SER F 41 5.78 30.61 -22.40
C SER F 41 7.20 30.31 -21.95
N THR F 42 7.51 30.61 -20.70
CA THR F 42 8.85 30.43 -20.16
C THR F 42 8.97 29.20 -19.27
N GLY F 43 7.93 28.37 -19.19
CA GLY F 43 8.01 27.19 -18.35
C GLY F 43 6.83 26.29 -18.63
N THR F 44 6.86 25.11 -17.99
CA THR F 44 5.82 24.11 -18.16
C THR F 44 5.29 23.69 -16.80
N PHE F 45 4.02 23.28 -16.79
CA PHE F 45 3.33 22.92 -15.56
C PHE F 45 3.53 21.44 -15.27
N ASN F 46 3.84 21.13 -14.02
CA ASN F 46 4.10 19.75 -13.62
C ASN F 46 3.71 19.57 -12.16
N ASN F 47 2.92 18.52 -11.89
CA ASN F 47 2.53 18.17 -10.53
C ASN F 47 2.63 16.67 -10.30
N GLN F 48 3.44 15.99 -11.11
CA GLN F 48 3.60 14.55 -10.95
C GLN F 48 4.58 14.24 -9.84
N THR F 49 4.33 13.13 -9.14
CA THR F 49 5.25 12.61 -8.14
C THR F 49 5.82 11.31 -8.67
N GLU F 50 7.15 11.26 -8.79
CA GLU F 50 7.84 10.15 -9.44
C GLU F 50 8.59 9.34 -8.39
N PHE F 51 8.47 8.02 -8.48
CA PHE F 51 9.24 7.09 -7.66
C PHE F 51 10.20 6.34 -8.56
N LYS F 52 11.50 6.52 -8.33
CA LYS F 52 12.53 5.80 -9.08
C LYS F 52 13.25 4.87 -8.11
N PHE F 53 13.19 3.57 -8.37
CA PHE F 53 13.72 2.60 -7.42
C PHE F 53 15.20 2.35 -7.68
N LEU F 54 15.95 2.21 -6.59
CA LEU F 54 17.41 2.12 -6.66
C LEU F 54 17.91 0.85 -6.00
N GLU F 55 19.22 0.74 -5.83
CA GLU F 55 19.81 -0.47 -5.28
C GLU F 55 19.46 -0.65 -3.81
N ASN F 56 19.30 -1.91 -3.41
CA ASN F 56 19.16 -2.29 -2.01
C ASN F 56 17.99 -1.58 -1.34
N GLY F 57 16.86 -1.49 -2.03
CA GLY F 57 15.63 -1.03 -1.41
C GLY F 57 15.51 0.46 -1.25
N TRP F 58 16.49 1.23 -1.72
CA TRP F 58 16.38 2.68 -1.65
C TRP F 58 15.61 3.22 -2.85
N VAL F 59 14.70 4.15 -2.58
CA VAL F 59 13.77 4.67 -3.58
C VAL F 59 13.85 6.19 -3.55
N TYR F 60 13.96 6.79 -4.73
CA TYR F 60 14.19 8.21 -4.92
C TYR F 60 12.88 8.86 -5.36
N ILE F 61 12.35 9.74 -4.50
CA ILE F 61 11.04 10.34 -4.71
C ILE F 61 11.25 11.77 -5.17
N THR F 62 10.60 12.15 -6.26
CA THR F 62 10.64 13.50 -6.78
C THR F 62 9.21 14.03 -6.79
N ALA F 63 8.92 14.98 -5.90
CA ALA F 63 7.60 15.60 -5.81
C ALA F 63 7.65 16.91 -6.59
N ASN F 64 6.92 16.95 -7.70
CA ASN F 64 6.74 18.18 -8.43
C ASN F 64 5.42 18.82 -8.02
N SER F 65 5.47 20.12 -7.73
CA SER F 65 4.28 20.87 -7.37
C SER F 65 4.23 22.11 -8.26
N SER F 66 3.03 22.44 -8.71
CA SER F 66 2.83 23.61 -9.56
C SER F 66 1.56 24.32 -9.13
N ARG F 67 1.62 25.64 -9.06
CA ARG F 67 0.49 26.45 -8.61
C ARG F 67 0.43 27.72 -9.43
N LEU F 68 -0.78 28.22 -9.65
CA LEU F 68 -0.96 29.56 -10.19
C LEU F 68 -1.13 30.51 -9.02
N VAL F 69 -0.11 31.33 -8.76
CA VAL F 69 -0.07 32.22 -7.62
C VAL F 69 -0.61 33.58 -8.05
N HIS F 70 -1.53 34.11 -7.26
CA HIS F 70 -2.17 35.39 -7.51
C HIS F 70 -1.70 36.39 -6.46
N LEU F 71 -1.13 37.51 -6.92
CA LEU F 71 -0.51 38.49 -6.05
C LEU F 71 -1.14 39.85 -6.33
N ASN F 72 -1.53 40.56 -5.28
CA ASN F 72 -1.99 41.92 -5.42
C ASN F 72 -0.88 42.90 -5.05
N MET F 73 -1.05 44.14 -5.48
CA MET F 73 -0.09 45.16 -5.12
C MET F 73 -0.21 45.46 -3.63
N PRO F 74 0.88 45.81 -2.96
CA PRO F 74 0.84 45.98 -1.51
C PRO F 74 -0.03 47.16 -1.13
N GLU F 75 -0.57 47.09 0.09
CA GLU F 75 -1.41 48.18 0.59
C GLU F 75 -0.63 49.48 0.64
N SER F 76 0.61 49.42 1.13
CA SER F 76 1.49 50.57 1.14
C SER F 76 2.91 50.10 0.86
N GLU F 77 3.67 50.95 0.17
CA GLU F 77 5.05 50.64 -0.16
C GLU F 77 6.01 50.79 1.02
N ASN F 78 5.50 50.98 2.23
CA ASN F 78 6.32 51.38 3.36
C ASN F 78 6.44 50.25 4.38
N TYR F 79 7.61 50.11 4.98
CA TYR F 79 7.83 49.19 6.08
C TYR F 79 7.24 49.78 7.35
N ARG F 80 6.12 49.24 7.80
CA ARG F 80 5.47 49.71 9.01
C ARG F 80 6.05 48.99 10.22
N ARG F 81 6.02 49.68 11.37
CA ARG F 81 6.31 49.09 12.67
C ARG F 81 5.07 49.24 13.53
N VAL F 82 4.45 48.11 13.89
CA VAL F 82 3.15 48.12 14.52
C VAL F 82 3.17 47.23 15.75
N VAL F 83 2.51 47.69 16.81
CA VAL F 83 2.41 46.95 18.07
C VAL F 83 0.96 46.55 18.27
N VAL F 84 0.73 45.26 18.47
CA VAL F 84 -0.56 44.73 18.89
C VAL F 84 -0.54 44.64 20.41
N ASN F 85 -1.60 45.11 21.05
CA ASN F 85 -1.69 45.17 22.51
C ASN F 85 -3.13 44.83 22.90
N ASN F 86 -3.39 43.56 23.19
CA ASN F 86 -4.73 43.11 23.58
C ASN F 86 -4.89 43.22 25.10
N LEU F 87 -4.67 44.43 25.60
CA LEU F 87 -4.85 44.68 27.03
C LEU F 87 -6.29 44.46 27.46
N ASP F 88 -7.25 44.75 26.57
CA ASP F 88 -8.66 44.62 26.93
C ASP F 88 -9.00 43.18 27.30
N LYS F 89 -8.50 42.21 26.52
CA LYS F 89 -8.81 40.81 26.80
C LYS F 89 -8.05 40.33 28.02
N THR F 90 -6.79 40.69 28.16
CA THR F 90 -5.98 40.28 29.29
C THR F 90 -6.29 41.06 30.56
N ALA F 91 -6.96 42.21 30.45
CA ALA F 91 -7.34 42.96 31.64
C ALA F 91 -8.29 42.18 32.53
N VAL F 92 -9.05 41.24 31.96
CA VAL F 92 -9.92 40.39 32.76
C VAL F 92 -9.03 39.36 33.45
N ASN F 93 -8.99 39.41 34.79
CA ASN F 93 -8.08 38.55 35.53
C ASN F 93 -8.32 37.09 35.19
N GLY F 94 -7.25 36.36 34.92
CA GLY F 94 -7.33 34.97 34.56
C GLY F 94 -7.26 34.69 33.08
N ASN F 95 -7.13 35.72 32.25
CA ASN F 95 -7.05 35.57 30.81
C ASN F 95 -5.62 35.74 30.29
N MET F 96 -4.62 35.64 31.16
CA MET F 96 -3.24 35.88 30.74
C MET F 96 -2.80 34.93 29.63
N ALA F 97 -3.36 33.73 29.58
CA ALA F 97 -3.00 32.80 28.52
C ALA F 97 -3.48 33.26 27.15
N LEU F 98 -4.34 34.27 27.10
CA LEU F 98 -4.85 34.81 25.85
C LEU F 98 -4.08 36.04 25.38
N ASP F 99 -2.80 36.13 25.71
CA ASP F 99 -2.02 37.32 25.40
C ASP F 99 -1.59 37.31 23.94
N ASP F 100 -1.66 38.46 23.29
CA ASP F 100 -1.26 38.62 21.90
C ASP F 100 -0.31 39.78 21.68
N THR F 101 0.13 40.45 22.74
CA THR F 101 0.95 41.65 22.59
C THR F 101 2.24 41.31 21.85
N HIS F 102 2.58 42.12 20.84
CA HIS F 102 3.83 41.92 20.12
C HIS F 102 4.06 43.08 19.17
N ALA F 103 5.33 43.38 18.95
CA ALA F 103 5.73 44.39 17.97
C ALA F 103 6.28 43.71 16.74
N GLU F 104 5.82 44.13 15.57
CA GLU F 104 6.21 43.47 14.33
C GLU F 104 6.43 44.52 13.24
N ILE F 105 7.30 44.16 12.30
CA ILE F 105 7.55 44.95 11.10
C ILE F 105 6.73 44.32 9.99
N VAL F 106 5.92 45.15 9.34
CA VAL F 106 5.06 44.76 8.23
C VAL F 106 5.70 45.29 6.95
N THR F 107 5.94 44.41 5.99
CA THR F 107 6.65 44.74 4.78
C THR F 107 5.71 44.74 3.58
N PRO F 108 6.10 45.41 2.50
CA PRO F 108 5.31 45.35 1.26
C PRO F 108 5.50 44.07 0.47
N TRP F 109 6.37 43.17 0.92
CA TRP F 109 6.66 41.94 0.20
C TRP F 109 5.76 40.82 0.67
N SER F 110 5.53 39.86 -0.22
CA SER F 110 4.76 38.66 0.09
C SER F 110 5.67 37.46 -0.04
N LEU F 111 5.41 36.43 0.77
CA LEU F 111 6.30 35.28 0.88
C LEU F 111 5.67 34.07 0.21
N VAL F 112 6.38 33.51 -0.76
CA VAL F 112 5.94 32.27 -1.41
C VAL F 112 6.57 31.10 -0.66
N ASP F 113 5.78 30.45 0.20
CA ASP F 113 6.27 29.40 1.07
C ASP F 113 5.58 28.10 0.69
N ALA F 114 6.38 27.04 0.52
CA ALA F 114 5.88 25.71 0.20
C ALA F 114 6.34 24.67 1.20
N ASN F 115 6.50 25.04 2.47
CA ASN F 115 7.06 24.16 3.48
C ASN F 115 5.95 23.43 4.25
N ALA F 116 5.18 22.64 3.50
CA ALA F 116 4.14 21.80 4.07
C ALA F 116 4.00 20.56 3.22
N TRP F 117 3.57 19.47 3.85
CA TRP F 117 3.45 18.20 3.12
C TRP F 117 2.36 18.27 2.07
N GLY F 118 1.25 18.94 2.38
CA GLY F 118 0.14 19.00 1.44
C GLY F 118 0.50 19.62 0.11
N VAL F 119 1.47 20.51 0.09
CA VAL F 119 1.84 21.17 -1.15
C VAL F 119 2.49 20.20 -2.13
N TRP F 120 3.05 19.10 -1.65
CA TRP F 120 3.86 18.21 -2.48
C TRP F 120 3.25 16.84 -2.70
N PHE F 121 2.33 16.41 -1.85
CA PHE F 121 1.78 15.06 -1.93
C PHE F 121 0.27 15.11 -1.87
N ASN F 122 -0.38 14.28 -2.68
CA ASN F 122 -1.80 14.04 -2.57
C ASN F 122 -2.03 12.84 -1.65
N PRO F 123 -3.27 12.60 -1.24
CA PRO F 123 -3.50 11.49 -0.30
C PRO F 123 -2.98 10.14 -0.76
N GLY F 124 -3.08 9.83 -2.05
CA GLY F 124 -2.61 8.54 -2.53
C GLY F 124 -1.11 8.37 -2.42
N ASP F 125 -0.36 9.41 -2.78
CA ASP F 125 1.09 9.36 -2.64
C ASP F 125 1.48 9.23 -1.18
N TRP F 126 0.77 9.92 -0.29
CA TRP F 126 1.04 9.76 1.14
C TRP F 126 0.77 8.34 1.59
N GLN F 127 -0.32 7.74 1.08
CA GLN F 127 -0.60 6.35 1.41
C GLN F 127 0.56 5.48 1.01
N LEU F 128 1.02 5.62 -0.24
CA LEU F 128 2.14 4.81 -0.70
C LEU F 128 3.36 5.00 0.18
N ILE F 129 3.70 6.26 0.46
CA ILE F 129 4.89 6.56 1.25
C ILE F 129 4.79 5.89 2.62
N VAL F 130 3.72 6.20 3.36
CA VAL F 130 3.64 5.74 4.73
C VAL F 130 3.54 4.21 4.78
N ASN F 131 2.83 3.60 3.84
CA ASN F 131 2.62 2.16 3.90
C ASN F 131 3.88 1.38 3.54
N THR F 132 4.60 1.82 2.49
CA THR F 132 5.72 1.03 2.01
C THR F 132 7.08 1.53 2.47
N MET F 133 7.17 2.69 3.11
CA MET F 133 8.46 3.27 3.47
C MET F 133 8.71 3.10 4.95
N SER F 134 9.98 2.93 5.32
CA SER F 134 10.38 2.83 6.70
C SER F 134 11.07 4.09 7.21
N GLU F 135 11.93 4.70 6.39
CA GLU F 135 12.62 5.93 6.76
C GLU F 135 12.61 6.88 5.58
N LEU F 136 12.75 8.16 5.86
CA LEU F 136 12.64 9.21 4.85
C LEU F 136 13.79 10.18 5.01
N HIS F 137 14.37 10.60 3.88
CA HIS F 137 15.45 11.56 3.85
C HIS F 137 15.05 12.74 2.98
N LEU F 138 15.41 13.95 3.41
CA LEU F 138 15.23 15.14 2.60
C LEU F 138 16.49 15.37 1.78
N VAL F 139 16.36 15.42 0.46
CA VAL F 139 17.51 15.48 -0.45
C VAL F 139 17.69 16.88 -1.05
N SER F 140 16.70 17.34 -1.82
CA SER F 140 16.93 18.59 -2.53
C SER F 140 15.63 19.37 -2.68
N PHE F 141 15.77 20.64 -3.06
CA PHE F 141 14.65 21.54 -3.26
C PHE F 141 15.02 22.59 -4.31
N GLU F 142 14.07 22.89 -5.19
CA GLU F 142 14.25 23.97 -6.15
C GLU F 142 12.89 24.53 -6.53
N GLN F 143 12.88 25.79 -6.97
CA GLN F 143 11.64 26.43 -7.38
C GLN F 143 11.93 27.47 -8.44
N GLU F 144 10.90 27.77 -9.23
CA GLU F 144 10.99 28.76 -10.30
C GLU F 144 9.63 29.45 -10.45
N ILE F 145 9.70 30.69 -10.90
CA ILE F 145 8.53 31.50 -11.19
C ILE F 145 8.54 31.82 -12.67
N PHE F 146 7.47 31.44 -13.37
CA PHE F 146 7.40 31.62 -14.81
C PHE F 146 6.01 32.11 -15.20
N ASN F 147 5.85 32.34 -16.50
CA ASN F 147 4.59 32.81 -17.06
C ASN F 147 4.01 33.94 -16.22
N VAL F 148 4.76 35.03 -16.13
CA VAL F 148 4.33 36.17 -15.35
C VAL F 148 3.30 36.95 -16.14
N VAL F 149 2.12 37.15 -15.55
CA VAL F 149 1.06 37.95 -16.15
C VAL F 149 0.84 39.15 -15.24
N LEU F 150 0.87 40.34 -15.82
CA LEU F 150 0.62 41.58 -15.08
C LEU F 150 -0.57 42.29 -15.70
N LYS F 151 -1.51 42.71 -14.86
CA LYS F 151 -2.73 43.35 -15.33
C LYS F 151 -3.05 44.53 -14.44
N THR F 152 -3.80 45.47 -15.02
CA THR F 152 -4.25 46.66 -14.32
C THR F 152 -5.76 46.79 -14.47
N VAL F 153 -6.39 47.37 -13.45
CA VAL F 153 -7.84 47.49 -13.38
C VAL F 153 -8.20 48.95 -13.50
N SER F 154 -9.13 49.25 -14.42
CA SER F 154 -9.66 50.60 -14.61
C SER F 154 -11.15 50.58 -14.36
N GLU F 155 -11.60 51.38 -13.40
CA GLU F 155 -13.02 51.48 -13.06
C GLU F 155 -13.63 52.64 -13.84
N SER F 156 -14.72 52.36 -14.54
CA SER F 156 -15.32 53.35 -15.41
C SER F 156 -16.07 54.42 -14.60
N ALA F 157 -16.20 55.60 -15.21
CA ALA F 157 -17.03 56.65 -14.64
C ALA F 157 -18.52 56.41 -14.89
N THR F 158 -18.87 55.36 -15.64
CA THR F 158 -20.26 55.04 -15.91
C THR F 158 -21.03 54.88 -14.60
N GLN F 159 -22.26 55.39 -14.59
CA GLN F 159 -23.04 55.41 -13.35
C GLN F 159 -23.18 54.02 -12.74
N PRO F 160 -23.63 53.00 -13.46
CA PRO F 160 -23.58 51.63 -12.91
C PRO F 160 -22.13 51.17 -12.81
N PRO F 161 -21.67 50.80 -11.61
CA PRO F 161 -20.26 50.45 -11.46
C PRO F 161 -19.83 49.35 -12.43
N THR F 162 -18.68 49.57 -13.06
CA THR F 162 -18.09 48.58 -13.95
C THR F 162 -16.59 48.81 -13.98
N LYS F 163 -15.85 47.76 -14.31
CA LYS F 163 -14.39 47.84 -14.36
C LYS F 163 -13.86 46.89 -15.43
N VAL F 164 -12.73 47.27 -16.00
CA VAL F 164 -12.11 46.55 -17.10
C VAL F 164 -10.66 46.25 -16.74
N TYR F 165 -10.07 45.28 -17.41
CA TYR F 165 -8.74 44.78 -17.10
C TYR F 165 -7.88 44.85 -18.36
N ASN F 166 -6.67 45.37 -18.22
CA ASN F 166 -5.76 45.53 -19.35
C ASN F 166 -4.40 44.96 -19.00
N ASN F 167 -3.73 44.38 -20.00
CA ASN F 167 -2.40 43.84 -19.82
C ASN F 167 -1.39 44.97 -19.88
N ASP F 168 -0.81 45.33 -18.73
CA ASP F 168 0.28 46.29 -18.69
C ASP F 168 1.56 45.55 -19.04
N LEU F 169 1.92 45.59 -20.32
CA LEU F 169 3.03 44.78 -20.80
C LEU F 169 4.37 45.21 -20.22
N THR F 170 4.53 46.50 -19.94
CA THR F 170 5.79 46.98 -19.40
C THR F 170 5.89 46.82 -17.89
N ALA F 171 4.83 46.38 -17.22
CA ALA F 171 4.87 46.23 -15.78
C ALA F 171 5.95 45.24 -15.37
N SER F 172 6.30 45.26 -14.09
CA SER F 172 7.38 44.45 -13.56
C SER F 172 6.96 43.76 -12.27
N LEU F 173 7.56 42.61 -12.00
CA LEU F 173 7.37 41.88 -10.77
C LEU F 173 8.72 41.69 -10.10
N MET F 174 8.81 42.10 -8.83
CA MET F 174 10.07 42.05 -8.10
C MET F 174 10.15 40.74 -7.32
N VAL F 175 11.13 39.91 -7.66
CA VAL F 175 11.39 38.66 -6.95
C VAL F 175 12.69 38.84 -6.17
N ALA F 176 12.77 38.18 -5.02
CA ALA F 176 13.95 38.26 -4.17
C ALA F 176 14.12 36.95 -3.43
N LEU F 177 15.19 36.23 -3.72
CA LEU F 177 15.52 35.00 -3.02
C LEU F 177 16.58 35.29 -1.98
N ASP F 178 16.25 35.07 -0.71
CA ASP F 178 17.20 35.29 0.38
C ASP F 178 18.15 34.08 0.44
N SER F 179 19.02 34.01 -0.56
CA SER F 179 19.89 32.85 -0.70
C SER F 179 20.79 32.65 0.50
N ASN F 180 21.16 33.72 1.20
CA ASN F 180 22.03 33.63 2.36
C ASN F 180 21.27 33.61 3.69
N ASN F 181 19.94 33.60 3.65
CA ASN F 181 19.14 33.57 4.87
C ASN F 181 19.44 34.78 5.75
N THR F 182 19.51 35.96 5.13
CA THR F 182 19.75 37.19 5.88
C THR F 182 18.50 37.63 6.64
N MET F 183 17.32 37.35 6.11
CA MET F 183 16.08 37.76 6.72
C MET F 183 15.64 36.76 7.78
N PRO F 184 14.82 37.19 8.73
CA PRO F 184 14.29 36.25 9.73
C PRO F 184 13.52 35.11 9.08
N PHE F 185 13.66 33.93 9.64
CA PHE F 185 12.99 32.75 9.12
C PHE F 185 11.56 32.71 9.63
N THR F 186 10.61 32.78 8.71
CA THR F 186 9.19 32.86 9.03
C THR F 186 8.44 31.78 8.25
N PRO F 187 8.40 30.56 8.76
CA PRO F 187 7.65 29.50 8.06
C PRO F 187 6.15 29.75 8.13
N ALA F 188 5.47 29.50 7.02
CA ALA F 188 4.04 29.77 6.94
C ALA F 188 3.19 28.63 7.50
N ALA F 189 3.73 27.41 7.57
CA ALA F 189 2.94 26.29 8.05
C ALA F 189 2.41 26.52 9.45
N MET F 190 3.12 27.33 10.25
CA MET F 190 2.67 27.60 11.61
C MET F 190 1.40 28.44 11.65
N ARG F 191 1.16 29.24 10.62
CA ARG F 191 -0.05 30.06 10.53
C ARG F 191 -1.03 29.55 9.49
N SER F 192 -0.81 28.34 8.97
CA SER F 192 -1.65 27.80 7.90
C SER F 192 -1.73 28.77 6.73
N GLU F 193 -0.58 29.24 6.29
CA GLU F 193 -0.49 30.23 5.23
C GLU F 193 0.42 29.81 4.09
N THR F 194 0.68 28.52 3.95
CA THR F 194 1.48 28.02 2.84
C THR F 194 0.65 28.01 1.56
N LEU F 195 1.29 27.65 0.44
CA LEU F 195 0.56 27.50 -0.81
C LEU F 195 -0.53 26.46 -0.64
N GLY F 196 -1.49 26.48 -1.56
CA GLY F 196 -2.60 25.56 -1.48
C GLY F 196 -2.17 24.12 -1.73
N PHE F 197 -3.02 23.20 -1.27
CA PHE F 197 -2.76 21.78 -1.42
C PHE F 197 -3.41 21.18 -2.65
N TYR F 198 -4.21 21.96 -3.38
CA TYR F 198 -4.88 21.49 -4.58
C TYR F 198 -4.22 22.08 -5.82
N PRO F 199 -3.69 21.25 -6.72
CA PRO F 199 -3.04 21.81 -7.92
C PRO F 199 -3.95 22.68 -8.76
N TRP F 200 -5.24 22.38 -8.80
CA TRP F 200 -6.16 23.01 -9.74
C TRP F 200 -6.83 24.25 -9.18
N LYS F 201 -6.37 24.77 -8.05
CA LYS F 201 -6.95 25.98 -7.45
C LYS F 201 -5.88 27.04 -7.31
N PRO F 202 -6.09 28.26 -7.80
CA PRO F 202 -5.10 29.31 -7.60
C PRO F 202 -4.90 29.64 -6.13
N THR F 203 -3.69 30.07 -5.80
CA THR F 203 -3.27 30.28 -4.42
C THR F 203 -2.63 31.66 -4.30
N ILE F 204 -2.56 32.16 -3.07
CA ILE F 204 -1.98 33.48 -2.81
C ILE F 204 -0.72 33.32 -1.98
N PRO F 205 0.22 34.25 -2.05
CA PRO F 205 1.34 34.25 -1.11
C PRO F 205 1.01 35.06 0.14
N THR F 206 1.58 34.64 1.24
CA THR F 206 1.29 35.30 2.50
C THR F 206 2.00 36.65 2.56
N PRO F 207 1.35 37.70 3.08
CA PRO F 207 2.07 38.96 3.31
C PRO F 207 3.14 38.77 4.35
N TRP F 208 4.37 39.15 4.01
CA TRP F 208 5.49 38.88 4.89
C TRP F 208 5.60 39.93 5.98
N ARG F 209 5.86 39.46 7.20
CA ARG F 209 6.09 40.32 8.35
C ARG F 209 7.00 39.55 9.30
N TYR F 210 7.68 40.28 10.18
CA TYR F 210 8.59 39.61 11.10
C TYR F 210 8.61 40.35 12.43
N TYR F 211 8.85 39.58 13.49
CA TYR F 211 8.79 40.14 14.84
C TYR F 211 9.83 41.22 15.03
N PHE F 212 9.42 42.29 15.71
CA PHE F 212 10.31 43.32 16.20
C PHE F 212 10.47 43.13 17.70
N GLN F 213 11.54 43.69 18.26
CA GLN F 213 11.84 43.47 19.67
C GLN F 213 10.95 44.34 20.55
N TRP F 214 10.47 43.76 21.65
CA TRP F 214 9.64 44.47 22.59
C TRP F 214 9.82 43.88 23.98
N ASP F 215 9.42 44.65 24.98
CA ASP F 215 9.45 44.22 26.37
C ASP F 215 8.03 44.28 26.93
N ARG F 216 7.66 43.26 27.71
CA ARG F 216 6.29 43.13 28.16
C ARG F 216 6.26 42.32 29.45
N THR F 217 5.57 42.85 30.46
CA THR F 217 5.38 42.17 31.74
C THR F 217 3.91 41.84 31.91
N LEU F 218 3.63 40.60 32.31
CA LEU F 218 2.26 40.13 32.54
C LEU F 218 2.26 39.25 33.78
N ILE F 219 1.88 39.83 34.91
CA ILE F 219 1.81 39.07 36.16
C ILE F 219 0.53 38.24 36.17
N PRO F 220 0.60 36.92 36.31
CA PRO F 220 -0.61 36.11 36.23
C PRO F 220 -1.51 36.32 37.44
N SER F 221 -2.79 35.99 37.24
CA SER F 221 -3.79 36.11 38.29
C SER F 221 -4.93 35.16 37.97
N HIS F 222 -5.86 35.05 38.92
CA HIS F 222 -7.03 34.21 38.78
C HIS F 222 -8.29 35.06 38.96
N THR F 223 -9.41 34.53 38.49
CA THR F 223 -10.69 35.18 38.75
C THR F 223 -10.85 35.33 40.25
N GLY F 224 -11.05 36.57 40.70
CA GLY F 224 -11.12 36.88 42.11
C GLY F 224 -9.87 37.50 42.67
N THR F 225 -8.81 37.65 41.89
CA THR F 225 -7.62 38.35 42.35
C THR F 225 -7.91 39.84 42.45
N SER F 226 -7.60 40.43 43.59
CA SER F 226 -7.93 41.82 43.84
C SER F 226 -7.04 42.75 43.03
N GLY F 227 -7.61 43.88 42.61
CA GLY F 227 -6.83 44.86 41.90
C GLY F 227 -6.45 44.41 40.50
N THR F 228 -5.44 45.06 39.96
CA THR F 228 -4.97 44.81 38.61
C THR F 228 -3.56 44.25 38.64
N PRO F 229 -3.31 43.06 38.11
CA PRO F 229 -1.92 42.58 38.02
C PRO F 229 -1.11 43.47 37.09
N THR F 230 0.19 43.57 37.36
CA THR F 230 1.04 44.42 36.55
C THR F 230 0.94 43.99 35.09
N ASN F 231 0.48 44.90 34.24
CA ASN F 231 0.18 44.61 32.84
C ASN F 231 0.67 45.81 32.03
N ILE F 232 1.89 45.73 31.52
CA ILE F 232 2.54 46.90 30.93
C ILE F 232 3.39 46.47 29.75
N TYR F 233 3.34 47.26 28.68
CA TYR F 233 4.22 47.12 27.53
C TYR F 233 5.33 48.15 27.66
N HIS F 234 6.55 47.68 27.84
CA HIS F 234 7.66 48.51 28.26
C HIS F 234 8.41 49.15 27.11
N GLY F 235 8.04 48.85 25.86
CA GLY F 235 8.70 49.45 24.72
C GLY F 235 9.72 48.55 24.08
N THR F 236 10.86 49.12 23.72
CA THR F 236 11.91 48.38 23.00
C THR F 236 13.26 48.68 23.62
N ASP F 237 14.08 47.65 23.75
CA ASP F 237 15.47 47.84 24.19
C ASP F 237 16.33 48.22 22.98
N PRO F 238 17.01 49.36 23.00
CA PRO F 238 17.78 49.75 21.82
C PRO F 238 18.83 48.75 21.41
N ASP F 239 19.42 48.04 22.37
CA ASP F 239 20.50 47.11 22.05
C ASP F 239 20.02 45.92 21.24
N ASP F 240 18.72 45.70 21.13
CA ASP F 240 18.18 44.55 20.43
C ASP F 240 17.43 44.91 19.16
N VAL F 241 17.35 46.19 18.80
CA VAL F 241 16.61 46.59 17.61
C VAL F 241 17.22 45.95 16.38
N GLN F 242 16.36 45.45 15.49
CA GLN F 242 16.80 44.83 14.24
C GLN F 242 15.75 45.11 13.19
N PHE F 243 16.07 45.97 12.23
CA PHE F 243 15.15 46.37 11.17
C PHE F 243 15.71 45.86 9.84
N TYR F 244 15.04 44.88 9.26
CA TYR F 244 15.47 44.23 8.03
C TYR F 244 14.66 44.73 6.85
N THR F 245 15.35 45.11 5.78
CA THR F 245 14.71 45.50 4.52
C THR F 245 15.23 44.60 3.41
N ILE F 246 14.32 44.09 2.57
CA ILE F 246 14.73 43.24 1.47
C ILE F 246 15.64 44.00 0.51
N GLU F 247 15.29 45.24 0.20
CA GLU F 247 16.03 46.00 -0.80
C GLU F 247 17.49 46.20 -0.43
N ASN F 248 17.83 46.09 0.85
CA ASN F 248 19.20 46.28 1.29
C ASN F 248 19.95 44.97 1.47
N SER F 249 19.24 43.87 1.69
CA SER F 249 19.88 42.61 2.03
C SER F 249 19.89 41.60 0.90
N VAL F 250 19.03 41.76 -0.12
CA VAL F 250 18.87 40.73 -1.14
C VAL F 250 18.93 41.36 -2.53
N PRO F 251 19.61 40.73 -3.49
CA PRO F 251 19.49 41.18 -4.88
C PRO F 251 18.10 40.89 -5.42
N VAL F 252 17.47 41.92 -5.99
CA VAL F 252 16.10 41.84 -6.47
C VAL F 252 16.11 41.70 -7.99
N HIS F 253 15.35 40.74 -8.51
CA HIS F 253 15.21 40.52 -9.93
C HIS F 253 13.89 41.12 -10.40
N LEU F 254 13.95 41.90 -11.48
CA LEU F 254 12.75 42.44 -12.10
C LEU F 254 12.35 41.53 -13.26
N LEU F 255 11.17 40.92 -13.15
CA LEU F 255 10.66 39.97 -14.13
C LEU F 255 9.48 40.61 -14.85
N ARG F 256 9.60 40.76 -16.16
CA ARG F 256 8.50 41.24 -16.97
C ARG F 256 7.66 40.04 -17.43
N THR F 257 6.64 40.31 -18.24
CA THR F 257 5.70 39.27 -18.61
C THR F 257 6.36 38.11 -19.35
N GLY F 258 7.52 38.33 -19.95
CA GLY F 258 8.24 37.31 -20.67
C GLY F 258 9.50 36.79 -20.02
N ASP F 259 9.73 37.12 -18.76
CA ASP F 259 10.92 36.70 -18.03
C ASP F 259 10.57 35.54 -17.10
N GLU F 260 11.61 34.91 -16.57
CA GLU F 260 11.45 33.78 -15.67
C GLU F 260 12.53 33.85 -14.59
N PHE F 261 12.27 33.17 -13.48
CA PHE F 261 13.19 33.10 -12.37
C PHE F 261 13.30 31.66 -11.90
N ALA F 262 14.52 31.25 -11.55
CA ALA F 262 14.78 29.92 -11.03
C ALA F 262 15.83 30.01 -9.95
N THR F 263 15.57 29.34 -8.82
CA THR F 263 16.49 29.41 -7.70
C THR F 263 17.73 28.56 -7.91
N GLY F 264 17.60 27.42 -8.59
CA GLY F 264 18.67 26.46 -8.68
C GLY F 264 18.53 25.44 -7.58
N THR F 265 18.95 24.21 -7.84
CA THR F 265 18.76 23.15 -6.86
C THR F 265 19.50 23.46 -5.58
N PHE F 266 18.84 23.24 -4.44
CA PHE F 266 19.48 23.31 -3.14
C PHE F 266 19.46 21.92 -2.51
N PHE F 267 20.45 21.64 -1.66
CA PHE F 267 20.60 20.34 -1.04
C PHE F 267 20.54 20.47 0.47
N PHE F 268 19.80 19.57 1.11
CA PHE F 268 19.69 19.55 2.56
C PHE F 268 20.74 18.65 3.17
N ASP F 269 21.03 18.88 4.44
CA ASP F 269 21.91 18.03 5.24
C ASP F 269 21.23 17.55 6.51
N CYS F 270 19.92 17.31 6.46
CA CYS F 270 19.16 17.00 7.65
C CYS F 270 19.32 15.54 8.05
N LYS F 271 18.86 15.23 9.26
CA LYS F 271 18.89 13.86 9.75
C LYS F 271 17.75 13.06 9.13
N PRO F 272 17.85 11.73 9.14
CA PRO F 272 16.76 10.91 8.62
C PRO F 272 15.54 10.95 9.52
N CYS F 273 14.40 10.61 8.94
CA CYS F 273 13.13 10.54 9.64
C CYS F 273 12.60 9.13 9.57
N ARG F 274 11.97 8.69 10.66
CA ARG F 274 11.45 7.33 10.76
C ARG F 274 9.94 7.35 10.53
N LEU F 275 9.47 6.48 9.65
CA LEU F 275 8.04 6.27 9.42
C LEU F 275 7.52 5.09 10.23
N THR F 276 8.12 4.84 11.38
CA THR F 276 7.74 3.77 12.28
C THR F 276 7.65 4.34 13.69
N HIS F 277 6.89 3.66 14.55
CA HIS F 277 6.68 4.12 15.91
C HIS F 277 7.15 3.05 16.89
N THR F 278 7.46 3.50 18.10
CA THR F 278 7.94 2.63 19.17
C THR F 278 6.83 2.42 20.17
N TRP F 279 6.53 1.15 20.47
CA TRP F 279 5.46 0.82 21.41
C TRP F 279 5.97 0.53 22.80
N GLN F 280 7.26 0.22 22.95
CA GLN F 280 7.78 -0.25 24.22
C GLN F 280 8.01 0.94 25.15
N THR F 281 7.33 0.94 26.29
CA THR F 281 7.69 1.82 27.38
C THR F 281 8.73 1.13 28.25
N ASN F 282 9.01 1.72 29.42
CA ASN F 282 10.00 1.13 30.31
C ASN F 282 9.57 -0.25 30.77
N ARG F 283 8.26 -0.50 30.84
CA ARG F 283 7.78 -1.77 31.36
C ARG F 283 8.02 -2.92 30.39
N ALA F 284 8.39 -2.64 29.15
CA ALA F 284 8.53 -3.67 28.13
C ALA F 284 9.95 -3.74 27.56
N LEU F 285 10.94 -3.26 28.30
CA LEU F 285 12.33 -3.36 27.89
C LEU F 285 12.98 -4.53 28.62
N GLY F 286 13.55 -5.46 27.86
CA GLY F 286 14.35 -6.51 28.45
C GLY F 286 13.65 -7.86 28.50
N LEU F 287 14.19 -8.72 29.35
CA LEU F 287 13.75 -10.10 29.43
C LEU F 287 12.57 -10.23 30.39
N PRO F 288 11.41 -10.69 29.94
CA PRO F 288 10.28 -10.88 30.85
C PRO F 288 10.57 -11.97 31.86
N PRO F 289 9.88 -11.97 32.99
CA PRO F 289 10.11 -13.03 33.99
C PRO F 289 9.63 -14.37 33.48
N PHE F 290 10.32 -15.42 33.92
CA PHE F 290 9.92 -16.77 33.56
C PHE F 290 8.70 -17.19 34.35
N LEU F 291 7.70 -17.73 33.65
CA LEU F 291 6.46 -18.19 34.27
C LEU F 291 6.63 -19.66 34.65
N ASN F 292 6.49 -19.95 35.94
CA ASN F 292 6.54 -21.33 36.39
C ASN F 292 5.19 -22.04 36.29
N SER F 293 4.12 -21.31 35.99
CA SER F 293 2.77 -21.88 35.89
C SER F 293 2.07 -21.26 34.69
N LEU F 294 2.24 -21.87 33.53
CA LEU F 294 1.53 -21.45 32.34
C LEU F 294 0.09 -21.94 32.39
N PRO F 295 -0.82 -21.28 31.67
CA PRO F 295 -2.23 -21.68 31.72
C PRO F 295 -2.47 -23.01 31.02
N GLN F 296 -3.72 -23.47 31.12
CA GLN F 296 -4.11 -24.76 30.56
C GLN F 296 -5.35 -24.69 29.67
N SER F 297 -6.06 -23.56 29.66
CA SER F 297 -7.21 -23.40 28.79
C SER F 297 -7.26 -21.97 28.28
N GLU F 298 -7.92 -21.80 27.14
CA GLU F 298 -7.94 -20.50 26.48
C GLU F 298 -8.82 -19.52 27.25
N GLY F 299 -8.89 -18.30 26.72
CA GLY F 299 -9.75 -17.27 27.28
C GLY F 299 -9.00 -16.30 28.15
N GLY F 300 -9.54 -15.09 28.26
CA GLY F 300 -8.95 -14.07 29.11
C GLY F 300 -9.10 -14.33 30.60
N THR F 301 -9.96 -15.28 30.98
CA THR F 301 -10.11 -15.62 32.38
C THR F 301 -8.94 -16.41 32.93
N ASN F 302 -8.04 -16.88 32.06
CA ASN F 302 -6.92 -17.75 32.45
C ASN F 302 -5.62 -17.03 32.17
N PHE F 303 -4.93 -16.62 33.24
CA PHE F 303 -3.66 -15.94 33.12
C PHE F 303 -2.52 -16.88 33.53
N GLY F 304 -1.30 -16.36 33.41
CA GLY F 304 -0.13 -17.06 33.90
C GLY F 304 0.34 -16.53 35.23
N TYR F 305 1.24 -17.29 35.86
CA TYR F 305 1.77 -16.92 37.16
C TYR F 305 3.29 -17.08 37.15
N ILE F 306 3.98 -16.07 37.68
CA ILE F 306 5.43 -16.14 37.78
C ILE F 306 5.84 -17.28 38.73
N GLY F 307 5.12 -17.43 39.83
CA GLY F 307 5.30 -18.57 40.71
C GLY F 307 6.34 -18.42 41.79
N VAL F 308 7.08 -17.32 41.80
CA VAL F 308 8.07 -17.05 42.84
C VAL F 308 7.62 -15.83 43.61
N GLN F 309 7.63 -15.93 44.94
CA GLN F 309 7.16 -14.82 45.76
C GLN F 309 8.02 -13.58 45.49
N GLN F 310 7.37 -12.41 45.55
CA GLN F 310 8.00 -11.19 45.06
C GLN F 310 9.30 -10.89 45.78
N ASP F 311 9.40 -11.23 47.07
CA ASP F 311 10.61 -10.94 47.83
C ASP F 311 11.66 -12.02 47.71
N LYS F 312 11.33 -13.18 47.12
CA LYS F 312 12.28 -14.25 46.92
C LYS F 312 12.80 -14.33 45.49
N ARG F 313 12.57 -13.31 44.68
CA ARG F 313 12.90 -13.36 43.26
C ARG F 313 14.33 -12.92 43.01
N ARG F 314 14.85 -13.34 41.85
CA ARG F 314 16.18 -12.97 41.41
C ARG F 314 16.09 -11.87 40.37
N GLY F 315 17.03 -10.93 40.45
CA GLY F 315 17.09 -9.85 39.48
C GLY F 315 17.92 -8.71 40.01
N VAL F 316 17.86 -7.60 39.29
CA VAL F 316 18.60 -6.39 39.63
C VAL F 316 17.62 -5.23 39.72
N THR F 317 17.71 -4.48 40.81
CA THR F 317 16.86 -3.32 41.04
C THR F 317 17.70 -2.17 41.54
N GLN F 318 17.19 -0.96 41.36
CA GLN F 318 17.84 0.26 41.85
C GLN F 318 17.32 0.67 43.22
N MET F 319 16.62 -0.23 43.91
CA MET F 319 16.05 0.02 45.22
C MET F 319 16.91 -0.72 46.23
N GLY F 320 17.98 -0.06 46.69
CA GLY F 320 18.97 -0.70 47.53
C GLY F 320 18.47 -1.05 48.92
N ASN F 321 17.28 -0.61 49.29
CA ASN F 321 16.73 -0.87 50.62
C ASN F 321 15.44 -1.68 50.58
N THR F 322 15.25 -2.51 49.56
CA THR F 322 14.10 -3.39 49.46
C THR F 322 14.50 -4.66 48.72
N ASN F 323 13.78 -5.74 49.01
CA ASN F 323 14.06 -7.03 48.39
C ASN F 323 13.10 -7.38 47.26
N TYR F 324 12.01 -6.61 47.09
CA TYR F 324 11.04 -6.93 46.06
C TYR F 324 11.61 -6.66 44.69
N ILE F 325 11.46 -7.62 43.78
CA ILE F 325 11.78 -7.45 42.37
C ILE F 325 10.47 -7.63 41.60
N THR F 326 9.90 -6.51 41.15
CA THR F 326 8.64 -6.52 40.44
C THR F 326 8.82 -5.79 39.11
N GLU F 327 7.87 -6.00 38.21
CA GLU F 327 7.97 -5.37 36.89
C GLU F 327 8.01 -3.85 37.00
N ALA F 328 7.53 -3.29 38.09
CA ALA F 328 7.57 -1.84 38.26
C ALA F 328 8.87 -1.39 38.95
N THR F 329 9.62 -2.31 39.55
CA THR F 329 10.81 -1.96 40.29
C THR F 329 12.09 -2.55 39.71
N ILE F 330 11.98 -3.40 38.69
CA ILE F 330 13.18 -4.00 38.12
C ILE F 330 13.97 -2.94 37.36
N MET F 331 15.28 -3.14 37.28
CA MET F 331 16.13 -2.22 36.55
C MET F 331 15.89 -2.33 35.06
N ARG F 332 15.61 -1.19 34.43
CA ARG F 332 15.53 -1.12 32.98
C ARG F 332 16.71 -0.32 32.47
N PRO F 333 17.18 -0.58 31.24
CA PRO F 333 18.41 0.07 30.79
C PRO F 333 18.36 1.58 30.87
N ALA F 334 17.23 2.20 30.56
CA ALA F 334 17.11 3.64 30.54
C ALA F 334 15.63 4.00 30.63
N GLU F 335 15.32 5.28 30.44
CA GLU F 335 13.96 5.79 30.57
C GLU F 335 13.47 6.26 29.21
N VAL F 336 12.33 5.73 28.78
CA VAL F 336 11.73 6.12 27.52
C VAL F 336 10.67 7.16 27.81
N GLY F 337 10.80 8.33 27.19
CA GLY F 337 9.91 9.43 27.47
C GLY F 337 10.36 10.16 28.72
N TYR F 338 9.63 11.23 29.04
CA TYR F 338 9.93 12.01 30.22
C TYR F 338 8.70 12.82 30.61
N SER F 339 8.57 13.04 31.92
CA SER F 339 7.50 13.87 32.44
C SER F 339 7.93 15.33 32.44
N ALA F 340 7.05 16.21 31.97
CA ALA F 340 7.33 17.63 31.91
C ALA F 340 6.14 18.39 32.49
N PRO F 341 6.38 19.57 33.06
CA PRO F 341 5.25 20.37 33.55
C PRO F 341 4.31 20.70 32.42
N TYR F 342 3.09 20.15 32.50
CA TYR F 342 2.14 20.26 31.40
C TYR F 342 1.20 21.43 31.65
N TYR F 343 0.95 22.20 30.59
CA TYR F 343 0.30 23.51 30.69
C TYR F 343 1.07 24.41 31.65
N SER F 344 2.37 24.52 31.40
CA SER F 344 3.22 25.44 32.13
C SER F 344 3.56 26.62 31.22
N PHE F 345 3.38 27.84 31.74
CA PHE F 345 3.70 29.05 31.01
C PHE F 345 4.87 29.74 31.71
N GLU F 346 5.93 30.00 30.96
CA GLU F 346 7.10 30.68 31.47
C GLU F 346 7.20 32.05 30.82
N ALA F 347 7.67 33.02 31.59
CA ALA F 347 7.71 34.41 31.16
C ALA F 347 9.15 34.85 30.95
N SER F 348 9.34 35.68 29.93
CA SER F 348 10.64 36.27 29.64
C SER F 348 10.39 37.72 29.24
N THR F 349 11.41 38.36 28.66
CA THR F 349 11.29 39.77 28.30
C THR F 349 10.03 40.03 27.48
N GLN F 350 9.67 39.10 26.60
CA GLN F 350 8.55 39.29 25.69
C GLN F 350 7.22 38.81 26.25
N GLY F 351 7.20 38.22 27.44
CA GLY F 351 5.97 37.80 28.06
C GLY F 351 5.80 36.30 28.09
N PRO F 352 4.63 35.85 28.55
CA PRO F 352 4.41 34.42 28.76
C PRO F 352 4.39 33.62 27.47
N PHE F 353 4.85 32.37 27.56
CA PHE F 353 4.72 31.41 26.49
C PHE F 353 4.64 30.01 27.10
N LYS F 354 3.87 29.14 26.47
CA LYS F 354 3.75 27.78 26.95
C LYS F 354 5.08 27.05 26.78
N THR F 355 5.42 26.20 27.74
CA THR F 355 6.60 25.38 27.62
C THR F 355 6.32 24.23 26.66
N PRO F 356 7.02 24.12 25.54
CA PRO F 356 6.77 23.01 24.61
C PRO F 356 7.25 21.68 25.17
N ILE F 357 6.56 20.63 24.76
CA ILE F 357 6.84 19.27 25.20
C ILE F 357 7.03 18.38 23.97
N ALA F 358 7.99 17.47 24.06
CA ALA F 358 8.43 16.68 22.91
C ALA F 358 7.69 15.37 22.75
N ALA F 359 6.68 15.09 23.59
CA ALA F 359 5.97 13.82 23.53
C ALA F 359 4.49 14.07 23.74
N GLY F 360 3.69 13.13 23.25
CA GLY F 360 2.25 13.20 23.41
C GLY F 360 1.81 12.66 24.76
N ARG F 361 0.50 12.46 24.87
CA ARG F 361 -0.10 11.97 26.11
C ARG F 361 -0.37 10.47 26.02
N GLY F 362 -0.87 9.92 27.12
CA GLY F 362 -1.24 8.53 27.16
C GLY F 362 -2.72 8.34 27.49
N GLY F 363 -3.31 7.34 26.85
CA GLY F 363 -4.72 7.07 27.02
C GLY F 363 -5.58 7.78 25.99
N ALA F 364 -5.00 8.77 25.31
CA ALA F 364 -5.72 9.46 24.25
C ALA F 364 -6.00 8.54 23.07
N GLN F 365 -5.19 7.49 22.89
CA GLN F 365 -5.42 6.57 21.78
C GLN F 365 -6.73 5.82 21.95
N THR F 366 -7.15 5.57 23.20
CA THR F 366 -8.41 4.88 23.46
C THR F 366 -9.57 5.86 23.61
N ASP F 367 -9.33 7.03 24.19
CA ASP F 367 -10.37 8.05 24.38
C ASP F 367 -9.81 9.36 23.83
N GLU F 368 -10.30 9.76 22.65
CA GLU F 368 -9.78 10.96 22.00
C GLU F 368 -10.01 12.20 22.85
N ASN F 369 -11.07 12.22 23.66
CA ASN F 369 -11.36 13.39 24.48
C ASN F 369 -10.23 13.70 25.45
N GLN F 370 -9.42 12.71 25.80
CA GLN F 370 -8.26 12.93 26.66
C GLN F 370 -7.07 13.49 25.91
N ALA F 371 -7.15 13.61 24.58
CA ALA F 371 -6.08 14.25 23.82
C ALA F 371 -5.77 15.61 24.42
N ALA F 372 -4.53 15.80 24.84
CA ALA F 372 -4.18 16.95 25.66
C ALA F 372 -2.74 17.39 25.42
N ASP F 373 -2.20 18.17 26.36
CA ASP F 373 -0.89 18.79 26.24
C ASP F 373 0.10 17.83 25.61
N GLY F 374 0.79 18.30 24.57
CA GLY F 374 1.79 17.51 23.87
C GLY F 374 1.34 16.98 22.53
N ASP F 375 0.02 16.95 22.27
CA ASP F 375 -0.49 16.53 20.98
C ASP F 375 -0.85 17.76 20.16
N PRO F 376 -0.14 18.04 19.06
CA PRO F 376 -0.40 19.26 18.31
C PRO F 376 -1.83 19.29 17.78
N ARG F 377 -2.43 20.48 17.81
CA ARG F 377 -3.74 20.71 17.24
C ARG F 377 -3.61 21.71 16.10
N TYR F 378 -4.05 21.30 14.91
CA TYR F 378 -3.92 22.10 13.70
C TYR F 378 -5.28 22.67 13.33
N ALA F 379 -5.32 23.98 13.09
CA ALA F 379 -6.50 24.68 12.60
C ALA F 379 -6.15 25.30 11.26
N PHE F 380 -6.99 25.05 10.25
CA PHE F 380 -6.66 25.43 8.88
C PHE F 380 -7.92 25.86 8.14
N GLY F 381 -7.71 26.46 6.98
CA GLY F 381 -8.78 26.98 6.16
C GLY F 381 -8.99 26.16 4.89
N ARG F 382 -9.81 26.72 4.01
CA ARG F 382 -10.23 26.01 2.81
C ARG F 382 -9.12 25.83 1.79
N GLN F 383 -8.04 26.62 1.91
CA GLN F 383 -6.89 26.41 1.04
C GLN F 383 -6.10 25.15 1.41
N HIS F 384 -6.21 24.68 2.65
CA HIS F 384 -5.27 23.71 3.19
C HIS F 384 -5.95 22.46 3.72
N GLY F 385 -7.19 22.19 3.33
CA GLY F 385 -7.86 20.94 3.65
C GLY F 385 -9.32 21.08 4.03
N GLN F 386 -9.75 22.22 4.56
CA GLN F 386 -11.15 22.37 4.92
C GLN F 386 -12.02 22.30 3.67
N LYS F 387 -13.26 21.85 3.86
CA LYS F 387 -14.17 21.67 2.74
C LYS F 387 -14.27 22.97 1.95
N THR F 388 -14.09 22.90 0.63
CA THR F 388 -13.99 24.10 -0.18
C THR F 388 -15.33 24.82 -0.32
N THR F 389 -16.42 24.21 0.12
CA THR F 389 -17.76 24.78 -0.06
C THR F 389 -18.40 25.22 1.25
N THR F 390 -17.75 25.04 2.40
CA THR F 390 -18.34 25.46 3.65
C THR F 390 -18.29 26.98 3.77
N THR F 391 -19.34 27.55 4.35
CA THR F 391 -19.44 28.99 4.56
C THR F 391 -19.25 29.30 6.03
N GLY F 392 -18.33 30.21 6.33
CA GLY F 392 -18.07 30.64 7.69
C GLY F 392 -16.59 30.86 7.95
N GLU F 393 -16.33 31.61 9.02
CA GLU F 393 -14.96 31.90 9.42
C GLU F 393 -14.34 30.79 10.26
N THR F 394 -15.13 29.81 10.69
CA THR F 394 -14.61 28.78 11.57
C THR F 394 -13.64 27.88 10.82
N PRO F 395 -12.40 27.72 11.28
CA PRO F 395 -11.48 26.82 10.59
C PRO F 395 -11.74 25.36 10.96
N GLU F 396 -11.26 24.47 10.10
CA GLU F 396 -11.30 23.05 10.40
C GLU F 396 -10.10 22.67 11.23
N ARG F 397 -10.35 21.90 12.29
CA ARG F 397 -9.34 21.62 13.30
C ARG F 397 -9.23 20.12 13.55
N PHE F 398 -8.04 19.68 13.94
CA PHE F 398 -7.85 18.30 14.34
C PHE F 398 -6.66 18.20 15.29
N THR F 399 -6.76 17.29 16.25
CA THR F 399 -5.67 16.97 17.16
C THR F 399 -5.01 15.69 16.68
N TYR F 400 -3.70 15.74 16.48
CA TYR F 400 -2.95 14.60 15.94
C TYR F 400 -2.51 13.72 17.10
N ILE F 401 -3.21 12.60 17.29
CA ILE F 401 -2.85 11.63 18.32
C ILE F 401 -1.79 10.71 17.71
N ALA F 402 -0.55 10.87 18.15
CA ALA F 402 0.55 10.09 17.59
C ALA F 402 0.44 8.63 18.02
N HIS F 403 0.94 7.74 17.15
CA HIS F 403 0.96 6.32 17.46
C HIS F 403 2.01 5.95 18.48
N GLN F 404 3.07 6.73 18.63
CA GLN F 404 4.14 6.41 19.55
C GLN F 404 3.64 6.46 20.98
N ASP F 405 4.25 5.63 21.84
CA ASP F 405 3.88 5.56 23.25
C ASP F 405 4.97 6.13 24.17
N THR F 406 5.71 7.13 23.69
CA THR F 406 6.73 7.77 24.51
C THR F 406 6.14 8.70 25.55
N GLY F 407 4.86 9.01 25.49
CA GLY F 407 4.25 9.94 26.41
C GLY F 407 4.15 9.37 27.80
N ARG F 408 3.34 10.05 28.63
CA ARG F 408 3.17 9.71 30.03
C ARG F 408 1.69 9.72 30.38
N TYR F 409 1.36 9.10 31.51
CA TYR F 409 0.00 9.04 32.04
C TYR F 409 0.06 9.57 33.47
N PRO F 410 -0.03 10.89 33.66
CA PRO F 410 0.23 11.45 34.99
C PRO F 410 -0.66 10.91 36.10
N GLU F 411 -1.90 10.54 35.79
CA GLU F 411 -2.78 10.02 36.83
C GLU F 411 -2.29 8.70 37.40
N GLY F 412 -1.35 8.04 36.74
CA GLY F 412 -0.78 6.80 37.22
C GLY F 412 0.56 6.93 37.90
N ASP F 413 1.05 8.15 38.09
CA ASP F 413 2.33 8.36 38.76
C ASP F 413 2.13 8.52 40.25
N TRP F 414 3.20 8.27 41.01
CA TRP F 414 3.18 8.51 42.44
C TRP F 414 4.61 8.54 42.95
N ILE F 415 4.84 9.35 43.98
CA ILE F 415 6.10 9.37 44.71
C ILE F 415 5.86 8.75 46.06
N GLN F 416 6.90 8.15 46.65
CA GLN F 416 6.76 7.59 47.99
C GLN F 416 8.10 7.67 48.70
N ASN F 417 8.04 7.55 50.02
CA ASN F 417 9.21 7.82 50.86
C ASN F 417 10.30 6.78 50.61
N ILE F 418 11.53 7.18 50.94
CA ILE F 418 12.70 6.32 50.67
C ILE F 418 12.58 5.00 51.41
N ASN F 419 11.88 4.98 52.55
CA ASN F 419 11.76 3.76 53.32
C ASN F 419 11.09 2.65 52.52
N PHE F 420 10.03 2.97 51.78
CA PHE F 420 9.37 2.01 50.91
C PHE F 420 8.73 0.90 51.74
N ASN F 421 7.92 1.29 52.71
CA ASN F 421 7.15 0.34 53.49
C ASN F 421 5.79 0.12 52.84
N LEU F 422 5.49 -1.13 52.48
CA LEU F 422 4.28 -1.45 51.76
C LEU F 422 3.32 -2.22 52.66
N PRO F 423 2.00 -1.95 52.57
CA PRO F 423 1.35 -0.95 51.71
C PRO F 423 1.63 0.47 52.18
N VAL F 424 1.81 1.41 51.27
CA VAL F 424 2.23 2.75 51.66
C VAL F 424 1.09 3.46 52.36
N THR F 425 1.43 4.22 53.41
CA THR F 425 0.46 4.97 54.18
C THR F 425 0.31 6.37 53.61
N ASP F 426 -0.69 7.09 54.13
CA ASP F 426 -1.04 8.39 53.57
C ASP F 426 0.13 9.36 53.64
N ASP F 427 0.84 9.39 54.77
CA ASP F 427 1.88 10.38 54.96
C ASP F 427 3.14 10.09 54.15
N ASN F 428 3.27 8.89 53.59
CA ASN F 428 4.48 8.47 52.90
C ASN F 428 4.34 8.41 51.39
N VAL F 429 3.20 8.84 50.83
CA VAL F 429 2.98 8.78 49.39
C VAL F 429 2.38 10.10 48.92
N LEU F 430 2.91 10.61 47.82
CA LEU F 430 2.38 11.77 47.12
C LEU F 430 1.73 11.29 45.83
N LEU F 431 0.46 11.63 45.65
CA LEU F 431 -0.37 11.14 44.58
C LEU F 431 -0.88 12.30 43.74
N PRO F 432 -1.29 12.04 42.49
CA PRO F 432 -1.97 13.09 41.71
C PRO F 432 -3.24 13.60 42.37
N THR F 433 -3.84 12.82 43.27
CA THR F 433 -5.02 13.28 43.99
C THR F 433 -4.67 14.30 45.07
N ASP F 434 -3.40 14.46 45.40
CA ASP F 434 -2.98 15.37 46.47
C ASP F 434 -2.71 16.75 45.91
N PRO F 435 -3.06 17.83 46.62
CA PRO F 435 -2.89 19.17 46.06
C PRO F 435 -1.53 19.77 46.36
N ILE F 436 -1.21 20.82 45.62
CA ILE F 436 0.01 21.61 45.82
C ILE F 436 -0.40 23.05 46.10
N GLY F 437 0.17 23.62 47.15
CA GLY F 437 -0.14 25.01 47.48
C GLY F 437 -1.58 25.23 47.88
N GLY F 438 -2.30 24.18 48.27
CA GLY F 438 -3.70 24.30 48.62
C GLY F 438 -4.65 24.30 47.45
N LYS F 439 -4.14 24.20 46.22
CA LYS F 439 -4.98 24.20 45.04
C LYS F 439 -5.53 22.79 44.81
N THR F 440 -6.85 22.67 44.73
CA THR F 440 -7.47 21.37 44.53
C THR F 440 -7.34 20.88 43.09
N GLY F 441 -7.05 21.77 42.14
CA GLY F 441 -6.92 21.41 40.76
C GLY F 441 -5.51 21.22 40.26
N ILE F 442 -4.51 21.43 41.10
CA ILE F 442 -3.11 21.27 40.73
C ILE F 442 -2.51 20.18 41.60
N ASN F 443 -1.89 19.19 40.97
CA ASN F 443 -1.15 18.15 41.67
C ASN F 443 0.31 18.23 41.29
N TYR F 444 1.12 17.39 41.93
CA TYR F 444 2.57 17.51 41.80
C TYR F 444 3.02 17.27 40.36
N THR F 445 2.35 16.38 39.63
CA THR F 445 2.75 16.12 38.26
C THR F 445 2.71 17.37 37.40
N ASN F 446 1.84 18.33 37.72
CA ASN F 446 1.76 19.55 36.93
C ASN F 446 3.06 20.34 36.97
N ILE F 447 3.86 20.17 38.03
CA ILE F 447 5.11 20.89 38.20
C ILE F 447 6.31 19.96 38.20
N PHE F 448 6.21 18.82 37.53
CA PHE F 448 7.17 17.73 37.69
C PHE F 448 7.99 17.58 36.41
N ASN F 449 9.31 17.54 36.55
CA ASN F 449 10.22 17.33 35.43
C ASN F 449 11.11 16.15 35.75
N THR F 450 11.12 15.15 34.87
CA THR F 450 11.97 13.98 35.03
C THR F 450 12.88 13.76 33.83
N TYR F 451 13.15 14.81 33.07
CA TYR F 451 14.18 14.73 32.05
C TYR F 451 15.53 14.53 32.73
N GLY F 452 16.29 13.56 32.24
CA GLY F 452 17.56 13.22 32.84
C GLY F 452 18.52 12.62 31.84
N PRO F 453 19.71 12.25 32.30
CA PRO F 453 20.70 11.68 31.39
C PRO F 453 20.26 10.37 30.76
N LEU F 454 19.29 9.68 31.36
CA LEU F 454 18.82 8.39 30.86
C LEU F 454 17.62 8.52 29.93
N THR F 455 17.17 9.73 29.64
CA THR F 455 15.93 9.91 28.88
C THR F 455 16.14 9.55 27.42
N ALA F 456 15.24 8.75 26.87
CA ALA F 456 15.23 8.40 25.47
C ALA F 456 13.86 8.74 24.89
N LEU F 457 13.85 9.49 23.79
CA LEU F 457 12.61 9.89 23.16
C LEU F 457 12.82 9.95 21.66
N ASN F 458 11.72 10.11 20.93
CA ASN F 458 11.72 10.10 19.47
C ASN F 458 11.40 11.48 18.93
N ASN F 459 11.69 11.66 17.64
CA ASN F 459 11.38 12.90 16.95
C ASN F 459 9.88 12.96 16.64
N VAL F 460 9.41 14.17 16.41
CA VAL F 460 7.97 14.36 16.14
C VAL F 460 7.62 13.68 14.82
N PRO F 461 6.44 13.09 14.69
CA PRO F 461 6.07 12.42 13.45
C PRO F 461 5.55 13.43 12.43
N PRO F 462 5.78 13.20 11.14
CA PRO F 462 5.21 14.09 10.13
C PRO F 462 3.69 14.12 10.21
N VAL F 463 3.13 15.30 9.99
CA VAL F 463 1.68 15.50 9.98
C VAL F 463 1.27 15.89 8.59
N TYR F 464 0.39 15.10 7.99
CA TYR F 464 -0.11 15.38 6.65
C TYR F 464 -1.53 15.90 6.72
N PRO F 465 -1.88 16.93 5.95
CA PRO F 465 -1.07 17.70 5.00
C PRO F 465 -0.42 18.93 5.61
N ASN F 466 -0.89 19.35 6.80
CA ASN F 466 -0.60 20.68 7.31
C ASN F 466 0.74 20.77 8.03
N GLY F 467 1.47 19.67 8.17
CA GLY F 467 2.71 19.71 8.93
C GLY F 467 3.85 20.34 8.15
N GLN F 468 4.70 21.05 8.87
CA GLN F 468 5.90 21.64 8.29
C GLN F 468 6.92 20.56 7.94
N ILE F 469 7.59 20.73 6.81
CA ILE F 469 8.55 19.73 6.37
C ILE F 469 9.89 19.92 7.06
N TRP F 470 10.51 21.09 6.87
CA TRP F 470 11.84 21.35 7.41
C TRP F 470 11.82 22.63 8.23
N ASP F 471 12.87 22.79 9.05
CA ASP F 471 13.01 23.95 9.91
C ASP F 471 14.49 24.30 10.05
N LYS F 472 14.76 25.53 10.48
CA LYS F 472 16.13 25.99 10.63
C LYS F 472 16.56 25.86 12.09
N GLU F 473 17.72 25.22 12.30
CA GLU F 473 18.26 25.11 13.64
C GLU F 473 18.53 26.48 14.23
N PHE F 474 18.27 26.61 15.52
CA PHE F 474 18.52 27.87 16.22
C PHE F 474 19.99 28.24 16.15
N ASP F 475 20.26 29.52 15.96
CA ASP F 475 21.64 30.03 15.99
C ASP F 475 22.12 30.28 17.40
N THR F 476 21.97 29.30 18.28
CA THR F 476 22.47 29.39 19.65
C THR F 476 23.73 28.56 19.79
N ASP F 477 24.53 28.89 20.80
CA ASP F 477 25.75 28.13 21.03
C ASP F 477 25.45 26.67 21.32
N LEU F 478 24.44 26.40 22.14
CA LEU F 478 23.97 25.05 22.43
C LEU F 478 22.61 24.88 21.78
N LYS F 479 22.50 23.93 20.89
CA LYS F 479 21.28 23.83 20.09
C LYS F 479 20.32 22.81 20.70
N PRO F 480 19.02 22.95 20.45
CA PRO F 480 18.06 21.99 21.00
C PRO F 480 18.18 20.63 20.34
N ARG F 481 17.76 19.61 21.08
CA ARG F 481 17.90 18.24 20.61
C ARG F 481 16.90 17.91 19.50
N LEU F 482 15.74 18.55 19.49
CA LEU F 482 14.76 18.36 18.43
C LEU F 482 13.86 19.58 18.34
N HIS F 483 13.14 19.66 17.23
CA HIS F 483 12.14 20.70 17.00
C HIS F 483 10.77 20.06 16.95
N VAL F 484 9.76 20.77 17.47
CA VAL F 484 8.44 20.18 17.59
C VAL F 484 7.56 20.46 16.38
N ASN F 485 8.05 21.20 15.40
CA ASN F 485 7.20 21.62 14.29
C ASN F 485 7.53 20.93 12.97
N ALA F 486 8.75 20.42 12.80
CA ALA F 486 9.12 19.77 11.57
C ALA F 486 10.01 18.58 11.86
N PRO F 487 9.78 17.45 11.19
CA PRO F 487 10.66 16.29 11.41
C PRO F 487 12.09 16.54 10.97
N PHE F 488 12.31 17.45 10.03
CA PHE F 488 13.64 17.74 9.52
C PHE F 488 14.11 19.09 10.06
N VAL F 489 15.32 19.12 10.59
CA VAL F 489 15.93 20.34 11.12
C VAL F 489 17.26 20.53 10.40
N CYS F 490 17.63 21.79 10.21
CA CYS F 490 18.68 22.18 9.28
C CYS F 490 19.95 22.49 10.05
N GLN F 491 20.97 21.64 9.88
CA GLN F 491 22.20 21.82 10.67
C GLN F 491 22.86 23.16 10.42
N ASN F 492 22.96 23.60 9.16
CA ASN F 492 23.64 24.84 8.84
C ASN F 492 22.69 25.85 8.23
N ASN F 493 22.01 25.47 7.16
CA ASN F 493 21.12 26.37 6.44
C ASN F 493 20.19 25.54 5.57
N CYS F 494 19.12 26.19 5.11
CA CYS F 494 18.30 25.54 4.10
C CYS F 494 17.47 26.58 3.36
N PRO F 495 16.70 26.20 2.34
CA PRO F 495 16.55 27.07 1.16
C PRO F 495 16.08 28.46 1.53
N GLY F 496 16.64 29.45 0.81
CA GLY F 496 16.29 30.82 1.08
C GLY F 496 14.83 31.10 0.77
N GLN F 497 14.25 32.01 1.51
CA GLN F 497 12.85 32.36 1.30
C GLN F 497 12.69 33.17 0.02
N LEU F 498 11.53 33.06 -0.59
CA LEU F 498 11.21 33.74 -1.85
C LEU F 498 10.19 34.82 -1.55
N PHE F 499 10.54 36.07 -1.90
CA PHE F 499 9.66 37.21 -1.70
C PHE F 499 9.27 37.79 -3.04
N VAL F 500 7.98 37.95 -3.26
CA VAL F 500 7.42 38.51 -4.49
C VAL F 500 6.70 39.80 -4.15
N LYS F 501 6.81 40.77 -5.05
CA LYS F 501 6.15 42.06 -4.89
C LYS F 501 5.80 42.58 -6.27
N VAL F 502 4.81 43.45 -6.34
CA VAL F 502 4.47 44.12 -7.59
C VAL F 502 5.14 45.49 -7.59
N ALA F 503 6.02 45.72 -8.56
CA ALA F 503 6.75 46.96 -8.60
C ALA F 503 5.79 48.14 -8.73
N PRO F 504 6.08 49.26 -8.07
CA PRO F 504 5.13 50.38 -8.08
C PRO F 504 4.84 50.82 -9.51
N ASN F 505 3.56 51.07 -9.79
CA ASN F 505 3.12 51.50 -11.12
C ASN F 505 2.55 52.91 -10.97
N LEU F 506 3.43 53.88 -11.07
CA LEU F 506 3.09 55.25 -10.68
C LEU F 506 2.21 55.93 -11.72
N THR F 507 1.35 56.81 -11.24
CA THR F 507 0.60 57.71 -12.12
C THR F 507 1.49 58.88 -12.52
N ASN F 508 0.87 59.89 -13.16
CA ASN F 508 1.61 61.05 -13.61
C ASN F 508 1.63 62.17 -12.58
N GLN F 509 0.92 62.02 -11.46
CA GLN F 509 0.86 63.06 -10.44
C GLN F 509 1.76 62.77 -9.24
N TYR F 510 2.63 61.78 -9.34
CA TYR F 510 3.45 61.39 -8.20
C TYR F 510 4.36 62.54 -7.78
N ASP F 511 4.38 62.81 -6.47
CA ASP F 511 5.19 63.90 -5.93
C ASP F 511 5.87 63.38 -4.66
N PRO F 512 7.16 63.04 -4.72
CA PRO F 512 7.82 62.48 -3.54
C PRO F 512 7.87 63.44 -2.36
N ASP F 513 7.69 64.74 -2.58
CA ASP F 513 7.62 65.70 -1.50
C ASP F 513 6.24 65.74 -0.84
N ALA F 514 5.32 64.90 -1.27
CA ALA F 514 3.99 64.86 -0.68
C ALA F 514 3.92 63.83 0.44
N SER F 515 3.33 64.23 1.56
CA SER F 515 3.24 63.36 2.73
C SER F 515 2.22 62.24 2.55
N ALA F 516 1.23 62.43 1.69
CA ALA F 516 0.19 61.42 1.53
C ALA F 516 0.75 60.16 0.88
N ASN F 517 -0.02 59.08 1.00
CA ASN F 517 0.41 57.80 0.46
C ASN F 517 0.58 57.89 -1.06
N MET F 518 1.48 57.09 -1.59
CA MET F 518 1.77 57.08 -3.01
C MET F 518 0.53 56.72 -3.81
N SER F 519 0.36 57.38 -4.95
CA SER F 519 -0.76 57.07 -5.85
C SER F 519 -0.26 56.17 -6.97
N ARG F 520 -0.90 55.02 -7.13
CA ARG F 520 -0.45 53.99 -8.05
C ARG F 520 -1.61 53.47 -8.87
N ILE F 521 -1.30 52.97 -10.07
CA ILE F 521 -2.28 52.27 -10.87
C ILE F 521 -2.59 50.93 -10.23
N VAL F 522 -3.87 50.63 -10.06
CA VAL F 522 -4.27 49.36 -9.45
C VAL F 522 -3.76 48.24 -10.34
N THR F 523 -2.83 47.45 -9.82
CA THR F 523 -2.14 46.43 -10.58
C THR F 523 -2.09 45.13 -9.79
N TYR F 524 -2.02 44.02 -10.50
CA TYR F 524 -1.86 42.72 -9.87
C TYR F 524 -1.16 41.78 -10.84
N SER F 525 -0.70 40.64 -10.30
CA SER F 525 0.06 39.67 -11.07
C SER F 525 -0.49 38.27 -10.84
N ASP F 526 -0.41 37.44 -11.87
CA ASP F 526 -0.66 36.01 -11.79
C ASP F 526 0.52 35.30 -12.43
N PHE F 527 1.26 34.53 -11.63
CA PHE F 527 2.46 33.85 -12.13
C PHE F 527 2.44 32.42 -11.66
N TRP F 528 3.06 31.54 -12.45
CA TRP F 528 3.08 30.12 -12.14
C TRP F 528 4.34 29.80 -11.33
N TRP F 529 4.15 29.28 -10.12
CA TRP F 529 5.25 28.78 -9.32
C TRP F 529 5.34 27.26 -9.48
N LYS F 530 6.55 26.80 -9.81
CA LYS F 530 6.82 25.37 -9.92
C LYS F 530 7.95 25.03 -8.97
N GLY F 531 7.86 23.85 -8.36
CA GLY F 531 8.84 23.43 -7.39
C GLY F 531 9.07 21.93 -7.46
N LYS F 532 10.31 21.55 -7.17
CA LYS F 532 10.73 20.16 -7.16
C LYS F 532 11.39 19.86 -5.83
N LEU F 533 10.87 18.86 -5.12
CA LEU F 533 11.36 18.47 -3.81
C LEU F 533 11.73 16.99 -3.85
N VAL F 534 12.97 16.68 -3.55
CA VAL F 534 13.50 15.33 -3.70
C VAL F 534 13.74 14.73 -2.33
N PHE F 535 13.05 13.61 -2.07
CA PHE F 535 13.25 12.77 -0.90
C PHE F 535 13.95 11.49 -1.31
N LYS F 536 14.52 10.80 -0.33
CA LYS F 536 15.11 9.49 -0.51
C LYS F 536 14.64 8.60 0.63
N ALA F 537 14.05 7.46 0.31
CA ALA F 537 13.39 6.62 1.29
C ALA F 537 13.89 5.19 1.16
N LYS F 538 13.56 4.37 2.16
CA LYS F 538 13.89 2.96 2.16
C LYS F 538 12.59 2.16 2.27
N LEU F 539 12.47 1.10 1.49
CA LEU F 539 11.31 0.24 1.57
C LEU F 539 11.39 -0.63 2.82
N ARG F 540 10.23 -0.88 3.43
CA ARG F 540 10.21 -1.64 4.67
C ARG F 540 10.30 -3.13 4.37
N ALA F 541 10.50 -3.91 5.44
CA ALA F 541 10.57 -5.36 5.36
C ALA F 541 9.61 -5.96 6.38
N SER F 542 9.16 -7.18 6.09
CA SER F 542 8.25 -7.90 7.00
C SER F 542 9.10 -8.61 8.04
N HIS F 543 9.00 -8.17 9.29
CA HIS F 543 9.82 -8.72 10.36
C HIS F 543 9.08 -9.72 11.24
N THR F 544 7.75 -9.72 11.21
CA THR F 544 6.95 -10.50 12.14
C THR F 544 5.99 -11.39 11.38
N TRP F 545 5.39 -12.33 12.13
CA TRP F 545 4.36 -13.20 11.55
C TRP F 545 3.12 -12.41 11.19
N ASN F 546 2.74 -11.46 12.02
CA ASN F 546 1.49 -10.74 11.85
C ASN F 546 1.63 -9.61 10.85
N PRO F 547 0.54 -9.18 10.24
CA PRO F 547 0.56 -7.94 9.46
C PRO F 547 0.56 -6.72 10.37
N ILE F 548 0.91 -5.58 9.78
CA ILE F 548 1.01 -4.33 10.54
C ILE F 548 -0.10 -3.38 10.10
N GLN F 549 -0.26 -2.29 10.84
CA GLN F 549 -1.26 -1.28 10.51
C GLN F 549 -0.91 -0.62 9.18
N GLN F 550 -1.93 -0.48 8.33
CA GLN F 550 -1.76 0.15 7.02
C GLN F 550 -2.90 1.12 6.78
N MET F 551 -2.61 2.20 6.07
CA MET F 551 -3.65 3.14 5.68
C MET F 551 -4.49 2.54 4.57
N SER F 552 -5.80 2.80 4.60
CA SER F 552 -6.71 2.17 3.65
C SER F 552 -8.01 2.96 3.59
N ILE F 553 -8.56 3.05 2.39
CA ILE F 553 -9.88 3.64 2.20
C ILE F 553 -10.95 2.66 2.64
N ASN F 554 -12.01 3.18 3.25
CA ASN F 554 -13.10 2.35 3.73
C ASN F 554 -14.40 3.12 3.58
N VAL F 555 -15.51 2.41 3.84
CA VAL F 555 -16.84 3.01 3.69
C VAL F 555 -17.01 4.20 4.63
N ASP F 556 -16.30 4.23 5.75
CA ASP F 556 -16.43 5.33 6.68
C ASP F 556 -15.76 6.60 6.16
N ASN F 557 -14.57 6.47 5.58
CA ASN F 557 -13.81 7.61 5.09
C ASN F 557 -13.82 7.71 3.56
N GLN F 558 -14.69 6.98 2.89
CA GLN F 558 -14.63 6.86 1.43
C GLN F 558 -14.74 8.21 0.73
N PHE F 559 -15.64 9.07 1.21
CA PHE F 559 -15.95 10.31 0.53
C PHE F 559 -15.05 11.46 0.91
N ASN F 560 -14.14 11.27 1.87
CA ASN F 560 -13.18 12.31 2.20
C ASN F 560 -12.19 12.55 1.07
N TYR F 561 -11.94 11.53 0.23
CA TYR F 561 -10.88 11.58 -0.77
C TYR F 561 -11.40 11.81 -2.19
N VAL F 562 -12.65 12.23 -2.34
CA VAL F 562 -13.20 12.50 -3.66
C VAL F 562 -14.02 13.78 -3.62
N PRO F 563 -14.19 14.44 -4.75
CA PRO F 563 -14.95 15.70 -4.77
C PRO F 563 -16.44 15.46 -4.58
N SER F 564 -17.12 16.53 -4.19
CA SER F 564 -18.58 16.52 -4.09
C SER F 564 -19.19 16.87 -5.44
N ASN F 565 -20.52 16.92 -5.49
CA ASN F 565 -21.20 17.16 -6.76
C ASN F 565 -20.98 18.58 -7.27
N ILE F 566 -20.73 19.53 -6.38
CA ILE F 566 -20.45 20.91 -6.79
C ILE F 566 -18.96 21.22 -6.73
N GLY F 567 -18.11 20.20 -6.61
CA GLY F 567 -16.69 20.41 -6.60
C GLY F 567 -16.06 20.53 -5.24
N GLY F 568 -16.80 20.22 -4.18
CA GLY F 568 -16.26 20.32 -2.84
C GLY F 568 -15.11 19.37 -2.59
N MET F 569 -13.96 19.91 -2.23
CA MET F 569 -12.79 19.10 -1.93
C MET F 569 -12.39 19.25 -0.47
N LYS F 570 -11.62 18.28 0.00
CA LYS F 570 -11.01 18.33 1.33
C LYS F 570 -9.81 17.40 1.34
N ILE F 571 -8.92 17.61 2.30
CA ILE F 571 -7.79 16.72 2.54
C ILE F 571 -7.75 16.49 4.04
N VAL F 572 -8.15 15.30 4.46
CA VAL F 572 -8.20 14.99 5.88
C VAL F 572 -6.83 14.51 6.36
N TYR F 573 -6.58 14.69 7.65
CA TYR F 573 -5.28 14.34 8.19
C TYR F 573 -5.11 12.82 8.19
N GLU F 574 -3.89 12.38 7.91
CA GLU F 574 -3.55 10.97 7.92
C GLU F 574 -2.28 10.77 8.72
N LYS F 575 -2.26 9.72 9.55
CA LYS F 575 -1.11 9.46 10.40
C LYS F 575 0.06 8.95 9.57
N SER F 576 1.27 9.08 10.13
CA SER F 576 2.50 8.79 9.41
C SER F 576 3.20 7.52 9.88
N GLN F 577 3.37 7.34 11.19
CA GLN F 577 4.19 6.25 11.72
C GLN F 577 3.33 5.03 12.05
N LEU F 578 2.86 4.37 11.00
CA LEU F 578 1.92 3.27 11.17
C LEU F 578 2.60 2.02 11.66
N ALA F 579 3.76 1.69 11.10
CA ALA F 579 4.39 0.42 11.41
C ALA F 579 5.10 0.49 12.77
N PRO F 580 5.17 -0.63 13.50
CA PRO F 580 5.94 -0.64 14.74
C PRO F 580 7.38 -1.06 14.52
N ARG F 581 8.26 -0.55 15.37
CA ARG F 581 9.64 -0.99 15.43
C ARG F 581 10.03 -1.23 16.88
N LYS F 582 10.84 -2.26 17.10
CA LYS F 582 11.24 -2.61 18.46
C LYS F 582 12.27 -1.62 18.96
N LEU F 583 11.95 -0.95 20.06
CA LEU F 583 12.84 0.08 20.59
C LEU F 583 14.11 -0.53 21.19
N TYR F 584 14.05 -1.80 21.58
CA TYR F 584 15.18 -2.41 22.28
C TYR F 584 15.02 -3.92 22.33
N VAL G 1 -60.38 3.68 0.85
CA VAL G 1 -59.91 4.96 1.48
C VAL G 1 -59.33 4.65 2.85
N LEU G 2 -58.13 5.18 3.10
CA LEU G 2 -57.45 4.91 4.37
C LEU G 2 -58.22 5.54 5.52
N THR G 3 -58.13 4.91 6.68
CA THR G 3 -58.80 5.41 7.88
C THR G 3 -57.88 6.36 8.61
N GLN G 4 -58.32 7.60 8.80
CA GLN G 4 -57.54 8.62 9.50
C GLN G 4 -58.40 9.26 10.56
N LEU G 5 -57.78 9.66 11.67
CA LEU G 5 -58.53 10.13 12.81
C LEU G 5 -59.26 11.42 12.46
N PRO G 6 -60.38 11.70 13.13
CA PRO G 6 -61.14 12.92 12.81
C PRO G 6 -60.41 14.18 13.23
N SER G 7 -59.87 14.19 14.44
CA SER G 7 -59.12 15.34 14.91
C SER G 7 -58.43 14.99 16.22
N VAL G 8 -57.42 15.80 16.56
CA VAL G 8 -56.72 15.71 17.85
C VAL G 8 -56.49 17.13 18.33
N SER G 9 -56.25 17.26 19.64
CA SER G 9 -56.03 18.57 20.23
C SER G 9 -54.98 18.48 21.32
N GLY G 10 -54.29 19.59 21.54
CA GLY G 10 -53.26 19.66 22.57
C GLY G 10 -52.83 21.09 22.83
N SER G 11 -52.26 21.33 24.02
CA SER G 11 -51.84 22.68 24.37
C SER G 11 -50.51 23.03 23.69
N LEU G 12 -50.11 24.28 23.84
CA LEU G 12 -48.89 24.76 23.19
C LEU G 12 -47.67 24.03 23.74
N GLY G 13 -46.75 23.69 22.85
CA GLY G 13 -45.46 23.14 23.23
C GLY G 13 -45.47 21.66 23.52
N GLN G 14 -46.60 20.97 23.38
CA GLN G 14 -46.68 19.56 23.72
C GLN G 14 -46.39 18.71 22.48
N ARG G 15 -46.42 17.39 22.67
CA ARG G 15 -46.19 16.42 21.61
C ARG G 15 -47.47 15.66 21.32
N VAL G 16 -47.75 15.45 20.04
CA VAL G 16 -48.97 14.80 19.59
C VAL G 16 -48.60 13.79 18.52
N THR G 17 -49.45 12.78 18.34
CA THR G 17 -49.28 11.79 17.28
C THR G 17 -50.55 11.70 16.46
N ILE G 18 -50.41 11.76 15.14
CA ILE G 18 -51.50 11.60 14.20
C ILE G 18 -51.26 10.33 13.41
N SER G 19 -52.21 9.41 13.45
CA SER G 19 -52.01 8.05 12.98
C SER G 19 -52.77 7.79 11.68
N CYS G 20 -52.16 6.96 10.84
CA CYS G 20 -52.74 6.51 9.57
C CYS G 20 -52.83 5.00 9.66
N ILE G 21 -54.06 4.47 9.61
CA ILE G 21 -54.30 3.08 10.01
C ILE G 21 -54.80 2.27 8.83
N GLY G 22 -54.28 2.56 7.64
CA GLY G 22 -54.67 1.81 6.46
C GLY G 22 -54.22 0.36 6.54
N SER G 23 -54.75 -0.44 5.61
CA SER G 23 -54.62 -1.89 5.68
C SER G 23 -53.36 -2.36 4.95
N SER G 24 -53.24 -3.68 4.82
CA SER G 24 -52.14 -4.27 4.08
C SER G 24 -52.33 -4.04 2.59
N SER G 25 -51.28 -4.36 1.82
CA SER G 25 -51.23 -4.02 0.40
C SER G 25 -51.48 -2.53 0.19
N ASN G 26 -51.19 -1.74 1.21
CA ASN G 26 -51.52 -0.33 1.27
C ASN G 26 -50.56 0.31 2.27
N VAL G 27 -50.90 1.52 2.75
CA VAL G 27 -50.02 2.24 3.68
C VAL G 27 -49.48 1.32 4.76
N GLY G 28 -50.22 0.28 5.13
CA GLY G 28 -49.76 -0.67 6.12
C GLY G 28 -48.91 -1.78 5.53
N TYR G 29 -48.23 -1.48 4.41
CA TYR G 29 -47.41 -2.46 3.71
C TYR G 29 -46.17 -1.73 3.21
N GLY G 30 -45.23 -2.47 2.63
CA GLY G 30 -43.90 -1.96 2.34
C GLY G 30 -43.84 -0.65 1.57
N ASN G 31 -44.97 -0.16 1.06
CA ASN G 31 -44.96 1.09 0.32
C ASN G 31 -44.69 2.27 1.25
N TYR G 32 -44.28 3.38 0.64
CA TYR G 32 -43.97 4.58 1.40
C TYR G 32 -45.25 5.27 1.90
N VAL G 33 -45.07 6.21 2.81
CA VAL G 33 -46.16 6.99 3.38
C VAL G 33 -45.76 8.46 3.38
N GLY G 34 -46.73 9.33 3.13
CA GLY G 34 -46.50 10.76 3.09
C GLY G 34 -47.52 11.52 3.91
N TRP G 35 -47.07 12.62 4.50
CA TRP G 35 -47.91 13.47 5.34
C TRP G 35 -47.87 14.90 4.80
N TYR G 36 -49.02 15.57 4.82
CA TYR G 36 -49.13 16.93 4.33
C TYR G 36 -49.92 17.79 5.31
N GLN G 37 -49.58 19.08 5.35
CA GLN G 37 -50.23 20.07 6.19
C GLN G 37 -50.93 21.09 5.32
N GLN G 38 -52.13 21.51 5.73
CA GLN G 38 -52.88 22.49 4.96
C GLN G 38 -53.87 23.19 5.87
N VAL G 39 -53.98 24.51 5.69
CA VAL G 39 -55.01 25.33 6.31
C VAL G 39 -56.02 25.69 5.24
N PRO G 40 -57.33 25.59 5.49
CA PRO G 40 -58.31 25.84 4.43
C PRO G 40 -57.98 27.06 3.59
N GLY G 41 -57.81 26.85 2.28
CA GLY G 41 -57.42 27.91 1.38
C GLY G 41 -55.95 27.95 1.04
N THR G 42 -55.18 26.94 1.42
CA THR G 42 -53.75 26.89 1.15
C THR G 42 -53.38 25.52 0.60
N SER G 43 -52.44 25.50 -0.33
CA SER G 43 -52.00 24.24 -0.91
C SER G 43 -51.28 23.39 0.16
N PRO G 44 -51.48 22.07 0.14
CA PRO G 44 -50.79 21.23 1.14
C PRO G 44 -49.27 21.37 1.04
N LYS G 45 -48.62 21.30 2.18
CA LYS G 45 -47.16 21.36 2.28
C LYS G 45 -46.66 20.00 2.76
N THR G 46 -45.63 19.48 2.10
CA THR G 46 -45.09 18.17 2.42
C THR G 46 -44.19 18.28 3.65
N LEU G 47 -44.58 17.62 4.73
CA LEU G 47 -43.81 17.71 5.97
C LEU G 47 -42.57 16.82 5.90
N ILE G 48 -42.76 15.51 5.76
CA ILE G 48 -41.67 14.55 5.74
C ILE G 48 -41.54 14.03 4.31
N TYR G 49 -40.37 14.22 3.72
CA TYR G 49 -40.16 13.88 2.32
C TYR G 49 -40.09 12.36 2.14
N ASP G 60 -38.40 20.85 11.16
CA ASP G 60 -37.58 19.66 11.43
C ASP G 60 -38.03 18.99 12.72
N ARG G 61 -38.76 19.72 13.57
CA ARG G 61 -39.22 19.17 14.84
C ARG G 61 -40.18 18.00 14.64
N PHE G 62 -40.73 17.82 13.45
CA PHE G 62 -41.60 16.69 13.19
C PHE G 62 -40.79 15.39 13.14
N SER G 63 -41.51 14.28 13.25
CA SER G 63 -40.93 12.97 12.97
C SER G 63 -42.05 12.06 12.49
N ALA G 64 -41.66 10.92 11.92
CA ALA G 64 -42.65 9.99 11.40
C ALA G 64 -42.09 8.58 11.44
N SER G 65 -43.00 7.61 11.45
CA SER G 65 -42.63 6.20 11.45
C SER G 65 -43.75 5.37 10.84
N ARG G 66 -43.40 4.57 9.83
CA ARG G 66 -44.39 3.69 9.23
C ARG G 66 -44.98 2.73 10.25
N SER G 67 -44.16 2.29 11.22
CA SER G 67 -44.65 1.52 12.37
C SER G 67 -45.51 0.34 11.92
N GLY G 68 -44.94 -0.48 11.05
CA GLY G 68 -45.61 -1.69 10.62
C GLY G 68 -46.86 -1.44 9.80
N SER G 69 -48.01 -1.87 10.29
CA SER G 69 -49.26 -1.75 9.55
C SER G 69 -49.97 -0.42 9.77
N THR G 70 -49.41 0.46 10.60
CA THR G 70 -50.06 1.74 10.89
C THR G 70 -48.98 2.79 11.06
N ALA G 71 -48.97 3.79 10.18
CA ALA G 71 -47.99 4.86 10.25
C ALA G 71 -48.42 5.91 11.26
N THR G 72 -47.45 6.72 11.68
CA THR G 72 -47.71 7.77 12.65
C THR G 72 -46.79 8.95 12.39
N LEU G 73 -47.34 10.15 12.54
CA LEU G 73 -46.58 11.39 12.50
C LEU G 73 -46.57 11.98 13.91
N THR G 74 -45.37 12.12 14.48
CA THR G 74 -45.18 12.71 15.80
C THR G 74 -44.84 14.18 15.59
N ILE G 75 -45.82 15.04 15.88
CA ILE G 75 -45.61 16.47 15.88
C ILE G 75 -45.23 16.94 17.27
N SER G 76 -44.45 18.02 17.33
CA SER G 76 -44.04 18.60 18.60
C SER G 76 -43.87 20.09 18.43
N GLY G 77 -43.87 20.80 19.56
CA GLY G 77 -43.81 22.25 19.52
C GLY G 77 -45.05 22.88 18.93
N LEU G 78 -46.23 22.41 19.33
CA LEU G 78 -47.47 22.96 18.81
C LEU G 78 -47.53 24.46 19.03
N GLN G 79 -47.95 25.19 18.00
CA GLN G 79 -48.02 26.64 18.04
C GLN G 79 -49.33 27.09 17.42
N ALA G 80 -49.57 28.40 17.48
CA ALA G 80 -50.76 28.95 16.82
C ALA G 80 -50.80 28.53 15.36
N GLU G 81 -49.70 28.75 14.63
CA GLU G 81 -49.52 28.11 13.35
C GLU G 81 -49.32 26.61 13.57
N ASP G 82 -49.66 25.81 12.57
CA ASP G 82 -49.74 24.36 12.60
C ASP G 82 -51.07 23.90 13.21
N GLU G 83 -51.93 24.82 13.63
CA GLU G 83 -53.30 24.48 14.02
C GLU G 83 -54.11 24.30 12.75
N ALA G 84 -53.77 23.24 12.00
CA ALA G 84 -54.26 23.06 10.64
C ALA G 84 -54.71 21.61 10.48
N ASP G 85 -55.05 21.26 9.24
CA ASP G 85 -55.44 19.92 8.88
C ASP G 85 -54.23 19.16 8.33
N TYR G 86 -54.21 17.85 8.58
CA TYR G 86 -53.09 17.01 8.18
C TYR G 86 -53.62 15.76 7.47
N TYR G 87 -52.98 15.42 6.36
CA TYR G 87 -53.45 14.36 5.47
C TYR G 87 -52.37 13.30 5.30
N CYS G 88 -52.82 12.04 5.21
CA CYS G 88 -51.96 10.89 4.98
C CYS G 88 -52.20 10.33 3.59
N SER G 89 -51.11 10.02 2.88
CA SER G 89 -51.19 9.49 1.53
C SER G 89 -50.22 8.33 1.37
N SER G 90 -50.53 7.45 0.43
CA SER G 90 -49.69 6.30 0.12
C SER G 90 -50.09 5.79 -1.26
N TYR G 91 -49.56 4.62 -1.63
CA TYR G 91 -49.88 3.97 -2.90
C TYR G 91 -50.48 2.60 -2.61
N ASP G 92 -51.64 2.32 -3.19
CA ASP G 92 -52.37 1.08 -2.96
C ASP G 92 -52.21 0.19 -4.18
N THR G 93 -51.78 -1.05 -3.95
CA THR G 93 -51.63 -2.03 -5.01
C THR G 93 -52.96 -2.63 -5.47
N SER G 94 -53.90 -2.86 -4.55
CA SER G 94 -55.22 -3.35 -4.95
C SER G 94 -55.90 -2.39 -5.92
N LEU G 95 -55.60 -1.09 -5.83
CA LEU G 95 -56.01 -0.12 -6.82
C LEU G 95 -54.89 0.29 -7.76
N SER G 96 -53.65 -0.03 -7.43
CA SER G 96 -52.50 0.37 -8.25
C SER G 96 -52.49 1.88 -8.46
N GLY G 97 -52.81 2.63 -7.42
CA GLY G 97 -52.90 4.07 -7.54
C GLY G 97 -52.67 4.76 -6.21
N ILE G 98 -52.44 6.06 -6.29
CA ILE G 98 -52.23 6.84 -5.07
C ILE G 98 -53.55 7.00 -4.34
N VAL G 99 -53.51 6.80 -3.01
CA VAL G 99 -54.68 6.91 -2.16
C VAL G 99 -54.36 7.82 -0.99
N PHE G 100 -55.40 8.39 -0.40
CA PHE G 100 -55.28 9.35 0.69
C PHE G 100 -56.11 8.91 1.89
N GLY G 101 -55.70 9.38 3.06
CA GLY G 101 -56.54 9.24 4.23
C GLY G 101 -57.59 10.33 4.28
N GLY G 102 -58.55 10.15 5.19
CA GLY G 102 -59.64 11.10 5.30
C GLY G 102 -59.25 12.46 5.84
N GLY G 103 -58.02 12.62 6.29
CA GLY G 103 -57.58 13.87 6.87
C GLY G 103 -57.86 13.94 8.36
N THR G 104 -57.07 14.77 9.05
CA THR G 104 -57.22 14.97 10.47
C THR G 104 -56.91 16.42 10.80
N HIS G 105 -57.75 17.01 11.65
CA HIS G 105 -57.57 18.39 12.08
C HIS G 105 -56.92 18.42 13.47
N LEU G 106 -56.11 19.46 13.69
CA LEU G 106 -55.44 19.67 14.96
C LEU G 106 -55.91 20.99 15.55
N THR G 107 -56.34 20.94 16.81
CA THR G 107 -56.72 22.13 17.56
C THR G 107 -55.68 22.42 18.62
N VAL G 108 -55.07 23.59 18.55
CA VAL G 108 -53.98 23.97 19.44
C VAL G 108 -54.56 24.87 20.53
N LEU G 109 -54.44 24.43 21.78
CA LEU G 109 -55.04 25.13 22.89
C LEU G 109 -54.10 26.21 23.43
N GLU H 1 -36.77 29.23 -6.13
CA GLU H 1 -37.00 28.01 -6.97
C GLU H 1 -38.30 28.13 -7.75
N GLY H 2 -38.38 27.41 -8.86
CA GLY H 2 -39.59 27.44 -9.68
C GLY H 2 -40.75 26.74 -9.00
N GLN H 3 -41.95 27.15 -9.40
CA GLN H 3 -43.18 26.58 -8.87
C GLN H 3 -44.17 26.38 -10.00
N LEU H 4 -45.19 25.57 -9.73
CA LEU H 4 -46.24 25.30 -10.70
C LEU H 4 -47.31 26.38 -10.61
N ALA H 5 -48.17 26.43 -11.64
CA ALA H 5 -49.23 27.43 -11.69
C ALA H 5 -50.40 26.84 -12.46
N GLU H 6 -51.53 26.62 -11.78
CA GLU H 6 -52.71 26.10 -12.44
C GLU H 6 -53.56 27.23 -13.02
N SER H 7 -54.37 26.88 -14.01
CA SER H 7 -55.26 27.83 -14.65
C SER H 7 -56.37 27.08 -15.37
N GLY H 8 -57.47 27.79 -15.62
CA GLY H 8 -58.60 27.24 -16.36
C GLY H 8 -59.77 26.84 -15.51
N GLY H 9 -59.67 26.91 -14.18
CA GLY H 9 -60.78 26.52 -13.34
C GLY H 9 -61.85 27.61 -13.31
N ASP H 10 -63.11 27.17 -13.39
CA ASP H 10 -64.25 28.08 -13.37
C ASP H 10 -65.54 27.27 -13.40
N LEU H 11 -66.62 27.91 -12.99
CA LEU H 11 -67.94 27.32 -13.13
C LEU H 11 -68.24 27.05 -14.60
N VAL H 12 -68.80 25.87 -14.89
CA VAL H 12 -69.18 25.49 -16.25
C VAL H 12 -70.39 24.58 -16.18
N LYS H 13 -71.16 24.57 -17.26
CA LYS H 13 -72.42 23.85 -17.28
C LYS H 13 -72.14 22.35 -17.13
N PRO H 14 -73.01 21.62 -16.42
CA PRO H 14 -72.82 20.17 -16.31
C PRO H 14 -72.94 19.50 -17.68
N GLY H 15 -72.16 18.43 -17.86
CA GLY H 15 -72.14 17.71 -19.11
C GLY H 15 -71.27 18.32 -20.19
N GLY H 16 -70.62 19.43 -19.93
CA GLY H 16 -69.76 20.07 -20.91
C GLY H 16 -68.35 19.50 -20.86
N SER H 17 -67.41 20.31 -21.32
CA SER H 17 -66.01 19.95 -21.35
C SER H 17 -65.15 21.17 -21.05
N LEU H 18 -63.97 20.93 -20.49
CA LEU H 18 -63.03 22.00 -20.21
C LEU H 18 -61.62 21.44 -20.29
N ARG H 19 -60.63 22.31 -20.09
CA ARG H 19 -59.23 21.92 -20.14
C ARG H 19 -58.45 22.76 -19.14
N LEU H 20 -58.04 22.12 -18.04
CA LEU H 20 -57.20 22.79 -17.06
C LEU H 20 -55.74 22.71 -17.49
N SER H 21 -54.98 23.74 -17.16
CA SER H 21 -53.56 23.81 -17.49
C SER H 21 -52.74 23.98 -16.22
N CYS H 22 -51.52 23.45 -16.24
CA CYS H 22 -50.58 23.56 -15.13
C CYS H 22 -49.21 23.89 -15.74
N VAL H 23 -48.85 25.17 -15.71
CA VAL H 23 -47.53 25.58 -16.16
C VAL H 23 -46.51 25.17 -15.11
N ALA H 24 -45.33 24.76 -15.58
CA ALA H 24 -44.25 24.32 -14.72
C ALA H 24 -43.03 25.19 -14.95
N SER H 25 -42.40 25.59 -13.84
CA SER H 25 -41.18 26.38 -13.87
C SER H 25 -40.07 25.57 -13.22
N GLY H 26 -38.87 25.73 -13.74
CA GLY H 26 -37.75 24.91 -13.35
C GLY H 26 -37.48 23.79 -14.33
N SER H 27 -36.25 23.30 -14.30
CA SER H 27 -35.81 22.29 -15.26
C SER H 27 -36.26 20.88 -14.91
N THR H 28 -36.89 20.67 -13.76
CA THR H 28 -37.22 19.32 -13.31
C THR H 28 -38.53 18.79 -13.88
N PHE H 29 -39.34 19.64 -14.51
CA PHE H 29 -40.64 19.18 -14.98
C PHE H 29 -40.49 18.07 -16.02
N ARG H 30 -39.56 18.24 -16.95
CA ARG H 30 -39.35 17.22 -17.97
C ARG H 30 -38.95 15.90 -17.35
N ASN H 31 -38.44 15.94 -16.12
CA ASN H 31 -37.89 14.77 -15.44
C ASN H 31 -38.80 14.25 -14.34
N SER H 32 -40.00 14.80 -14.17
CA SER H 32 -40.81 14.55 -12.99
C SER H 32 -42.11 13.84 -13.37
N HIS H 33 -42.54 12.93 -12.51
CA HIS H 33 -43.88 12.38 -12.62
C HIS H 33 -44.89 13.41 -12.16
N MET H 34 -45.82 13.75 -13.03
CA MET H 34 -46.82 14.79 -12.76
C MET H 34 -48.10 14.12 -12.28
N THR H 35 -48.82 14.80 -11.39
CA THR H 35 -50.08 14.28 -10.89
C THR H 35 -51.08 15.43 -10.73
N TRP H 36 -52.35 15.09 -10.88
CA TRP H 36 -53.46 15.96 -10.55
C TRP H 36 -54.21 15.39 -9.36
N VAL H 37 -54.50 16.26 -8.39
CA VAL H 37 -55.29 15.93 -7.21
C VAL H 37 -56.42 16.95 -7.12
N ARG H 38 -57.52 16.57 -6.48
CA ARG H 38 -58.64 17.48 -6.30
C ARG H 38 -59.19 17.38 -4.87
N GLN H 39 -59.61 18.52 -4.36
CA GLN H 39 -60.10 18.67 -2.99
C GLN H 39 -61.47 19.34 -3.06
N ALA H 40 -62.52 18.60 -2.73
CA ALA H 40 -63.84 19.21 -2.64
C ALA H 40 -63.92 20.05 -1.37
N PRO H 41 -64.69 21.15 -1.38
CA PRO H 41 -64.71 22.05 -0.22
C PRO H 41 -64.93 21.33 1.10
N GLY H 42 -63.93 21.39 1.98
CA GLY H 42 -64.05 20.78 3.29
C GLY H 42 -64.04 19.27 3.27
N LYS H 43 -63.71 18.68 2.12
CA LYS H 43 -63.69 17.24 1.96
C LYS H 43 -62.25 16.75 2.01
N GLY H 44 -62.06 15.45 1.75
CA GLY H 44 -60.72 14.87 1.82
C GLY H 44 -60.02 14.92 0.48
N LEU H 45 -58.70 15.04 0.55
CA LEU H 45 -57.88 15.09 -0.67
C LEU H 45 -58.14 13.84 -1.51
N GLN H 46 -58.36 14.06 -2.81
CA GLN H 46 -58.69 12.98 -3.73
C GLN H 46 -57.73 13.00 -4.89
N TRP H 47 -57.02 11.89 -5.09
CA TRP H 47 -56.17 11.73 -6.25
C TRP H 47 -57.02 11.75 -7.52
N VAL H 48 -56.51 12.42 -8.56
CA VAL H 48 -57.16 12.46 -9.87
C VAL H 48 -56.41 11.60 -10.88
N ALA H 49 -55.14 11.92 -11.13
CA ALA H 49 -54.41 11.20 -12.17
C ALA H 49 -52.90 11.39 -12.00
N ASN H 50 -52.15 10.53 -12.67
CA ASN H 50 -50.70 10.68 -12.76
C ASN H 50 -50.23 10.29 -14.15
N ILE H 51 -49.15 10.95 -14.59
CA ILE H 51 -48.48 10.66 -15.85
C ILE H 51 -46.98 10.73 -15.63
N ASP H 52 -46.25 9.78 -16.21
CA ASP H 52 -44.81 9.69 -16.00
C ASP H 52 -44.08 10.76 -16.81
N SER H 53 -42.75 10.76 -16.66
CA SER H 53 -41.94 11.78 -17.32
C SER H 53 -42.00 11.70 -18.84
N GLY H 54 -41.98 10.49 -19.40
CA GLY H 54 -41.97 10.32 -20.84
C GLY H 54 -43.33 10.07 -21.47
N ALA H 55 -44.42 10.32 -20.74
CA ALA H 55 -45.77 10.08 -21.26
C ALA H 55 -45.96 8.63 -21.67
N PHE H 56 -45.20 7.72 -21.05
CA PHE H 56 -45.31 6.31 -21.40
C PHE H 56 -46.59 5.69 -20.87
N THR H 57 -47.03 6.09 -19.67
CA THR H 57 -48.21 5.52 -19.05
C THR H 57 -49.01 6.61 -18.35
N THR H 58 -50.30 6.37 -18.21
CA THR H 58 -51.21 7.28 -17.53
C THR H 58 -52.12 6.48 -16.62
N ASP H 59 -52.42 7.04 -15.44
CA ASP H 59 -53.32 6.40 -14.49
C ASP H 59 -54.31 7.42 -13.96
N TYR H 60 -55.53 6.95 -13.72
CA TYR H 60 -56.60 7.80 -13.20
C TYR H 60 -57.33 7.05 -12.10
N VAL H 61 -58.23 7.77 -11.42
CA VAL H 61 -59.16 7.13 -10.50
C VAL H 61 -60.42 6.75 -11.26
N ASP H 62 -61.13 5.74 -10.74
CA ASP H 62 -62.35 5.29 -11.39
C ASP H 62 -63.36 6.42 -11.51
N ALA H 63 -63.39 7.32 -10.53
CA ALA H 63 -64.34 8.42 -10.56
C ALA H 63 -64.14 9.31 -11.77
N VAL H 64 -62.95 9.34 -12.35
CA VAL H 64 -62.67 10.12 -13.55
C VAL H 64 -62.27 9.24 -14.73
N ARG H 65 -62.37 7.92 -14.60
CA ARG H 65 -61.98 7.04 -15.69
C ARG H 65 -62.89 7.25 -16.89
N GLY H 66 -62.29 7.40 -18.06
CA GLY H 66 -63.05 7.63 -19.27
C GLY H 66 -63.64 9.02 -19.39
N ARG H 67 -63.43 9.87 -18.39
CA ARG H 67 -63.91 11.25 -18.39
C ARG H 67 -62.77 12.26 -18.45
N PHE H 68 -61.73 12.09 -17.64
CA PHE H 68 -60.59 12.98 -17.67
C PHE H 68 -59.48 12.38 -18.52
N THR H 69 -58.66 13.26 -19.10
CA THR H 69 -57.53 12.83 -19.91
C THR H 69 -56.33 13.72 -19.58
N VAL H 70 -55.30 13.14 -19.01
CA VAL H 70 -54.11 13.90 -18.63
C VAL H 70 -53.09 13.82 -19.77
N SER H 71 -52.41 14.93 -20.00
CA SER H 71 -51.41 15.01 -21.07
C SER H 71 -50.34 16.00 -20.64
N ARG H 72 -49.20 15.94 -21.32
CA ARG H 72 -48.10 16.84 -21.01
C ARG H 72 -47.36 17.21 -22.28
N ASP H 73 -46.71 18.38 -22.24
CA ASP H 73 -45.95 18.89 -23.38
C ASP H 73 -44.65 19.43 -22.81
N ASN H 74 -43.55 18.70 -23.05
CA ASN H 74 -42.24 19.15 -22.62
C ASN H 74 -41.74 20.34 -23.43
N ALA H 75 -42.12 20.43 -24.71
CA ALA H 75 -41.81 21.60 -25.50
C ALA H 75 -42.45 22.86 -24.96
N ARG H 76 -43.69 22.77 -24.49
CA ARG H 76 -44.36 23.87 -23.79
C ARG H 76 -44.13 23.82 -22.30
N ASN H 77 -43.46 22.78 -21.79
CA ASN H 77 -43.16 22.66 -20.36
C ASN H 77 -44.42 22.85 -19.52
N THR H 78 -45.46 22.10 -19.87
CA THR H 78 -46.77 22.30 -19.25
C THR H 78 -47.49 20.96 -19.18
N MET H 79 -48.48 20.89 -18.29
CA MET H 79 -49.38 19.75 -18.20
C MET H 79 -50.81 20.22 -18.43
N TYR H 80 -51.65 19.31 -18.92
CA TYR H 80 -53.05 19.63 -19.20
C TYR H 80 -53.93 18.49 -18.75
N LEU H 81 -55.14 18.84 -18.34
CA LEU H 81 -56.17 17.89 -17.91
C LEU H 81 -57.45 18.25 -18.68
N GLN H 82 -57.77 17.44 -19.68
CA GLN H 82 -59.01 17.60 -20.44
C GLN H 82 -60.13 16.96 -19.62
N MET H 83 -61.00 17.79 -19.06
CA MET H 83 -62.15 17.32 -18.28
C MET H 83 -63.38 17.33 -19.18
N ASN H 84 -63.54 16.23 -19.91
CA ASN H 84 -64.72 16.03 -20.74
C ASN H 84 -65.82 15.36 -19.93
N SER H 85 -67.06 15.60 -20.35
CA SER H 85 -68.23 15.03 -19.67
C SER H 85 -68.24 15.43 -18.20
N LEU H 86 -68.28 16.74 -17.97
CA LEU H 86 -68.26 17.26 -16.61
C LEU H 86 -69.50 16.83 -15.85
N ARG H 87 -69.30 16.47 -14.58
CA ARG H 87 -70.36 15.99 -13.71
C ARG H 87 -70.34 16.78 -12.42
N ALA H 88 -71.48 16.76 -11.72
CA ALA H 88 -71.63 17.58 -10.52
C ALA H 88 -70.49 17.32 -9.53
N GLU H 89 -70.04 16.07 -9.47
CA GLU H 89 -69.00 15.70 -8.50
C GLU H 89 -67.67 16.38 -8.77
N ASP H 90 -67.48 16.98 -9.95
CA ASP H 90 -66.21 17.59 -10.30
C ASP H 90 -65.96 18.91 -9.58
N THR H 91 -66.94 19.43 -8.87
CA THR H 91 -66.80 20.73 -8.21
C THR H 91 -65.79 20.62 -7.08
N ALA H 92 -64.63 21.25 -7.26
CA ALA H 92 -63.56 21.18 -6.26
C ALA H 92 -62.41 22.09 -6.67
N VAL H 93 -61.41 22.16 -5.80
CA VAL H 93 -60.17 22.85 -6.11
C VAL H 93 -59.15 21.84 -6.58
N TYR H 94 -58.60 22.05 -7.78
CA TYR H 94 -57.70 21.12 -8.42
C TYR H 94 -56.27 21.65 -8.30
N TYR H 95 -55.36 20.77 -7.88
CA TYR H 95 -53.94 21.08 -7.76
C TYR H 95 -53.15 20.14 -8.67
N CYS H 96 -52.05 20.66 -9.23
CA CYS H 96 -51.07 19.81 -9.90
C CYS H 96 -49.82 19.72 -9.03
N ALA H 97 -49.30 18.51 -8.89
CA ALA H 97 -48.22 18.23 -7.96
C ALA H 97 -47.21 17.30 -8.59
N THR H 98 -46.05 17.20 -7.94
CA THR H 98 -44.97 16.35 -8.37
C THR H 98 -44.89 15.12 -7.47
N MET H 99 -44.89 13.93 -8.08
CA MET H 99 -44.74 12.71 -7.32
C MET H 99 -43.25 12.42 -7.12
N LYS H 100 -42.85 12.22 -5.86
CA LYS H 100 -41.46 11.88 -5.57
C LYS H 100 -41.17 10.49 -6.12
N THR H 101 -40.26 10.43 -7.09
CA THR H 101 -39.88 9.16 -7.71
C THR H 101 -38.72 8.50 -6.99
N SER H 102 -37.85 9.28 -6.35
CA SER H 102 -36.67 8.76 -5.68
C SER H 102 -36.72 9.14 -4.20
N TYR H 103 -36.44 8.17 -3.34
CA TYR H 103 -36.34 8.39 -1.92
C TYR H 103 -34.99 7.88 -1.45
N CYS H 104 -34.25 8.71 -0.73
CA CYS H 104 -32.90 8.33 -0.34
C CYS H 104 -32.94 7.54 0.96
N ILE H 105 -32.04 6.55 1.06
CA ILE H 105 -32.07 5.64 2.18
C ILE H 105 -31.38 6.24 3.40
N ASP H 106 -30.08 6.54 3.26
CA ASP H 106 -29.36 7.23 4.31
C ASP H 106 -29.87 8.66 4.45
N GLU H 107 -29.83 9.18 5.67
CA GLU H 107 -30.30 10.54 5.90
C GLU H 107 -29.51 11.56 5.08
N ASN H 108 -28.23 11.30 4.83
CA ASN H 108 -27.42 12.13 3.93
C ASN H 108 -27.61 11.73 2.48
N CYS H 109 -28.40 10.69 2.22
CA CYS H 109 -28.78 10.30 0.87
C CYS H 109 -27.57 9.86 0.03
N PHE H 110 -26.79 8.92 0.55
CA PHE H 110 -25.77 8.26 -0.26
C PHE H 110 -26.32 7.07 -1.02
N SER H 111 -27.59 6.74 -0.84
CA SER H 111 -28.22 5.63 -1.55
C SER H 111 -29.69 5.99 -1.78
N PHE H 112 -30.21 5.60 -2.94
CA PHE H 112 -31.54 5.97 -3.36
C PHE H 112 -32.32 4.74 -3.80
N GLN H 113 -33.65 4.81 -3.70
CA GLN H 113 -34.51 3.76 -4.21
C GLN H 113 -35.81 4.37 -4.74
N ALA H 114 -36.40 3.70 -5.72
CA ALA H 114 -37.65 4.17 -6.29
C ALA H 114 -38.82 3.93 -5.35
N GLY H 115 -39.85 4.75 -5.51
CA GLY H 115 -41.04 4.61 -4.70
C GLY H 115 -42.16 5.47 -5.24
N ARG H 116 -43.35 5.28 -4.69
CA ARG H 116 -44.53 6.02 -5.09
C ARG H 116 -45.38 6.28 -3.86
N GLY H 117 -46.21 7.32 -3.95
CA GLY H 117 -47.15 7.64 -2.90
C GLY H 117 -46.86 8.91 -2.13
N VAL H 118 -45.84 9.68 -2.53
CA VAL H 118 -45.51 10.94 -1.89
C VAL H 118 -45.40 12.01 -2.97
N PHE H 119 -46.04 13.15 -2.73
CA PHE H 119 -45.99 14.29 -3.64
C PHE H 119 -45.01 15.31 -3.10
N ASP H 120 -44.03 15.68 -3.93
CA ASP H 120 -42.95 16.54 -3.46
C ASP H 120 -43.35 18.01 -3.41
N LYS H 121 -43.88 18.53 -4.50
CA LYS H 121 -44.23 19.95 -4.59
C LYS H 121 -45.66 20.07 -5.10
N TRP H 122 -46.31 21.17 -4.72
CA TRP H 122 -47.70 21.42 -5.04
C TRP H 122 -47.84 22.75 -5.75
N GLY H 123 -48.85 22.84 -6.60
CA GLY H 123 -49.14 24.06 -7.33
C GLY H 123 -50.08 24.97 -6.56
N GLN H 124 -50.44 26.08 -7.21
CA GLN H 124 -51.33 27.06 -6.60
C GLN H 124 -52.78 26.60 -6.55
N GLY H 125 -53.26 25.95 -7.60
CA GLY H 125 -54.60 25.40 -7.62
C GLY H 125 -55.59 26.30 -8.35
N THR H 126 -56.67 25.67 -8.82
CA THR H 126 -57.73 26.41 -9.50
C THR H 126 -59.08 25.80 -9.13
N LEU H 127 -60.08 26.65 -9.01
CA LEU H 127 -61.40 26.25 -8.54
C LEU H 127 -62.30 25.95 -9.74
N VAL H 128 -62.96 24.78 -9.69
CA VAL H 128 -63.87 24.35 -10.74
C VAL H 128 -65.22 24.04 -10.10
N THR H 129 -66.30 24.45 -10.78
CA THR H 129 -67.64 24.18 -10.30
C THR H 129 -68.48 23.71 -11.48
N VAL H 130 -69.48 22.89 -11.17
CA VAL H 130 -70.35 22.30 -12.19
C VAL H 130 -71.78 22.66 -11.83
N SER H 131 -72.33 23.68 -12.49
CA SER H 131 -73.70 24.09 -12.28
C SER H 131 -74.14 24.95 -13.46
N SER H 132 -75.45 25.06 -13.61
CA SER H 132 -76.03 25.82 -14.72
C SER H 132 -76.09 27.31 -14.39
#